data_4ZFL
#
_entry.id   4ZFL
#
_cell.length_a   128.470
_cell.length_b   69.363
_cell.length_c   159.408
_cell.angle_alpha   90.000
_cell.angle_beta   94.670
_cell.angle_gamma   90.000
#
_symmetry.space_group_name_H-M   'P 1 21 1'
#
loop_
_entity.id
_entity.type
_entity.pdbx_description
1 polymer 'Amidohydrolase EgtC'
2 non-polymer (1S)-1-carboxy-4-({(1R)-1-carboxy-2-[(S)-{4-[(2S)-2-carboxy-2-(trimethylammonio)ethyl]-1H-imidazol-2-yl}sulfinyl]ethyl}amino)-4-oxobutan-1-aminium
3 non-polymer GLYCEROL
4 water water
#
_entity_poly.entity_id   1
_entity_poly.type   'polypeptide(L)'
_entity_poly.pdbx_seq_one_letter_code
;ARHVAWLGAPRSLADLVLDPPQGLLVQSYAPRRQKHGLMNADGWGAGFFDDDGVARRWRSDKPLWGDASFASVAPALRSR
CVVAAVRSATIGMPIEPSASAPFSDGQWLLSHNGLVDRGVLPLTGAAESTVDSAILAALIFSRGLDALGATIAEVGELDP
NARLNILAANGSRLLATTWGDTLSVLRRPDGVVLASEPYDDDPGWSDIPDRHLVDVRDAHVVVTPLLEHHHHHH
;
_entity_poly.pdbx_strand_id   A,B,C,D,E,F,G,H,I,J,K,L
#
# COMPACT_ATOMS: atom_id res chain seq x y z
N ALA A 1 14.11 -10.10 -13.32
CA ALA A 1 15.39 -10.45 -12.74
C ALA A 1 16.12 -11.40 -13.69
N ARG A 2 17.42 -11.40 -13.60
CA ARG A 2 18.26 -12.36 -14.30
C ARG A 2 19.32 -12.78 -13.32
N HIS A 3 19.71 -14.05 -13.34
CA HIS A 3 20.81 -14.47 -12.49
C HIS A 3 21.76 -15.41 -13.24
N VAL A 4 22.91 -15.62 -12.63
CA VAL A 4 23.96 -16.43 -13.22
C VAL A 4 24.72 -17.08 -12.08
N ALA A 5 25.21 -18.30 -12.29
CA ALA A 5 25.99 -18.97 -11.27
C ALA A 5 27.12 -19.75 -11.92
N TRP A 6 28.19 -19.94 -11.16
CA TRP A 6 29.37 -20.66 -11.64
C TRP A 6 29.80 -21.68 -10.61
N LEU A 7 30.20 -22.85 -11.06
CA LEU A 7 30.87 -23.84 -10.21
C LEU A 7 32.01 -24.47 -10.99
N GLY A 8 33.24 -24.24 -10.53
CA GLY A 8 34.38 -24.85 -11.18
C GLY A 8 35.68 -24.25 -10.68
N ALA A 9 36.70 -24.25 -11.53
CA ALA A 9 37.97 -23.60 -11.24
C ALA A 9 37.67 -22.11 -11.11
N PRO A 10 38.54 -21.37 -10.41
CA PRO A 10 38.25 -19.96 -10.15
C PRO A 10 38.02 -19.10 -11.40
N ARG A 11 37.00 -18.25 -11.33
CA ARG A 11 36.71 -17.25 -12.35
C ARG A 11 36.45 -15.94 -11.61
N SER A 12 36.83 -14.81 -12.20
CA SER A 12 36.57 -13.53 -11.55
C SER A 12 35.10 -13.15 -11.68
N LEU A 13 34.63 -12.32 -10.77
CA LEU A 13 33.27 -11.82 -10.86
C LEU A 13 33.10 -11.05 -12.18
N ALA A 14 34.11 -10.29 -12.57
CA ALA A 14 34.00 -9.51 -13.82
C ALA A 14 33.83 -10.45 -15.02
N ASP A 15 34.62 -11.51 -15.02
CA ASP A 15 34.57 -12.47 -16.12
C ASP A 15 33.17 -13.08 -16.25
N LEU A 16 32.48 -13.28 -15.14
CA LEU A 16 31.17 -13.90 -15.18
C LEU A 16 30.04 -12.93 -15.45
N VAL A 17 30.18 -11.72 -14.91
CA VAL A 17 29.06 -10.79 -14.78
C VAL A 17 29.16 -9.60 -15.74
N LEU A 18 30.37 -9.08 -15.90
CA LEU A 18 30.56 -7.79 -16.59
C LEU A 18 31.08 -7.91 -18.01
N ASP A 19 32.01 -8.83 -18.23
CA ASP A 19 32.77 -8.84 -19.46
C ASP A 19 32.07 -9.48 -20.67
N PRO A 20 31.24 -10.52 -20.46
CA PRO A 20 30.63 -11.11 -21.66
C PRO A 20 29.75 -10.15 -22.43
N PRO A 21 29.70 -10.29 -23.75
CA PRO A 21 28.99 -9.34 -24.60
C PRO A 21 27.50 -9.26 -24.37
N GLN A 22 26.92 -10.29 -23.77
CA GLN A 22 25.51 -10.29 -23.41
CA GLN A 22 25.52 -10.28 -23.42
C GLN A 22 25.30 -10.79 -22.00
N GLY A 23 26.25 -10.47 -21.12
CA GLY A 23 26.22 -10.89 -19.73
C GLY A 23 25.32 -10.04 -18.86
N LEU A 24 25.42 -10.24 -17.54
CA LEU A 24 24.51 -9.63 -16.60
C LEU A 24 24.53 -8.10 -16.68
N LEU A 25 25.71 -7.51 -16.91
CA LEU A 25 25.80 -6.07 -17.08
C LEU A 25 24.90 -5.59 -18.23
N VAL A 26 25.01 -6.25 -19.37
CA VAL A 26 24.18 -5.89 -20.54
C VAL A 26 22.70 -6.19 -20.24
N GLN A 27 22.45 -7.28 -19.53
CA GLN A 27 21.08 -7.66 -19.18
C GLN A 27 20.43 -6.69 -18.23
N SER A 28 21.21 -5.88 -17.51
CA SER A 28 20.60 -4.91 -16.58
C SER A 28 19.82 -3.83 -17.36
N TYR A 29 20.18 -3.56 -18.62
CA TYR A 29 19.42 -2.62 -19.42
C TYR A 29 18.88 -3.19 -20.72
N ALA A 30 19.40 -4.33 -21.17
CA ALA A 30 18.98 -4.92 -22.43
C ALA A 30 19.04 -6.44 -22.44
N PRO A 31 18.20 -7.08 -21.63
CA PRO A 31 18.09 -8.54 -21.59
C PRO A 31 17.57 -9.05 -22.92
N ARG A 32 17.84 -10.30 -23.26
CA ARG A 32 17.43 -10.87 -24.54
C ARG A 32 16.26 -11.87 -24.47
N ARG A 33 16.07 -12.51 -23.32
CA ARG A 33 15.09 -13.59 -23.19
C ARG A 33 14.19 -13.39 -22.00
N GLN A 34 13.94 -12.13 -21.69
CA GLN A 34 13.16 -11.75 -20.51
C GLN A 34 11.75 -11.38 -20.90
N LYS A 35 10.79 -12.16 -20.42
CA LYS A 35 9.39 -11.95 -20.75
C LYS A 35 8.72 -10.97 -19.79
N HIS A 36 9.25 -10.86 -18.58
CA HIS A 36 8.62 -10.00 -17.59
C HIS A 36 9.57 -8.92 -17.09
N GLY A 37 9.21 -7.67 -17.34
CA GLY A 37 10.08 -6.54 -17.05
C GLY A 37 10.94 -6.20 -18.24
N LEU A 38 11.15 -4.92 -18.46
CA LEU A 38 11.91 -4.46 -19.61
C LEU A 38 13.39 -4.53 -19.35
N MET A 39 13.75 -4.54 -18.07
CA MET A 39 15.13 -4.37 -17.68
C MET A 39 15.32 -4.87 -16.27
N ASN A 40 16.52 -4.68 -15.73
CA ASN A 40 16.84 -5.15 -14.38
C ASN A 40 17.73 -4.14 -13.71
N ALA A 41 17.09 -3.04 -13.34
CA ALA A 41 17.78 -1.83 -12.89
C ALA A 41 17.46 -1.48 -11.45
N ASP A 42 16.83 -2.40 -10.71
CA ASP A 42 16.41 -2.12 -9.34
C ASP A 42 17.39 -2.65 -8.28
N GLY A 43 18.60 -2.95 -8.71
CA GLY A 43 19.62 -3.42 -7.81
C GLY A 43 20.36 -4.58 -8.41
N TRP A 44 21.37 -5.05 -7.69
CA TRP A 44 22.14 -6.20 -8.18
C TRP A 44 22.84 -6.81 -7.00
N GLY A 45 23.37 -8.01 -7.18
CA GLY A 45 24.16 -8.61 -6.13
C GLY A 45 25.11 -9.64 -6.70
N ALA A 46 26.25 -9.82 -6.04
CA ALA A 46 27.20 -10.86 -6.42
C ALA A 46 27.69 -11.52 -5.15
N GLY A 47 27.47 -12.84 -5.06
CA GLY A 47 27.90 -13.62 -3.92
C GLY A 47 28.92 -14.63 -4.38
N PHE A 48 29.87 -14.95 -3.53
CA PHE A 48 30.87 -15.93 -3.89
C PHE A 48 31.42 -16.59 -2.63
N PHE A 49 32.11 -17.71 -2.83
CA PHE A 49 32.74 -18.41 -1.73
C PHE A 49 34.23 -18.23 -1.80
N ASP A 50 34.83 -17.84 -0.69
CA ASP A 50 36.27 -17.61 -0.71
C ASP A 50 36.99 -18.93 -0.50
N ASP A 51 38.31 -18.86 -0.39
CA ASP A 51 39.14 -20.06 -0.31
C ASP A 51 38.90 -20.89 0.93
N ASP A 52 38.34 -20.26 1.96
CA ASP A 52 38.03 -20.95 3.19
C ASP A 52 36.56 -21.40 3.23
N GLY A 53 35.84 -21.19 2.14
CA GLY A 53 34.45 -21.63 2.08
C GLY A 53 33.46 -20.64 2.69
N VAL A 54 33.91 -19.42 2.99
CA VAL A 54 33.02 -18.42 3.55
C VAL A 54 32.24 -17.74 2.44
N ALA A 55 30.93 -17.63 2.63
CA ALA A 55 30.07 -16.93 1.67
C ALA A 55 30.19 -15.42 1.89
N ARG A 56 30.52 -14.71 0.82
CA ARG A 56 30.65 -13.26 0.84
C ARG A 56 29.77 -12.65 -0.24
N ARG A 57 29.27 -11.44 0.04
CA ARG A 57 28.31 -10.82 -0.81
C ARG A 57 28.49 -9.33 -0.92
N TRP A 58 28.39 -8.88 -2.16
CA TRP A 58 28.33 -7.46 -2.50
C TRP A 58 26.94 -7.22 -3.07
N ARG A 59 26.15 -6.35 -2.45
CA ARG A 59 24.80 -6.08 -2.93
C ARG A 59 24.53 -4.59 -3.02
N SER A 60 23.62 -4.21 -3.91
CA SER A 60 23.34 -2.83 -4.20
C SER A 60 21.87 -2.63 -4.56
N ASP A 61 21.38 -1.42 -4.34
CA ASP A 61 20.07 -1.02 -4.80
C ASP A 61 20.11 -0.13 -6.06
N LYS A 62 21.26 -0.07 -6.73
CA LYS A 62 21.44 0.77 -7.91
C LYS A 62 21.53 -0.07 -9.16
N PRO A 63 21.30 0.55 -10.34
CA PRO A 63 21.52 -0.18 -11.58
C PRO A 63 22.96 -0.66 -11.71
N LEU A 64 23.14 -1.92 -12.08
CA LEU A 64 24.47 -2.50 -12.20
C LEU A 64 25.35 -1.69 -13.16
N TRP A 65 24.76 -1.19 -14.25
CA TRP A 65 25.59 -0.54 -15.28
C TRP A 65 26.29 0.73 -14.77
N GLY A 66 25.79 1.35 -13.70
CA GLY A 66 26.33 2.60 -13.22
C GLY A 66 27.27 2.46 -12.05
N ASP A 67 27.49 1.22 -11.62
CA ASP A 67 28.26 1.00 -10.40
C ASP A 67 29.76 0.98 -10.71
N ALA A 68 30.38 2.14 -10.52
CA ALA A 68 31.78 2.33 -10.90
C ALA A 68 32.67 1.50 -9.98
N SER A 69 32.29 1.36 -8.71
CA SER A 69 33.08 0.57 -7.78
C SER A 69 33.14 -0.89 -8.19
N PHE A 70 32.01 -1.48 -8.53
CA PHE A 70 32.01 -2.88 -8.91
C PHE A 70 32.79 -3.07 -10.23
N ALA A 71 32.61 -2.14 -11.15
CA ALA A 71 33.31 -2.25 -12.42
C ALA A 71 34.83 -2.23 -12.22
N SER A 72 35.29 -1.46 -11.23
CA SER A 72 36.70 -1.34 -10.94
C SER A 72 37.23 -2.57 -10.17
N VAL A 73 36.45 -3.05 -9.21
CA VAL A 73 36.95 -4.05 -8.27
C VAL A 73 36.67 -5.49 -8.69
N ALA A 74 35.60 -5.72 -9.44
CA ALA A 74 35.20 -7.10 -9.74
C ALA A 74 36.28 -7.97 -10.37
N PRO A 75 37.15 -7.42 -11.21
CA PRO A 75 38.17 -8.32 -11.80
C PRO A 75 39.14 -8.91 -10.76
N ALA A 76 39.20 -8.33 -9.58
CA ALA A 76 40.13 -8.77 -8.55
C ALA A 76 39.50 -9.78 -7.59
N LEU A 77 38.24 -10.10 -7.79
CA LEU A 77 37.51 -11.04 -6.95
C LEU A 77 37.26 -12.33 -7.71
N ARG A 78 37.96 -13.39 -7.33
CA ARG A 78 37.88 -14.69 -8.02
C ARG A 78 37.35 -15.77 -7.09
N SER A 79 36.58 -16.70 -7.63
CA SER A 79 35.98 -17.74 -6.81
C SER A 79 35.65 -18.98 -7.63
N ARG A 80 35.64 -20.12 -6.94
CA ARG A 80 35.20 -21.39 -7.53
CA ARG A 80 35.21 -21.39 -7.54
C ARG A 80 33.70 -21.50 -7.63
N CYS A 81 33.01 -20.62 -6.94
CA CYS A 81 31.56 -20.72 -6.84
C CYS A 81 30.88 -19.36 -6.60
N VAL A 82 30.05 -18.96 -7.57
CA VAL A 82 29.48 -17.61 -7.63
C VAL A 82 27.98 -17.71 -7.93
N VAL A 83 27.18 -16.85 -7.29
CA VAL A 83 25.78 -16.62 -7.69
C VAL A 83 25.62 -15.11 -7.73
N ALA A 84 25.22 -14.60 -8.89
CA ALA A 84 25.00 -13.16 -9.06
C ALA A 84 23.65 -12.89 -9.73
N ALA A 85 23.11 -11.70 -9.50
CA ALA A 85 21.82 -11.38 -10.04
C ALA A 85 21.70 -9.90 -10.31
N VAL A 86 20.81 -9.56 -11.24
CA VAL A 86 20.34 -8.19 -11.38
C VAL A 86 18.84 -8.19 -11.12
N ARG A 87 18.37 -7.21 -10.36
CA ARG A 87 17.00 -7.19 -9.85
C ARG A 87 16.07 -6.36 -10.70
N SER A 88 14.86 -6.87 -10.89
CA SER A 88 13.76 -6.05 -11.40
C SER A 88 12.59 -6.19 -10.47
N ALA A 89 11.97 -5.07 -10.16
CA ALA A 89 10.84 -5.07 -9.22
C ALA A 89 9.71 -4.23 -9.80
N THR A 90 8.47 -4.65 -9.56
CA THR A 90 7.32 -3.81 -9.92
C THR A 90 7.34 -2.49 -9.13
N ILE A 91 6.86 -1.44 -9.78
CA ILE A 91 6.87 -0.10 -9.22
C ILE A 91 6.11 -0.09 -7.90
N GLY A 92 6.77 0.41 -6.86
CA GLY A 92 6.16 0.51 -5.54
C GLY A 92 6.84 -0.40 -4.54
N MET A 93 7.55 -1.40 -5.04
CA MET A 93 8.27 -2.33 -4.19
CA MET A 93 8.27 -2.34 -4.17
C MET A 93 9.51 -1.70 -3.57
N PRO A 94 9.89 -2.15 -2.36
CA PRO A 94 11.01 -1.54 -1.62
C PRO A 94 12.31 -1.70 -2.38
N ILE A 95 13.06 -0.61 -2.50
CA ILE A 95 14.35 -0.60 -3.17
C ILE A 95 15.40 -0.51 -2.07
N GLU A 96 16.22 -1.55 -1.96
CA GLU A 96 17.17 -1.67 -0.87
C GLU A 96 18.11 -2.85 -1.12
N PRO A 97 19.38 -2.75 -0.72
CA PRO A 97 20.30 -3.86 -1.04
C PRO A 97 19.88 -5.18 -0.41
N SER A 98 19.21 -5.13 0.73
CA SER A 98 18.80 -6.36 1.39
C SER A 98 17.79 -7.15 0.56
N ALA A 99 17.14 -6.48 -0.38
CA ALA A 99 16.13 -7.11 -1.24
C ALA A 99 16.72 -7.68 -2.53
N SER A 100 17.98 -7.37 -2.77
CA SER A 100 18.69 -7.87 -3.96
C SER A 100 19.25 -9.28 -3.72
N ALA A 101 19.02 -10.18 -4.65
CA ALA A 101 19.69 -11.47 -4.58
C ALA A 101 21.18 -11.24 -4.79
N PRO A 102 22.03 -12.15 -4.29
CA PRO A 102 21.63 -13.37 -3.58
C PRO A 102 21.42 -13.19 -2.11
N PHE A 103 20.45 -13.97 -1.63
CA PHE A 103 20.21 -14.19 -0.22
C PHE A 103 21.14 -15.27 0.29
N SER A 104 21.28 -15.37 1.62
CA SER A 104 22.21 -16.35 2.19
C SER A 104 21.76 -16.86 3.53
N ASP A 105 22.01 -18.14 3.80
CA ASP A 105 21.81 -18.66 5.14
C ASP A 105 23.19 -19.00 5.75
N GLY A 106 24.25 -18.52 5.09
CA GLY A 106 25.61 -18.76 5.56
C GLY A 106 26.31 -19.92 4.87
N GLN A 107 25.50 -20.89 4.43
CA GLN A 107 25.99 -22.08 3.72
C GLN A 107 25.65 -22.01 2.24
N TRP A 108 24.44 -21.54 1.96
CA TRP A 108 23.95 -21.43 0.59
C TRP A 108 23.71 -19.98 0.19
N LEU A 109 24.07 -19.65 -1.05
CA LEU A 109 23.62 -18.44 -1.72
C LEU A 109 22.40 -18.77 -2.57
N LEU A 110 21.44 -17.87 -2.70
CA LEU A 110 20.20 -18.17 -3.43
C LEU A 110 19.63 -16.93 -4.10
N SER A 111 19.25 -17.08 -5.37
CA SER A 111 18.58 -16.04 -6.14
C SER A 111 17.23 -16.56 -6.62
N HIS A 112 16.24 -15.67 -6.64
CA HIS A 112 14.91 -15.97 -7.18
C HIS A 112 14.55 -15.01 -8.32
N ASN A 113 14.17 -15.59 -9.46
CA ASN A 113 13.60 -14.85 -10.59
C ASN A 113 12.13 -15.22 -10.69
N GLY A 114 11.26 -14.25 -10.42
CA GLY A 114 9.83 -14.45 -10.55
C GLY A 114 9.09 -13.66 -9.50
N LEU A 115 7.96 -14.20 -9.06
CA LEU A 115 7.09 -13.52 -8.13
C LEU A 115 6.23 -14.58 -7.44
N VAL A 116 5.91 -14.35 -6.19
CA VAL A 116 5.04 -15.26 -5.47
C VAL A 116 4.23 -14.47 -4.46
N ASP A 117 2.96 -14.87 -4.28
CA ASP A 117 2.07 -14.24 -3.30
C ASP A 117 2.56 -14.55 -1.88
N ARG A 118 3.06 -13.54 -1.18
CA ARG A 118 3.60 -13.77 0.14
C ARG A 118 2.56 -14.35 1.10
N GLY A 119 1.28 -14.10 0.79
CA GLY A 119 0.19 -14.58 1.64
C GLY A 119 0.11 -16.09 1.77
N VAL A 120 0.63 -16.82 0.80
CA VAL A 120 0.59 -18.29 0.83
C VAL A 120 1.86 -18.88 1.44
N LEU A 121 2.85 -18.03 1.75
CA LEU A 121 4.09 -18.53 2.33
C LEU A 121 4.02 -18.45 3.86
N PRO A 122 4.76 -19.32 4.53
CA PRO A 122 4.79 -19.28 5.99
C PRO A 122 5.40 -18.00 6.50
N LEU A 123 4.93 -17.55 7.67
CA LEU A 123 5.59 -16.44 8.36
C LEU A 123 7.00 -16.91 8.75
N THR A 124 7.91 -15.96 8.85
CA THR A 124 9.26 -16.28 9.23
C THR A 124 9.88 -15.13 9.99
N GLY A 125 10.86 -15.46 10.84
CA GLY A 125 11.66 -14.46 11.52
C GLY A 125 13.06 -14.40 10.96
N ALA A 126 13.31 -15.12 9.88
CA ALA A 126 14.67 -15.29 9.31
C ALA A 126 14.87 -14.63 7.95
N ALA A 127 13.92 -13.82 7.52
CA ALA A 127 14.06 -13.22 6.19
C ALA A 127 15.00 -12.04 6.23
N GLU A 128 15.67 -11.77 5.09
CA GLU A 128 16.61 -10.66 4.97
C GLU A 128 15.96 -9.36 4.56
N SER A 129 14.73 -9.45 4.08
CA SER A 129 13.99 -8.33 3.57
C SER A 129 12.52 -8.73 3.56
N THR A 130 11.66 -7.79 3.21
CA THR A 130 10.23 -8.04 3.14
C THR A 130 9.78 -8.48 1.74
N VAL A 131 10.68 -8.38 0.75
CA VAL A 131 10.30 -8.67 -0.62
C VAL A 131 9.96 -10.16 -0.72
N ASP A 132 9.09 -10.49 -1.68
CA ASP A 132 8.60 -11.85 -1.80
C ASP A 132 9.74 -12.86 -1.95
N SER A 133 10.75 -12.51 -2.72
CA SER A 133 11.88 -13.41 -2.93
C SER A 133 12.61 -13.77 -1.63
N ALA A 134 12.68 -12.82 -0.70
CA ALA A 134 13.36 -13.04 0.56
C ALA A 134 12.54 -13.95 1.47
N ILE A 135 11.21 -13.80 1.43
CA ILE A 135 10.33 -14.69 2.20
C ILE A 135 10.42 -16.11 1.64
N LEU A 136 10.46 -16.20 0.32
CA LEU A 136 10.60 -17.48 -0.37
C LEU A 136 11.95 -18.12 -0.06
N ALA A 137 13.02 -17.32 -0.08
CA ALA A 137 14.35 -17.84 0.26
C ALA A 137 14.36 -18.43 1.68
N ALA A 138 13.73 -17.73 2.61
CA ALA A 138 13.68 -18.20 3.99
C ALA A 138 13.03 -19.58 4.07
N LEU A 139 11.93 -19.75 3.33
CA LEU A 139 11.25 -21.04 3.29
C LEU A 139 12.15 -22.10 2.71
N ILE A 140 12.79 -21.79 1.58
CA ILE A 140 13.66 -22.75 0.94
C ILE A 140 14.79 -23.18 1.86
N PHE A 141 15.44 -22.22 2.50
CA PHE A 141 16.53 -22.53 3.43
C PHE A 141 16.04 -23.39 4.59
N SER A 142 14.83 -23.08 5.08
N SER A 142 14.83 -23.10 5.09
CA SER A 142 14.25 -23.80 6.21
CA SER A 142 14.28 -23.84 6.22
C SER A 142 13.96 -25.27 5.87
C SER A 142 14.03 -25.29 5.84
N ARG A 143 13.48 -25.50 4.65
CA ARG A 143 13.17 -26.85 4.17
C ARG A 143 14.42 -27.64 3.79
N GLY A 144 15.48 -26.91 3.49
CA GLY A 144 16.73 -27.52 3.07
C GLY A 144 16.80 -27.60 1.56
N LEU A 145 17.97 -27.32 1.02
CA LEU A 145 18.13 -27.29 -0.43
C LEU A 145 18.00 -28.69 -1.03
N ASP A 146 18.22 -29.73 -0.23
CA ASP A 146 18.01 -31.07 -0.75
C ASP A 146 16.54 -31.33 -1.08
N ALA A 147 15.66 -30.46 -0.58
CA ALA A 147 14.23 -30.58 -0.86
C ALA A 147 13.75 -29.50 -1.82
N LEU A 148 14.67 -28.82 -2.50
CA LEU A 148 14.29 -27.67 -3.30
C LEU A 148 13.16 -27.96 -4.27
N GLY A 149 13.28 -29.05 -5.02
CA GLY A 149 12.29 -29.37 -6.04
C GLY A 149 10.91 -29.55 -5.47
N ALA A 150 10.83 -30.23 -4.33
CA ALA A 150 9.55 -30.47 -3.70
C ALA A 150 8.98 -29.17 -3.13
N THR A 151 9.84 -28.33 -2.55
CA THR A 151 9.41 -27.06 -1.97
C THR A 151 8.80 -26.19 -3.08
N ILE A 152 9.45 -26.16 -4.23
CA ILE A 152 8.99 -25.31 -5.32
C ILE A 152 7.70 -25.84 -5.89
N ALA A 153 7.56 -27.15 -6.04
CA ALA A 153 6.27 -27.70 -6.50
C ALA A 153 5.15 -27.37 -5.53
N GLU A 154 5.47 -27.43 -4.23
CA GLU A 154 4.47 -27.13 -3.22
C GLU A 154 4.03 -25.66 -3.35
N VAL A 155 4.99 -24.76 -3.44
CA VAL A 155 4.67 -23.34 -3.52
C VAL A 155 3.92 -23.08 -4.82
N GLY A 156 4.30 -23.76 -5.89
CA GLY A 156 3.66 -23.62 -7.17
C GLY A 156 2.20 -24.04 -7.17
N GLU A 157 1.84 -24.95 -6.26
CA GLU A 157 0.45 -25.36 -6.16
C GLU A 157 -0.33 -24.38 -5.26
N LEU A 158 0.32 -23.84 -4.23
CA LEU A 158 -0.28 -22.84 -3.36
C LEU A 158 -0.57 -21.55 -4.12
N ASP A 159 0.33 -21.18 -5.02
CA ASP A 159 0.15 -20.01 -5.85
C ASP A 159 0.35 -20.37 -7.33
N PRO A 160 -0.74 -20.73 -8.03
CA PRO A 160 -0.66 -21.16 -9.44
C PRO A 160 -0.20 -20.03 -10.35
N ASN A 161 -0.14 -18.81 -9.83
CA ASN A 161 0.32 -17.68 -10.62
C ASN A 161 1.80 -17.35 -10.39
N ALA A 162 2.44 -18.05 -9.46
CA ALA A 162 3.85 -17.78 -9.13
C ALA A 162 4.80 -18.21 -10.24
N ARG A 163 5.89 -17.47 -10.36
CA ARG A 163 7.05 -17.90 -11.14
C ARG A 163 8.19 -18.08 -10.15
N LEU A 164 8.85 -19.23 -10.25
CA LEU A 164 9.69 -19.72 -9.15
C LEU A 164 11.01 -20.27 -9.65
N ASN A 165 11.71 -19.44 -10.41
CA ASN A 165 13.06 -19.80 -10.85
C ASN A 165 14.09 -19.51 -9.78
N ILE A 166 14.65 -20.57 -9.24
CA ILE A 166 15.64 -20.49 -8.17
C ILE A 166 17.01 -20.82 -8.72
N LEU A 167 18.03 -20.13 -8.23
CA LEU A 167 19.40 -20.51 -8.53
C LEU A 167 20.20 -20.43 -7.24
N ALA A 168 20.81 -21.54 -6.82
CA ALA A 168 21.46 -21.60 -5.52
C ALA A 168 22.79 -22.36 -5.59
N ALA A 169 23.66 -22.06 -4.63
CA ALA A 169 24.99 -22.69 -4.59
C ALA A 169 25.57 -22.71 -3.18
N ASN A 170 26.39 -23.72 -2.88
CA ASN A 170 26.96 -23.84 -1.54
C ASN A 170 28.46 -23.97 -1.53
N GLY A 171 29.09 -23.69 -2.66
CA GLY A 171 30.53 -23.73 -2.78
C GLY A 171 31.01 -24.95 -3.53
N SER A 172 30.23 -26.03 -3.51
CA SER A 172 30.60 -27.29 -4.19
C SER A 172 29.43 -27.91 -4.98
N ARG A 173 28.30 -27.20 -5.05
CA ARG A 173 27.08 -27.65 -5.73
C ARG A 173 26.31 -26.45 -6.26
N LEU A 174 25.67 -26.61 -7.41
CA LEU A 174 24.63 -25.69 -7.85
C LEU A 174 23.30 -26.43 -7.87
N LEU A 175 22.23 -25.73 -7.52
CA LEU A 175 20.87 -26.20 -7.68
C LEU A 175 20.03 -25.12 -8.33
N ALA A 176 19.11 -25.49 -9.20
CA ALA A 176 18.26 -24.51 -9.86
C ALA A 176 16.92 -25.11 -10.22
N THR A 177 15.89 -24.26 -10.30
CA THR A 177 14.59 -24.69 -10.82
C THR A 177 14.14 -23.79 -11.94
N THR A 178 13.45 -24.39 -12.90
CA THR A 178 12.67 -23.65 -13.86
C THR A 178 11.20 -23.79 -13.48
N TRP A 179 10.54 -22.65 -13.28
CA TRP A 179 9.13 -22.64 -12.97
C TRP A 179 8.52 -21.32 -13.46
N GLY A 180 8.35 -21.23 -14.77
CA GLY A 180 7.72 -20.07 -15.40
C GLY A 180 8.69 -19.09 -15.99
N ASP A 181 10.00 -19.35 -15.90
CA ASP A 181 10.98 -18.50 -16.55
C ASP A 181 12.18 -19.29 -17.03
N THR A 182 13.11 -18.60 -17.66
CA THR A 182 14.15 -19.26 -18.43
C THR A 182 15.40 -19.68 -17.67
N LEU A 183 16.05 -20.72 -18.15
CA LEU A 183 17.37 -21.09 -17.64
C LEU A 183 18.14 -21.87 -18.69
N SER A 184 19.42 -21.57 -18.81
CA SER A 184 20.30 -22.27 -19.71
C SER A 184 21.55 -22.72 -18.99
N VAL A 185 22.24 -23.72 -19.55
CA VAL A 185 23.45 -24.25 -18.96
C VAL A 185 24.58 -24.21 -19.98
N LEU A 186 25.78 -23.89 -19.51
CA LEU A 186 26.96 -23.96 -20.35
C LEU A 186 27.99 -24.84 -19.64
N ARG A 187 28.39 -25.92 -20.29
CA ARG A 187 29.41 -26.79 -19.72
C ARG A 187 30.76 -26.44 -20.32
N ARG A 188 31.65 -25.86 -19.50
CA ARG A 188 33.01 -25.56 -19.97
C ARG A 188 33.95 -26.65 -19.45
N PRO A 189 35.17 -26.74 -20.01
CA PRO A 189 36.13 -27.73 -19.50
C PRO A 189 36.43 -27.51 -18.02
N ASP A 190 36.34 -26.25 -17.56
CA ASP A 190 36.77 -25.88 -16.21
C ASP A 190 35.61 -25.69 -15.24
N GLY A 191 34.38 -25.93 -15.69
CA GLY A 191 33.24 -25.82 -14.80
C GLY A 191 31.94 -25.60 -15.54
N VAL A 192 30.89 -25.29 -14.78
CA VAL A 192 29.56 -25.15 -15.32
C VAL A 192 28.96 -23.78 -14.98
N VAL A 193 28.34 -23.16 -15.97
CA VAL A 193 27.55 -21.96 -15.78
C VAL A 193 26.06 -22.31 -15.86
N LEU A 194 25.26 -21.82 -14.91
CA LEU A 194 23.81 -21.77 -15.07
C LEU A 194 23.41 -20.31 -15.14
N ALA A 195 22.49 -19.98 -16.04
CA ALA A 195 22.09 -18.57 -16.20
C ALA A 195 20.68 -18.44 -16.71
N SER A 196 20.00 -17.38 -16.30
CA SER A 196 18.68 -17.10 -16.86
C SER A 196 18.68 -17.09 -18.39
N GLU A 197 19.73 -16.52 -18.95
CA GLU A 197 19.90 -16.52 -20.37
C GLU A 197 21.40 -16.53 -20.69
N PRO A 198 21.76 -17.08 -21.86
CA PRO A 198 23.17 -17.12 -22.24
C PRO A 198 23.83 -15.73 -22.25
N TYR A 199 25.06 -15.68 -21.77
CA TYR A 199 25.76 -14.40 -21.73
C TYR A 199 26.55 -14.13 -23.01
N ASP A 200 26.44 -15.03 -23.97
CA ASP A 200 26.98 -14.82 -25.30
C ASP A 200 26.22 -15.73 -26.27
N ASP A 201 26.78 -15.95 -27.46
CA ASP A 201 26.08 -16.74 -28.49
C ASP A 201 26.76 -18.08 -28.70
N ASP A 202 27.46 -18.55 -27.69
CA ASP A 202 28.12 -19.86 -27.72
C ASP A 202 27.08 -20.93 -28.04
N PRO A 203 27.32 -21.76 -29.08
CA PRO A 203 26.36 -22.83 -29.40
C PRO A 203 26.32 -23.90 -28.30
N GLY A 204 27.28 -23.87 -27.39
CA GLY A 204 27.28 -24.83 -26.30
C GLY A 204 26.19 -24.62 -25.25
N TRP A 205 25.55 -23.45 -25.21
CA TRP A 205 24.49 -23.21 -24.25
C TRP A 205 23.35 -24.16 -24.57
N SER A 206 22.74 -24.74 -23.53
CA SER A 206 21.56 -25.57 -23.73
C SER A 206 20.46 -25.04 -22.81
N ASP A 207 19.22 -25.06 -23.30
CA ASP A 207 18.13 -24.52 -22.52
C ASP A 207 17.52 -25.63 -21.71
N ILE A 208 17.24 -25.32 -20.45
CA ILE A 208 16.57 -26.24 -19.52
C ILE A 208 15.05 -26.11 -19.71
N PRO A 209 14.36 -27.23 -19.93
CA PRO A 209 12.92 -27.07 -20.07
C PRO A 209 12.24 -26.62 -18.77
N ASP A 210 11.07 -26.00 -18.91
CA ASP A 210 10.33 -25.51 -17.76
C ASP A 210 9.93 -26.66 -16.83
N ARG A 211 9.71 -26.32 -15.55
CA ARG A 211 9.25 -27.24 -14.51
CA ARG A 211 9.25 -27.26 -14.55
C ARG A 211 10.26 -28.37 -14.31
N HIS A 212 11.54 -28.01 -14.24
CA HIS A 212 12.61 -28.96 -13.95
C HIS A 212 13.53 -28.46 -12.86
N LEU A 213 14.25 -29.42 -12.27
CA LEU A 213 15.34 -29.17 -11.33
C LEU A 213 16.69 -29.46 -12.00
N VAL A 214 17.67 -28.63 -11.72
CA VAL A 214 19.03 -28.88 -12.20
C VAL A 214 19.96 -29.01 -11.01
N ASP A 215 20.80 -30.04 -11.05
CA ASP A 215 21.70 -30.35 -9.95
C ASP A 215 23.07 -30.49 -10.54
N VAL A 216 23.99 -29.63 -10.10
CA VAL A 216 25.36 -29.67 -10.59
C VAL A 216 26.31 -29.98 -9.47
N ARG A 217 27.03 -31.10 -9.59
CA ARG A 217 28.02 -31.45 -8.60
C ARG A 217 29.00 -32.40 -9.24
N ASP A 218 30.25 -32.36 -8.80
CA ASP A 218 31.29 -33.29 -9.28
C ASP A 218 31.33 -33.32 -10.80
N ALA A 219 31.14 -32.15 -11.42
CA ALA A 219 31.15 -32.00 -12.89
C ALA A 219 29.99 -32.67 -13.63
N HIS A 220 29.01 -33.18 -12.91
CA HIS A 220 27.82 -33.77 -13.51
C HIS A 220 26.68 -32.76 -13.51
N VAL A 221 25.95 -32.66 -14.61
CA VAL A 221 24.75 -31.84 -14.69
C VAL A 221 23.57 -32.78 -14.84
N VAL A 222 22.72 -32.83 -13.82
CA VAL A 222 21.58 -33.73 -13.83
C VAL A 222 20.30 -32.91 -13.82
N VAL A 223 19.45 -33.15 -14.80
CA VAL A 223 18.22 -32.41 -14.98
C VAL A 223 17.05 -33.34 -14.80
N THR A 224 16.15 -33.00 -13.89
CA THR A 224 15.02 -33.88 -13.54
C THR A 224 13.71 -33.10 -13.51
N PRO A 225 12.58 -33.75 -13.79
CA PRO A 225 11.29 -33.07 -13.69
C PRO A 225 10.89 -32.85 -12.26
N LEU A 226 9.89 -32.02 -12.09
CA LEU A 226 9.27 -31.78 -10.79
C LEU A 226 7.93 -32.52 -10.64
N LEU A 227 7.43 -32.59 -9.43
CA LEU A 227 6.20 -33.29 -9.12
C LEU A 227 4.98 -32.76 -9.87
N GLU A 228 4.07 -33.68 -10.16
CA GLU A 228 2.80 -33.41 -10.85
C GLU A 228 1.80 -32.99 -9.76
N HIS A 229 0.79 -32.23 -10.14
CA HIS A 229 -0.18 -31.70 -9.18
C HIS A 229 -1.39 -32.61 -9.16
N ALA B 1 18.42 6.74 18.16
CA ALA B 1 17.42 7.51 17.41
C ALA B 1 16.90 8.70 18.22
N ARG B 2 16.41 9.71 17.50
CA ARG B 2 15.72 10.84 18.10
C ARG B 2 14.52 11.10 17.23
N HIS B 3 13.39 11.47 17.82
CA HIS B 3 12.25 11.82 17.02
C HIS B 3 11.54 13.07 17.54
N VAL B 4 10.65 13.61 16.72
CA VAL B 4 9.91 14.83 17.02
C VAL B 4 8.55 14.75 16.35
N ALA B 5 7.53 15.30 17.01
CA ALA B 5 6.20 15.33 16.45
C ALA B 5 5.54 16.66 16.75
N TRP B 6 4.61 17.04 15.88
CA TRP B 6 3.85 18.29 15.98
C TRP B 6 2.39 18.01 15.76
N LEU B 7 1.54 18.67 16.56
CA LEU B 7 0.11 18.69 16.33
C LEU B 7 -0.38 20.07 16.63
N GLY B 8 -0.84 20.75 15.60
CA GLY B 8 -1.40 22.09 15.78
C GLY B 8 -1.64 22.81 14.48
N ALA B 9 -1.51 24.12 14.50
CA ALA B 9 -1.63 24.91 13.29
C ALA B 9 -0.54 24.49 12.31
N PRO B 10 -0.78 24.72 11.00
CA PRO B 10 0.20 24.26 10.01
C PRO B 10 1.60 24.77 10.29
N ARG B 11 2.55 23.85 10.18
CA ARG B 11 3.96 24.14 10.42
C ARG B 11 4.80 23.47 9.35
N SER B 12 5.87 24.12 8.89
CA SER B 12 6.70 23.50 7.85
C SER B 12 7.59 22.42 8.42
N LEU B 13 7.93 21.45 7.59
CA LEU B 13 8.83 20.39 8.03
C LEU B 13 10.16 21.01 8.43
N ALA B 14 10.62 21.99 7.67
CA ALA B 14 11.89 22.66 7.98
C ALA B 14 11.82 23.36 9.34
N ASP B 15 10.70 24.04 9.60
CA ASP B 15 10.56 24.78 10.84
C ASP B 15 10.64 23.86 12.06
N LEU B 16 10.17 22.64 11.90
CA LEU B 16 10.17 21.68 13.01
C LEU B 16 11.48 20.89 13.16
N VAL B 17 12.09 20.55 12.02
CA VAL B 17 13.16 19.56 11.95
C VAL B 17 14.55 20.19 11.71
N LEU B 18 14.61 21.17 10.83
CA LEU B 18 15.89 21.72 10.38
C LEU B 18 16.26 23.04 11.04
N ASP B 19 15.27 23.90 11.23
CA ASP B 19 15.54 25.27 11.65
C ASP B 19 15.82 25.48 13.14
N PRO B 20 15.23 24.68 14.05
CA PRO B 20 15.52 24.97 15.47
C PRO B 20 17.01 24.85 15.80
N PRO B 21 17.50 25.64 16.75
CA PRO B 21 18.95 25.67 17.01
C PRO B 21 19.49 24.34 17.52
N GLN B 22 18.66 23.50 18.12
CA GLN B 22 19.10 22.19 18.58
C GLN B 22 18.12 21.10 18.16
N GLY B 23 17.58 21.27 16.97
CA GLY B 23 16.58 20.37 16.43
C GLY B 23 17.17 19.11 15.85
N LEU B 24 16.34 18.36 15.13
CA LEU B 24 16.70 17.06 14.63
C LEU B 24 17.95 17.11 13.74
N LEU B 25 18.09 18.18 12.97
CA LEU B 25 19.27 18.33 12.12
C LEU B 25 20.53 18.29 12.97
N VAL B 26 20.56 19.04 14.06
CA VAL B 26 21.73 19.06 14.93
C VAL B 26 21.87 17.70 15.61
N GLN B 27 20.73 17.12 15.99
CA GLN B 27 20.73 15.86 16.71
C GLN B 27 21.24 14.70 15.88
N SER B 28 21.28 14.84 14.55
CA SER B 28 21.80 13.76 13.71
C SER B 28 23.29 13.57 13.93
N TYR B 29 24.00 14.63 14.32
CA TYR B 29 25.42 14.49 14.56
C TYR B 29 25.85 14.88 15.97
N ALA B 30 25.00 15.59 16.72
CA ALA B 30 25.36 16.00 18.08
C ALA B 30 24.14 16.07 19.01
N PRO B 31 23.52 14.91 19.29
CA PRO B 31 22.41 14.88 20.24
C PRO B 31 22.84 15.22 21.67
N ARG B 32 21.93 15.76 22.48
CA ARG B 32 22.27 16.25 23.82
C ARG B 32 21.89 15.32 24.96
N ARG B 33 20.90 14.47 24.73
CA ARG B 33 20.33 13.66 25.81
C ARG B 33 20.25 12.19 25.44
N GLN B 34 21.20 11.75 24.62
CA GLN B 34 21.18 10.41 24.06
C GLN B 34 22.21 9.51 24.75
N LYS B 35 21.72 8.51 25.48
CA LYS B 35 22.59 7.61 26.23
C LYS B 35 23.10 6.46 25.38
N HIS B 36 22.37 6.12 24.33
CA HIS B 36 22.71 5.00 23.46
C HIS B 36 22.98 5.45 22.03
N GLY B 37 24.23 5.28 21.61
CA GLY B 37 24.68 5.77 20.32
C GLY B 37 25.26 7.17 20.44
N LEU B 38 26.22 7.46 19.58
CA LEU B 38 26.89 8.76 19.58
C LEU B 38 26.16 9.80 18.74
N MET B 39 25.35 9.31 17.81
CA MET B 39 24.76 10.14 16.78
C MET B 39 23.58 9.41 16.16
N ASN B 40 23.02 10.00 15.12
CA ASN B 40 21.87 9.42 14.43
C ASN B 40 22.03 9.68 12.94
N ALA B 41 22.95 8.92 12.34
CA ALA B 41 23.43 9.18 11.00
C ALA B 41 23.10 8.05 10.04
N ASP B 42 22.24 7.13 10.50
CA ASP B 42 21.93 5.91 9.75
C ASP B 42 20.62 6.00 8.97
N GLY B 43 20.13 7.21 8.78
CA GLY B 43 18.93 7.46 8.01
C GLY B 43 18.06 8.47 8.69
N TRP B 44 16.96 8.83 8.05
CA TRP B 44 16.03 9.77 8.65
C TRP B 44 14.69 9.61 7.97
N GLY B 45 13.65 10.18 8.54
CA GLY B 45 12.35 10.14 7.91
C GLY B 45 11.50 11.30 8.39
N ALA B 46 10.62 11.78 7.54
CA ALA B 46 9.65 12.81 7.92
C ALA B 46 8.32 12.45 7.32
N GLY B 47 7.36 12.26 8.20
CA GLY B 47 5.97 11.97 7.83
C GLY B 47 5.03 13.10 8.23
N PHE B 48 3.99 13.30 7.44
CA PHE B 48 3.01 14.35 7.71
C PHE B 48 1.66 13.97 7.10
N PHE B 49 0.63 14.66 7.54
CA PHE B 49 -0.71 14.48 7.02
C PHE B 49 -1.09 15.70 6.19
N ASP B 50 -1.59 15.45 4.97
CA ASP B 50 -1.95 16.56 4.10
C ASP B 50 -3.36 17.02 4.42
N ASP B 51 -3.86 17.97 3.64
CA ASP B 51 -5.14 18.61 3.96
C ASP B 51 -6.30 17.62 3.92
N ASP B 52 -6.11 16.54 3.17
CA ASP B 52 -7.14 15.51 3.04
C ASP B 52 -6.94 14.37 4.03
N GLY B 53 -5.95 14.52 4.92
CA GLY B 53 -5.71 13.51 5.94
C GLY B 53 -4.87 12.33 5.50
N VAL B 54 -4.26 12.42 4.31
CA VAL B 54 -3.43 11.34 3.81
C VAL B 54 -2.05 11.43 4.45
N ALA B 55 -1.57 10.28 4.91
CA ALA B 55 -0.24 10.16 5.49
C ALA B 55 0.79 10.10 4.37
N ARG B 56 1.77 10.99 4.42
CA ARG B 56 2.81 11.03 3.41
C ARG B 56 4.16 11.01 4.11
N ARG B 57 5.15 10.40 3.47
CA ARG B 57 6.45 10.16 4.09
C ARG B 57 7.61 10.33 3.12
N TRP B 58 8.65 10.99 3.60
CA TRP B 58 9.96 11.08 2.93
C TRP B 58 10.92 10.33 3.82
N ARG B 59 11.57 9.28 3.29
CA ARG B 59 12.49 8.51 4.09
C ARG B 59 13.82 8.32 3.34
N SER B 60 14.88 8.13 4.11
CA SER B 60 16.22 8.04 3.57
C SER B 60 17.09 7.13 4.40
N ASP B 61 18.12 6.55 3.78
CA ASP B 61 19.11 5.78 4.51
C ASP B 61 20.43 6.55 4.69
N LYS B 62 20.39 7.85 4.41
CA LYS B 62 21.58 8.72 4.50
C LYS B 62 21.51 9.62 5.73
N PRO B 63 22.66 10.20 6.15
CA PRO B 63 22.62 11.19 7.22
C PRO B 63 21.75 12.39 6.87
N LEU B 64 20.91 12.82 7.80
CA LEU B 64 20.02 13.94 7.56
C LEU B 64 20.78 15.20 7.14
N TRP B 65 21.93 15.43 7.76
CA TRP B 65 22.62 16.71 7.55
C TRP B 65 23.07 16.88 6.10
N GLY B 66 23.23 15.80 5.35
CA GLY B 66 23.79 15.89 4.00
C GLY B 66 22.74 15.86 2.91
N ASP B 67 21.47 15.80 3.29
CA ASP B 67 20.41 15.65 2.30
C ASP B 67 20.01 17.01 1.77
N ALA B 68 20.62 17.37 0.63
CA ALA B 68 20.41 18.71 0.05
C ALA B 68 18.97 18.87 -0.46
N SER B 69 18.37 17.78 -0.92
CA SER B 69 16.98 17.83 -1.39
C SER B 69 16.04 18.20 -0.25
N PHE B 70 16.17 17.53 0.88
CA PHE B 70 15.28 17.84 1.99
C PHE B 70 15.50 19.26 2.49
N ALA B 71 16.75 19.67 2.56
CA ALA B 71 17.03 21.03 3.02
C ALA B 71 16.36 22.07 2.11
N SER B 72 16.30 21.75 0.82
CA SER B 72 15.72 22.66 -0.17
C SER B 72 14.20 22.64 -0.16
N VAL B 73 13.65 21.44 -0.02
CA VAL B 73 12.21 21.26 -0.20
C VAL B 73 11.42 21.37 1.12
N ALA B 74 12.04 21.04 2.24
CA ALA B 74 11.31 21.00 3.52
C ALA B 74 10.55 22.28 3.89
N PRO B 75 11.08 23.47 3.56
CA PRO B 75 10.30 24.66 3.92
C PRO B 75 8.95 24.77 3.21
N ALA B 76 8.77 24.04 2.11
CA ALA B 76 7.56 24.13 1.29
C ALA B 76 6.52 23.07 1.64
N LEU B 77 6.83 22.23 2.62
CA LEU B 77 5.94 21.17 3.06
C LEU B 77 5.40 21.54 4.43
N ARG B 78 4.11 21.86 4.47
CA ARG B 78 3.48 22.31 5.71
C ARG B 78 2.37 21.37 6.11
N SER B 79 2.21 21.16 7.42
CA SER B 79 1.21 20.24 7.91
C SER B 79 0.78 20.54 9.33
N ARG B 80 -0.44 20.15 9.67
CA ARG B 80 -0.94 20.24 11.04
C ARG B 80 -0.41 19.12 11.93
N CYS B 81 0.18 18.10 11.32
CA CYS B 81 0.57 16.94 12.08
C CYS B 81 1.76 16.24 11.45
N VAL B 82 2.87 16.21 12.18
CA VAL B 82 4.15 15.72 11.66
C VAL B 82 4.79 14.74 12.64
N VAL B 83 5.43 13.68 12.12
CA VAL B 83 6.34 12.83 12.92
C VAL B 83 7.64 12.65 12.13
N ALA B 84 8.77 13.02 12.73
CA ALA B 84 10.06 12.91 12.04
C ALA B 84 11.06 12.26 12.96
N ALA B 85 12.08 11.64 12.36
CA ALA B 85 13.07 10.91 13.13
C ALA B 85 14.42 10.89 12.42
N VAL B 86 15.47 10.78 13.21
CA VAL B 86 16.79 10.43 12.72
C VAL B 86 17.18 9.10 13.37
N ARG B 87 17.76 8.21 12.56
CA ARG B 87 18.03 6.84 12.96
C ARG B 87 19.44 6.62 13.42
N SER B 88 19.58 5.80 14.46
CA SER B 88 20.86 5.23 14.84
C SER B 88 20.73 3.71 14.88
N ALA B 89 21.71 3.04 14.29
CA ALA B 89 21.67 1.57 14.25
C ALA B 89 23.02 1.00 14.63
N THR B 90 23.02 -0.08 15.39
CA THR B 90 24.28 -0.75 15.72
C THR B 90 24.93 -1.28 14.44
N ILE B 91 26.26 -1.24 14.42
CA ILE B 91 27.02 -1.61 13.22
C ILE B 91 26.65 -3.03 12.83
N GLY B 92 26.21 -3.20 11.58
CA GLY B 92 25.85 -4.50 11.05
C GLY B 92 24.38 -4.65 10.73
N MET B 93 23.53 -3.85 11.36
CA MET B 93 22.10 -3.87 11.03
C MET B 93 21.86 -3.23 9.64
N PRO B 94 20.77 -3.64 8.98
CA PRO B 94 20.49 -3.22 7.61
C PRO B 94 20.24 -1.73 7.56
N ILE B 95 20.88 -1.11 6.56
CA ILE B 95 20.74 0.30 6.28
C ILE B 95 19.87 0.40 5.02
N GLU B 96 18.69 1.01 5.15
CA GLU B 96 17.72 1.05 4.06
C GLU B 96 16.59 1.96 4.48
N PRO B 97 16.02 2.70 3.52
CA PRO B 97 14.96 3.67 3.91
C PRO B 97 13.74 3.03 4.56
N SER B 98 13.45 1.77 4.20
CA SER B 98 12.30 1.08 4.78
C SER B 98 12.51 0.85 6.26
N ALA B 99 13.76 0.91 6.73
CA ALA B 99 14.06 0.69 8.15
C ALA B 99 14.08 2.00 8.98
N SER B 100 13.97 3.13 8.29
CA SER B 100 13.94 4.44 8.94
C SER B 100 12.53 4.78 9.37
N ALA B 101 12.37 5.24 10.61
CA ALA B 101 11.08 5.78 11.01
C ALA B 101 10.81 7.07 10.24
N PRO B 102 9.52 7.43 10.04
CA PRO B 102 8.35 6.74 10.58
C PRO B 102 7.79 5.63 9.70
N PHE B 103 7.35 4.58 10.38
CA PHE B 103 6.55 3.52 9.76
C PHE B 103 5.10 3.99 9.67
N SER B 104 4.29 3.30 8.86
CA SER B 104 2.92 3.71 8.65
C SER B 104 2.02 2.52 8.37
N ASP B 105 0.79 2.57 8.88
CA ASP B 105 -0.24 1.63 8.45
C ASP B 105 -1.33 2.36 7.64
N GLY B 106 -1.04 3.59 7.21
CA GLY B 106 -1.98 4.37 6.42
C GLY B 106 -2.79 5.33 7.24
N GLN B 107 -3.00 4.97 8.50
CA GLN B 107 -3.75 5.84 9.41
C GLN B 107 -2.79 6.51 10.41
N TRP B 108 -1.81 5.76 10.87
CA TRP B 108 -0.86 6.22 11.87
C TRP B 108 0.54 6.25 11.34
N LEU B 109 1.27 7.30 11.67
CA LEU B 109 2.73 7.32 11.54
C LEU B 109 3.36 6.92 12.87
N LEU B 110 4.47 6.19 12.85
CA LEU B 110 5.05 5.69 14.10
C LEU B 110 6.57 5.61 14.04
N SER B 111 7.21 6.13 15.08
CA SER B 111 8.66 6.06 15.27
C SER B 111 8.99 5.34 16.56
N HIS B 112 10.05 4.53 16.52
CA HIS B 112 10.57 3.85 17.70
C HIS B 112 12.02 4.23 17.97
N ASN B 113 12.27 4.68 19.19
CA ASN B 113 13.61 4.92 19.73
C ASN B 113 13.89 3.85 20.76
N GLY B 114 14.83 2.97 20.45
CA GLY B 114 15.21 1.92 21.37
C GLY B 114 15.65 0.63 20.71
N LEU B 115 15.36 -0.47 21.38
CA LEU B 115 15.89 -1.80 21.05
C LEU B 115 14.92 -2.83 21.57
N VAL B 116 14.66 -3.89 20.83
CA VAL B 116 13.86 -4.98 21.36
C VAL B 116 14.25 -6.30 20.73
N ASP B 117 14.23 -7.36 21.52
CA ASP B 117 14.56 -8.71 21.07
C ASP B 117 13.45 -9.23 20.16
N ARG B 118 13.71 -9.34 18.86
CA ARG B 118 12.68 -9.76 17.94
C ARG B 118 12.18 -11.16 18.26
N GLY B 119 12.99 -11.94 18.96
CA GLY B 119 12.60 -13.29 19.34
C GLY B 119 11.37 -13.34 20.23
N VAL B 120 11.06 -12.27 20.97
CA VAL B 120 9.91 -12.31 21.87
C VAL B 120 8.65 -11.77 21.20
N LEU B 121 8.80 -11.22 20.00
CA LEU B 121 7.68 -10.67 19.28
C LEU B 121 7.07 -11.71 18.34
N PRO B 122 5.76 -11.59 18.08
CA PRO B 122 5.15 -12.51 17.12
C PRO B 122 5.71 -12.34 15.73
N LEU B 123 5.74 -13.42 14.96
CA LEU B 123 6.07 -13.32 13.56
C LEU B 123 4.96 -12.52 12.87
N THR B 124 5.31 -11.86 11.78
CA THR B 124 4.33 -11.06 11.04
C THR B 124 4.67 -11.06 9.56
N GLY B 125 3.65 -10.87 8.72
CA GLY B 125 3.83 -10.68 7.31
C GLY B 125 3.57 -9.23 6.90
N ALA B 126 3.41 -8.35 7.87
CA ALA B 126 2.99 -6.97 7.62
C ALA B 126 4.05 -5.90 7.93
N ALA B 127 5.27 -6.30 8.22
CA ALA B 127 6.29 -5.33 8.59
C ALA B 127 6.87 -4.66 7.35
N GLU B 128 7.37 -3.44 7.49
CA GLU B 128 7.97 -2.68 6.37
C GLU B 128 9.45 -3.01 6.17
N SER B 129 10.04 -3.65 7.17
CA SER B 129 11.45 -3.97 7.16
C SER B 129 11.69 -5.12 8.13
N THR B 130 12.92 -5.61 8.18
CA THR B 130 13.25 -6.67 9.13
C THR B 130 13.77 -6.16 10.46
N VAL B 131 14.06 -4.85 10.55
CA VAL B 131 14.67 -4.33 11.75
C VAL B 131 13.68 -4.42 12.93
N ASP B 132 14.23 -4.48 14.13
CA ASP B 132 13.41 -4.72 15.32
C ASP B 132 12.31 -3.67 15.41
N SER B 133 12.62 -2.41 15.12
CA SER B 133 11.61 -1.37 15.20
C SER B 133 10.42 -1.61 14.27
N ALA B 134 10.66 -2.19 13.10
CA ALA B 134 9.60 -2.46 12.16
C ALA B 134 8.71 -3.62 12.63
N ILE B 135 9.32 -4.62 13.25
CA ILE B 135 8.58 -5.77 13.78
C ILE B 135 7.71 -5.29 14.94
N LEU B 136 8.27 -4.43 15.77
CA LEU B 136 7.53 -3.84 16.88
C LEU B 136 6.40 -2.94 16.38
N ALA B 137 6.68 -2.15 15.35
CA ALA B 137 5.64 -1.30 14.76
C ALA B 137 4.49 -2.16 14.23
N ALA B 138 4.81 -3.26 13.58
CA ALA B 138 3.77 -4.14 13.04
C ALA B 138 2.88 -4.65 14.17
N LEU B 139 3.49 -5.05 15.28
CA LEU B 139 2.73 -5.53 16.46
C LEU B 139 1.85 -4.40 17.01
N ILE B 140 2.43 -3.20 17.15
CA ILE B 140 1.67 -2.05 17.67
C ILE B 140 0.47 -1.75 16.78
N PHE B 141 0.69 -1.70 15.47
CA PHE B 141 -0.40 -1.43 14.52
C PHE B 141 -1.47 -2.51 14.60
N SER B 142 -1.05 -3.75 14.76
N SER B 142 -1.06 -3.76 14.77
CA SER B 142 -1.98 -4.87 14.80
CA SER B 142 -2.02 -4.87 14.77
C SER B 142 -2.91 -4.81 16.01
C SER B 142 -2.90 -4.85 16.02
N ARG B 143 -2.35 -4.41 17.15
CA ARG B 143 -3.12 -4.29 18.39
C ARG B 143 -3.97 -3.03 18.41
N GLY B 144 -3.58 -2.05 17.61
CA GLY B 144 -4.26 -0.77 17.56
C GLY B 144 -3.58 0.25 18.47
N LEU B 145 -3.49 1.48 18.00
CA LEU B 145 -2.79 2.50 18.80
C LEU B 145 -3.52 2.86 20.09
N ASP B 146 -4.82 2.61 20.16
CA ASP B 146 -5.54 2.87 21.40
C ASP B 146 -5.05 1.92 22.51
N ALA B 147 -4.37 0.84 22.12
CA ALA B 147 -3.85 -0.14 23.06
C ALA B 147 -2.34 -0.03 23.22
N LEU B 148 -1.77 1.09 22.81
CA LEU B 148 -0.32 1.29 22.84
C LEU B 148 0.25 1.00 24.24
N GLY B 149 -0.41 1.53 25.28
CA GLY B 149 0.04 1.34 26.63
C GLY B 149 0.16 -0.12 27.02
N ALA B 150 -0.82 -0.90 26.58
CA ALA B 150 -0.84 -2.32 26.85
C ALA B 150 0.24 -3.05 26.10
N THR B 151 0.41 -2.68 24.83
CA THR B 151 1.40 -3.34 24.00
C THR B 151 2.80 -3.10 24.55
N ILE B 152 3.10 -1.87 24.90
CA ILE B 152 4.44 -1.53 25.37
C ILE B 152 4.71 -2.14 26.74
N ALA B 153 3.72 -2.11 27.64
CA ALA B 153 3.89 -2.74 28.94
C ALA B 153 4.16 -4.23 28.80
N GLU B 154 3.45 -4.87 27.88
CA GLU B 154 3.63 -6.29 27.65
C GLU B 154 5.02 -6.61 27.07
N VAL B 155 5.42 -5.90 26.01
CA VAL B 155 6.71 -6.16 25.39
C VAL B 155 7.83 -5.86 26.40
N GLY B 156 7.63 -4.84 27.22
CA GLY B 156 8.62 -4.47 28.23
C GLY B 156 8.84 -5.56 29.27
N GLU B 157 7.83 -6.38 29.47
CA GLU B 157 7.91 -7.53 30.38
C GLU B 157 8.51 -8.73 29.67
N LEU B 158 8.17 -8.92 28.39
CA LEU B 158 8.73 -10.02 27.61
C LEU B 158 10.22 -9.87 27.45
N ASP B 159 10.66 -8.63 27.27
CA ASP B 159 12.07 -8.31 27.12
C ASP B 159 12.49 -7.22 28.10
N PRO B 160 13.00 -7.63 29.26
CA PRO B 160 13.36 -6.66 30.30
C PRO B 160 14.50 -5.74 29.90
N ASN B 161 15.17 -6.04 28.80
CA ASN B 161 16.27 -5.22 28.32
CA ASN B 161 16.27 -5.23 28.30
C ASN B 161 15.82 -4.21 27.25
N ALA B 162 14.56 -4.33 26.81
CA ALA B 162 14.05 -3.48 25.74
C ALA B 162 13.92 -2.04 26.17
N ARG B 163 14.16 -1.16 25.21
CA ARG B 163 13.84 0.26 25.36
C ARG B 163 12.79 0.56 24.31
N LEU B 164 11.69 1.20 24.74
CA LEU B 164 10.47 1.21 23.91
C LEU B 164 9.83 2.60 23.83
N ASN B 165 10.61 3.58 23.39
CA ASN B 165 10.08 4.92 23.18
C ASN B 165 9.39 5.03 21.84
N ILE B 166 8.08 5.17 21.89
CA ILE B 166 7.26 5.27 20.70
C ILE B 166 6.80 6.71 20.56
N LEU B 167 6.73 7.18 19.32
CA LEU B 167 6.10 8.48 19.04
C LEU B 167 5.26 8.29 17.80
N ALA B 168 3.97 8.55 17.92
CA ALA B 168 3.05 8.25 16.84
C ALA B 168 2.00 9.34 16.64
N ALA B 169 1.42 9.40 15.44
CA ALA B 169 0.42 10.43 15.15
C ALA B 169 -0.52 10.01 14.02
N ASN B 170 -1.76 10.50 14.06
CA ASN B 170 -2.77 10.10 13.07
C ASN B 170 -3.44 11.28 12.39
N GLY B 171 -2.86 12.47 12.54
CA GLY B 171 -3.39 13.68 11.93
C GLY B 171 -4.14 14.58 12.90
N SER B 172 -4.67 13.98 13.97
CA SER B 172 -5.50 14.71 14.94
CA SER B 172 -5.49 14.73 14.93
C SER B 172 -5.13 14.36 16.36
N ARG B 173 -4.09 13.54 16.52
CA ARG B 173 -3.68 13.06 17.82
C ARG B 173 -2.20 12.66 17.81
N LEU B 174 -1.51 12.90 18.94
CA LEU B 174 -0.17 12.32 19.15
C LEU B 174 -0.25 11.31 20.27
N LEU B 175 0.52 10.22 20.12
CA LEU B 175 0.72 9.23 21.18
C LEU B 175 2.20 8.98 21.34
N ALA B 176 2.65 8.79 22.57
CA ALA B 176 4.05 8.49 22.81
C ALA B 176 4.22 7.67 24.07
N THR B 177 5.33 6.93 24.13
CA THR B 177 5.70 6.29 25.37
C THR B 177 7.13 6.64 25.74
N THR B 178 7.37 6.71 27.03
CA THR B 178 8.72 6.66 27.57
C THR B 178 8.92 5.29 28.19
N TRP B 179 9.94 4.58 27.74
CA TRP B 179 10.28 3.29 28.31
C TRP B 179 11.76 3.07 28.12
N GLY B 180 12.56 3.78 28.92
CA GLY B 180 13.98 3.59 28.88
C GLY B 180 14.74 4.65 28.09
N ASP B 181 14.04 5.63 27.53
CA ASP B 181 14.71 6.76 26.87
C ASP B 181 13.88 8.04 27.04
N THR B 182 14.42 9.14 26.50
CA THR B 182 13.95 10.48 26.84
C THR B 182 12.80 11.00 25.98
N LEU B 183 12.00 11.86 26.58
CA LEU B 183 10.97 12.57 25.86
C LEU B 183 10.62 13.83 26.62
N SER B 184 10.40 14.91 25.88
CA SER B 184 9.96 16.18 26.43
C SER B 184 8.76 16.71 25.67
N VAL B 185 8.02 17.64 26.28
CA VAL B 185 6.86 18.25 25.66
C VAL B 185 6.94 19.79 25.71
N LEU B 186 6.51 20.43 24.62
CA LEU B 186 6.39 21.88 24.58
C LEU B 186 5.00 22.25 24.12
N ARG B 187 4.27 22.99 24.98
CA ARG B 187 2.93 23.45 24.60
C ARG B 187 3.03 24.90 24.15
N ARG B 188 2.79 25.12 22.86
CA ARG B 188 2.78 26.46 22.28
C ARG B 188 1.35 26.94 22.16
N PRO B 189 1.17 28.25 21.97
CA PRO B 189 -0.21 28.73 21.82
C PRO B 189 -0.91 28.07 20.64
N ASP B 190 -0.15 27.64 19.64
CA ASP B 190 -0.72 27.13 18.40
C ASP B 190 -0.57 25.64 18.20
N GLY B 191 -0.08 24.94 19.21
CA GLY B 191 0.05 23.50 19.12
C GLY B 191 1.04 22.90 20.09
N VAL B 192 1.27 21.60 19.92
CA VAL B 192 2.09 20.85 20.86
C VAL B 192 3.22 20.10 20.15
N VAL B 193 4.40 20.19 20.74
CA VAL B 193 5.55 19.38 20.31
C VAL B 193 5.86 18.28 21.31
N LEU B 194 6.10 17.08 20.80
CA LEU B 194 6.75 16.02 21.56
C LEU B 194 8.09 15.72 20.88
N ALA B 195 9.14 15.57 21.68
CA ALA B 195 10.47 15.35 21.13
C ALA B 195 11.34 14.56 22.09
N SER B 196 12.21 13.73 21.53
CA SER B 196 13.21 13.00 22.31
C SER B 196 13.98 13.96 23.20
N GLU B 197 14.29 15.13 22.67
CA GLU B 197 14.93 16.17 23.46
C GLU B 197 14.50 17.54 22.94
N PRO B 198 14.49 18.54 23.81
CA PRO B 198 14.09 19.90 23.40
C PRO B 198 14.89 20.42 22.23
N TYR B 199 14.25 21.10 21.29
CA TYR B 199 14.97 21.59 20.12
C TYR B 199 15.49 23.02 20.28
N ASP B 200 15.23 23.61 21.45
CA ASP B 200 15.79 24.88 21.84
C ASP B 200 15.72 24.99 23.38
N ASP B 201 15.88 26.20 23.88
CA ASP B 201 15.93 26.42 25.32
C ASP B 201 14.68 27.17 25.81
N ASP B 202 13.58 26.99 25.08
CA ASP B 202 12.28 27.54 25.48
C ASP B 202 11.99 27.09 26.90
N PRO B 203 11.69 28.04 27.81
CA PRO B 203 11.45 27.61 29.19
C PRO B 203 10.21 26.72 29.34
N GLY B 204 9.39 26.67 28.29
CA GLY B 204 8.18 25.87 28.31
C GLY B 204 8.40 24.36 28.22
N TRP B 205 9.59 23.94 27.82
CA TRP B 205 9.86 22.52 27.73
C TRP B 205 9.76 21.86 29.09
N SER B 206 9.12 20.70 29.13
CA SER B 206 9.11 19.91 30.36
C SER B 206 9.39 18.46 29.99
N ASP B 207 10.04 17.75 30.89
CA ASP B 207 10.44 16.37 30.63
C ASP B 207 9.35 15.43 31.08
N ILE B 208 9.14 14.40 30.26
CA ILE B 208 8.19 13.35 30.55
C ILE B 208 8.85 12.29 31.42
N PRO B 209 8.21 11.90 32.52
CA PRO B 209 8.86 10.87 33.34
C PRO B 209 8.89 9.53 32.64
N ASP B 210 9.84 8.68 33.01
CA ASP B 210 9.98 7.37 32.37
C ASP B 210 8.76 6.50 32.66
N ARG B 211 8.53 5.52 31.79
CA ARG B 211 7.42 4.58 31.95
C ARG B 211 6.05 5.25 31.98
N HIS B 212 5.85 6.18 31.06
CA HIS B 212 4.58 6.86 30.92
C HIS B 212 4.11 6.85 29.47
N LEU B 213 2.82 7.06 29.30
CA LEU B 213 2.23 7.26 28.00
C LEU B 213 1.78 8.71 27.88
N VAL B 214 2.02 9.32 26.74
CA VAL B 214 1.59 10.68 26.50
C VAL B 214 0.53 10.65 25.40
N ASP B 215 -0.55 11.35 25.63
CA ASP B 215 -1.67 11.36 24.70
C ASP B 215 -2.09 12.80 24.47
N VAL B 216 -1.97 13.28 23.23
CA VAL B 216 -2.29 14.66 22.92
C VAL B 216 -3.46 14.69 21.97
N ARG B 217 -4.59 15.25 22.40
CA ARG B 217 -5.72 15.43 21.50
C ARG B 217 -6.67 16.45 22.09
N ASP B 218 -7.36 17.17 21.20
CA ASP B 218 -8.33 18.20 21.63
C ASP B 218 -7.70 19.20 22.61
N ALA B 219 -6.54 19.74 22.23
CA ALA B 219 -5.78 20.71 23.04
C ALA B 219 -5.51 20.28 24.51
N HIS B 220 -5.67 18.99 24.78
CA HIS B 220 -5.31 18.36 26.06
C HIS B 220 -4.05 17.55 25.96
N VAL B 221 -3.22 17.60 27.00
CA VAL B 221 -2.06 16.74 27.10
C VAL B 221 -2.17 15.84 28.34
N VAL B 222 -2.23 14.54 28.08
CA VAL B 222 -2.28 13.53 29.11
C VAL B 222 -0.94 12.83 29.23
N VAL B 223 -0.41 12.78 30.45
CA VAL B 223 0.81 12.03 30.72
C VAL B 223 0.45 11.02 31.79
N THR B 224 0.36 9.75 31.43
CA THR B 224 -0.24 8.78 32.36
C THR B 224 0.69 7.56 32.52
N PRO B 225 0.70 6.96 33.71
CA PRO B 225 1.66 5.86 33.86
C PRO B 225 1.34 4.57 33.12
N LEU B 226 2.42 3.87 32.75
CA LEU B 226 2.38 2.52 32.19
C LEU B 226 2.56 1.49 33.28
N LEU B 227 2.10 0.27 33.01
CA LEU B 227 2.30 -0.83 33.92
C LEU B 227 3.76 -1.28 33.99
N GLU B 228 4.25 -1.50 35.20
CA GLU B 228 5.59 -2.06 35.39
C GLU B 228 5.42 -3.32 36.23
N HIS B 229 6.29 -4.31 36.04
CA HIS B 229 6.16 -5.58 36.76
C HIS B 229 7.02 -5.60 38.02
N ALA C 1 17.95 11.66 -21.88
CA ALA C 1 17.20 12.43 -20.90
C ALA C 1 15.85 12.84 -21.46
N ARG C 2 14.90 13.06 -20.57
CA ARG C 2 13.60 13.64 -20.93
C ARG C 2 13.31 14.69 -19.89
N HIS C 3 12.66 15.78 -20.29
CA HIS C 3 12.27 16.77 -19.30
C HIS C 3 10.89 17.32 -19.57
N VAL C 4 10.37 18.00 -18.56
CA VAL C 4 9.04 18.57 -18.62
C VAL C 4 9.00 19.84 -17.78
N ALA C 5 8.21 20.81 -18.22
CA ALA C 5 8.01 22.04 -17.48
C ALA C 5 6.56 22.47 -17.52
N TRP C 6 6.17 23.19 -16.47
CA TRP C 6 4.82 23.73 -16.32
C TRP C 6 4.92 25.19 -15.99
N LEU C 7 4.07 26.00 -16.59
CA LEU C 7 3.89 27.37 -16.17
C LEU C 7 2.40 27.67 -16.22
N GLY C 8 1.82 27.91 -15.05
CA GLY C 8 0.41 28.22 -14.99
C GLY C 8 -0.12 28.23 -13.58
N ALA C 9 -1.40 27.92 -13.44
CA ALA C 9 -2.03 27.81 -12.14
C ALA C 9 -1.36 26.70 -11.35
N PRO C 10 -1.47 26.76 -10.01
CA PRO C 10 -0.79 25.74 -9.19
C PRO C 10 -1.13 24.32 -9.63
N ARG C 11 -0.09 23.51 -9.79
CA ARG C 11 -0.24 22.15 -10.22
C ARG C 11 0.68 21.28 -9.37
N SER C 12 0.24 20.08 -9.00
CA SER C 12 1.11 19.25 -8.17
C SER C 12 2.22 18.59 -8.97
N LEU C 13 3.35 18.33 -8.32
CA LEU C 13 4.44 17.66 -9.00
C LEU C 13 3.95 16.28 -9.48
N ALA C 14 3.13 15.61 -8.66
CA ALA C 14 2.62 14.30 -9.03
C ALA C 14 1.77 14.41 -10.29
N ASP C 15 0.89 15.41 -10.35
CA ASP C 15 -0.01 15.57 -11.50
C ASP C 15 0.75 15.78 -12.80
N LEU C 16 1.91 16.42 -12.71
CA LEU C 16 2.70 16.73 -13.91
C LEU C 16 3.64 15.61 -14.33
N VAL C 17 4.23 14.94 -13.33
CA VAL C 17 5.37 14.07 -13.53
C VAL C 17 5.00 12.60 -13.41
N LEU C 18 4.15 12.26 -12.42
CA LEU C 18 3.89 10.87 -12.08
C LEU C 18 2.60 10.32 -12.65
N ASP C 19 1.56 11.15 -12.67
CA ASP C 19 0.21 10.66 -12.94
C ASP C 19 -0.15 10.46 -14.42
N PRO C 20 0.40 11.28 -15.32
CA PRO C 20 0.00 11.06 -16.72
C PRO C 20 0.39 9.66 -17.24
N PRO C 21 -0.43 9.09 -18.14
CA PRO C 21 -0.21 7.73 -18.62
C PRO C 21 1.10 7.54 -19.38
N GLN C 22 1.67 8.62 -19.93
CA GLN C 22 2.96 8.55 -20.62
C GLN C 22 3.87 9.71 -20.18
N GLY C 23 3.76 10.10 -18.92
CA GLY C 23 4.55 11.19 -18.39
C GLY C 23 5.95 10.76 -18.00
N LEU C 24 6.64 11.64 -17.28
CA LEU C 24 8.05 11.44 -16.96
C LEU C 24 8.33 10.14 -16.21
N LEU C 25 7.43 9.75 -15.30
CA LEU C 25 7.56 8.46 -14.60
C LEU C 25 7.67 7.30 -15.62
N VAL C 26 6.75 7.27 -16.56
CA VAL C 26 6.75 6.21 -17.56
C VAL C 26 7.98 6.34 -18.48
N GLN C 27 8.35 7.59 -18.79
CA GLN C 27 9.49 7.85 -19.66
C GLN C 27 10.80 7.41 -19.04
N SER C 28 10.85 7.25 -17.71
CA SER C 28 12.09 6.80 -17.08
C SER C 28 12.43 5.37 -17.50
N TYR C 29 11.43 4.58 -17.87
CA TYR C 29 11.70 3.21 -18.32
C TYR C 29 11.18 2.88 -19.72
N ALA C 30 10.28 3.69 -20.25
CA ALA C 30 9.69 3.41 -21.56
C ALA C 30 9.31 4.69 -22.30
N PRO C 31 10.31 5.48 -22.66
CA PRO C 31 10.05 6.69 -23.45
C PRO C 31 9.55 6.32 -24.85
N ARG C 32 8.78 7.22 -25.46
CA ARG C 32 8.15 6.95 -26.76
C ARG C 32 8.83 7.61 -27.95
N ARG C 33 9.59 8.68 -27.72
CA ARG C 33 10.19 9.48 -28.79
C ARG C 33 11.66 9.76 -28.60
N GLN C 34 12.35 8.83 -27.96
CA GLN C 34 13.73 9.04 -27.56
C GLN C 34 14.67 8.29 -28.48
N LYS C 35 15.48 9.01 -29.25
CA LYS C 35 16.37 8.37 -30.20
C LYS C 35 17.70 7.97 -29.57
N HIS C 36 18.06 8.64 -28.48
CA HIS C 36 19.35 8.41 -27.83
C HIS C 36 19.15 7.90 -26.43
N GLY C 37 19.58 6.66 -26.22
CA GLY C 37 19.35 5.97 -24.97
C GLY C 37 18.05 5.22 -25.01
N LEU C 38 18.02 4.12 -24.27
CA LEU C 38 16.86 3.26 -24.18
C LEU C 38 15.86 3.70 -23.10
N MET C 39 16.38 4.45 -22.14
CA MET C 39 15.65 4.76 -20.92
C MET C 39 16.27 5.97 -20.23
N ASN C 40 15.76 6.30 -19.04
CA ASN C 40 16.27 7.43 -18.29
C ASN C 40 16.25 7.07 -16.83
N ALA C 41 17.20 6.21 -16.46
CA ALA C 41 17.21 5.55 -15.16
C ALA C 41 18.43 5.95 -14.34
N ASP C 42 19.18 6.97 -14.79
CA ASP C 42 20.42 7.35 -14.11
C ASP C 42 20.23 8.52 -13.13
N GLY C 43 18.98 8.77 -12.74
CA GLY C 43 18.68 9.82 -11.79
C GLY C 43 17.48 10.62 -12.25
N TRP C 44 17.09 11.59 -11.43
CA TRP C 44 15.97 12.44 -11.75
C TRP C 44 16.05 13.69 -10.90
N GLY C 45 15.23 14.68 -11.26
CA GLY C 45 15.13 15.87 -10.46
C GLY C 45 13.82 16.55 -10.72
N ALA C 46 13.33 17.25 -9.70
CA ALA C 46 12.13 18.06 -9.85
C ALA C 46 12.39 19.37 -9.13
N GLY C 47 12.36 20.45 -9.89
CA GLY C 47 12.52 21.77 -9.33
C GLY C 47 11.23 22.55 -9.47
N PHE C 48 10.97 23.43 -8.52
CA PHE C 48 9.78 24.26 -8.58
C PHE C 48 10.01 25.56 -7.83
N PHE C 49 9.13 26.53 -8.06
CA PHE C 49 9.19 27.80 -7.37
C PHE C 49 8.05 27.89 -6.39
N ASP C 50 8.35 28.27 -5.16
CA ASP C 50 7.31 28.32 -4.13
C ASP C 50 6.61 29.66 -4.21
N ASP C 51 5.70 29.92 -3.27
CA ASP C 51 4.89 31.14 -3.33
C ASP C 51 5.69 32.42 -3.24
N ASP C 52 6.89 32.33 -2.66
CA ASP C 52 7.74 33.49 -2.50
C ASP C 52 8.75 33.61 -3.61
N GLY C 53 8.65 32.75 -4.61
CA GLY C 53 9.53 32.79 -5.76
C GLY C 53 10.87 32.09 -5.55
N VAL C 54 11.01 31.37 -4.46
CA VAL C 54 12.25 30.65 -4.19
C VAL C 54 12.33 29.37 -4.98
N ALA C 55 13.46 29.16 -5.64
CA ALA C 55 13.71 27.94 -6.39
C ALA C 55 14.10 26.80 -5.46
N ARG C 56 13.36 25.70 -5.54
CA ARG C 56 13.61 24.53 -4.69
C ARG C 56 13.74 23.30 -5.54
N ARG C 57 14.57 22.35 -5.10
CA ARG C 57 14.88 21.20 -5.92
C ARG C 57 14.98 19.94 -5.10
N TRP C 58 14.38 18.89 -5.65
CA TRP C 58 14.52 17.51 -5.17
C TRP C 58 15.26 16.76 -6.26
N ARG C 59 16.43 16.21 -5.95
CA ARG C 59 17.25 15.52 -6.96
C ARG C 59 17.69 14.17 -6.42
N SER C 60 17.95 13.25 -7.34
CA SER C 60 18.29 11.87 -6.98
C SER C 60 19.19 11.25 -8.01
N ASP C 61 19.97 10.24 -7.59
CA ASP C 61 20.80 9.47 -8.52
C ASP C 61 20.19 8.10 -8.83
N LYS C 62 18.94 7.89 -8.42
CA LYS C 62 18.24 6.64 -8.61
C LYS C 62 17.16 6.72 -9.65
N PRO C 63 16.68 5.58 -10.15
CA PRO C 63 15.55 5.59 -11.08
C PRO C 63 14.30 6.23 -10.49
N LEU C 64 13.66 7.11 -11.24
CA LEU C 64 12.48 7.81 -10.74
C LEU C 64 11.39 6.83 -10.30
N TRP C 65 11.23 5.75 -11.05
CA TRP C 65 10.11 4.84 -10.83
C TRP C 65 10.17 4.18 -9.47
N GLY C 66 11.34 4.13 -8.86
CA GLY C 66 11.52 3.42 -7.60
C GLY C 66 11.54 4.28 -6.36
N ASP C 67 11.38 5.58 -6.53
CA ASP C 67 11.52 6.49 -5.41
C ASP C 67 10.20 6.61 -4.66
N ALA C 68 10.09 5.83 -3.58
CA ALA C 68 8.84 5.76 -2.83
C ALA C 68 8.54 7.08 -2.13
N SER C 69 9.58 7.78 -1.70
CA SER C 69 9.41 9.08 -1.03
C SER C 69 8.78 10.09 -1.99
N PHE C 70 9.30 10.16 -3.20
CA PHE C 70 8.75 11.11 -4.16
C PHE C 70 7.32 10.76 -4.54
N ALA C 71 7.04 9.47 -4.72
CA ALA C 71 5.68 9.04 -5.04
C ALA C 71 4.69 9.43 -3.92
N SER C 72 5.16 9.38 -2.68
CA SER C 72 4.33 9.69 -1.53
C SER C 72 4.14 11.19 -1.37
N VAL C 73 5.21 11.96 -1.57
CA VAL C 73 5.18 13.37 -1.21
C VAL C 73 4.77 14.28 -2.39
N ALA C 74 5.07 13.87 -3.62
CA ALA C 74 4.83 14.72 -4.78
C ALA C 74 3.41 15.26 -4.91
N PRO C 75 2.39 14.47 -4.52
CA PRO C 75 1.03 15.01 -4.63
C PRO C 75 0.78 16.24 -3.71
N ALA C 76 1.64 16.41 -2.70
CA ALA C 76 1.45 17.49 -1.73
C ALA C 76 2.31 18.72 -2.08
N LEU C 77 3.05 18.63 -3.17
CA LEU C 77 3.89 19.73 -3.64
C LEU C 77 3.29 20.38 -4.87
N ARG C 78 2.78 21.60 -4.70
CA ARG C 78 2.08 22.31 -5.76
C ARG C 78 2.82 23.59 -6.12
N SER C 79 2.86 23.92 -7.40
CA SER C 79 3.61 25.08 -7.85
C SER C 79 3.08 25.59 -9.16
N ARG C 80 3.25 26.89 -9.37
CA ARG C 80 2.95 27.54 -10.63
C ARG C 80 4.01 27.34 -11.69
N CYS C 81 5.18 26.87 -11.29
CA CYS C 81 6.30 26.80 -12.21
C CYS C 81 7.24 25.65 -11.82
N VAL C 82 7.34 24.66 -12.70
CA VAL C 82 8.05 23.42 -12.44
C VAL C 82 8.95 23.08 -13.61
N VAL C 83 10.14 22.57 -13.32
CA VAL C 83 11.00 21.94 -14.33
C VAL C 83 11.47 20.63 -13.75
N ALA C 84 11.18 19.52 -14.42
CA ALA C 84 11.61 18.20 -13.95
C ALA C 84 12.24 17.41 -15.08
N ALA C 85 13.09 16.47 -14.70
CA ALA C 85 13.83 15.67 -15.70
C ALA C 85 14.14 14.30 -15.15
N VAL C 86 14.31 13.37 -16.07
CA VAL C 86 14.88 12.08 -15.78
C VAL C 86 16.17 11.96 -16.61
N ARG C 87 17.22 11.43 -15.96
CA ARG C 87 18.55 11.42 -16.52
C ARG C 87 18.90 10.11 -17.21
N SER C 88 19.57 10.24 -18.35
CA SER C 88 20.23 9.08 -18.95
CA SER C 88 20.24 9.09 -18.96
C SER C 88 21.70 9.42 -19.18
N ALA C 89 22.58 8.47 -18.86
CA ALA C 89 24.01 8.67 -19.00
C ALA C 89 24.69 7.47 -19.62
N THR C 90 25.68 7.71 -20.47
CA THR C 90 26.45 6.61 -21.01
C THR C 90 27.21 5.90 -19.87
N ILE C 91 27.36 4.60 -20.03
CA ILE C 91 27.95 3.76 -19.00
C ILE C 91 29.35 4.24 -18.66
N GLY C 92 29.59 4.50 -17.37
CA GLY C 92 30.88 4.95 -16.91
C GLY C 92 30.84 6.38 -16.40
N MET C 93 29.83 7.14 -16.82
CA MET C 93 29.66 8.51 -16.36
CA MET C 93 29.68 8.50 -16.36
C MET C 93 29.30 8.53 -14.87
N PRO C 94 29.73 9.59 -14.15
CA PRO C 94 29.42 9.61 -12.71
C PRO C 94 27.93 9.67 -12.44
N ILE C 95 27.52 8.86 -11.47
CA ILE C 95 26.15 8.79 -11.00
C ILE C 95 26.10 9.51 -9.65
N GLU C 96 25.33 10.58 -9.60
CA GLU C 96 25.29 11.46 -8.44
C GLU C 96 24.18 12.47 -8.61
N PRO C 97 23.49 12.83 -7.52
CA PRO C 97 22.36 13.75 -7.67
C PRO C 97 22.78 15.12 -8.21
N SER C 98 24.01 15.55 -7.97
CA SER C 98 24.45 16.84 -8.46
C SER C 98 24.47 16.91 -9.99
N ALA C 99 24.50 15.73 -10.63
CA ALA C 99 24.58 15.64 -12.07
C ALA C 99 23.19 15.55 -12.70
N SER C 100 22.17 15.40 -11.86
CA SER C 100 20.80 15.33 -12.34
C SER C 100 20.19 16.70 -12.54
N ALA C 101 19.54 16.93 -13.68
CA ALA C 101 18.78 18.15 -13.87
C ALA C 101 17.56 18.14 -12.95
N PRO C 102 17.06 19.34 -12.59
CA PRO C 102 17.50 20.64 -13.03
C PRO C 102 18.64 21.24 -12.22
N PHE C 103 19.50 21.96 -12.92
CA PHE C 103 20.53 22.81 -12.33
C PHE C 103 19.92 24.15 -11.96
N SER C 104 20.61 24.94 -11.15
CA SER C 104 20.06 26.22 -10.71
C SER C 104 21.13 27.25 -10.43
N ASP C 105 20.83 28.52 -10.75
CA ASP C 105 21.68 29.61 -10.30
C ASP C 105 20.94 30.46 -9.25
N GLY C 106 19.85 29.92 -8.72
CA GLY C 106 19.06 30.60 -7.72
C GLY C 106 17.88 31.36 -8.31
N GLN C 107 18.01 31.80 -9.55
CA GLN C 107 16.95 32.53 -10.22
C GLN C 107 16.28 31.65 -11.27
N TRP C 108 17.09 30.86 -11.97
CA TRP C 108 16.63 29.98 -13.03
C TRP C 108 16.88 28.51 -12.72
N LEU C 109 15.91 27.64 -13.04
CA LEU C 109 16.09 26.20 -13.13
C LEU C 109 16.38 25.84 -14.56
N LEU C 110 17.24 24.84 -14.79
CA LEU C 110 17.63 24.49 -16.15
C LEU C 110 17.92 23.01 -16.31
N SER C 111 17.35 22.43 -17.37
CA SER C 111 17.60 21.04 -17.74
C SER C 111 18.17 20.96 -19.15
N HIS C 112 19.09 20.04 -19.36
CA HIS C 112 19.66 19.81 -20.68
C HIS C 112 19.44 18.39 -21.12
N ASN C 113 18.87 18.22 -22.31
CA ASN C 113 18.73 16.92 -22.98
C ASN C 113 19.67 16.92 -24.17
N GLY C 114 20.70 16.09 -24.11
CA GLY C 114 21.63 15.97 -25.24
C GLY C 114 23.03 15.66 -24.79
N LEU C 115 23.98 16.18 -25.55
CA LEU C 115 25.38 15.84 -25.41
C LEU C 115 26.20 16.99 -25.99
N VAL C 116 27.28 17.34 -25.30
CA VAL C 116 28.19 18.34 -25.82
C VAL C 116 29.61 18.05 -25.35
N ASP C 117 30.55 18.30 -26.25
CA ASP C 117 31.98 18.11 -25.98
C ASP C 117 32.44 19.16 -25.00
N ARG C 118 32.79 18.76 -23.78
CA ARG C 118 33.22 19.73 -22.78
C ARG C 118 34.48 20.45 -23.25
N GLY C 119 35.20 19.82 -24.17
CA GLY C 119 36.42 20.40 -24.72
C GLY C 119 36.21 21.70 -25.45
N VAL C 120 35.01 21.94 -25.99
CA VAL C 120 34.75 23.20 -26.69
C VAL C 120 34.14 24.24 -25.76
N LEU C 121 33.78 23.85 -24.54
CA LEU C 121 33.17 24.77 -23.60
C LEU C 121 34.20 25.42 -22.69
N PRO C 122 33.89 26.61 -22.18
CA PRO C 122 34.87 27.21 -21.25
C PRO C 122 35.02 26.40 -19.97
N LEU C 123 36.21 26.41 -19.39
CA LEU C 123 36.39 25.87 -18.04
C LEU C 123 35.61 26.76 -17.07
N THR C 124 35.20 26.20 -15.94
CA THR C 124 34.43 26.98 -15.00
C THR C 124 34.68 26.53 -13.59
N GLY C 125 34.48 27.43 -12.65
CA GLY C 125 34.52 27.09 -11.24
C GLY C 125 33.13 27.06 -10.63
N ALA C 126 32.11 27.22 -11.47
CA ALA C 126 30.75 27.42 -10.99
C ALA C 126 29.79 26.29 -11.31
N ALA C 127 30.30 25.16 -11.81
CA ALA C 127 29.42 24.05 -12.17
C ALA C 127 29.03 23.24 -10.94
N GLU C 128 27.87 22.60 -11.00
CA GLU C 128 27.34 21.81 -9.89
C GLU C 128 27.89 20.38 -9.92
N SER C 129 28.41 19.99 -11.08
CA SER C 129 28.93 18.64 -11.29
C SER C 129 29.93 18.70 -12.43
N THR C 130 30.59 17.58 -12.70
CA THR C 130 31.58 17.55 -13.76
C THR C 130 30.98 17.19 -15.12
N VAL C 131 29.74 16.74 -15.12
CA VAL C 131 29.14 16.24 -16.34
C VAL C 131 28.87 17.35 -17.36
N ASP C 132 28.83 16.98 -18.64
CA ASP C 132 28.75 17.99 -19.68
C ASP C 132 27.55 18.93 -19.51
N SER C 133 26.39 18.40 -19.12
CA SER C 133 25.21 19.23 -18.95
C SER C 133 25.42 20.30 -17.91
N ALA C 134 26.19 19.99 -16.88
CA ALA C 134 26.44 20.95 -15.81
C ALA C 134 27.39 22.05 -16.25
N ILE C 135 28.38 21.68 -17.06
CA ILE C 135 29.32 22.66 -17.60
C ILE C 135 28.57 23.60 -18.56
N LEU C 136 27.68 23.01 -19.36
CA LEU C 136 26.88 23.78 -20.28
C LEU C 136 25.93 24.69 -19.52
N ALA C 137 25.31 24.19 -18.44
CA ALA C 137 24.42 25.02 -17.63
C ALA C 137 25.15 26.23 -17.07
N ALA C 138 26.36 26.02 -16.57
CA ALA C 138 27.19 27.08 -16.04
C ALA C 138 27.44 28.16 -17.10
N LEU C 139 27.73 27.74 -18.33
CA LEU C 139 27.91 28.70 -19.41
C LEU C 139 26.65 29.49 -19.67
N ILE C 140 25.54 28.76 -19.81
CA ILE C 140 24.26 29.41 -20.10
C ILE C 140 23.90 30.42 -19.01
N PHE C 141 24.06 30.02 -17.74
CA PHE C 141 23.78 30.95 -16.63
C PHE C 141 24.68 32.19 -16.70
N SER C 142 25.94 31.98 -17.05
N SER C 142 25.94 31.97 -17.07
CA SER C 142 26.91 33.07 -17.11
CA SER C 142 26.91 33.07 -17.12
C SER C 142 26.55 34.09 -18.22
C SER C 142 26.51 34.08 -18.20
N ARG C 143 26.08 33.58 -19.36
CA ARG C 143 25.69 34.45 -20.46
C ARG C 143 24.34 35.12 -20.22
N GLY C 144 23.53 34.50 -19.35
CA GLY C 144 22.19 34.99 -19.05
C GLY C 144 21.15 34.32 -19.92
N LEU C 145 19.99 34.01 -19.34
CA LEU C 145 18.97 33.32 -20.10
C LEU C 145 18.38 34.21 -21.21
N ASP C 146 18.51 35.52 -21.12
CA ASP C 146 18.04 36.39 -22.19
C ASP C 146 18.90 36.21 -23.44
N ALA C 147 20.05 35.55 -23.29
CA ALA C 147 20.92 35.26 -24.43
C ALA C 147 20.93 33.77 -24.79
N LEU C 148 19.96 33.01 -24.28
CA LEU C 148 19.95 31.55 -24.45
C LEU C 148 20.10 31.12 -25.92
N GLY C 149 19.30 31.72 -26.80
CA GLY C 149 19.31 31.34 -28.19
C GLY C 149 20.67 31.55 -28.83
N ALA C 150 21.30 32.67 -28.52
CA ALA C 150 22.61 32.97 -29.08
C ALA C 150 23.68 32.02 -28.50
N THR C 151 23.57 31.73 -27.22
CA THR C 151 24.52 30.83 -26.55
C THR C 151 24.45 29.45 -27.18
N ILE C 152 23.24 28.95 -27.40
CA ILE C 152 23.10 27.63 -27.98
C ILE C 152 23.58 27.61 -29.44
N ALA C 153 23.28 28.65 -30.19
CA ALA C 153 23.77 28.72 -31.56
C ALA C 153 25.30 28.70 -31.55
N GLU C 154 25.90 29.40 -30.59
CA GLU C 154 27.36 29.47 -30.51
C GLU C 154 27.96 28.11 -30.22
N VAL C 155 27.42 27.43 -29.20
CA VAL C 155 27.93 26.13 -28.81
C VAL C 155 27.69 25.10 -29.93
N GLY C 156 26.55 25.20 -30.60
CA GLY C 156 26.22 24.30 -31.69
C GLY C 156 27.16 24.40 -32.88
N GLU C 157 27.75 25.56 -33.06
CA GLU C 157 28.71 25.75 -34.13
C GLU C 157 30.07 25.23 -33.66
N LEU C 158 30.37 25.40 -32.38
CA LEU C 158 31.61 24.88 -31.81
C LEU C 158 31.66 23.36 -31.84
N ASP C 159 30.54 22.72 -31.59
CA ASP C 159 30.44 21.24 -31.60
C ASP C 159 29.28 20.82 -32.52
N PRO C 160 29.58 20.57 -33.80
CA PRO C 160 28.53 20.21 -34.76
C PRO C 160 27.84 18.89 -34.46
N ASN C 161 28.34 18.09 -33.52
CA ASN C 161 27.66 16.87 -33.12
C ASN C 161 26.81 17.08 -31.87
N ALA C 162 26.87 18.27 -31.29
CA ALA C 162 26.18 18.52 -30.04
C ALA C 162 24.67 18.48 -30.23
N ARG C 163 23.99 17.98 -29.20
CA ARG C 163 22.55 18.11 -29.10
C ARG C 163 22.28 18.95 -27.87
N LEU C 164 21.47 19.99 -28.05
CA LEU C 164 21.41 21.07 -27.07
C LEU C 164 19.98 21.49 -26.76
N ASN C 165 19.17 20.53 -26.33
CA ASN C 165 17.80 20.83 -25.88
C ASN C 165 17.80 21.33 -24.46
N ILE C 166 17.44 22.61 -24.31
CA ILE C 166 17.40 23.25 -23.00
C ILE C 166 15.95 23.48 -22.63
N LEU C 167 15.64 23.30 -21.34
CA LEU C 167 14.35 23.69 -20.81
C LEU C 167 14.62 24.40 -19.47
N ALA C 168 14.18 25.65 -19.37
CA ALA C 168 14.53 26.46 -18.21
C ALA C 168 13.32 27.28 -17.75
N ALA C 169 13.34 27.71 -16.49
CA ALA C 169 12.23 28.50 -15.96
C ALA C 169 12.67 29.35 -14.77
N ASN C 170 12.01 30.48 -14.55
CA ASN C 170 12.39 31.42 -13.48
C ASN C 170 11.23 31.75 -12.56
N GLY C 171 10.15 30.99 -12.67
CA GLY C 171 8.97 31.21 -11.84
C GLY C 171 7.84 31.90 -12.57
N SER C 172 8.19 32.69 -13.59
N SER C 172 8.16 32.67 -13.60
CA SER C 172 7.22 33.48 -14.34
CA SER C 172 7.13 33.38 -14.36
C SER C 172 7.39 33.34 -15.86
C SER C 172 7.33 33.28 -15.87
N ARG C 173 8.38 32.53 -16.27
CA ARG C 173 8.72 32.36 -17.68
C ARG C 173 9.27 30.97 -17.91
N LEU C 174 8.98 30.41 -19.07
CA LEU C 174 9.68 29.23 -19.55
C LEU C 174 10.52 29.64 -20.75
N LEU C 175 11.70 29.03 -20.87
CA LEU C 175 12.52 29.14 -22.09
C LEU C 175 12.95 27.75 -22.50
N ALA C 176 13.00 27.49 -23.80
CA ALA C 176 13.45 26.19 -24.27
C ALA C 176 14.10 26.27 -25.63
N THR C 177 14.99 25.35 -25.93
CA THR C 177 15.56 25.24 -27.25
C THR C 177 15.38 23.85 -27.77
N THR C 178 15.15 23.76 -29.09
CA THR C 178 15.31 22.51 -29.82
C THR C 178 16.63 22.58 -30.57
N TRP C 179 17.50 21.59 -30.35
CA TRP C 179 18.73 21.52 -31.09
C TRP C 179 19.16 20.08 -31.13
N GLY C 180 18.47 19.28 -31.95
CA GLY C 180 18.86 17.88 -32.15
C GLY C 180 18.03 16.87 -31.39
N ASP C 181 17.04 17.32 -30.64
CA ASP C 181 16.13 16.39 -29.98
C ASP C 181 14.72 16.99 -29.90
N THR C 182 13.81 16.21 -29.33
CA THR C 182 12.40 16.51 -29.42
C THR C 182 11.87 17.47 -28.34
N LEU C 183 10.85 18.24 -28.70
CA LEU C 183 10.12 19.08 -27.75
C LEU C 183 8.72 19.29 -28.26
N SER C 184 7.74 19.23 -27.35
CA SER C 184 6.35 19.50 -27.67
C SER C 184 5.74 20.47 -26.66
N VAL C 185 4.64 21.09 -27.06
CA VAL C 185 3.94 22.07 -26.23
C VAL C 185 2.47 21.69 -26.11
N LEU C 186 1.92 21.86 -24.91
CA LEU C 186 0.49 21.69 -24.67
C LEU C 186 -0.06 22.91 -23.98
N ARG C 187 -1.06 23.53 -24.60
CA ARG C 187 -1.73 24.67 -23.99
C ARG C 187 -3.00 24.20 -23.30
N ARG C 188 -3.01 24.29 -21.98
CA ARG C 188 -4.20 23.95 -21.20
CA ARG C 188 -4.19 23.95 -21.18
C ARG C 188 -4.97 25.22 -20.84
N PRO C 189 -6.23 25.06 -20.39
CA PRO C 189 -6.98 26.24 -19.95
C PRO C 189 -6.26 27.00 -18.84
N ASP C 190 -5.46 26.30 -18.03
CA ASP C 190 -4.86 26.91 -16.85
C ASP C 190 -3.34 27.07 -16.94
N GLY C 191 -2.74 26.79 -18.10
CA GLY C 191 -1.31 26.96 -18.24
C GLY C 191 -0.71 26.20 -19.39
N VAL C 192 0.61 26.20 -19.45
CA VAL C 192 1.33 25.62 -20.57
C VAL C 192 2.31 24.56 -20.10
N VAL C 193 2.33 23.43 -20.82
CA VAL C 193 3.35 22.41 -20.65
C VAL C 193 4.33 22.43 -21.81
N LEU C 194 5.63 22.38 -21.50
CA LEU C 194 6.65 22.06 -22.48
C LEU C 194 7.26 20.73 -22.08
N ALA C 195 7.47 19.84 -23.05
CA ALA C 195 7.99 18.52 -22.71
C ALA C 195 8.76 17.88 -23.85
N SER C 196 9.77 17.11 -23.50
CA SER C 196 10.51 16.33 -24.50
C SER C 196 9.56 15.51 -25.36
N GLU C 197 8.55 14.95 -24.72
CA GLU C 197 7.50 14.25 -25.47
C GLU C 197 6.16 14.35 -24.74
N PRO C 198 5.05 14.28 -25.49
CA PRO C 198 3.72 14.38 -24.90
C PRO C 198 3.52 13.35 -23.81
N TYR C 199 2.89 13.75 -22.71
CA TYR C 199 2.70 12.83 -21.60
C TYR C 199 1.37 12.08 -21.67
N ASP C 200 0.63 12.32 -22.74
CA ASP C 200 -0.57 11.57 -23.05
C ASP C 200 -0.89 11.74 -24.54
N ASP C 201 -2.14 11.49 -24.91
CA ASP C 201 -2.53 11.52 -26.33
C ASP C 201 -3.51 12.67 -26.60
N ASP C 202 -3.43 13.70 -25.76
CA ASP C 202 -4.22 14.93 -25.93
C ASP C 202 -3.97 15.50 -27.33
N PRO C 203 -5.05 15.79 -28.10
CA PRO C 203 -4.88 16.32 -29.46
C PRO C 203 -4.25 17.72 -29.49
N GLY C 204 -4.20 18.39 -28.34
CA GLY C 204 -3.61 19.71 -28.25
C GLY C 204 -2.09 19.75 -28.34
N TRP C 205 -1.42 18.60 -28.21
CA TRP C 205 0.02 18.56 -28.30
C TRP C 205 0.48 18.93 -29.69
N SER C 206 1.48 19.79 -29.77
CA SER C 206 2.08 20.11 -31.07
C SER C 206 3.57 20.10 -30.90
N ASP C 207 4.28 19.72 -31.96
CA ASP C 207 5.72 19.56 -31.89
C ASP C 207 6.43 20.85 -32.29
N ILE C 208 7.50 21.18 -31.57
CA ILE C 208 8.32 22.34 -31.88
C ILE C 208 9.35 21.94 -32.91
N PRO C 209 9.46 22.74 -33.99
CA PRO C 209 10.47 22.37 -34.97
C PRO C 209 11.89 22.51 -34.43
N ASP C 210 12.82 21.78 -35.04
CA ASP C 210 14.20 21.81 -34.60
C ASP C 210 14.81 23.20 -34.82
N ARG C 211 15.84 23.51 -34.04
CA ARG C 211 16.59 24.77 -34.10
C ARG C 211 15.70 25.98 -33.88
N HIS C 212 14.88 25.89 -32.85
CA HIS C 212 14.02 27.01 -32.45
C HIS C 212 14.13 27.30 -30.96
N LEU C 213 13.73 28.52 -30.59
CA LEU C 213 13.62 28.95 -29.22
C LEU C 213 12.15 29.07 -28.89
N VAL C 214 11.77 28.61 -27.71
CA VAL C 214 10.40 28.76 -27.23
C VAL C 214 10.42 29.63 -26.00
N ASP C 215 9.50 30.59 -25.96
CA ASP C 215 9.40 31.58 -24.90
C ASP C 215 7.93 31.64 -24.43
N VAL C 216 7.71 31.28 -23.18
CA VAL C 216 6.38 31.25 -22.58
C VAL C 216 6.27 32.21 -21.40
N ARG C 217 5.28 33.09 -21.44
CA ARG C 217 4.95 33.92 -20.28
C ARG C 217 3.47 34.21 -20.30
N ASP C 218 2.88 34.12 -19.12
CA ASP C 218 1.45 34.37 -18.94
C ASP C 218 0.65 33.59 -20.00
N ALA C 219 1.04 32.32 -20.20
CA ALA C 219 0.38 31.43 -21.15
C ALA C 219 0.49 31.87 -22.62
N HIS C 220 1.36 32.82 -22.92
CA HIS C 220 1.61 33.22 -24.29
C HIS C 220 2.83 32.43 -24.75
N VAL C 221 2.72 31.74 -25.89
CA VAL C 221 3.80 30.93 -26.42
C VAL C 221 4.36 31.53 -27.69
N VAL C 222 5.64 31.92 -27.64
CA VAL C 222 6.33 32.53 -28.78
C VAL C 222 7.46 31.61 -29.21
N VAL C 223 7.43 31.23 -30.49
CA VAL C 223 8.43 30.33 -31.06
C VAL C 223 9.19 31.11 -32.11
N THR C 224 10.52 31.15 -31.98
CA THR C 224 11.37 31.92 -32.89
C THR C 224 12.53 31.04 -33.36
N PRO C 225 13.03 31.30 -34.58
CA PRO C 225 14.18 30.53 -35.06
C PRO C 225 15.43 30.92 -34.31
N LEU C 226 16.42 30.04 -34.31
CA LEU C 226 17.73 30.36 -33.78
C LEU C 226 18.60 30.91 -34.91
N LEU C 227 19.71 31.57 -34.56
CA LEU C 227 20.63 32.12 -35.55
C LEU C 227 21.19 31.09 -36.48
N GLU C 228 21.23 31.45 -37.76
CA GLU C 228 21.81 30.61 -38.78
C GLU C 228 23.32 30.85 -38.91
N ALA D 1 38.44 14.55 7.37
CA ALA D 1 38.84 13.29 6.73
C ALA D 1 39.92 12.60 7.51
N ARG D 2 40.01 11.29 7.32
CA ARG D 2 41.15 10.51 7.82
C ARG D 2 41.55 9.57 6.70
N HIS D 3 42.85 9.30 6.53
CA HIS D 3 43.24 8.30 5.54
C HIS D 3 44.32 7.38 6.07
N VAL D 4 44.56 6.31 5.33
CA VAL D 4 45.53 5.31 5.70
C VAL D 4 46.08 4.69 4.45
N ALA D 5 47.35 4.34 4.48
CA ALA D 5 47.95 3.68 3.34
C ALA D 5 48.85 2.57 3.81
N TRP D 6 49.03 1.59 2.95
CA TRP D 6 49.89 0.43 3.20
C TRP D 6 50.81 0.20 2.01
N LEU D 7 52.07 -0.12 2.27
CA LEU D 7 52.97 -0.62 1.25
C LEU D 7 53.77 -1.74 1.89
N GLY D 8 53.58 -2.96 1.39
CA GLY D 8 54.34 -4.08 1.90
C GLY D 8 53.80 -5.40 1.39
N ALA D 9 53.94 -6.44 2.20
CA ALA D 9 53.38 -7.74 1.87
C ALA D 9 51.86 -7.66 1.76
N PRO D 10 51.25 -8.58 1.02
CA PRO D 10 49.80 -8.49 0.83
C PRO D 10 49.08 -8.42 2.17
N ARG D 11 48.13 -7.51 2.24
CA ARG D 11 47.34 -7.31 3.43
C ARG D 11 45.91 -7.12 2.98
N SER D 12 44.93 -7.65 3.72
CA SER D 12 43.56 -7.48 3.28
C SER D 12 43.07 -6.08 3.63
N LEU D 13 42.11 -5.59 2.86
CA LEU D 13 41.52 -4.29 3.13
C LEU D 13 40.87 -4.29 4.52
N ALA D 14 40.26 -5.41 4.87
CA ALA D 14 39.63 -5.51 6.19
C ALA D 14 40.67 -5.38 7.29
N ASP D 15 41.81 -6.08 7.12
CA ASP D 15 42.85 -6.07 8.13
C ASP D 15 43.40 -4.67 8.35
N LEU D 16 43.44 -3.87 7.30
CA LEU D 16 43.99 -2.52 7.40
C LEU D 16 42.99 -1.48 7.89
N VAL D 17 41.74 -1.62 7.46
CA VAL D 17 40.73 -0.58 7.55
C VAL D 17 39.65 -0.87 8.60
N LEU D 18 39.22 -2.13 8.68
CA LEU D 18 38.06 -2.49 9.50
C LEU D 18 38.43 -3.10 10.84
N ASP D 19 39.48 -3.94 10.85
CA ASP D 19 39.77 -4.77 12.00
C ASP D 19 40.55 -4.08 13.15
N PRO D 20 41.42 -3.09 12.86
CA PRO D 20 42.14 -2.53 14.01
C PRO D 20 41.19 -1.85 15.02
N PRO D 21 41.54 -1.90 16.31
CA PRO D 21 40.64 -1.38 17.34
C PRO D 21 40.40 0.11 17.22
N GLN D 22 41.31 0.85 16.58
CA GLN D 22 41.09 2.28 16.38
C GLN D 22 41.37 2.68 14.93
N GLY D 23 41.03 1.79 14.01
CA GLY D 23 41.29 2.02 12.60
C GLY D 23 40.24 2.88 11.91
N LEU D 24 40.29 2.88 10.59
CA LEU D 24 39.46 3.79 9.80
C LEU D 24 37.97 3.59 10.08
N LEU D 25 37.58 2.34 10.26
CA LEU D 25 36.19 2.05 10.61
C LEU D 25 35.76 2.82 11.86
N VAL D 26 36.58 2.75 12.90
CA VAL D 26 36.27 3.45 14.14
C VAL D 26 36.38 4.97 13.94
N GLN D 27 37.35 5.40 13.14
CA GLN D 27 37.56 6.83 12.90
C GLN D 27 36.40 7.48 12.15
N SER D 28 35.58 6.66 11.47
CA SER D 28 34.43 7.22 10.76
C SER D 28 33.41 7.81 11.73
N TYR D 29 33.35 7.28 12.96
CA TYR D 29 32.41 7.82 13.96
C TYR D 29 33.09 8.33 15.24
N ALA D 30 34.34 7.96 15.46
CA ALA D 30 35.02 8.38 16.68
C ALA D 30 36.53 8.54 16.51
N PRO D 31 36.95 9.50 15.69
CA PRO D 31 38.39 9.74 15.51
C PRO D 31 39.02 10.25 16.79
N ARG D 32 40.33 10.00 16.95
CA ARG D 32 41.02 10.35 18.19
C ARG D 32 41.91 11.60 18.07
N ARG D 33 42.32 11.96 16.85
CA ARG D 33 43.29 13.05 16.68
C ARG D 33 42.86 14.06 15.63
N GLN D 34 41.55 14.24 15.50
CA GLN D 34 40.97 15.05 14.44
C GLN D 34 40.49 16.40 14.97
N LYS D 35 41.14 17.48 14.52
CA LYS D 35 40.77 18.83 15.00
C LYS D 35 39.62 19.44 14.21
N HIS D 36 39.42 18.97 12.98
CA HIS D 36 38.42 19.54 12.10
C HIS D 36 37.37 18.50 11.74
N GLY D 37 36.14 18.75 12.18
CA GLY D 37 35.07 17.78 12.02
C GLY D 37 35.03 16.84 13.20
N LEU D 38 33.82 16.39 13.55
CA LEU D 38 33.60 15.49 14.69
C LEU D 38 33.75 14.04 14.30
N MET D 39 33.63 13.78 13.00
CA MET D 39 33.54 12.43 12.50
C MET D 39 33.88 12.42 11.01
N ASN D 40 33.71 11.28 10.36
CA ASN D 40 33.99 11.14 8.96
C ASN D 40 32.96 10.23 8.36
N ALA D 41 31.75 10.77 8.21
CA ALA D 41 30.58 9.97 7.88
C ALA D 41 29.98 10.35 6.53
N ASP D 42 30.71 11.14 5.75
CA ASP D 42 30.19 11.67 4.50
C ASP D 42 30.66 10.90 3.27
N GLY D 43 31.13 9.68 3.49
CA GLY D 43 31.56 8.82 2.42
C GLY D 43 32.86 8.14 2.81
N TRP D 44 33.34 7.26 1.93
CA TRP D 44 34.58 6.56 2.14
C TRP D 44 35.09 6.02 0.80
N GLY D 45 36.35 5.61 0.79
CA GLY D 45 36.91 4.97 -0.38
C GLY D 45 38.08 4.12 0.03
N ALA D 46 38.28 3.05 -0.73
CA ALA D 46 39.42 2.16 -0.57
C ALA D 46 39.95 1.85 -1.94
N GLY D 47 41.19 2.23 -2.16
CA GLY D 47 41.88 1.97 -3.41
C GLY D 47 43.05 1.01 -3.17
N PHE D 48 43.34 0.19 -4.15
CA PHE D 48 44.44 -0.75 -4.05
C PHE D 48 44.98 -1.11 -5.41
N PHE D 49 46.16 -1.72 -5.43
CA PHE D 49 46.77 -2.18 -6.68
C PHE D 49 46.71 -3.69 -6.70
N ASP D 50 46.20 -4.25 -7.79
CA ASP D 50 46.06 -5.70 -7.85
C ASP D 50 47.40 -6.33 -8.25
N ASP D 51 47.40 -7.65 -8.44
CA ASP D 51 48.65 -8.36 -8.68
C ASP D 51 49.34 -7.90 -9.95
N ASP D 52 48.58 -7.33 -10.89
CA ASP D 52 49.15 -6.88 -12.15
C ASP D 52 49.47 -5.39 -12.17
N GLY D 53 49.32 -4.73 -11.02
CA GLY D 53 49.62 -3.32 -10.89
C GLY D 53 48.48 -2.39 -11.30
N VAL D 54 47.27 -2.93 -11.49
CA VAL D 54 46.14 -2.09 -11.89
C VAL D 54 45.56 -1.42 -10.65
N ALA D 55 45.35 -0.11 -10.73
CA ALA D 55 44.72 0.62 -9.64
C ALA D 55 43.23 0.40 -9.68
N ARG D 56 42.67 -0.03 -8.55
CA ARG D 56 41.25 -0.31 -8.41
C ARG D 56 40.70 0.41 -7.20
N ARG D 57 39.43 0.78 -7.28
CA ARG D 57 38.82 1.61 -6.25
C ARG D 57 37.39 1.24 -5.95
N TRP D 58 37.06 1.24 -4.66
CA TRP D 58 35.70 1.12 -4.17
C TRP D 58 35.39 2.41 -3.44
N ARG D 59 34.37 3.14 -3.87
CA ARG D 59 34.03 4.43 -3.24
C ARG D 59 32.57 4.48 -2.94
N SER D 60 32.23 5.28 -1.92
CA SER D 60 30.87 5.38 -1.46
C SER D 60 30.59 6.77 -0.91
N ASP D 61 29.32 7.15 -0.93
CA ASP D 61 28.88 8.41 -0.31
C ASP D 61 28.19 8.18 1.04
N LYS D 62 28.26 6.95 1.55
CA LYS D 62 27.63 6.59 2.83
C LYS D 62 28.65 6.40 3.94
N PRO D 63 28.19 6.38 5.19
CA PRO D 63 29.15 6.10 6.27
C PRO D 63 29.79 4.73 6.13
N LEU D 64 31.09 4.66 6.32
CA LEU D 64 31.81 3.40 6.20
C LEU D 64 31.22 2.31 7.11
N TRP D 65 30.81 2.69 8.32
CA TRP D 65 30.44 1.71 9.32
C TRP D 65 29.21 0.89 8.93
N GLY D 66 28.40 1.42 8.05
CA GLY D 66 27.15 0.78 7.70
C GLY D 66 27.18 -0.03 6.41
N ASP D 67 28.34 -0.08 5.75
CA ASP D 67 28.41 -0.73 4.45
C ASP D 67 28.62 -2.22 4.60
N ALA D 68 27.52 -2.95 4.50
CA ALA D 68 27.52 -4.40 4.74
C ALA D 68 28.30 -5.13 3.67
N SER D 69 28.26 -4.59 2.45
CA SER D 69 28.98 -5.20 1.34
C SER D 69 30.48 -5.13 1.59
N PHE D 70 30.97 -3.97 1.98
CA PHE D 70 32.39 -3.83 2.22
C PHE D 70 32.82 -4.70 3.41
N ALA D 71 32.01 -4.75 4.46
CA ALA D 71 32.34 -5.58 5.60
C ALA D 71 32.46 -7.06 5.19
N SER D 72 31.62 -7.47 4.24
CA SER D 72 31.61 -8.85 3.79
C SER D 72 32.78 -9.17 2.85
N VAL D 73 33.08 -8.24 1.95
CA VAL D 73 34.03 -8.50 0.86
C VAL D 73 35.46 -8.09 1.20
N ALA D 74 35.63 -7.08 2.03
CA ALA D 74 36.96 -6.55 2.31
C ALA D 74 38.00 -7.59 2.77
N PRO D 75 37.59 -8.61 3.55
CA PRO D 75 38.59 -9.63 3.94
C PRO D 75 39.17 -10.43 2.76
N ALA D 76 38.46 -10.41 1.64
CA ALA D 76 38.87 -11.17 0.45
C ALA D 76 39.67 -10.33 -0.55
N LEU D 77 39.86 -9.05 -0.24
CA LEU D 77 40.64 -8.15 -1.09
C LEU D 77 41.98 -7.89 -0.45
N ARG D 78 43.03 -8.44 -1.06
CA ARG D 78 44.37 -8.35 -0.53
C ARG D 78 45.25 -7.58 -1.49
N SER D 79 46.14 -6.76 -0.95
CA SER D 79 47.02 -5.96 -1.80
C SER D 79 48.28 -5.56 -1.10
N ARG D 80 49.33 -5.39 -1.90
CA ARG D 80 50.62 -4.90 -1.44
C ARG D 80 50.62 -3.39 -1.27
N CYS D 81 49.59 -2.73 -1.79
CA CYS D 81 49.57 -1.27 -1.78
C CYS D 81 48.12 -0.73 -1.76
N VAL D 82 47.77 -0.06 -0.67
CA VAL D 82 46.42 0.38 -0.40
C VAL D 82 46.42 1.83 0.03
N VAL D 83 45.43 2.58 -0.43
CA VAL D 83 45.14 3.91 0.10
C VAL D 83 43.64 3.97 0.36
N ALA D 84 43.25 4.24 1.60
CA ALA D 84 41.85 4.31 1.95
C ALA D 84 41.58 5.55 2.77
N ALA D 85 40.34 6.02 2.72
CA ALA D 85 39.97 7.25 3.39
C ALA D 85 38.53 7.24 3.83
N VAL D 86 38.24 8.01 4.89
CA VAL D 86 36.85 8.31 5.24
C VAL D 86 36.69 9.83 5.15
N ARG D 87 35.57 10.25 4.58
CA ARG D 87 35.34 11.64 4.24
C ARG D 87 34.55 12.41 5.28
N SER D 88 34.94 13.66 5.53
CA SER D 88 34.11 14.58 6.30
CA SER D 88 34.12 14.60 6.30
C SER D 88 33.91 15.83 5.46
N ALA D 89 32.68 16.34 5.46
CA ALA D 89 32.34 17.53 4.70
C ALA D 89 31.46 18.47 5.51
N THR D 90 31.65 19.78 5.36
CA THR D 90 30.75 20.72 6.01
C THR D 90 29.34 20.56 5.43
N ILE D 91 28.34 20.81 6.27
CA ILE D 91 26.96 20.65 5.91
C ILE D 91 26.66 21.55 4.70
N GLY D 92 26.15 20.94 3.64
CA GLY D 92 25.76 21.66 2.44
C GLY D 92 26.63 21.30 1.24
N MET D 93 27.80 20.75 1.49
CA MET D 93 28.68 20.33 0.43
CA MET D 93 28.68 20.32 0.43
C MET D 93 28.10 19.09 -0.25
N PRO D 94 28.42 18.88 -1.53
CA PRO D 94 27.86 17.76 -2.28
C PRO D 94 28.28 16.43 -1.70
N ILE D 95 27.32 15.52 -1.59
CA ILE D 95 27.55 14.17 -1.11
C ILE D 95 27.46 13.28 -2.34
N GLU D 96 28.56 12.60 -2.66
CA GLU D 96 28.63 11.81 -3.88
C GLU D 96 29.91 11.01 -3.88
N PRO D 97 29.88 9.78 -4.41
CA PRO D 97 31.09 8.96 -4.33
C PRO D 97 32.30 9.56 -5.08
N SER D 98 32.04 10.34 -6.12
CA SER D 98 33.13 10.94 -6.88
C SER D 98 33.94 11.92 -6.05
N ALA D 99 33.35 12.40 -4.95
CA ALA D 99 33.99 13.36 -4.07
C ALA D 99 34.79 12.71 -2.94
N SER D 100 34.63 11.39 -2.79
CA SER D 100 35.33 10.64 -1.76
C SER D 100 36.73 10.22 -2.23
N ALA D 101 37.76 10.41 -1.41
CA ALA D 101 39.08 9.86 -1.73
C ALA D 101 39.00 8.34 -1.66
N PRO D 102 39.89 7.64 -2.39
CA PRO D 102 40.99 8.19 -3.20
C PRO D 102 40.58 8.57 -4.61
N PHE D 103 41.19 9.64 -5.09
CA PHE D 103 41.15 10.02 -6.49
C PHE D 103 42.22 9.23 -7.24
N SER D 104 42.13 9.19 -8.57
CA SER D 104 43.08 8.41 -9.36
C SER D 104 43.32 9.03 -10.72
N ASP D 105 44.56 8.95 -11.18
CA ASP D 105 44.89 9.27 -12.56
C ASP D 105 45.27 8.00 -13.33
N GLY D 106 44.96 6.84 -12.74
CA GLY D 106 45.27 5.56 -13.37
C GLY D 106 46.60 4.97 -12.91
N GLN D 107 47.53 5.83 -12.52
CA GLN D 107 48.85 5.40 -12.03
C GLN D 107 48.95 5.59 -10.52
N TRP D 108 48.41 6.71 -10.05
CA TRP D 108 48.48 7.09 -8.65
C TRP D 108 47.12 7.15 -8.02
N LEU D 109 47.02 6.63 -6.80
CA LEU D 109 45.85 6.86 -5.93
C LEU D 109 46.18 8.01 -5.01
N LEU D 110 45.20 8.87 -4.71
CA LEU D 110 45.49 10.06 -3.92
C LEU D 110 44.33 10.47 -3.00
N SER D 111 44.68 10.72 -1.74
CA SER D 111 43.74 11.23 -0.75
C SER D 111 44.19 12.56 -0.18
N HIS D 112 43.23 13.44 0.05
CA HIS D 112 43.50 14.74 0.65
C HIS D 112 42.71 14.91 1.95
N ASN D 113 43.42 15.22 3.00
CA ASN D 113 42.82 15.61 4.27
C ASN D 113 43.11 17.09 4.47
N GLY D 114 42.07 17.90 4.46
CA GLY D 114 42.25 19.32 4.69
C GLY D 114 41.25 20.17 3.96
N LEU D 115 41.71 21.35 3.57
CA LEU D 115 40.84 22.40 3.05
C LEU D 115 41.68 23.32 2.17
N VAL D 116 41.17 23.71 1.01
CA VAL D 116 41.87 24.70 0.20
C VAL D 116 40.87 25.56 -0.60
N ASP D 117 41.16 26.84 -0.68
CA ASP D 117 40.34 27.80 -1.41
C ASP D 117 40.47 27.52 -2.90
N ARG D 118 39.41 27.05 -3.52
CA ARG D 118 39.45 26.72 -4.93
C ARG D 118 39.77 27.95 -5.78
N GLY D 119 39.49 29.13 -5.22
CA GLY D 119 39.75 30.36 -5.92
C GLY D 119 41.20 30.58 -6.26
N VAL D 120 42.13 29.96 -5.53
CA VAL D 120 43.56 30.17 -5.82
C VAL D 120 44.12 29.09 -6.76
N LEU D 121 43.32 28.06 -7.05
CA LEU D 121 43.73 26.97 -7.93
C LEU D 121 43.26 27.25 -9.36
N PRO D 122 44.01 26.74 -10.35
CA PRO D 122 43.59 26.92 -11.73
C PRO D 122 42.27 26.23 -11.98
N LEU D 123 41.47 26.75 -12.90
CA LEU D 123 40.30 26.03 -13.34
C LEU D 123 40.75 24.73 -14.03
N THR D 124 39.90 23.72 -14.01
CA THR D 124 40.28 22.46 -14.62
C THR D 124 39.05 21.78 -15.22
N GLY D 125 39.28 20.98 -16.25
CA GLY D 125 38.23 20.14 -16.80
C GLY D 125 38.47 18.69 -16.46
N ALA D 126 39.48 18.41 -15.64
CA ALA D 126 39.94 17.03 -15.40
C ALA D 126 39.67 16.50 -13.99
N ALA D 127 38.91 17.23 -13.18
CA ALA D 127 38.64 16.82 -11.81
C ALA D 127 37.52 15.78 -11.80
N GLU D 128 37.51 14.92 -10.77
CA GLU D 128 36.52 13.87 -10.66
C GLU D 128 35.23 14.36 -10.02
N SER D 129 35.30 15.51 -9.37
CA SER D 129 34.17 16.11 -8.64
C SER D 129 34.41 17.62 -8.56
N THR D 130 33.46 18.36 -8.03
CA THR D 130 33.62 19.80 -7.92
C THR D 130 34.26 20.20 -6.60
N VAL D 131 34.37 19.26 -5.67
CA VAL D 131 34.82 19.59 -4.30
C VAL D 131 36.31 19.98 -4.30
N ASP D 132 36.70 20.78 -3.31
CA ASP D 132 38.05 21.32 -3.31
C ASP D 132 39.13 20.22 -3.37
N SER D 133 38.94 19.12 -2.66
CA SER D 133 39.95 18.04 -2.71
C SER D 133 40.14 17.50 -4.12
N ALA D 134 39.06 17.43 -4.89
CA ALA D 134 39.15 16.94 -6.25
C ALA D 134 39.86 17.93 -7.18
N ILE D 135 39.63 19.22 -6.97
CA ILE D 135 40.32 20.24 -7.79
C ILE D 135 41.81 20.19 -7.48
N LEU D 136 42.14 20.02 -6.21
CA LEU D 136 43.53 19.94 -5.76
C LEU D 136 44.19 18.69 -6.31
N ALA D 137 43.47 17.56 -6.28
CA ALA D 137 43.98 16.30 -6.81
C ALA D 137 44.32 16.49 -8.29
N ALA D 138 43.43 17.17 -9.02
CA ALA D 138 43.66 17.41 -10.44
C ALA D 138 44.95 18.19 -10.66
N LEU D 139 45.17 19.21 -9.85
CA LEU D 139 46.39 20.01 -9.98
C LEU D 139 47.61 19.14 -9.69
N ILE D 140 47.54 18.38 -8.61
CA ILE D 140 48.64 17.51 -8.22
C ILE D 140 48.99 16.49 -9.30
N PHE D 141 47.98 15.84 -9.87
CA PHE D 141 48.22 14.87 -10.94
C PHE D 141 48.85 15.53 -12.17
N SER D 142 48.37 16.73 -12.48
CA SER D 142 48.85 17.48 -13.64
C SER D 142 50.32 17.83 -13.53
N ARG D 143 50.73 18.23 -12.34
CA ARG D 143 52.11 18.61 -12.10
C ARG D 143 53.00 17.38 -12.02
N GLY D 144 52.39 16.24 -11.70
CA GLY D 144 53.10 14.98 -11.53
C GLY D 144 53.48 14.74 -10.08
N LEU D 145 53.34 13.50 -9.61
CA LEU D 145 53.60 13.19 -8.21
C LEU D 145 55.07 13.32 -7.86
N ASP D 146 55.95 13.24 -8.86
CA ASP D 146 57.38 13.45 -8.62
C ASP D 146 57.61 14.87 -8.15
N ALA D 147 56.62 15.73 -8.36
CA ALA D 147 56.69 17.13 -7.95
C ALA D 147 55.77 17.43 -6.77
N LEU D 148 55.32 16.40 -6.06
CA LEU D 148 54.33 16.59 -4.99
C LEU D 148 54.73 17.65 -3.98
N GLY D 149 55.97 17.57 -3.50
CA GLY D 149 56.46 18.50 -2.51
C GLY D 149 56.43 19.93 -3.00
N ALA D 150 56.81 20.13 -4.25
CA ALA D 150 56.84 21.48 -4.81
C ALA D 150 55.42 22.01 -4.97
N THR D 151 54.52 21.14 -5.42
CA THR D 151 53.14 21.53 -5.64
C THR D 151 52.47 21.94 -4.33
N ILE D 152 52.67 21.14 -3.29
CA ILE D 152 52.04 21.42 -1.99
C ILE D 152 52.62 22.67 -1.36
N ALA D 153 53.94 22.84 -1.48
CA ALA D 153 54.59 24.03 -0.96
C ALA D 153 54.03 25.26 -1.67
N GLU D 154 53.80 25.13 -2.97
CA GLU D 154 53.29 26.27 -3.75
C GLU D 154 51.87 26.60 -3.32
N VAL D 155 51.00 25.60 -3.27
CA VAL D 155 49.60 25.81 -2.93
C VAL D 155 49.44 26.33 -1.50
N GLY D 156 50.30 25.87 -0.60
CA GLY D 156 50.31 26.34 0.78
C GLY D 156 50.64 27.83 0.95
N GLU D 157 51.39 28.38 0.00
CA GLU D 157 51.67 29.81 -0.04
C GLU D 157 50.57 30.57 -0.81
N LEU D 158 49.97 29.95 -1.82
CA LEU D 158 48.87 30.58 -2.55
C LEU D 158 47.70 30.81 -1.59
N ASP D 159 47.47 29.84 -0.71
CA ASP D 159 46.42 29.89 0.30
C ASP D 159 47.02 29.61 1.68
N PRO D 160 47.40 30.67 2.40
CA PRO D 160 48.08 30.48 3.69
C PRO D 160 47.21 29.83 4.77
N ASN D 161 45.91 29.67 4.53
CA ASN D 161 45.03 28.91 5.44
C ASN D 161 44.79 27.48 5.02
N ALA D 162 45.32 27.07 3.86
CA ALA D 162 45.05 25.74 3.37
C ALA D 162 45.67 24.71 4.29
N ARG D 163 44.98 23.58 4.42
CA ARG D 163 45.55 22.42 5.05
C ARG D 163 45.63 21.38 3.96
N LEU D 164 46.82 20.80 3.80
CA LEU D 164 47.16 20.07 2.59
C LEU D 164 47.84 18.73 2.90
N ASN D 165 47.18 17.89 3.68
CA ASN D 165 47.72 16.55 3.91
C ASN D 165 47.37 15.60 2.76
N ILE D 166 48.40 15.19 2.03
CA ILE D 166 48.21 14.29 0.92
C ILE D 166 48.73 12.91 1.31
N LEU D 167 48.04 11.87 0.85
CA LEU D 167 48.53 10.52 0.99
C LEU D 167 48.29 9.86 -0.35
N ALA D 168 49.37 9.37 -0.98
CA ALA D 168 49.28 8.88 -2.35
C ALA D 168 50.16 7.64 -2.54
N ALA D 169 49.83 6.83 -3.54
CA ALA D 169 50.57 5.60 -3.81
C ALA D 169 50.43 5.16 -5.27
N ASN D 170 51.46 4.47 -5.79
CA ASN D 170 51.47 4.04 -7.18
C ASN D 170 51.71 2.53 -7.33
N GLY D 171 51.59 1.82 -6.22
CA GLY D 171 51.77 0.38 -6.22
C GLY D 171 53.13 -0.04 -5.69
N SER D 172 54.11 0.86 -5.80
CA SER D 172 55.50 0.57 -5.41
C SER D 172 56.08 1.67 -4.55
N ARG D 173 55.27 2.69 -4.28
CA ARG D 173 55.73 3.86 -3.57
C ARG D 173 54.61 4.48 -2.79
N LEU D 174 54.91 5.02 -1.62
CA LEU D 174 53.99 5.91 -0.94
C LEU D 174 54.62 7.30 -0.92
N LEU D 175 53.77 8.31 -1.09
CA LEU D 175 54.17 9.68 -0.91
C LEU D 175 53.14 10.33 -0.03
N ALA D 176 53.58 11.19 0.88
CA ALA D 176 52.67 11.90 1.74
C ALA D 176 53.23 13.25 2.12
N THR D 177 52.34 14.18 2.40
CA THR D 177 52.73 15.49 2.93
C THR D 177 51.97 15.74 4.22
N THR D 178 52.63 16.39 5.17
CA THR D 178 51.98 16.99 6.30
C THR D 178 51.93 18.52 6.06
N TRP D 179 50.75 19.09 6.11
CA TRP D 179 50.62 20.52 5.96
C TRP D 179 49.35 20.95 6.67
N GLY D 180 49.42 21.00 7.99
CA GLY D 180 48.34 21.51 8.80
C GLY D 180 47.46 20.45 9.45
N ASP D 181 47.75 19.18 9.23
CA ASP D 181 47.01 18.12 9.91
C ASP D 181 47.93 16.92 10.17
N THR D 182 47.37 15.90 10.79
CA THR D 182 48.18 14.84 11.39
C THR D 182 48.57 13.71 10.45
N LEU D 183 49.72 13.13 10.74
CA LEU D 183 50.14 11.90 10.06
C LEU D 183 51.12 11.14 10.96
N SER D 184 50.96 9.82 11.00
CA SER D 184 51.84 8.93 11.74
C SER D 184 52.32 7.78 10.85
N VAL D 185 53.42 7.15 11.26
CA VAL D 185 53.99 6.04 10.52
C VAL D 185 54.22 4.85 11.46
N LEU D 186 53.92 3.66 10.95
CA LEU D 186 54.21 2.43 11.65
C LEU D 186 55.01 1.53 10.74
N ARG D 187 56.20 1.16 11.19
CA ARG D 187 57.03 0.23 10.45
C ARG D 187 56.81 -1.16 11.01
N ARG D 188 56.18 -2.02 10.21
CA ARG D 188 55.98 -3.41 10.59
C ARG D 188 57.01 -4.25 9.92
N PRO D 189 57.20 -5.49 10.40
CA PRO D 189 58.17 -6.36 9.76
C PRO D 189 57.86 -6.61 8.29
N ASP D 190 56.58 -6.53 7.91
CA ASP D 190 56.18 -6.88 6.56
C ASP D 190 55.73 -5.68 5.74
N GLY D 191 55.94 -4.48 6.25
CA GLY D 191 55.59 -3.29 5.49
C GLY D 191 55.42 -2.03 6.33
N VAL D 192 54.92 -0.97 5.69
CA VAL D 192 54.80 0.33 6.30
C VAL D 192 53.38 0.83 6.20
N VAL D 193 52.87 1.34 7.32
CA VAL D 193 51.59 2.03 7.37
C VAL D 193 51.85 3.54 7.51
N LEU D 194 51.16 4.35 6.72
CA LEU D 194 51.05 5.79 6.95
C LEU D 194 49.59 6.07 7.26
N ALA D 195 49.30 6.88 8.27
CA ALA D 195 47.89 7.09 8.66
C ALA D 195 47.71 8.44 9.31
N SER D 196 46.54 9.04 9.10
CA SER D 196 46.19 10.28 9.77
C SER D 196 46.38 10.11 11.29
N GLU D 197 46.00 8.94 11.78
CA GLU D 197 46.26 8.63 13.17
C GLU D 197 46.46 7.14 13.39
N PRO D 198 47.22 6.79 14.43
CA PRO D 198 47.45 5.38 14.73
C PRO D 198 46.17 4.57 14.88
N TYR D 199 46.15 3.37 14.32
CA TYR D 199 44.95 2.54 14.37
C TYR D 199 44.94 1.60 15.59
N ASP D 200 45.98 1.69 16.41
CA ASP D 200 46.01 0.99 17.68
C ASP D 200 47.05 1.68 18.56
N ASP D 201 47.53 0.98 19.58
CA ASP D 201 48.44 1.58 20.56
C ASP D 201 49.82 0.93 20.49
N ASP D 202 50.14 0.40 19.31
CA ASP D 202 51.45 -0.17 19.01
C ASP D 202 52.55 0.85 19.34
N PRO D 203 53.54 0.46 20.14
CA PRO D 203 54.58 1.43 20.50
C PRO D 203 55.40 1.91 19.30
N GLY D 204 55.29 1.21 18.17
CA GLY D 204 56.04 1.55 16.97
C GLY D 204 55.56 2.80 16.25
N TRP D 205 54.36 3.26 16.56
CA TRP D 205 53.85 4.45 15.90
C TRP D 205 54.70 5.67 16.24
N SER D 206 55.02 6.47 15.23
CA SER D 206 55.67 7.75 15.45
C SER D 206 55.00 8.79 14.58
N ASP D 207 54.99 10.02 15.07
CA ASP D 207 54.30 11.10 14.39
C ASP D 207 55.24 11.84 13.44
N ILE D 208 54.71 12.18 12.28
CA ILE D 208 55.46 12.94 11.28
C ILE D 208 55.34 14.43 11.58
N PRO D 209 56.47 15.16 11.62
CA PRO D 209 56.33 16.59 11.88
C PRO D 209 55.63 17.32 10.74
N ASP D 210 55.06 18.48 11.05
CA ASP D 210 54.33 19.25 10.05
C ASP D 210 55.27 19.78 8.96
N ARG D 211 54.70 20.03 7.80
CA ARG D 211 55.39 20.62 6.66
C ARG D 211 56.56 19.73 6.22
N HIS D 212 56.27 18.44 6.12
CA HIS D 212 57.24 17.46 5.64
C HIS D 212 56.68 16.59 4.50
N LEU D 213 57.61 16.01 3.77
CA LEU D 213 57.32 15.03 2.74
C LEU D 213 57.76 13.66 3.27
N VAL D 214 56.94 12.64 3.03
CA VAL D 214 57.29 11.28 3.38
C VAL D 214 57.35 10.48 2.09
N ASP D 215 58.42 9.73 1.90
CA ASP D 215 58.64 8.96 0.69
C ASP D 215 58.97 7.55 1.13
N VAL D 216 58.10 6.60 0.78
CA VAL D 216 58.30 5.21 1.16
C VAL D 216 58.45 4.30 -0.05
N ARG D 217 59.59 3.62 -0.14
CA ARG D 217 59.72 2.49 -1.07
C ARG D 217 60.87 1.62 -0.61
N ASP D 218 60.80 0.33 -0.94
CA ASP D 218 61.82 -0.65 -0.56
C ASP D 218 62.00 -0.64 0.95
N ALA D 219 60.88 -0.47 1.65
CA ALA D 219 60.84 -0.45 3.10
C ALA D 219 61.68 0.67 3.72
N HIS D 220 62.12 1.63 2.90
CA HIS D 220 62.81 2.81 3.43
C HIS D 220 61.79 3.90 3.59
N VAL D 221 61.83 4.55 4.74
CA VAL D 221 60.98 5.69 5.02
C VAL D 221 61.85 6.92 5.09
N VAL D 222 61.67 7.82 4.13
CA VAL D 222 62.48 9.02 4.06
C VAL D 222 61.57 10.17 4.36
N VAL D 223 61.91 10.92 5.40
CA VAL D 223 61.10 12.05 5.83
C VAL D 223 61.92 13.33 5.71
N THR D 224 61.46 14.27 4.89
CA THR D 224 62.24 15.48 4.65
C THR D 224 61.36 16.72 4.74
N PRO D 225 61.92 17.85 5.17
CA PRO D 225 61.05 19.04 5.19
C PRO D 225 60.72 19.44 3.76
N LEU D 226 59.58 20.07 3.56
CA LEU D 226 59.20 20.55 2.23
C LEU D 226 60.00 21.79 1.85
N LEU D 227 60.51 21.77 0.62
CA LEU D 227 61.45 22.79 0.14
C LEU D 227 60.70 24.05 -0.30
N ALA E 1 0.17 -59.49 38.19
CA ALA E 1 -0.24 -60.15 36.97
C ALA E 1 -1.75 -60.31 37.00
N ARG E 2 -2.34 -60.40 35.82
CA ARG E 2 -3.74 -60.75 35.66
C ARG E 2 -3.80 -61.74 34.52
N HIS E 3 -4.68 -62.74 34.62
CA HIS E 3 -4.86 -63.65 33.52
C HIS E 3 -6.32 -64.00 33.28
N VAL E 4 -6.57 -64.61 32.13
CA VAL E 4 -7.93 -64.94 31.72
C VAL E 4 -7.86 -66.17 30.87
N ALA E 5 -8.88 -67.02 30.95
CA ALA E 5 -8.94 -68.19 30.10
C ALA E 5 -10.35 -68.42 29.59
N TRP E 6 -10.41 -69.06 28.42
CA TRP E 6 -11.69 -69.38 27.79
C TRP E 6 -11.70 -70.84 27.39
N LEU E 7 -12.83 -71.50 27.60
CA LEU E 7 -13.09 -72.82 27.07
C LEU E 7 -14.54 -72.87 26.59
N GLY E 8 -14.74 -73.02 25.28
CA GLY E 8 -16.09 -73.06 24.76
C GLY E 8 -16.09 -72.97 23.26
N ALA E 9 -17.15 -72.37 22.71
CA ALA E 9 -17.26 -72.15 21.28
C ALA E 9 -16.14 -71.21 20.84
N PRO E 10 -15.74 -71.29 19.56
CA PRO E 10 -14.62 -70.46 19.12
C PRO E 10 -14.83 -68.99 19.46
N ARG E 11 -13.80 -68.38 20.02
CA ARG E 11 -13.86 -66.98 20.42
C ARG E 11 -12.56 -66.34 19.97
N SER E 12 -12.62 -65.09 19.51
CA SER E 12 -11.38 -64.42 19.07
C SER E 12 -10.59 -63.93 20.27
N LEU E 13 -9.29 -63.86 20.12
CA LEU E 13 -8.44 -63.32 21.16
C LEU E 13 -8.84 -61.88 21.47
N ALA E 14 -9.20 -61.11 20.46
CA ALA E 14 -9.60 -59.72 20.70
C ALA E 14 -10.86 -59.67 21.56
N ASP E 15 -11.82 -60.53 21.26
CA ASP E 15 -13.09 -60.52 21.97
C ASP E 15 -12.90 -60.81 23.46
N LEU E 16 -11.94 -61.66 23.77
CA LEU E 16 -11.69 -62.11 25.15
C LEU E 16 -10.78 -61.14 25.90
N VAL E 17 -9.79 -60.57 25.20
CA VAL E 17 -8.67 -59.90 25.84
C VAL E 17 -8.74 -58.37 25.68
N LEU E 18 -9.10 -57.91 24.47
CA LEU E 18 -8.99 -56.49 24.14
C LEU E 18 -10.33 -55.74 24.23
N ASP E 19 -11.41 -56.39 23.80
CA ASP E 19 -12.66 -55.71 23.61
C ASP E 19 -13.51 -55.46 24.88
N PRO E 20 -13.42 -56.35 25.90
CA PRO E 20 -14.25 -56.10 27.08
C PRO E 20 -13.91 -54.78 27.77
N PRO E 21 -14.92 -54.14 28.38
CA PRO E 21 -14.72 -52.79 28.94
C PRO E 21 -13.74 -52.76 30.10
N GLN E 22 -13.57 -53.89 30.79
CA GLN E 22 -12.60 -53.97 31.90
C GLN E 22 -11.78 -55.23 31.77
N GLY E 23 -11.46 -55.59 30.53
CA GLY E 23 -10.71 -56.80 30.22
C GLY E 23 -9.21 -56.63 30.39
N LEU E 24 -8.47 -57.60 29.87
CA LEU E 24 -7.04 -57.65 30.09
C LEU E 24 -6.34 -56.40 29.58
N LEU E 25 -6.79 -55.88 28.45
CA LEU E 25 -6.23 -54.66 27.93
C LEU E 25 -6.32 -53.54 28.97
N VAL E 26 -7.51 -53.34 29.52
CA VAL E 26 -7.71 -52.28 30.52
C VAL E 26 -6.92 -52.61 31.79
N GLN E 27 -6.86 -53.89 32.14
CA GLN E 27 -6.16 -54.33 33.35
C GLN E 27 -4.66 -54.11 33.25
N SER E 28 -4.14 -53.94 32.04
CA SER E 28 -2.69 -53.72 31.91
C SER E 28 -2.29 -52.37 32.53
N TYR E 29 -3.21 -51.40 32.55
CA TYR E 29 -2.92 -50.11 33.15
C TYR E 29 -3.86 -49.70 34.29
N ALA E 30 -5.03 -50.32 34.39
CA ALA E 30 -6.01 -49.96 35.41
C ALA E 30 -6.81 -51.19 35.89
N PRO E 31 -6.13 -52.10 36.55
CA PRO E 31 -6.84 -53.25 37.12
C PRO E 31 -7.78 -52.81 38.25
N ARG E 32 -8.85 -53.57 38.50
CA ARG E 32 -9.86 -53.19 39.50
C ARG E 32 -9.75 -53.95 40.83
N ARG E 33 -9.14 -55.14 40.82
CA ARG E 33 -9.11 -56.02 42.00
C ARG E 33 -7.72 -56.54 42.31
N GLN E 34 -6.71 -55.74 42.03
CA GLN E 34 -5.33 -56.17 42.18
C GLN E 34 -4.70 -55.59 43.43
N LYS E 35 -4.35 -56.46 44.39
CA LYS E 35 -3.78 -56.01 45.66
C LYS E 35 -2.28 -55.83 45.54
N HIS E 36 -1.66 -56.55 44.60
CA HIS E 36 -0.21 -56.51 44.47
C HIS E 36 0.20 -55.99 43.09
N GLY E 37 0.88 -54.84 43.11
CA GLY E 37 1.23 -54.16 41.88
C GLY E 37 0.15 -53.17 41.49
N LEU E 38 0.56 -52.10 40.86
CA LEU E 38 -0.36 -51.06 40.41
C LEU E 38 -0.94 -51.35 39.04
N MET E 39 -0.24 -52.16 38.26
CA MET E 39 -0.55 -52.33 36.86
C MET E 39 0.09 -53.62 36.38
N ASN E 40 0.02 -53.86 35.07
CA ASN E 40 0.60 -55.06 34.49
C ASN E 40 1.19 -54.71 33.14
N ALA E 41 2.33 -54.04 33.20
CA ALA E 41 2.89 -53.40 32.01
C ALA E 41 4.24 -53.99 31.64
N ASP E 42 4.61 -55.11 32.26
CA ASP E 42 5.93 -55.70 32.07
C ASP E 42 5.93 -56.83 31.04
N GLY E 43 4.86 -56.90 30.25
CA GLY E 43 4.76 -57.91 29.21
C GLY E 43 3.38 -58.48 29.14
N TRP E 44 3.17 -59.37 28.18
CA TRP E 44 1.89 -60.03 28.04
C TRP E 44 2.06 -61.29 27.22
N GLY E 45 1.04 -62.14 27.23
CA GLY E 45 1.07 -63.30 26.35
C GLY E 45 -0.33 -63.78 26.07
N ALA E 46 -0.50 -64.40 24.92
CA ALA E 46 -1.77 -65.02 24.56
C ALA E 46 -1.50 -66.36 23.90
N GLY E 47 -2.03 -67.42 24.53
CA GLY E 47 -1.87 -68.76 24.03
C GLY E 47 -3.22 -69.33 23.66
N PHE E 48 -3.22 -70.18 22.65
CA PHE E 48 -4.46 -70.77 22.22
C PHE E 48 -4.19 -72.10 21.56
N PHE E 49 -5.23 -72.90 21.38
CA PHE E 49 -5.11 -74.16 20.70
C PHE E 49 -5.79 -74.07 19.34
N ASP E 50 -5.08 -74.48 18.30
CA ASP E 50 -5.65 -74.35 16.96
C ASP E 50 -6.55 -75.57 16.68
N ASP E 51 -7.08 -75.67 15.47
CA ASP E 51 -8.05 -76.72 15.13
C ASP E 51 -7.49 -78.13 15.25
N ASP E 52 -6.17 -78.26 15.17
CA ASP E 52 -5.51 -79.56 15.26
C ASP E 52 -5.00 -79.86 16.66
N GLY E 53 -5.31 -78.99 17.61
CA GLY E 53 -4.92 -79.22 18.99
C GLY E 53 -3.51 -78.76 19.32
N VAL E 54 -2.88 -78.02 18.41
CA VAL E 54 -1.54 -77.52 18.68
C VAL E 54 -1.58 -76.25 19.51
N ALA E 55 -0.76 -76.21 20.56
CA ALA E 55 -0.63 -75.02 21.39
C ALA E 55 0.25 -73.98 20.71
N ARG E 56 -0.28 -72.78 20.57
CA ARG E 56 0.42 -71.67 19.92
C ARG E 56 0.40 -70.48 20.84
N ARG E 57 1.45 -69.68 20.77
CA ARG E 57 1.62 -68.58 21.70
C ARG E 57 2.20 -67.36 21.06
N TRP E 58 1.64 -66.20 21.41
CA TRP E 58 2.19 -64.90 21.09
C TRP E 58 2.60 -64.25 22.41
N ARG E 59 3.88 -63.91 22.57
CA ARG E 59 4.35 -63.34 23.82
C ARG E 59 5.17 -62.09 23.56
N SER E 60 5.20 -61.22 24.56
CA SER E 60 5.82 -59.93 24.43
C SER E 60 6.39 -59.45 25.76
N ASP E 61 7.41 -58.59 25.69
CA ASP E 61 7.93 -57.94 26.90
C ASP E 61 7.47 -56.48 27.00
N LYS E 62 6.48 -56.09 26.19
CA LYS E 62 5.99 -54.70 26.17
C LYS E 62 4.63 -54.59 26.81
N PRO E 63 4.21 -53.36 27.18
CA PRO E 63 2.85 -53.19 27.66
C PRO E 63 1.83 -53.61 26.60
N LEU E 64 0.83 -54.38 27.00
CA LEU E 64 -0.20 -54.84 26.06
C LEU E 64 -0.89 -53.68 25.34
N TRP E 65 -1.12 -52.57 26.03
CA TRP E 65 -1.93 -51.48 25.47
C TRP E 65 -1.29 -50.85 24.24
N GLY E 66 0.01 -51.02 24.08
CA GLY E 66 0.72 -50.38 23.00
C GLY E 66 1.04 -51.26 21.81
N ASP E 67 0.63 -52.52 21.86
CA ASP E 67 1.02 -53.48 20.83
C ASP E 67 0.06 -53.40 19.66
N ALA E 68 0.50 -52.66 18.65
CA ALA E 68 -0.36 -52.38 17.51
C ALA E 68 -0.59 -53.65 16.71
N SER E 69 0.41 -54.50 16.67
CA SER E 69 0.29 -55.75 15.93
C SER E 69 -0.78 -56.65 16.55
N PHE E 70 -0.77 -56.78 17.86
CA PHE E 70 -1.78 -57.63 18.48
C PHE E 70 -3.15 -57.01 18.28
N ALA E 71 -3.26 -55.68 18.39
CA ALA E 71 -4.54 -55.02 18.22
C ALA E 71 -5.12 -55.27 16.85
N SER E 72 -4.22 -55.32 15.85
CA SER E 72 -4.62 -55.54 14.48
C SER E 72 -5.00 -57.00 14.19
N VAL E 73 -4.21 -57.93 14.72
CA VAL E 73 -4.31 -59.34 14.32
C VAL E 73 -5.23 -60.17 15.22
N ALA E 74 -5.35 -59.79 16.48
CA ALA E 74 -6.10 -60.58 17.45
C ALA E 74 -7.55 -60.91 17.03
N PRO E 75 -8.23 -59.98 16.34
CA PRO E 75 -9.61 -60.33 15.93
C PRO E 75 -9.67 -61.50 14.94
N ALA E 76 -8.55 -61.81 14.30
CA ALA E 76 -8.52 -62.85 13.28
C ALA E 76 -8.04 -64.19 13.86
N LEU E 77 -7.73 -64.21 15.15
CA LEU E 77 -7.29 -65.43 15.80
C LEU E 77 -8.38 -65.92 16.72
N ARG E 78 -9.02 -67.03 16.33
CA ARG E 78 -10.14 -67.59 17.09
C ARG E 78 -9.80 -68.99 17.56
N SER E 79 -10.28 -69.34 18.75
CA SER E 79 -10.00 -70.63 19.33
C SER E 79 -11.05 -71.04 20.35
N ARG E 80 -11.22 -72.34 20.51
CA ARG E 80 -12.07 -72.88 21.57
C ARG E 80 -11.41 -72.83 22.93
N CYS E 81 -10.11 -72.55 22.97
CA CYS E 81 -9.38 -72.64 24.23
C CYS E 81 -8.19 -71.71 24.25
N VAL E 82 -8.26 -70.73 25.15
CA VAL E 82 -7.34 -69.62 25.23
C VAL E 82 -6.88 -69.41 26.67
N VAL E 83 -5.60 -69.11 26.85
CA VAL E 83 -5.07 -68.61 28.10
C VAL E 83 -4.21 -67.38 27.78
N ALA E 84 -4.55 -66.25 28.38
CA ALA E 84 -3.80 -65.01 28.15
C ALA E 84 -3.47 -64.34 29.47
N ALA E 85 -2.42 -63.53 29.47
CA ALA E 85 -1.99 -62.87 30.70
C ALA E 85 -1.33 -61.54 30.40
N VAL E 86 -1.38 -60.64 31.38
CA VAL E 86 -0.52 -59.45 31.38
C VAL E 86 0.39 -59.54 32.59
N ARG E 87 1.65 -59.20 32.40
CA ARG E 87 2.67 -59.42 33.41
C ARG E 87 2.95 -58.18 34.26
N SER E 88 3.15 -58.41 35.56
CA SER E 88 3.71 -57.39 36.42
C SER E 88 4.89 -57.97 37.17
N ALA E 89 5.99 -57.25 37.20
CA ALA E 89 7.21 -57.73 37.83
C ALA E 89 7.80 -56.64 38.71
N THR E 90 8.37 -57.02 39.85
CA THR E 90 9.05 -56.08 40.69
C THR E 90 10.27 -55.52 39.94
N ILE E 91 10.57 -54.26 40.20
CA ILE E 91 11.64 -53.54 39.53
C ILE E 91 12.95 -54.27 39.73
N GLY E 92 13.63 -54.56 38.63
CA GLY E 92 14.91 -55.24 38.67
C GLY E 92 14.85 -56.61 38.07
N MET E 93 13.66 -57.16 37.97
CA MET E 93 13.50 -58.49 37.41
CA MET E 93 13.50 -58.49 37.42
C MET E 93 13.65 -58.47 35.90
N PRO E 94 14.10 -59.59 35.32
CA PRO E 94 14.33 -59.61 33.87
C PRO E 94 13.07 -59.37 33.07
N ILE E 95 13.20 -58.47 32.08
CA ILE E 95 12.13 -58.14 31.16
C ILE E 95 12.47 -58.84 29.83
N GLU E 96 11.61 -59.77 29.42
CA GLU E 96 11.86 -60.63 28.26
C GLU E 96 10.61 -61.44 27.97
N PRO E 97 10.30 -61.68 26.69
CA PRO E 97 9.05 -62.40 26.37
C PRO E 97 9.00 -63.82 26.94
N SER E 98 10.15 -64.45 27.11
CA SER E 98 10.19 -65.80 27.66
C SER E 98 9.70 -65.84 29.09
N ALA E 99 9.68 -64.70 29.78
CA ALA E 99 9.24 -64.60 31.18
C ALA E 99 7.76 -64.27 31.29
N SER E 100 7.13 -63.96 30.16
CA SER E 100 5.69 -63.68 30.13
C SER E 100 4.89 -64.96 30.00
N ALA E 101 3.83 -65.09 30.81
CA ALA E 101 2.87 -66.17 30.65
C ALA E 101 2.13 -65.98 29.33
N PRO E 102 1.64 -67.06 28.74
CA PRO E 102 1.68 -68.43 29.24
C PRO E 102 2.93 -69.21 28.87
N PHE E 103 3.36 -70.05 29.81
CA PHE E 103 4.37 -71.07 29.58
C PHE E 103 3.71 -72.28 28.96
N SER E 104 4.49 -73.21 28.41
CA SER E 104 3.92 -74.35 27.72
C SER E 104 4.82 -75.55 27.80
N ASP E 105 4.25 -76.74 27.90
CA ASP E 105 5.01 -77.97 27.74
C ASP E 105 4.58 -78.67 26.48
N GLY E 106 3.82 -77.96 25.64
CA GLY E 106 3.36 -78.50 24.38
C GLY E 106 1.95 -79.05 24.45
N GLN E 107 1.55 -79.49 25.64
CA GLN E 107 0.22 -80.03 25.87
C GLN E 107 -0.63 -79.05 26.67
N TRP E 108 0.00 -78.42 27.65
CA TRP E 108 -0.67 -77.46 28.53
C TRP E 108 -0.10 -76.06 28.38
N LEU E 109 -0.99 -75.07 28.37
CA LEU E 109 -0.62 -73.66 28.55
C LEU E 109 -0.79 -73.32 30.02
N LEU E 110 0.07 -72.47 30.57
CA LEU E 110 0.02 -72.18 31.99
C LEU E 110 0.45 -70.76 32.32
N SER E 111 -0.36 -70.09 33.13
CA SER E 111 -0.07 -68.74 33.66
C SER E 111 -0.02 -68.77 35.16
N HIS E 112 0.91 -68.02 35.74
CA HIS E 112 1.02 -67.85 37.20
C HIS E 112 0.88 -66.38 37.59
N ASN E 113 -0.06 -66.11 38.51
CA ASN E 113 -0.23 -64.81 39.13
C ASN E 113 0.24 -64.96 40.56
N GLY E 114 1.36 -64.30 40.87
CA GLY E 114 1.86 -64.34 42.23
C GLY E 114 3.36 -64.23 42.35
N LEU E 115 3.89 -64.92 43.36
CA LEU E 115 5.26 -64.76 43.81
C LEU E 115 5.65 -66.03 44.51
N VAL E 116 6.85 -66.54 44.27
CA VAL E 116 7.34 -67.69 45.03
C VAL E 116 8.85 -67.62 45.13
N ASP E 117 9.39 -67.98 46.29
CA ASP E 117 10.83 -68.02 46.51
C ASP E 117 11.42 -69.15 45.68
N ARG E 118 12.20 -68.81 44.65
CA ARG E 118 12.76 -69.84 43.80
C ARG E 118 13.63 -70.81 44.57
N GLY E 119 14.16 -70.34 45.70
CA GLY E 119 15.00 -71.16 46.54
C GLY E 119 14.30 -72.41 47.08
N VAL E 120 12.96 -72.39 47.16
CA VAL E 120 12.28 -73.59 47.70
C VAL E 120 11.89 -74.57 46.59
N LEU E 121 12.10 -74.17 45.35
CA LEU E 121 11.73 -75.01 44.21
C LEU E 121 12.92 -75.82 43.75
N PRO E 122 12.64 -76.96 43.12
CA PRO E 122 13.78 -77.73 42.59
C PRO E 122 14.50 -76.98 41.48
N LEU E 123 15.80 -77.20 41.35
CA LEU E 123 16.53 -76.74 40.17
C LEU E 123 15.97 -77.50 38.96
N THR E 124 16.07 -76.90 37.79
CA THR E 124 15.52 -77.49 36.59
C THR E 124 16.32 -77.07 35.38
N GLY E 125 16.32 -77.93 34.37
CA GLY E 125 16.91 -77.59 33.09
C GLY E 125 15.83 -77.33 32.06
N ALA E 126 14.57 -77.30 32.49
CA ALA E 126 13.44 -77.25 31.58
C ALA E 126 12.65 -75.93 31.63
N ALA E 127 13.16 -74.93 32.34
CA ALA E 127 12.42 -73.67 32.45
C ALA E 127 12.61 -72.80 31.21
N GLU E 128 11.62 -71.98 30.92
CA GLU E 128 11.66 -71.12 29.74
C GLU E 128 12.38 -69.81 29.98
N SER E 129 12.56 -69.49 31.26
CA SER E 129 13.14 -68.24 31.71
C SER E 129 13.63 -68.46 33.14
N THR E 130 14.28 -67.45 33.69
CA THR E 130 14.79 -67.53 35.07
C THR E 130 13.77 -67.03 36.10
N VAL E 131 12.69 -66.42 35.63
CA VAL E 131 11.72 -65.79 36.55
C VAL E 131 11.03 -66.85 37.39
N ASP E 132 10.58 -66.49 38.58
CA ASP E 132 10.02 -67.45 39.50
C ASP E 132 8.86 -68.21 38.89
N SER E 133 8.00 -67.54 38.14
CA SER E 133 6.87 -68.20 37.50
C SER E 133 7.30 -69.32 36.52
N ALA E 134 8.41 -69.13 35.85
CA ALA E 134 8.87 -70.12 34.88
C ALA E 134 9.43 -71.34 35.61
N ILE E 135 10.11 -71.11 36.72
CA ILE E 135 10.64 -72.23 37.52
C ILE E 135 9.48 -73.02 38.11
N LEU E 136 8.44 -72.31 38.57
CA LEU E 136 7.24 -72.95 39.10
C LEU E 136 6.49 -73.71 38.00
N ALA E 137 6.38 -73.12 36.82
CA ALA E 137 5.73 -73.80 35.72
C ALA E 137 6.44 -75.12 35.40
N ALA E 138 7.76 -75.09 35.39
CA ALA E 138 8.54 -76.30 35.11
C ALA E 138 8.22 -77.39 36.13
N LEU E 139 8.15 -77.02 37.41
CA LEU E 139 7.76 -77.98 38.45
C LEU E 139 6.35 -78.51 38.23
N ILE E 140 5.39 -77.62 37.97
CA ILE E 140 4.02 -78.05 37.74
C ILE E 140 3.92 -79.01 36.55
N PHE E 141 4.59 -78.69 35.45
CA PHE E 141 4.55 -79.57 34.28
C PHE E 141 5.17 -80.93 34.59
N SER E 142 6.23 -80.90 35.38
N SER E 142 6.23 -80.91 35.37
CA SER E 142 6.96 -82.12 35.74
CA SER E 142 6.92 -82.14 35.72
C SER E 142 6.10 -83.05 36.59
C SER E 142 6.01 -83.05 36.53
N ARG E 143 5.36 -82.50 37.54
CA ARG E 143 4.47 -83.28 38.41
C ARG E 143 3.22 -83.72 37.71
N GLY E 144 2.87 -83.00 36.64
CA GLY E 144 1.67 -83.30 35.88
C GLY E 144 0.51 -82.45 36.35
N LEU E 145 -0.30 -81.97 35.42
CA LEU E 145 -1.41 -81.10 35.79
C LEU E 145 -2.51 -81.83 36.57
N ASP E 146 -2.56 -83.16 36.44
CA ASP E 146 -3.50 -83.93 37.24
C ASP E 146 -3.12 -83.87 38.72
N ALA E 147 -1.90 -83.40 39.01
CA ALA E 147 -1.44 -83.22 40.39
C ALA E 147 -1.34 -81.74 40.79
N LEU E 148 -1.93 -80.85 40.00
CA LEU E 148 -1.79 -79.41 40.25
C LEU E 148 -2.11 -79.01 41.68
N GLY E 149 -3.26 -79.48 42.18
CA GLY E 149 -3.68 -79.08 43.52
C GLY E 149 -2.69 -79.49 44.59
N ALA E 150 -2.14 -80.70 44.45
CA ALA E 150 -1.16 -81.19 45.41
C ALA E 150 0.15 -80.43 45.31
N THR E 151 0.56 -80.11 44.08
CA THR E 151 1.79 -79.38 43.86
C THR E 151 1.72 -77.98 44.50
N ILE E 152 0.60 -77.29 44.29
CA ILE E 152 0.46 -75.94 44.80
C ILE E 152 0.39 -75.94 46.35
N ALA E 153 -0.34 -76.88 46.93
CA ALA E 153 -0.40 -76.98 48.39
C ALA E 153 0.98 -77.22 48.98
N GLU E 154 1.77 -78.05 48.30
CA GLU E 154 3.12 -78.34 48.75
C GLU E 154 4.00 -77.10 48.69
N VAL E 155 3.99 -76.41 47.55
CA VAL E 155 4.83 -75.22 47.38
C VAL E 155 4.36 -74.16 48.38
N GLY E 156 3.04 -74.11 48.60
CA GLY E 156 2.43 -73.15 49.53
C GLY E 156 2.88 -73.38 50.95
N GLU E 157 3.23 -74.62 51.27
CA GLU E 157 3.80 -74.93 52.57
C GLU E 157 5.29 -74.65 52.66
N LEU E 158 6.00 -74.89 51.56
CA LEU E 158 7.45 -74.64 51.53
C LEU E 158 7.72 -73.15 51.70
N ASP E 159 6.88 -72.34 51.05
CA ASP E 159 6.98 -70.89 51.10
C ASP E 159 5.62 -70.32 51.52
N PRO E 160 5.43 -70.15 52.83
CA PRO E 160 4.14 -69.66 53.33
C PRO E 160 3.84 -68.22 52.90
N ASN E 161 4.80 -67.53 52.29
CA ASN E 161 4.53 -66.19 51.75
C ASN E 161 4.17 -66.21 50.27
N ALA E 162 4.25 -67.38 49.64
CA ALA E 162 4.00 -67.49 48.20
C ALA E 162 2.53 -67.24 47.88
N ARG E 163 2.31 -66.62 46.72
CA ARG E 163 0.99 -66.53 46.12
C ARG E 163 1.05 -67.33 44.81
N LEU E 164 0.10 -68.24 44.65
CA LEU E 164 0.22 -69.32 43.66
C LEU E 164 -1.06 -69.50 42.87
N ASN E 165 -1.52 -68.43 42.27
CA ASN E 165 -2.67 -68.49 41.38
C ASN E 165 -2.24 -69.00 40.00
N ILE E 166 -2.70 -70.19 39.67
CA ILE E 166 -2.41 -70.85 38.40
C ILE E 166 -3.66 -70.85 37.53
N LEU E 167 -3.47 -70.66 36.22
CA LEU E 167 -4.52 -70.83 35.24
C LEU E 167 -3.92 -71.57 34.06
N ALA E 168 -4.49 -72.72 33.73
CA ALA E 168 -3.89 -73.63 32.76
C ALA E 168 -4.96 -74.26 31.88
N ALA E 169 -4.55 -74.72 30.71
CA ALA E 169 -5.49 -75.30 29.76
C ALA E 169 -4.79 -76.22 28.78
N ASN E 170 -5.52 -77.22 28.30
CA ASN E 170 -4.94 -78.20 27.38
C ASN E 170 -5.75 -78.35 26.10
N GLY E 171 -6.67 -77.42 25.87
CA GLY E 171 -7.48 -77.43 24.66
C GLY E 171 -8.90 -77.93 24.89
N SER E 172 -9.09 -78.76 25.91
CA SER E 172 -10.40 -79.34 26.23
CA SER E 172 -10.41 -79.34 26.22
C SER E 172 -10.73 -79.25 27.72
N ARG E 173 -9.83 -78.66 28.51
CA ARG E 173 -9.97 -78.53 29.96
C ARG E 173 -9.31 -77.26 30.43
N LEU E 174 -9.86 -76.64 31.47
CA LEU E 174 -9.19 -75.59 32.24
C LEU E 174 -8.93 -76.10 33.65
N LEU E 175 -7.80 -75.69 34.22
CA LEU E 175 -7.49 -75.90 35.62
C LEU E 175 -7.01 -74.59 36.21
N ALA E 176 -7.38 -74.32 37.45
CA ALA E 176 -6.92 -73.12 38.09
C ALA E 176 -6.80 -73.32 39.59
N THR E 177 -5.91 -72.57 40.20
CA THR E 177 -5.87 -72.55 41.67
C THR E 177 -5.98 -71.12 42.14
N THR E 178 -6.64 -70.95 43.27
CA THR E 178 -6.56 -69.72 44.04
C THR E 178 -5.66 -69.98 45.21
N TRP E 179 -4.63 -69.16 45.35
CA TRP E 179 -3.73 -69.26 46.47
C TRP E 179 -3.11 -67.90 46.77
N GLY E 180 -3.93 -67.04 47.36
CA GLY E 180 -3.47 -65.72 47.77
C GLY E 180 -3.83 -64.59 46.82
N ASP E 181 -4.52 -64.90 45.73
CA ASP E 181 -4.98 -63.84 44.83
C ASP E 181 -6.31 -64.23 44.20
N THR E 182 -6.84 -63.32 43.38
CA THR E 182 -8.23 -63.41 42.98
C THR E 182 -8.51 -64.27 41.76
N LEU E 183 -9.71 -64.85 41.74
CA LEU E 183 -10.21 -65.55 40.55
C LEU E 183 -11.73 -65.54 40.51
N SER E 184 -12.29 -65.28 39.33
CA SER E 184 -13.73 -65.28 39.13
C SER E 184 -14.08 -66.14 37.95
N VAL E 185 -15.34 -66.58 37.90
CA VAL E 185 -15.82 -67.40 36.81
C VAL E 185 -17.08 -66.80 36.21
N LEU E 186 -17.18 -66.86 34.87
CA LEU E 186 -18.41 -66.46 34.19
C LEU E 186 -18.81 -67.62 33.30
N ARG E 187 -20.01 -68.15 33.51
CA ARG E 187 -20.51 -69.20 32.66
C ARG E 187 -21.42 -68.56 31.64
N ARG E 188 -20.98 -68.52 30.38
CA ARG E 188 -21.81 -67.98 29.32
C ARG E 188 -22.48 -69.16 28.69
N PRO E 189 -23.57 -68.92 27.95
CA PRO E 189 -24.23 -70.04 27.29
C PRO E 189 -23.29 -70.79 26.34
N ASP E 190 -22.26 -70.13 25.82
CA ASP E 190 -21.39 -70.76 24.82
C ASP E 190 -20.02 -71.17 25.34
N GLY E 191 -19.80 -71.01 26.64
CA GLY E 191 -18.53 -71.44 27.22
C GLY E 191 -18.23 -70.79 28.56
N VAL E 192 -17.03 -71.05 29.08
CA VAL E 192 -16.67 -70.62 30.42
C VAL E 192 -15.44 -69.73 30.38
N VAL E 193 -15.53 -68.61 31.11
CA VAL E 193 -14.37 -67.75 31.35
C VAL E 193 -13.90 -67.94 32.77
N LEU E 194 -12.59 -68.09 32.96
CA LEU E 194 -11.94 -67.94 34.26
C LEU E 194 -11.02 -66.72 34.15
N ALA E 195 -11.04 -65.87 35.16
CA ALA E 195 -10.24 -64.65 35.11
C ALA E 195 -9.85 -64.15 36.49
N SER E 196 -8.67 -63.54 36.59
CA SER E 196 -8.26 -62.90 37.82
C SER E 196 -9.34 -61.93 38.33
N GLU E 197 -9.94 -61.19 37.39
CA GLU E 197 -11.05 -60.33 37.75
C GLU E 197 -12.02 -60.21 36.59
N PRO E 198 -13.31 -60.00 36.90
CA PRO E 198 -14.34 -59.89 35.85
C PRO E 198 -13.98 -58.83 34.82
N TYR E 199 -14.22 -59.12 33.54
CA TYR E 199 -13.85 -58.16 32.50
C TYR E 199 -14.98 -57.19 32.15
N ASP E 200 -16.08 -57.32 32.86
CA ASP E 200 -17.19 -56.36 32.78
C ASP E 200 -18.01 -56.49 34.05
N ASP E 201 -19.24 -55.99 34.02
CA ASP E 201 -20.08 -55.94 35.20
C ASP E 201 -21.27 -56.90 35.07
N ASP E 202 -21.09 -57.93 34.23
CA ASP E 202 -22.10 -58.98 34.05
C ASP E 202 -22.51 -59.61 35.40
N PRO E 203 -23.82 -59.66 35.67
CA PRO E 203 -24.21 -60.24 36.97
C PRO E 203 -23.85 -61.73 37.10
N GLY E 204 -23.52 -62.39 36.00
CA GLY E 204 -23.17 -63.80 36.02
C GLY E 204 -21.82 -64.12 36.64
N TRP E 205 -20.98 -63.10 36.81
CA TRP E 205 -19.68 -63.31 37.43
C TRP E 205 -19.84 -63.76 38.88
N SER E 206 -19.08 -64.77 39.28
CA SER E 206 -19.01 -65.14 40.68
C SER E 206 -17.54 -65.37 41.07
N ASP E 207 -17.23 -65.14 42.33
CA ASP E 207 -15.86 -65.28 42.81
C ASP E 207 -15.56 -66.68 43.37
N ILE E 208 -14.38 -67.18 43.05
CA ILE E 208 -13.88 -68.47 43.56
C ILE E 208 -13.20 -68.22 44.90
N PRO E 209 -13.56 -68.98 45.94
CA PRO E 209 -12.89 -68.71 47.22
C PRO E 209 -11.41 -69.10 47.19
N ASP E 210 -10.63 -68.47 48.07
CA ASP E 210 -9.20 -68.72 48.11
C ASP E 210 -8.89 -70.16 48.49
N ARG E 211 -7.72 -70.61 48.08
CA ARG E 211 -7.23 -71.98 48.38
C ARG E 211 -8.16 -73.10 47.86
N HIS E 212 -8.55 -72.93 46.60
CA HIS E 212 -9.35 -73.92 45.90
C HIS E 212 -8.76 -74.24 44.54
N LEU E 213 -9.18 -75.39 44.04
CA LEU E 213 -8.87 -75.85 42.71
C LEU E 213 -10.13 -75.74 41.89
N VAL E 214 -10.00 -75.25 40.67
CA VAL E 214 -11.12 -75.18 39.73
C VAL E 214 -10.83 -76.04 38.53
N ASP E 215 -11.80 -76.86 38.16
CA ASP E 215 -11.67 -77.83 37.08
C ASP E 215 -12.83 -77.62 36.13
N VAL E 216 -12.54 -77.20 34.88
CA VAL E 216 -13.59 -76.94 33.89
C VAL E 216 -13.44 -77.88 32.71
N ARG E 217 -14.46 -78.68 32.50
CA ARG E 217 -14.54 -79.50 31.31
C ARG E 217 -15.96 -79.90 31.01
N ASP E 218 -16.26 -80.06 29.73
CA ASP E 218 -17.59 -80.49 29.30
C ASP E 218 -18.66 -79.56 29.86
N ALA E 219 -18.38 -78.26 29.85
CA ALA E 219 -19.28 -77.23 30.38
C ALA E 219 -19.61 -77.41 31.87
N HIS E 220 -18.87 -78.28 32.54
CA HIS E 220 -18.98 -78.46 33.98
C HIS E 220 -17.86 -77.74 34.70
N VAL E 221 -18.21 -77.03 35.76
CA VAL E 221 -17.22 -76.37 36.60
C VAL E 221 -17.22 -77.05 37.97
N VAL E 222 -16.10 -77.67 38.32
CA VAL E 222 -15.95 -78.33 39.61
C VAL E 222 -14.93 -77.58 40.46
N VAL E 223 -15.36 -77.20 41.66
CA VAL E 223 -14.52 -76.45 42.59
C VAL E 223 -14.30 -77.29 43.86
N THR E 224 -13.03 -77.52 44.20
CA THR E 224 -12.67 -78.37 45.34
C THR E 224 -11.64 -77.64 46.21
N PRO E 225 -11.63 -77.91 47.51
CA PRO E 225 -10.59 -77.30 48.35
C PRO E 225 -9.22 -77.90 48.10
N LEU E 226 -8.20 -77.15 48.46
CA LEU E 226 -6.82 -77.63 48.46
C LEU E 226 -6.45 -78.09 49.85
N LEU E 227 -5.43 -78.92 49.95
CA LEU E 227 -5.04 -79.49 51.24
C LEU E 227 -4.55 -78.42 52.19
N GLU E 228 -5.10 -78.43 53.41
CA GLU E 228 -4.62 -77.57 54.48
C GLU E 228 -3.72 -78.39 55.41
N HIS E 229 -2.76 -77.73 56.03
CA HIS E 229 -1.87 -78.39 56.99
C HIS E 229 -1.88 -77.60 58.29
N ALA F 1 -16.89 57.04 -10.96
CA ALA F 1 -16.60 55.80 -11.68
C ALA F 1 -15.44 55.07 -11.02
N ARG F 2 -15.38 53.76 -11.24
CA ARG F 2 -14.24 52.92 -10.89
C ARG F 2 -13.99 52.01 -12.06
N HIS F 3 -12.73 51.70 -12.33
CA HIS F 3 -12.45 50.74 -13.39
C HIS F 3 -11.33 49.77 -13.01
N VAL F 4 -11.20 48.70 -13.78
CA VAL F 4 -10.22 47.67 -13.53
C VAL F 4 -9.80 47.10 -14.88
N ALA F 5 -8.54 46.71 -14.99
CA ALA F 5 -8.06 46.08 -16.21
C ALA F 5 -7.16 44.93 -15.87
N TRP F 6 -7.10 43.97 -16.78
CA TRP F 6 -6.28 42.79 -16.65
C TRP F 6 -5.49 42.61 -17.93
N LEU F 7 -4.23 42.23 -17.79
CA LEU F 7 -3.44 41.76 -18.92
C LEU F 7 -2.60 40.59 -18.46
N GLY F 8 -2.85 39.41 -19.03
CA GLY F 8 -2.07 38.24 -18.66
C GLY F 8 -2.70 36.97 -19.20
N ALA F 9 -2.47 35.87 -18.49
CA ALA F 9 -3.06 34.61 -18.86
C ALA F 9 -4.57 34.73 -18.75
N PRO F 10 -5.30 33.90 -19.48
CA PRO F 10 -6.76 34.02 -19.48
C PRO F 10 -7.36 34.02 -18.08
N ARG F 11 -8.24 34.98 -17.88
CA ARG F 11 -8.91 35.17 -16.60
C ARG F 11 -10.37 35.45 -16.87
N SER F 12 -11.28 34.94 -16.03
CA SER F 12 -12.70 35.18 -16.30
C SER F 12 -13.13 36.57 -15.86
N LEU F 13 -14.16 37.08 -16.52
CA LEU F 13 -14.72 38.37 -16.13
C LEU F 13 -15.20 38.31 -14.68
N ALA F 14 -15.80 37.19 -14.30
CA ALA F 14 -16.28 37.05 -12.91
C ALA F 14 -15.13 37.12 -11.91
N ASP F 15 -14.05 36.41 -12.20
CA ASP F 15 -12.92 36.37 -11.30
C ASP F 15 -12.32 37.75 -11.08
N LEU F 16 -12.36 38.59 -12.11
CA LEU F 16 -11.79 39.93 -12.04
C LEU F 16 -12.75 40.97 -11.42
N VAL F 17 -14.05 40.86 -11.74
CA VAL F 17 -15.04 41.90 -11.47
C VAL F 17 -16.01 41.56 -10.33
N LEU F 18 -16.47 40.32 -10.30
CA LEU F 18 -17.53 39.94 -9.39
C LEU F 18 -17.02 39.27 -8.14
N ASP F 19 -16.00 38.43 -8.26
CA ASP F 19 -15.62 37.54 -7.16
C ASP F 19 -14.74 38.16 -6.04
N PRO F 20 -13.87 39.14 -6.36
CA PRO F 20 -13.01 39.68 -5.30
C PRO F 20 -13.83 40.32 -4.17
N PRO F 21 -13.36 40.24 -2.92
CA PRO F 21 -14.16 40.73 -1.79
C PRO F 21 -14.42 42.24 -1.81
N GLN F 22 -13.58 43.00 -2.50
CA GLN F 22 -13.79 44.44 -2.65
C GLN F 22 -13.59 44.89 -4.09
N GLY F 23 -14.02 44.03 -5.02
CA GLY F 23 -13.89 44.29 -6.44
C GLY F 23 -14.98 45.21 -6.99
N LEU F 24 -15.08 45.27 -8.32
CA LEU F 24 -15.95 46.23 -8.98
C LEU F 24 -17.41 46.05 -8.60
N LEU F 25 -17.84 44.81 -8.41
CA LEU F 25 -19.22 44.56 -7.95
C LEU F 25 -19.47 45.30 -6.63
N VAL F 26 -18.58 45.16 -5.67
CA VAL F 26 -18.74 45.82 -4.37
C VAL F 26 -18.63 47.34 -4.54
N GLN F 27 -17.74 47.76 -5.41
CA GLN F 27 -17.49 49.18 -5.63
C GLN F 27 -18.70 49.85 -6.28
N SER F 28 -19.59 49.08 -6.91
CA SER F 28 -20.77 49.70 -7.51
C SER F 28 -21.69 50.27 -6.41
N TYR F 29 -21.65 49.73 -5.20
CA TYR F 29 -22.48 50.26 -4.10
C TYR F 29 -21.70 50.71 -2.86
N ALA F 30 -20.44 50.28 -2.72
CA ALA F 30 -19.63 50.65 -1.56
C ALA F 30 -18.15 50.77 -1.88
N PRO F 31 -17.76 51.76 -2.71
CA PRO F 31 -16.34 51.96 -3.01
C PRO F 31 -15.57 52.42 -1.76
N ARG F 32 -14.27 52.13 -1.72
CA ARG F 32 -13.45 52.41 -0.54
C ARG F 32 -12.56 53.64 -0.68
N ARG F 33 -12.22 54.03 -1.89
CA ARG F 33 -11.26 55.12 -2.12
C ARG F 33 -11.78 56.17 -3.12
N GLN F 34 -13.09 56.36 -3.14
CA GLN F 34 -13.73 57.22 -4.11
C GLN F 34 -14.11 58.57 -3.50
N LYS F 35 -13.46 59.62 -3.98
CA LYS F 35 -13.69 60.95 -3.46
C LYS F 35 -14.90 61.65 -4.10
N HIS F 36 -15.24 61.24 -5.31
CA HIS F 36 -16.29 61.89 -6.09
C HIS F 36 -17.41 60.90 -6.39
N GLY F 37 -18.58 61.15 -5.82
CA GLY F 37 -19.68 60.21 -5.91
C GLY F 37 -19.66 59.23 -4.75
N LEU F 38 -20.83 58.80 -4.31
CA LEU F 38 -20.99 57.87 -3.21
C LEU F 38 -20.89 56.42 -3.67
N MET F 39 -21.17 56.21 -4.95
CA MET F 39 -21.33 54.87 -5.49
C MET F 39 -21.15 54.91 -6.99
N ASN F 40 -21.40 53.79 -7.66
CA ASN F 40 -21.27 53.71 -9.09
C ASN F 40 -22.37 52.83 -9.65
N ALA F 41 -23.57 53.39 -9.65
CA ALA F 41 -24.79 52.65 -9.91
C ALA F 41 -25.48 53.11 -11.17
N ASP F 42 -24.79 53.91 -11.98
CA ASP F 42 -25.40 54.52 -13.18
C ASP F 42 -25.07 53.79 -14.48
N GLY F 43 -24.63 52.55 -14.34
CA GLY F 43 -24.29 51.71 -15.46
C GLY F 43 -22.98 50.99 -15.21
N TRP F 44 -22.61 50.15 -16.17
CA TRP F 44 -21.37 49.41 -16.10
C TRP F 44 -21.01 48.91 -17.50
N GLY F 45 -19.78 48.43 -17.64
CA GLY F 45 -19.37 47.81 -18.90
C GLY F 45 -18.22 46.89 -18.65
N ALA F 46 -18.12 45.84 -19.47
CA ALA F 46 -17.01 44.94 -19.38
C ALA F 46 -16.57 44.68 -20.79
N GLY F 47 -15.34 45.09 -21.09
CA GLY F 47 -14.78 44.85 -22.41
C GLY F 47 -13.64 43.88 -22.32
N PHE F 48 -13.49 43.08 -23.37
CA PHE F 48 -12.40 42.12 -23.42
C PHE F 48 -12.02 41.81 -24.85
N PHE F 49 -10.86 41.21 -25.01
CA PHE F 49 -10.40 40.78 -26.32
C PHE F 49 -10.52 39.28 -26.41
N ASP F 50 -11.17 38.79 -27.46
CA ASP F 50 -11.41 37.36 -27.57
C ASP F 50 -10.22 36.68 -28.19
N ASP F 51 -10.33 35.39 -28.44
CA ASP F 51 -9.19 34.61 -28.94
C ASP F 51 -8.71 35.08 -30.31
N ASP F 52 -9.61 35.72 -31.05
CA ASP F 52 -9.32 36.20 -32.40
C ASP F 52 -8.89 37.66 -32.41
N GLY F 53 -8.72 38.24 -31.22
CA GLY F 53 -8.23 39.61 -31.08
C GLY F 53 -9.30 40.69 -31.26
N VAL F 54 -10.55 40.26 -31.36
CA VAL F 54 -11.66 41.21 -31.52
C VAL F 54 -12.02 41.79 -30.18
N ALA F 55 -12.19 43.11 -30.13
CA ALA F 55 -12.64 43.77 -28.93
C ALA F 55 -14.14 43.60 -28.80
N ARG F 56 -14.56 43.05 -27.67
CA ARG F 56 -15.97 42.79 -27.41
C ARG F 56 -16.41 43.49 -26.12
N ARG F 57 -17.65 43.92 -26.09
CA ARG F 57 -18.15 44.70 -24.95
C ARG F 57 -19.55 44.36 -24.54
N TRP F 58 -19.74 44.25 -23.23
CA TRP F 58 -21.06 44.12 -22.63
C TRP F 58 -21.26 45.40 -21.83
N ARG F 59 -22.29 46.15 -22.16
CA ARG F 59 -22.54 47.45 -21.48
C ARG F 59 -23.99 47.55 -21.03
N SER F 60 -24.19 48.33 -19.98
CA SER F 60 -25.50 48.45 -19.39
C SER F 60 -25.69 49.82 -18.79
N ASP F 61 -26.93 50.26 -18.67
CA ASP F 61 -27.26 51.49 -17.95
C ASP F 61 -27.82 51.25 -16.55
N LYS F 62 -27.76 50.01 -16.08
CA LYS F 62 -28.28 49.62 -14.79
C LYS F 62 -27.16 49.35 -13.78
N PRO F 63 -27.49 49.29 -12.49
CA PRO F 63 -26.47 48.94 -11.49
C PRO F 63 -25.90 47.56 -11.71
N LEU F 64 -24.58 47.43 -11.62
CA LEU F 64 -23.89 46.16 -11.86
C LEU F 64 -24.43 45.06 -10.97
N TRP F 65 -24.73 45.40 -9.72
CA TRP F 65 -25.07 44.38 -8.75
C TRP F 65 -26.35 43.63 -9.08
N GLY F 66 -27.24 44.22 -9.88
CA GLY F 66 -28.53 43.59 -10.13
C GLY F 66 -28.61 42.82 -11.43
N ASP F 67 -27.51 42.79 -12.17
CA ASP F 67 -27.56 42.18 -13.48
C ASP F 67 -27.35 40.68 -13.36
N ALA F 68 -28.47 39.96 -13.38
CA ALA F 68 -28.49 38.50 -13.18
C ALA F 68 -27.83 37.79 -14.35
N SER F 69 -27.97 38.36 -15.55
CA SER F 69 -27.36 37.79 -16.74
C SER F 69 -25.85 37.80 -16.65
N PHE F 70 -25.30 38.94 -16.26
CA PHE F 70 -23.85 39.04 -16.13
C PHE F 70 -23.32 38.12 -15.02
N ALA F 71 -24.03 38.05 -13.90
CA ALA F 71 -23.62 37.20 -12.80
C ALA F 71 -23.57 35.74 -13.23
N SER F 72 -24.51 35.36 -14.09
CA SER F 72 -24.59 33.99 -14.59
C SER F 72 -23.53 33.69 -15.66
N VAL F 73 -23.33 34.64 -16.57
CA VAL F 73 -22.50 34.40 -17.75
C VAL F 73 -21.02 34.77 -17.58
N ALA F 74 -20.71 35.75 -16.74
CA ALA F 74 -19.35 36.23 -16.58
C ALA F 74 -18.32 35.14 -16.27
N PRO F 75 -18.68 34.10 -15.49
CA PRO F 75 -17.69 33.05 -15.22
C PRO F 75 -17.26 32.29 -16.47
N ALA F 76 -18.07 32.35 -17.52
CA ALA F 76 -17.81 31.60 -18.75
C ALA F 76 -17.09 32.45 -19.80
N LEU F 77 -16.82 33.71 -19.47
CA LEU F 77 -16.10 34.61 -20.38
C LEU F 77 -14.69 34.87 -19.87
N ARG F 78 -13.70 34.30 -20.55
CA ARG F 78 -12.32 34.40 -20.15
C ARG F 78 -11.56 35.16 -21.23
N SER F 79 -10.58 35.93 -20.80
CA SER F 79 -9.80 36.73 -21.71
C SER F 79 -8.43 37.03 -21.14
N ARG F 80 -7.47 37.23 -22.04
CA ARG F 80 -6.13 37.68 -21.68
C ARG F 80 -6.09 39.18 -21.36
N CYS F 81 -7.15 39.88 -21.75
CA CYS F 81 -7.14 41.34 -21.67
C CYS F 81 -8.52 41.93 -21.53
N VAL F 82 -8.74 42.58 -20.39
CA VAL F 82 -10.04 43.06 -19.97
C VAL F 82 -9.96 44.49 -19.51
N VAL F 83 -10.96 45.28 -19.85
CA VAL F 83 -11.18 46.58 -19.23
C VAL F 83 -12.63 46.65 -18.84
N ALA F 84 -12.90 46.88 -17.56
CA ALA F 84 -14.27 46.97 -17.06
C ALA F 84 -14.44 48.17 -16.16
N ALA F 85 -15.66 48.65 -16.07
CA ALA F 85 -15.94 49.83 -15.27
C ALA F 85 -17.35 49.84 -14.73
N VAL F 86 -17.52 50.56 -13.62
CA VAL F 86 -18.84 50.91 -13.12
C VAL F 86 -18.96 52.43 -13.15
N ARG F 87 -20.12 52.91 -13.60
CA ARG F 87 -20.33 54.33 -13.85
C ARG F 87 -21.01 55.06 -12.72
N SER F 88 -20.56 56.28 -12.47
CA SER F 88 -21.31 57.22 -11.64
CA SER F 88 -21.30 57.22 -11.64
C SER F 88 -21.53 58.51 -12.42
N ALA F 89 -22.74 59.04 -12.31
CA ALA F 89 -23.09 60.28 -13.04
C ALA F 89 -23.86 61.22 -12.16
N THR F 90 -23.60 62.52 -12.28
CA THR F 90 -24.37 63.50 -11.54
C THR F 90 -25.83 63.45 -12.02
N ILE F 91 -26.74 63.71 -11.08
CA ILE F 91 -28.17 63.60 -11.37
C ILE F 91 -28.55 64.53 -12.51
N GLY F 92 -29.18 63.96 -13.53
CA GLY F 92 -29.62 64.74 -14.66
C GLY F 92 -28.87 64.39 -15.93
N MET F 93 -27.70 63.77 -15.78
CA MET F 93 -26.93 63.34 -16.93
CA MET F 93 -26.93 63.34 -16.93
C MET F 93 -27.60 62.15 -17.61
N PRO F 94 -27.39 62.02 -18.92
CA PRO F 94 -28.09 60.93 -19.62
C PRO F 94 -27.66 59.57 -19.11
N ILE F 95 -28.65 58.72 -18.90
CA ILE F 95 -28.44 57.34 -18.50
C ILE F 95 -28.69 56.47 -19.72
N GLU F 96 -27.65 55.73 -20.14
CA GLU F 96 -27.70 54.98 -21.38
C GLU F 96 -26.44 54.13 -21.52
N PRO F 97 -26.55 52.92 -22.07
CA PRO F 97 -25.39 52.04 -22.15
C PRO F 97 -24.23 52.63 -22.98
N SER F 98 -24.55 53.47 -23.95
CA SER F 98 -23.51 54.07 -24.80
C SER F 98 -22.59 55.00 -24.02
N ALA F 99 -23.05 55.46 -22.84
CA ALA F 99 -22.29 56.38 -22.00
C ALA F 99 -21.42 55.67 -20.98
N SER F 100 -21.61 54.35 -20.86
CA SER F 100 -20.84 53.53 -19.94
C SER F 100 -19.55 53.10 -20.56
N ALA F 101 -18.45 53.27 -19.82
CA ALA F 101 -17.18 52.72 -20.23
C ALA F 101 -17.26 51.18 -20.22
N PRO F 102 -16.44 50.52 -21.04
CA PRO F 102 -15.41 51.09 -21.91
C PRO F 102 -15.93 51.50 -23.28
N PHE F 103 -15.33 52.56 -23.80
CA PHE F 103 -15.47 52.98 -25.20
C PHE F 103 -14.49 52.19 -26.04
N SER F 104 -14.69 52.22 -27.35
CA SER F 104 -13.87 51.42 -28.25
C SER F 104 -13.70 52.08 -29.62
N ASP F 105 -12.52 51.98 -30.20
CA ASP F 105 -12.37 52.33 -31.60
C ASP F 105 -12.09 51.09 -32.43
N GLY F 106 -12.34 49.92 -31.85
CA GLY F 106 -12.12 48.65 -32.52
C GLY F 106 -10.79 47.98 -32.20
N GLN F 107 -9.79 48.81 -31.88
CA GLN F 107 -8.46 48.32 -31.53
C GLN F 107 -8.20 48.48 -30.05
N TRP F 108 -8.66 49.60 -29.49
CA TRP F 108 -8.46 49.90 -28.08
C TRP F 108 -9.76 49.99 -27.31
N LEU F 109 -9.79 49.42 -26.10
CA LEU F 109 -10.85 49.69 -25.14
C LEU F 109 -10.39 50.81 -24.22
N LEU F 110 -11.29 51.70 -23.79
CA LEU F 110 -10.88 52.84 -22.98
C LEU F 110 -11.98 53.24 -21.97
N SER F 111 -11.54 53.43 -20.72
CA SER F 111 -12.36 53.91 -19.64
C SER F 111 -11.82 55.20 -19.06
N HIS F 112 -12.72 56.11 -18.70
CA HIS F 112 -12.36 57.36 -18.06
C HIS F 112 -13.03 57.52 -16.71
N ASN F 113 -12.20 57.76 -15.69
CA ASN F 113 -12.70 58.11 -14.37
C ASN F 113 -12.36 59.57 -14.19
N GLY F 114 -13.39 60.41 -14.11
CA GLY F 114 -13.16 61.82 -13.88
C GLY F 114 -14.19 62.73 -14.53
N LEU F 115 -13.71 63.89 -14.91
CA LEU F 115 -14.61 64.96 -15.34
C LEU F 115 -13.80 65.88 -16.22
N VAL F 116 -14.38 66.32 -17.33
CA VAL F 116 -13.70 67.32 -18.17
C VAL F 116 -14.74 68.23 -18.85
N ASP F 117 -14.40 69.51 -18.92
CA ASP F 117 -15.27 70.52 -19.55
C ASP F 117 -15.31 70.29 -21.04
N ARG F 118 -16.45 69.85 -21.56
CA ARG F 118 -16.57 69.56 -22.98
C ARG F 118 -16.27 70.78 -23.83
N GLY F 119 -16.43 71.97 -23.23
CA GLY F 119 -16.16 73.22 -23.92
C GLY F 119 -14.72 73.41 -24.37
N VAL F 120 -13.77 72.74 -23.73
CA VAL F 120 -12.37 72.88 -24.13
C VAL F 120 -11.96 71.80 -25.14
N LEU F 121 -12.84 70.84 -25.39
CA LEU F 121 -12.54 69.75 -26.33
C LEU F 121 -13.11 70.08 -27.70
N PRO F 122 -12.49 69.56 -28.76
CA PRO F 122 -13.00 69.79 -30.10
C PRO F 122 -14.38 69.15 -30.28
N LEU F 123 -15.21 69.75 -31.14
CA LEU F 123 -16.44 69.06 -31.52
C LEU F 123 -16.06 67.79 -32.31
N THR F 124 -16.93 66.80 -32.26
CA THR F 124 -16.64 65.53 -32.93
C THR F 124 -17.92 64.91 -33.42
N GLY F 125 -17.79 64.14 -34.50
CA GLY F 125 -18.92 63.37 -34.98
C GLY F 125 -18.71 61.88 -34.73
N ALA F 126 -17.65 61.55 -33.98
CA ALA F 126 -17.23 60.16 -33.80
C ALA F 126 -17.41 59.64 -32.38
N ALA F 127 -18.10 60.39 -31.52
CA ALA F 127 -18.28 59.95 -30.14
C ALA F 127 -19.43 58.95 -30.03
N GLU F 128 -19.36 58.07 -29.02
CA GLU F 128 -20.36 57.04 -28.84
C GLU F 128 -21.58 57.53 -28.09
N SER F 129 -21.43 58.68 -27.43
CA SER F 129 -22.46 59.25 -26.58
C SER F 129 -22.15 60.72 -26.45
N THR F 130 -23.01 61.47 -25.80
CA THR F 130 -22.81 62.91 -25.63
C THR F 130 -22.04 63.25 -24.36
N VAL F 131 -21.86 62.27 -23.49
CA VAL F 131 -21.25 62.50 -22.18
C VAL F 131 -19.77 62.88 -22.34
N ASP F 132 -19.25 63.65 -21.38
CA ASP F 132 -17.91 64.19 -21.48
C ASP F 132 -16.87 63.09 -21.69
N SER F 133 -17.02 61.95 -21.01
CA SER F 133 -16.05 60.86 -21.16
C SER F 133 -15.97 60.34 -22.57
N ALA F 134 -17.11 60.33 -23.26
CA ALA F 134 -17.17 59.86 -24.64
C ALA F 134 -16.53 60.86 -25.61
N ILE F 135 -16.71 62.15 -25.33
CA ILE F 135 -16.08 63.19 -26.12
C ILE F 135 -14.56 63.14 -25.94
N LEU F 136 -14.14 62.89 -24.71
CA LEU F 136 -12.73 62.78 -24.41
C LEU F 136 -12.14 61.53 -25.06
N ALA F 137 -12.88 60.43 -24.99
CA ALA F 137 -12.43 59.17 -25.61
C ALA F 137 -12.20 59.37 -27.11
N ALA F 138 -13.12 60.08 -27.75
CA ALA F 138 -13.02 60.36 -29.18
C ALA F 138 -11.74 61.10 -29.48
N LEU F 139 -11.42 62.11 -28.67
CA LEU F 139 -10.19 62.86 -28.84
C LEU F 139 -8.98 61.95 -28.67
N ILE F 140 -8.97 61.16 -27.61
CA ILE F 140 -7.86 60.27 -27.34
C ILE F 140 -7.66 59.29 -28.49
N PHE F 141 -8.74 58.68 -28.98
CA PHE F 141 -8.62 57.74 -30.09
C PHE F 141 -8.08 58.44 -31.34
N SER F 142 -8.51 59.68 -31.57
CA SER F 142 -8.11 60.43 -32.75
C SER F 142 -6.60 60.74 -32.76
N ARG F 143 -6.06 61.06 -31.59
CA ARG F 143 -4.65 61.36 -31.43
C ARG F 143 -3.81 60.09 -31.43
N GLY F 144 -4.45 58.97 -31.07
CA GLY F 144 -3.74 57.70 -30.99
C GLY F 144 -3.25 57.43 -29.58
N LEU F 145 -3.35 56.18 -29.14
CA LEU F 145 -2.98 55.83 -27.78
C LEU F 145 -1.50 55.93 -27.53
N ASP F 146 -0.70 55.91 -28.59
CA ASP F 146 0.72 56.11 -28.40
C ASP F 146 0.99 57.52 -27.91
N ALA F 147 0.01 58.41 -28.07
CA ALA F 147 0.14 59.77 -27.61
C ALA F 147 -0.72 60.04 -26.38
N LEU F 148 -1.15 59.00 -25.67
CA LEU F 148 -2.06 59.17 -24.54
C LEU F 148 -1.55 60.16 -23.50
N GLY F 149 -0.28 60.01 -23.10
CA GLY F 149 0.28 60.87 -22.06
C GLY F 149 0.24 62.33 -22.42
N ALA F 150 0.62 62.63 -23.66
CA ALA F 150 0.65 64.01 -24.16
C ALA F 150 -0.76 64.57 -24.27
N THR F 151 -1.69 63.72 -24.71
CA THR F 151 -3.09 64.13 -24.85
C THR F 151 -3.66 64.52 -23.48
N ILE F 152 -3.41 63.69 -22.48
CA ILE F 152 -3.94 63.94 -21.14
C ILE F 152 -3.25 65.14 -20.52
N ALA F 153 -1.95 65.26 -20.72
CA ALA F 153 -1.23 66.42 -20.22
C ALA F 153 -1.78 67.70 -20.85
N GLU F 154 -2.11 67.66 -22.14
CA GLU F 154 -2.62 68.83 -22.82
C GLU F 154 -4.01 69.20 -22.28
N VAL F 155 -4.92 68.22 -22.23
CA VAL F 155 -6.28 68.48 -21.77
C VAL F 155 -6.29 68.94 -20.33
N GLY F 156 -5.39 68.39 -19.53
CA GLY F 156 -5.30 68.77 -18.13
C GLY F 156 -4.94 70.24 -17.91
N GLU F 157 -4.23 70.83 -18.88
CA GLU F 157 -3.91 72.26 -18.87
C GLU F 157 -5.04 73.07 -19.49
N LEU F 158 -5.72 72.52 -20.49
CA LEU F 158 -6.85 73.20 -21.11
C LEU F 158 -7.94 73.43 -20.07
N ASP F 159 -8.14 72.42 -19.23
CA ASP F 159 -9.12 72.44 -18.14
C ASP F 159 -8.43 72.11 -16.82
N PRO F 160 -7.97 73.14 -16.10
CA PRO F 160 -7.24 72.88 -14.86
C PRO F 160 -8.08 72.23 -13.76
N ASN F 161 -9.39 72.13 -13.95
CA ASN F 161 -10.21 71.39 -13.00
C ASN F 161 -10.47 69.93 -13.44
N ALA F 162 -10.02 69.55 -14.63
CA ALA F 162 -10.31 68.21 -15.13
C ALA F 162 -9.65 67.13 -14.30
N ARG F 163 -10.34 66.01 -14.19
CA ARG F 163 -9.76 64.77 -13.68
C ARG F 163 -9.77 63.76 -14.81
N LEU F 164 -8.62 63.15 -15.07
CA LEU F 164 -8.38 62.48 -16.34
C LEU F 164 -7.72 61.12 -16.15
N ASN F 165 -8.33 60.28 -15.32
CA ASN F 165 -7.83 58.93 -15.15
C ASN F 165 -8.33 58.05 -16.26
N ILE F 166 -7.41 57.60 -17.10
CA ILE F 166 -7.70 56.75 -18.23
C ILE F 166 -7.20 55.33 -17.95
N LEU F 167 -7.95 54.35 -18.42
CA LEU F 167 -7.49 52.96 -18.41
C LEU F 167 -7.82 52.38 -19.78
N ALA F 168 -6.82 51.93 -20.52
CA ALA F 168 -7.03 51.50 -21.90
C ALA F 168 -6.22 50.24 -22.19
N ALA F 169 -6.67 49.49 -23.19
CA ALA F 169 -6.03 48.23 -23.55
C ALA F 169 -6.31 47.82 -25.00
N ASN F 170 -5.36 47.12 -25.62
CA ASN F 170 -5.48 46.72 -27.01
C ASN F 170 -5.31 45.23 -27.22
N GLY F 171 -5.35 44.48 -26.13
CA GLY F 171 -5.22 43.04 -26.19
C GLY F 171 -3.84 42.53 -25.79
N SER F 172 -2.81 43.35 -25.98
CA SER F 172 -1.43 42.95 -25.68
CA SER F 172 -1.44 42.94 -25.67
C SER F 172 -0.72 44.00 -24.83
N ARG F 173 -1.45 45.04 -24.46
CA ARG F 173 -0.88 46.17 -23.73
C ARG F 173 -1.94 46.87 -22.89
N LEU F 174 -1.54 47.37 -21.72
CA LEU F 174 -2.36 48.29 -20.94
C LEU F 174 -1.68 49.65 -20.91
N LEU F 175 -2.50 50.70 -20.95
CA LEU F 175 -2.06 52.05 -20.71
C LEU F 175 -3.00 52.67 -19.70
N ALA F 176 -2.45 53.46 -18.79
CA ALA F 176 -3.27 54.16 -17.81
C ALA F 176 -2.65 55.49 -17.42
N THR F 177 -3.49 56.43 -17.00
CA THR F 177 -3.03 57.69 -16.44
C THR F 177 -3.66 57.95 -15.09
N THR F 178 -2.88 58.57 -14.21
CA THR F 178 -3.40 59.20 -13.01
C THR F 178 -3.41 60.69 -13.24
N TRP F 179 -4.57 61.30 -13.07
CA TRP F 179 -4.68 62.73 -13.19
C TRP F 179 -5.87 63.17 -12.34
N GLY F 180 -5.68 63.16 -11.03
CA GLY F 180 -6.69 63.66 -10.13
C GLY F 180 -7.55 62.59 -9.48
N ASP F 181 -7.28 61.32 -9.77
CA ASP F 181 -7.97 60.26 -9.05
C ASP F 181 -7.09 59.03 -8.88
N THR F 182 -7.61 58.01 -8.22
CA THR F 182 -6.78 56.92 -7.73
C THR F 182 -6.53 55.80 -8.74
N LEU F 183 -5.36 55.18 -8.59
CA LEU F 183 -5.01 53.98 -9.36
C LEU F 183 -3.98 53.18 -8.60
N SER F 184 -4.16 51.86 -8.61
CA SER F 184 -3.23 50.94 -7.98
C SER F 184 -2.89 49.82 -8.97
N VAL F 185 -1.76 49.14 -8.73
CA VAL F 185 -1.31 48.05 -9.56
C VAL F 185 -1.05 46.81 -8.72
N LEU F 186 -1.42 45.65 -9.25
CA LEU F 186 -1.13 44.37 -8.62
C LEU F 186 -0.46 43.48 -9.62
N ARG F 187 0.74 43.06 -9.30
CA ARG F 187 1.44 42.09 -10.12
CA ARG F 187 1.44 42.09 -10.12
C ARG F 187 1.08 40.69 -9.64
N ARG F 188 0.39 39.95 -10.49
CA ARG F 188 0.06 38.55 -10.20
C ARG F 188 1.07 37.63 -10.85
N PRO F 189 1.10 36.37 -10.41
CA PRO F 189 2.04 35.44 -11.02
C PRO F 189 1.83 35.27 -12.52
N ASP F 190 0.59 35.49 -12.97
CA ASP F 190 0.17 35.23 -14.34
C ASP F 190 -0.33 36.47 -15.08
N GLY F 191 -0.08 37.66 -14.54
CA GLY F 191 -0.51 38.87 -15.22
C GLY F 191 -0.51 40.07 -14.30
N VAL F 192 -1.07 41.15 -14.81
CA VAL F 192 -1.08 42.43 -14.12
C VAL F 192 -2.50 42.98 -14.05
N VAL F 193 -2.87 43.45 -12.87
CA VAL F 193 -4.10 44.21 -12.64
C VAL F 193 -3.80 45.68 -12.43
N LEU F 194 -4.54 46.53 -13.13
CA LEU F 194 -4.61 47.96 -12.84
C LEU F 194 -6.03 48.26 -12.39
N ALA F 195 -6.17 49.04 -11.33
CA ALA F 195 -7.50 49.30 -10.79
C ALA F 195 -7.59 50.62 -10.06
N SER F 196 -8.75 51.25 -10.16
CA SER F 196 -8.98 52.47 -9.39
C SER F 196 -8.69 52.25 -7.90
N GLU F 197 -9.08 51.09 -7.39
CA GLU F 197 -8.75 50.74 -6.02
C GLU F 197 -8.58 49.23 -5.91
N PRO F 198 -7.75 48.81 -4.96
CA PRO F 198 -7.48 47.38 -4.77
C PRO F 198 -8.74 46.60 -4.54
N TYR F 199 -8.85 45.42 -5.15
CA TYR F 199 -10.06 44.64 -5.03
C TYR F 199 -9.98 43.65 -3.86
N ASP F 200 -8.86 43.68 -3.16
CA ASP F 200 -8.72 42.94 -1.92
C ASP F 200 -7.59 43.54 -1.09
N ASP F 201 -7.06 42.78 -0.14
CA ASP F 201 -6.03 43.30 0.75
C ASP F 201 -4.68 42.61 0.51
N ASP F 202 -4.48 42.11 -0.71
CA ASP F 202 -3.21 41.49 -1.14
C ASP F 202 -2.08 42.48 -0.88
N PRO F 203 -1.02 42.05 -0.16
CA PRO F 203 0.04 43.01 0.14
C PRO F 203 0.78 43.52 -1.10
N GLY F 204 0.59 42.84 -2.22
CA GLY F 204 1.20 43.21 -3.47
C GLY F 204 0.64 44.49 -4.10
N TRP F 205 -0.51 44.97 -3.65
CA TRP F 205 -1.04 46.23 -4.23
C TRP F 205 -0.14 47.42 -3.95
N SER F 206 0.10 48.23 -4.97
CA SER F 206 0.81 49.48 -4.74
C SER F 206 0.10 50.61 -5.46
N ASP F 207 0.17 51.79 -4.87
CA ASP F 207 -0.53 52.93 -5.43
C ASP F 207 0.34 53.67 -6.42
N ILE F 208 -0.29 54.12 -7.51
CA ILE F 208 0.38 54.90 -8.54
C ILE F 208 0.33 56.38 -8.17
N PRO F 209 1.48 57.06 -8.17
CA PRO F 209 1.43 58.49 -7.86
C PRO F 209 0.69 59.30 -8.92
N ASP F 210 0.19 60.47 -8.54
CA ASP F 210 -0.59 61.30 -9.45
C ASP F 210 0.26 61.80 -10.62
N ARG F 211 -0.42 62.09 -11.73
CA ARG F 211 0.20 62.64 -12.94
C ARG F 211 1.30 61.74 -13.48
N HIS F 212 0.96 60.46 -13.56
CA HIS F 212 1.85 59.45 -14.12
C HIS F 212 1.16 58.64 -15.19
N LEU F 213 2.00 58.03 -16.02
CA LEU F 213 1.58 57.09 -17.03
C LEU F 213 1.97 55.69 -16.55
N VAL F 214 1.09 54.72 -16.78
CA VAL F 214 1.41 53.32 -16.53
C VAL F 214 1.34 52.60 -17.87
N ASP F 215 2.38 51.83 -18.18
CA ASP F 215 2.50 51.14 -19.45
C ASP F 215 2.85 49.69 -19.14
N VAL F 216 1.95 48.77 -19.49
CA VAL F 216 2.14 47.34 -19.21
C VAL F 216 2.18 46.55 -20.51
N ARG F 217 3.30 45.88 -20.76
CA ARG F 217 3.43 45.02 -21.94
C ARG F 217 4.56 44.01 -21.71
N ASP F 218 4.43 42.80 -22.29
CA ASP F 218 5.47 41.78 -22.15
C ASP F 218 5.80 41.53 -20.69
N ALA F 219 4.77 41.61 -19.86
CA ALA F 219 4.88 41.40 -18.42
C ALA F 219 5.71 42.48 -17.71
N HIS F 220 5.98 43.59 -18.40
CA HIS F 220 6.72 44.69 -17.78
C HIS F 220 5.76 45.77 -17.34
N VAL F 221 5.95 46.32 -16.14
CA VAL F 221 5.16 47.48 -15.69
C VAL F 221 6.08 48.68 -15.56
N VAL F 222 5.83 49.69 -16.40
CA VAL F 222 6.65 50.89 -16.41
C VAL F 222 5.80 52.07 -15.96
N VAL F 223 6.24 52.77 -14.92
CA VAL F 223 5.50 53.91 -14.38
C VAL F 223 6.34 55.17 -14.53
N THR F 224 5.84 56.14 -15.28
CA THR F 224 6.60 57.35 -15.61
C THR F 224 5.79 58.61 -15.45
N PRO F 225 6.46 59.74 -15.17
CA PRO F 225 5.66 60.96 -15.09
C PRO F 225 5.11 61.34 -16.46
N LEU F 226 3.98 62.04 -16.49
CA LEU F 226 3.39 62.46 -17.75
C LEU F 226 4.09 63.69 -18.28
N LEU F 227 4.84 63.47 -19.35
CA LEU F 227 5.62 64.52 -19.95
C LEU F 227 4.68 65.47 -20.67
N GLU F 228 4.87 66.76 -20.47
CA GLU F 228 4.11 67.73 -21.21
C GLU F 228 4.85 68.09 -22.50
N HIS F 229 4.10 68.37 -23.57
CA HIS F 229 4.68 68.77 -24.84
C HIS F 229 4.02 70.08 -25.23
N HIS F 230 4.83 71.13 -25.33
CA HIS F 230 4.34 72.47 -25.62
C HIS F 230 4.79 72.94 -27.00
N ALA G 1 -40.12 55.43 -38.38
CA ALA G 1 -40.69 56.28 -37.35
C ALA G 1 -42.05 56.76 -37.76
N ARG G 2 -42.88 57.02 -36.77
CA ARG G 2 -44.17 57.65 -36.97
C ARG G 2 -44.34 58.67 -35.87
N HIS G 3 -44.96 59.80 -36.18
CA HIS G 3 -45.26 60.77 -35.15
C HIS G 3 -46.64 61.37 -35.31
N VAL G 4 -47.08 62.05 -34.26
CA VAL G 4 -48.40 62.65 -34.20
C VAL G 4 -48.30 63.88 -33.31
N ALA G 5 -49.09 64.92 -33.64
CA ALA G 5 -49.12 66.12 -32.82
C ALA G 5 -50.53 66.63 -32.70
N TRP G 6 -50.79 67.32 -31.60
CA TRP G 6 -52.09 67.92 -31.33
C TRP G 6 -51.93 69.37 -30.95
N LEU G 7 -52.82 70.21 -31.48
CA LEU G 7 -52.95 71.58 -31.02
C LEU G 7 -54.43 71.90 -30.93
N GLY G 8 -54.91 72.10 -29.71
CA GLY G 8 -56.31 72.45 -29.52
C GLY G 8 -56.72 72.41 -28.06
N ALA G 9 -58.01 72.14 -27.83
CA ALA G 9 -58.52 72.01 -26.48
C ALA G 9 -57.79 70.86 -25.77
N PRO G 10 -57.71 70.91 -24.44
CA PRO G 10 -56.92 69.88 -23.75
C PRO G 10 -57.37 68.47 -24.12
N ARG G 11 -56.37 67.65 -24.42
CA ARG G 11 -56.59 66.28 -24.85
C ARG G 11 -55.61 65.40 -24.09
N SER G 12 -56.02 64.22 -23.67
CA SER G 12 -55.10 63.35 -22.92
C SER G 12 -54.12 62.67 -23.85
N LEU G 13 -52.95 62.35 -23.34
CA LEU G 13 -51.95 61.67 -24.13
C LEU G 13 -52.52 60.32 -24.60
N ALA G 14 -53.26 59.65 -23.73
CA ALA G 14 -53.87 58.37 -24.08
C ALA G 14 -54.87 58.53 -25.23
N ASP G 15 -55.68 59.57 -25.16
CA ASP G 15 -56.68 59.79 -26.20
C ASP G 15 -56.05 60.00 -27.59
N LEU G 16 -54.87 60.61 -27.62
CA LEU G 16 -54.21 60.90 -28.88
C LEU G 16 -53.36 59.74 -29.39
N VAL G 17 -52.69 59.03 -28.48
CA VAL G 17 -51.62 58.11 -28.82
C VAL G 17 -52.05 56.64 -28.68
N LEU G 18 -52.81 56.33 -27.63
CA LEU G 18 -53.12 54.94 -27.31
C LEU G 18 -54.51 54.48 -27.75
N ASP G 19 -55.50 55.36 -27.64
CA ASP G 19 -56.90 54.95 -27.79
C ASP G 19 -57.41 54.83 -29.23
N PRO G 20 -56.88 55.62 -30.18
CA PRO G 20 -57.41 55.47 -31.54
C PRO G 20 -57.16 54.08 -32.12
N PRO G 21 -58.07 53.59 -32.96
CA PRO G 21 -57.97 52.22 -33.48
C PRO G 21 -56.74 51.98 -34.37
N GLN G 22 -56.17 53.03 -34.96
CA GLN G 22 -54.95 52.90 -35.77
C GLN G 22 -53.94 53.99 -35.39
N GLY G 23 -53.90 54.31 -34.10
CA GLY G 23 -53.04 55.36 -33.60
C GLY G 23 -51.63 54.89 -33.37
N LEU G 24 -50.86 55.71 -32.68
CA LEU G 24 -49.44 55.47 -32.52
C LEU G 24 -49.14 54.13 -31.83
N LEU G 25 -49.98 53.73 -30.88
CA LEU G 25 -49.83 52.43 -30.23
C LEU G 25 -49.84 51.32 -31.25
N VAL G 26 -50.85 51.34 -32.11
CA VAL G 26 -50.97 50.32 -33.13
C VAL G 26 -49.83 50.45 -34.15
N GLN G 27 -49.44 51.69 -34.46
CA GLN G 27 -48.36 51.92 -35.43
C GLN G 27 -47.00 51.42 -34.94
N SER G 28 -46.86 51.21 -33.65
CA SER G 28 -45.57 50.70 -33.14
C SER G 28 -45.33 49.28 -33.64
N TYR G 29 -46.38 48.51 -33.92
CA TYR G 29 -46.20 47.16 -34.41
C TYR G 29 -46.86 46.88 -35.76
N ALA G 30 -47.81 47.71 -36.16
CA ALA G 30 -48.51 47.48 -37.42
C ALA G 30 -48.90 48.81 -38.08
N PRO G 31 -47.89 49.56 -38.52
CA PRO G 31 -48.16 50.82 -39.25
C PRO G 31 -48.82 50.53 -40.59
N ARG G 32 -49.59 51.49 -41.12
CA ARG G 32 -50.34 51.27 -42.34
C ARG G 32 -49.74 51.95 -43.57
N ARG G 33 -48.96 53.01 -43.38
CA ARG G 33 -48.47 53.82 -44.51
C ARG G 33 -46.96 54.05 -44.46
N GLN G 34 -46.26 53.08 -43.92
CA GLN G 34 -44.84 53.22 -43.67
C GLN G 34 -44.03 52.48 -44.71
N LYS G 35 -43.31 53.22 -45.54
CA LYS G 35 -42.56 52.62 -46.62
C LYS G 35 -41.20 52.14 -46.12
N HIS G 36 -40.70 52.75 -45.05
CA HIS G 36 -39.37 52.44 -44.54
C HIS G 36 -39.42 51.88 -43.12
N GLY G 37 -38.99 50.62 -43.01
CA GLY G 37 -39.11 49.93 -41.75
C GLY G 37 -40.41 49.18 -41.66
N LEU G 38 -40.42 48.08 -40.92
CA LEU G 38 -41.62 47.27 -40.75
C LEU G 38 -42.49 47.73 -39.59
N MET G 39 -41.88 48.43 -38.65
CA MET G 39 -42.52 48.72 -37.37
C MET G 39 -41.79 49.88 -36.70
N ASN G 40 -42.17 50.17 -35.47
CA ASN G 40 -41.55 51.26 -34.73
C ASN G 40 -41.44 50.87 -33.26
N ALA G 41 -40.48 49.98 -32.99
CA ALA G 41 -40.36 49.28 -31.72
C ALA G 41 -39.07 49.61 -30.99
N ASP G 42 -38.35 50.62 -31.47
CA ASP G 42 -37.03 50.94 -30.93
C ASP G 42 -37.06 52.08 -29.91
N GLY G 43 -38.25 52.38 -29.41
CA GLY G 43 -38.43 53.43 -28.41
C GLY G 43 -39.64 54.28 -28.74
N TRP G 44 -39.93 55.21 -27.87
CA TRP G 44 -41.07 56.11 -28.08
C TRP G 44 -40.89 57.33 -27.19
N GLY G 45 -41.66 58.37 -27.45
CA GLY G 45 -41.64 59.53 -26.61
C GLY G 45 -42.93 60.30 -26.73
N ALA G 46 -43.30 60.99 -25.66
CA ALA G 46 -44.46 61.84 -25.65
C ALA G 46 -44.12 63.12 -24.92
N GLY G 47 -44.21 64.23 -25.65
CA GLY G 47 -43.96 65.53 -25.09
C GLY G 47 -45.22 66.36 -25.11
N PHE G 48 -45.34 67.25 -24.13
CA PHE G 48 -46.49 68.13 -24.06
C PHE G 48 -46.13 69.40 -23.33
N PHE G 49 -46.99 70.38 -23.44
CA PHE G 49 -46.80 71.64 -22.73
C PHE G 49 -47.81 71.74 -21.62
N ASP G 50 -47.35 72.07 -20.41
CA ASP G 50 -48.28 72.17 -19.28
C ASP G 50 -48.92 73.56 -19.26
N ASP G 51 -49.72 73.86 -18.23
CA ASP G 51 -50.47 75.12 -18.17
C ASP G 51 -49.58 76.36 -18.11
N ASP G 52 -48.34 76.21 -17.65
CA ASP G 52 -47.43 77.32 -17.58
C ASP G 52 -46.51 77.40 -18.80
N GLY G 53 -46.76 76.56 -19.79
CA GLY G 53 -45.99 76.59 -21.01
C GLY G 53 -44.67 75.83 -20.95
N VAL G 54 -44.48 75.03 -19.91
CA VAL G 54 -43.26 74.24 -19.79
C VAL G 54 -43.35 72.96 -20.62
N ALA G 55 -42.32 72.72 -21.43
CA ALA G 55 -42.24 71.52 -22.24
C ALA G 55 -41.80 70.38 -21.35
N ARG G 56 -42.60 69.31 -21.35
CA ARG G 56 -42.30 68.13 -20.54
C ARG G 56 -42.31 66.92 -21.42
N ARG G 57 -41.48 65.94 -21.08
CA ARG G 57 -41.29 64.78 -21.92
C ARG G 57 -41.14 63.48 -21.16
N TRP G 58 -41.81 62.46 -21.69
CA TRP G 58 -41.66 61.08 -21.25
C TRP G 58 -41.03 60.33 -22.41
N ARG G 59 -39.86 59.73 -22.21
CA ARG G 59 -39.18 59.02 -23.32
C ARG G 59 -38.74 57.65 -22.86
N SER G 60 -38.64 56.75 -23.84
CA SER G 60 -38.32 55.37 -23.56
C SER G 60 -37.53 54.74 -24.70
N ASP G 61 -36.74 53.71 -24.37
CA ASP G 61 -36.06 52.91 -25.38
C ASP G 61 -36.73 51.55 -25.65
N LYS G 62 -37.94 51.37 -25.13
CA LYS G 62 -38.69 50.14 -25.25
C LYS G 62 -39.83 50.31 -26.25
N PRO G 63 -40.39 49.20 -26.74
CA PRO G 63 -41.59 49.27 -27.57
C PRO G 63 -42.75 49.92 -26.82
N LEU G 64 -43.44 50.84 -27.47
CA LEU G 64 -44.56 51.54 -26.84
C LEU G 64 -45.63 50.58 -26.33
N TRP G 65 -45.91 49.53 -27.10
CA TRP G 65 -47.05 48.67 -26.78
C TRP G 65 -46.91 47.97 -25.42
N GLY G 66 -45.68 47.86 -24.92
CA GLY G 66 -45.41 47.12 -23.69
C GLY G 66 -45.23 47.97 -22.47
N ASP G 67 -45.36 49.29 -22.62
CA ASP G 67 -45.08 50.17 -21.49
C ASP G 67 -46.30 50.29 -20.58
N ALA G 68 -46.33 49.51 -19.51
CA ALA G 68 -47.50 49.45 -18.63
C ALA G 68 -47.69 50.76 -17.90
N SER G 69 -46.58 51.41 -17.56
CA SER G 69 -46.64 52.69 -16.86
C SER G 69 -47.30 53.75 -17.72
N PHE G 70 -46.93 53.85 -19.00
CA PHE G 70 -47.54 54.84 -19.87
C PHE G 70 -49.02 54.53 -20.09
N ALA G 71 -49.34 53.27 -20.25
CA ALA G 71 -50.73 52.89 -20.46
C ALA G 71 -51.60 53.28 -19.27
N SER G 72 -51.03 53.17 -18.07
CA SER G 72 -51.72 53.49 -16.84
C SER G 72 -51.86 54.99 -16.62
N VAL G 73 -50.79 55.72 -16.91
CA VAL G 73 -50.72 57.14 -16.54
C VAL G 73 -51.21 58.09 -17.63
N ALA G 74 -51.05 57.68 -18.90
CA ALA G 74 -51.32 58.57 -20.03
C ALA G 74 -52.71 59.20 -20.01
N PRO G 75 -53.75 58.48 -19.55
CA PRO G 75 -55.07 59.12 -19.53
C PRO G 75 -55.14 60.33 -18.58
N ALA G 76 -54.18 60.43 -17.65
CA ALA G 76 -54.19 61.49 -16.64
C ALA G 76 -53.33 62.68 -17.02
N LEU G 77 -52.70 62.61 -18.19
CA LEU G 77 -51.86 63.69 -18.69
C LEU G 77 -52.57 64.39 -19.86
N ARG G 78 -53.02 65.62 -19.64
CA ARG G 78 -53.79 66.37 -20.62
C ARG G 78 -53.06 67.62 -21.01
N SER G 79 -53.14 68.00 -22.28
CA SER G 79 -52.43 69.18 -22.75
C SER G 79 -53.09 69.77 -24.00
N ARG G 80 -52.92 71.07 -24.23
CA ARG G 80 -53.38 71.71 -25.45
C ARG G 80 -52.43 71.44 -26.62
N CYS G 81 -51.24 70.92 -26.32
CA CYS G 81 -50.20 70.80 -27.34
C CYS G 81 -49.27 69.61 -27.05
N VAL G 82 -49.28 68.64 -27.96
CA VAL G 82 -48.61 67.36 -27.76
C VAL G 82 -47.82 67.02 -29.01
N VAL G 83 -46.63 66.47 -28.83
CA VAL G 83 -45.90 65.83 -29.91
C VAL G 83 -45.42 64.48 -29.41
N ALA G 84 -45.81 63.41 -30.10
CA ALA G 84 -45.40 62.06 -29.69
C ALA G 84 -44.89 61.30 -30.88
N ALA G 85 -44.02 60.31 -30.63
CA ALA G 85 -43.42 59.53 -31.69
C ALA G 85 -43.11 58.12 -31.22
N VAL G 86 -43.06 57.21 -32.17
CA VAL G 86 -42.52 55.89 -31.95
C VAL G 86 -41.32 55.74 -32.90
N ARG G 87 -40.25 55.18 -32.36
CA ARG G 87 -38.99 55.15 -33.07
C ARG G 87 -38.75 53.85 -33.82
N SER G 88 -38.16 53.96 -35.02
CA SER G 88 -37.60 52.79 -35.70
CA SER G 88 -37.61 52.80 -35.70
C SER G 88 -36.16 53.10 -36.10
N ALA G 89 -35.26 52.16 -35.87
CA ALA G 89 -33.86 52.39 -36.10
C ALA G 89 -33.25 51.21 -36.82
N THR G 90 -32.34 51.46 -37.74
CA THR G 90 -31.67 50.35 -38.40
C THR G 90 -30.83 49.58 -37.36
N ILE G 91 -30.73 48.28 -37.57
CA ILE G 91 -30.06 47.38 -36.63
C ILE G 91 -28.61 47.84 -36.44
N GLY G 92 -28.23 48.06 -35.18
CA GLY G 92 -26.88 48.48 -34.86
C GLY G 92 -26.85 49.88 -34.29
N MET G 93 -27.86 50.67 -34.59
CA MET G 93 -27.93 52.03 -34.06
CA MET G 93 -27.93 52.04 -34.06
C MET G 93 -28.17 51.98 -32.56
N PRO G 94 -27.66 52.98 -31.82
CA PRO G 94 -27.86 52.96 -30.35
C PRO G 94 -29.31 53.05 -29.91
N ILE G 95 -29.65 52.21 -28.94
CA ILE G 95 -30.96 52.18 -28.36
C ILE G 95 -30.86 52.86 -26.99
N GLU G 96 -31.57 53.96 -26.85
CA GLU G 96 -31.46 54.78 -25.65
C GLU G 96 -32.55 55.82 -25.69
N PRO G 97 -33.13 56.17 -24.52
CA PRO G 97 -34.26 57.12 -24.55
C PRO G 97 -33.87 58.49 -25.12
N SER G 98 -32.62 58.88 -24.97
CA SER G 98 -32.17 60.17 -25.49
C SER G 98 -32.25 60.27 -27.02
N ALA G 99 -32.31 59.13 -27.69
CA ALA G 99 -32.38 59.06 -29.15
C ALA G 99 -33.82 59.02 -29.63
N SER G 100 -34.75 58.87 -28.70
CA SER G 100 -36.18 58.85 -29.05
C SER G 100 -36.73 60.27 -29.15
N ALA G 101 -37.45 60.56 -30.22
CA ALA G 101 -38.18 61.83 -30.30
C ALA G 101 -39.29 61.83 -29.27
N PRO G 102 -39.73 63.02 -28.80
CA PRO G 102 -39.27 64.32 -29.26
C PRO G 102 -38.03 64.86 -28.56
N PHE G 103 -37.23 65.56 -29.34
CA PHE G 103 -36.12 66.37 -28.85
C PHE G 103 -36.69 67.71 -28.41
N SER G 104 -35.92 68.46 -27.62
CA SER G 104 -36.40 69.73 -27.09
C SER G 104 -35.27 70.73 -26.92
N ASP G 105 -35.55 72.01 -27.18
CA ASP G 105 -34.62 73.06 -26.80
C ASP G 105 -35.21 73.90 -25.67
N GLY G 106 -36.28 73.41 -25.04
CA GLY G 106 -36.93 74.09 -23.95
C GLY G 106 -38.13 74.91 -24.41
N GLN G 107 -38.10 75.35 -25.67
CA GLN G 107 -39.22 76.12 -26.21
C GLN G 107 -40.00 75.28 -27.20
N TRP G 108 -39.28 74.51 -28.00
CA TRP G 108 -39.87 73.67 -29.05
C TRP G 108 -39.64 72.18 -28.79
N LEU G 109 -40.66 71.38 -29.02
CA LEU G 109 -40.54 69.92 -29.14
C LEU G 109 -40.39 69.57 -30.60
N LEU G 110 -39.61 68.54 -30.91
CA LEU G 110 -39.36 68.22 -32.31
C LEU G 110 -39.12 66.73 -32.53
N SER G 111 -39.82 66.21 -33.53
CA SER G 111 -39.66 64.83 -33.99
C SER G 111 -39.23 64.79 -35.46
N HIS G 112 -38.36 63.84 -35.78
CA HIS G 112 -37.91 63.58 -37.14
C HIS G 112 -38.21 62.16 -37.59
N ASN G 113 -38.90 62.03 -38.71
CA ASN G 113 -39.11 60.76 -39.38
C ASN G 113 -38.29 60.77 -40.65
N GLY G 114 -37.29 59.92 -40.72
CA GLY G 114 -36.47 59.81 -41.90
C GLY G 114 -35.04 59.42 -41.61
N LEU G 115 -34.14 59.94 -42.43
CA LEU G 115 -32.76 59.52 -42.44
C LEU G 115 -31.96 60.63 -43.03
N VAL G 116 -30.81 60.93 -42.45
CA VAL G 116 -29.93 61.93 -43.03
C VAL G 116 -28.48 61.58 -42.73
N ASP G 117 -27.63 61.81 -43.72
CA ASP G 117 -26.20 61.58 -43.59
C ASP G 117 -25.60 62.60 -42.62
N ARG G 118 -25.17 62.15 -41.44
CA ARG G 118 -24.61 63.07 -40.44
C ARG G 118 -23.37 63.76 -40.99
N GLY G 119 -22.73 63.16 -41.97
CA GLY G 119 -21.55 63.74 -42.59
C GLY G 119 -21.77 65.10 -43.26
N VAL G 120 -23.00 65.38 -43.67
CA VAL G 120 -23.29 66.66 -44.33
C VAL G 120 -23.83 67.69 -43.34
N LEU G 121 -24.07 67.29 -42.09
CA LEU G 121 -24.57 68.23 -41.11
C LEU G 121 -23.40 68.83 -40.32
N PRO G 122 -23.59 70.02 -39.75
CA PRO G 122 -22.53 70.56 -38.90
C PRO G 122 -22.30 69.73 -37.65
N LEU G 123 -21.05 69.71 -37.18
CA LEU G 123 -20.77 69.13 -35.86
C LEU G 123 -21.45 70.02 -34.85
N THR G 124 -21.79 69.46 -33.69
CA THR G 124 -22.46 70.23 -32.66
C THR G 124 -22.11 69.71 -31.28
N GLY G 125 -22.21 70.58 -30.29
CA GLY G 125 -22.04 70.19 -28.90
C GLY G 125 -23.38 70.19 -28.18
N ALA G 126 -24.47 70.40 -28.91
CA ALA G 126 -25.78 70.63 -28.32
C ALA G 126 -26.80 69.52 -28.58
N ALA G 127 -26.36 68.41 -29.15
CA ALA G 127 -27.29 67.32 -29.46
C ALA G 127 -27.59 66.49 -28.22
N GLU G 128 -28.77 65.88 -28.19
CA GLU G 128 -29.20 65.08 -27.05
C GLU G 128 -28.71 63.65 -27.13
N SER G 129 -28.30 63.26 -28.33
CA SER G 129 -27.86 61.90 -28.64
C SER G 129 -26.98 61.97 -29.86
N THR G 130 -26.40 60.85 -30.23
CA THR G 130 -25.52 60.79 -31.40
C THR G 130 -26.30 60.46 -32.67
N VAL G 131 -27.56 60.05 -32.55
CA VAL G 131 -28.28 59.61 -33.74
C VAL G 131 -28.55 60.75 -34.70
N ASP G 132 -28.69 60.42 -35.98
CA ASP G 132 -28.83 61.45 -37.02
C ASP G 132 -30.00 62.41 -36.70
N SER G 133 -31.12 61.92 -36.18
CA SER G 133 -32.25 62.79 -35.89
C SER G 133 -31.91 63.85 -34.86
N ALA G 134 -31.07 63.50 -33.90
CA ALA G 134 -30.66 64.43 -32.85
C ALA G 134 -29.71 65.51 -33.37
N ILE G 135 -28.81 65.11 -34.27
CA ILE G 135 -27.89 66.05 -34.89
C ILE G 135 -28.68 67.02 -35.77
N LEU G 136 -29.67 66.49 -36.49
CA LEU G 136 -30.54 67.31 -37.32
C LEU G 136 -31.38 68.23 -36.44
N ALA G 137 -31.90 67.72 -35.33
CA ALA G 137 -32.67 68.55 -34.42
C ALA G 137 -31.84 69.72 -33.90
N ALA G 138 -30.59 69.45 -33.57
CA ALA G 138 -29.71 70.49 -33.07
C ALA G 138 -29.55 71.61 -34.11
N LEU G 139 -29.36 71.21 -35.37
CA LEU G 139 -29.24 72.18 -36.46
C LEU G 139 -30.51 72.98 -36.58
N ILE G 140 -31.65 72.31 -36.60
CA ILE G 140 -32.93 73.02 -36.74
C ILE G 140 -33.16 74.04 -35.60
N PHE G 141 -32.91 73.63 -34.36
CA PHE G 141 -33.07 74.52 -33.22
C PHE G 141 -32.11 75.72 -33.33
N SER G 142 -30.89 75.46 -33.80
N SER G 142 -30.90 75.47 -33.81
CA SER G 142 -29.90 76.52 -33.90
CA SER G 142 -29.90 76.53 -33.91
C SER G 142 -30.31 77.58 -34.93
C SER G 142 -30.30 77.58 -34.94
N ARG G 143 -30.90 77.13 -36.05
CA ARG G 143 -31.37 78.05 -37.10
C ARG G 143 -32.66 78.74 -36.73
N GLY G 144 -33.42 78.15 -35.81
CA GLY G 144 -34.69 78.70 -35.40
C GLY G 144 -35.82 78.09 -36.19
N LEU G 145 -36.93 77.81 -35.53
CA LEU G 145 -38.04 77.14 -36.22
C LEU G 145 -38.71 78.04 -37.26
N ASP G 146 -38.52 79.36 -37.14
CA ASP G 146 -39.04 80.27 -38.16
C ASP G 146 -38.29 80.07 -39.49
N ALA G 147 -37.17 79.37 -39.43
CA ALA G 147 -36.38 79.05 -40.63
C ALA G 147 -36.46 77.58 -41.03
N LEU G 148 -37.41 76.84 -40.45
CA LEU G 148 -37.49 75.38 -40.65
C LEU G 148 -37.49 75.00 -42.11
N GLY G 149 -38.33 75.66 -42.90
CA GLY G 149 -38.48 75.31 -44.31
C GLY G 149 -37.17 75.48 -45.07
N ALA G 150 -36.48 76.58 -44.82
CA ALA G 150 -35.21 76.83 -45.49
C ALA G 150 -34.13 75.86 -45.03
N THR G 151 -34.14 75.53 -43.74
CA THR G 151 -33.18 74.59 -43.17
C THR G 151 -33.33 73.23 -43.83
N ILE G 152 -34.58 72.77 -43.95
CA ILE G 152 -34.83 71.46 -44.50
C ILE G 152 -34.47 71.43 -45.99
N ALA G 153 -34.81 72.49 -46.73
CA ALA G 153 -34.44 72.55 -48.15
C ALA G 153 -32.92 72.49 -48.30
N GLU G 154 -32.21 73.14 -47.39
CA GLU G 154 -30.76 73.18 -47.44
C GLU G 154 -30.19 71.77 -47.22
N VAL G 155 -30.65 71.09 -46.18
CA VAL G 155 -30.15 69.75 -45.86
C VAL G 155 -30.51 68.79 -46.99
N GLY G 156 -31.72 68.98 -47.53
CA GLY G 156 -32.18 68.13 -48.62
C GLY G 156 -31.33 68.26 -49.86
N GLU G 157 -30.68 69.40 -50.05
CA GLU G 157 -29.79 69.60 -51.19
C GLU G 157 -28.42 69.01 -50.89
N LEU G 158 -27.97 69.13 -49.64
CA LEU G 158 -26.71 68.53 -49.21
C LEU G 158 -26.75 67.01 -49.29
N ASP G 159 -27.89 66.41 -48.93
CA ASP G 159 -28.08 64.95 -48.98
C ASP G 159 -29.33 64.62 -49.78
N PRO G 160 -29.20 64.38 -51.09
CA PRO G 160 -30.37 64.14 -51.94
C PRO G 160 -31.10 62.84 -51.61
N ASN G 161 -30.51 62.00 -50.77
CA ASN G 161 -31.18 60.78 -50.31
C ASN G 161 -31.85 60.92 -48.95
N ALA G 162 -31.69 62.08 -48.32
CA ALA G 162 -32.26 62.31 -46.99
C ALA G 162 -33.79 62.33 -47.04
N ARG G 163 -34.41 61.82 -45.98
CA ARG G 163 -35.83 61.99 -45.77
C ARG G 163 -35.97 62.83 -44.49
N LEU G 164 -36.76 63.91 -44.57
CA LEU G 164 -36.68 64.97 -43.58
C LEU G 164 -38.08 65.42 -43.15
N ASN G 165 -38.89 64.47 -42.70
CA ASN G 165 -40.19 64.80 -42.13
C ASN G 165 -40.05 65.25 -40.70
N ILE G 166 -40.30 66.54 -40.48
CA ILE G 166 -40.24 67.15 -39.16
C ILE G 166 -41.66 67.41 -38.66
N LEU G 167 -41.86 67.24 -37.36
CA LEU G 167 -43.09 67.65 -36.69
C LEU G 167 -42.68 68.31 -35.39
N ALA G 168 -43.06 69.57 -35.21
CA ALA G 168 -42.58 70.34 -34.06
C ALA G 168 -43.69 71.22 -33.48
N ALA G 169 -43.54 71.60 -32.23
CA ALA G 169 -44.56 72.40 -31.57
C ALA G 169 -43.96 73.19 -30.40
N ASN G 170 -44.56 74.35 -30.10
CA ASN G 170 -44.06 75.22 -29.04
C ASN G 170 -45.10 75.57 -28.02
N GLY G 171 -46.22 74.88 -28.05
CA GLY G 171 -47.30 75.12 -27.09
C GLY G 171 -48.47 75.87 -27.70
N SER G 172 -48.23 76.66 -28.75
N SER G 172 -48.20 76.67 -28.74
CA SER G 172 -49.28 77.45 -29.38
CA SER G 172 -49.24 77.50 -29.38
C SER G 172 -49.34 77.28 -30.90
C SER G 172 -49.20 77.43 -30.91
N ARG G 173 -48.41 76.52 -31.45
CA ARG G 173 -48.39 76.31 -32.89
C ARG G 173 -47.68 75.01 -33.21
N LEU G 174 -48.06 74.44 -34.35
CA LEU G 174 -47.38 73.29 -34.92
C LEU G 174 -46.64 73.69 -36.19
N LEU G 175 -45.50 73.05 -36.42
CA LEU G 175 -44.78 73.16 -37.68
C LEU G 175 -44.41 71.76 -38.15
N ALA G 176 -44.51 71.53 -39.46
CA ALA G 176 -44.15 70.24 -40.00
C ALA G 176 -43.66 70.37 -41.41
N THR G 177 -42.82 69.43 -41.82
CA THR G 177 -42.40 69.37 -43.21
C THR G 177 -42.66 67.98 -43.74
N THR G 178 -43.00 67.92 -45.01
CA THR G 178 -42.97 66.68 -45.74
C THR G 178 -41.73 66.72 -46.64
N TRP G 179 -40.86 65.72 -46.51
CA TRP G 179 -39.69 65.61 -47.37
C TRP G 179 -39.32 64.14 -47.50
N GLY G 180 -40.11 63.41 -48.29
CA GLY G 180 -39.83 62.02 -48.57
C GLY G 180 -40.65 61.03 -47.75
N ASP G 181 -41.53 61.51 -46.88
CA ASP G 181 -42.38 60.58 -46.15
C ASP G 181 -43.75 61.21 -45.90
N THR G 182 -44.62 60.46 -45.24
CA THR G 182 -46.02 60.81 -45.22
C THR G 182 -46.42 61.76 -44.08
N LEU G 183 -47.46 62.55 -44.33
CA LEU G 183 -48.08 63.37 -43.29
C LEU G 183 -49.53 63.63 -43.68
N SER G 184 -50.42 63.55 -42.70
CA SER G 184 -51.84 63.84 -42.89
C SER G 184 -52.29 64.79 -41.81
N VAL G 185 -53.41 65.46 -42.08
CA VAL G 185 -53.99 66.43 -41.15
C VAL G 185 -55.47 66.13 -40.91
N LEU G 186 -55.90 66.29 -39.67
CA LEU G 186 -57.32 66.19 -39.32
C LEU G 186 -57.75 67.43 -38.56
N ARG G 187 -58.73 68.12 -39.11
CA ARG G 187 -59.29 69.29 -38.48
C ARG G 187 -60.55 68.89 -37.71
N ARG G 188 -60.47 68.95 -36.38
CA ARG G 188 -61.60 68.68 -35.51
C ARG G 188 -62.21 69.98 -35.04
N PRO G 189 -63.45 69.92 -34.49
CA PRO G 189 -64.05 71.16 -34.01
C PRO G 189 -63.23 71.84 -32.94
N ASP G 190 -62.43 71.07 -32.19
CA ASP G 190 -61.72 71.58 -31.03
C ASP G 190 -60.21 71.60 -31.21
N GLY G 191 -59.74 71.36 -32.43
CA GLY G 191 -58.31 71.42 -32.67
C GLY G 191 -57.86 70.69 -33.91
N VAL G 192 -56.54 70.59 -34.04
CA VAL G 192 -55.93 70.02 -35.24
C VAL G 192 -54.96 68.90 -34.89
N VAL G 193 -55.03 67.80 -35.63
CA VAL G 193 -54.03 66.73 -35.56
C VAL G 193 -53.17 66.75 -36.81
N LEU G 194 -51.86 66.65 -36.62
CA LEU G 194 -50.93 66.32 -37.70
C LEU G 194 -50.34 64.95 -37.36
N ALA G 195 -50.24 64.08 -38.36
CA ALA G 195 -49.75 62.72 -38.11
C ALA G 195 -49.09 62.12 -39.34
N SER G 196 -48.08 61.28 -39.10
CA SER G 196 -47.47 60.51 -40.17
C SER G 196 -48.54 59.75 -40.93
N GLU G 197 -49.52 59.21 -40.22
CA GLU G 197 -50.65 58.57 -40.86
C GLU G 197 -51.92 58.69 -40.01
N PRO G 198 -53.08 58.67 -40.68
CA PRO G 198 -54.36 58.79 -39.97
C PRO G 198 -54.53 57.75 -38.89
N TYR G 199 -55.04 58.16 -37.74
CA TYR G 199 -55.16 57.20 -36.64
C TYR G 199 -56.51 56.52 -36.61
N ASP G 200 -57.36 56.86 -37.57
CA ASP G 200 -58.62 56.17 -37.77
C ASP G 200 -59.08 56.46 -39.21
N ASP G 201 -60.35 56.24 -39.48
CA ASP G 201 -60.88 56.37 -40.83
C ASP G 201 -61.85 57.54 -40.94
N ASP G 202 -61.63 58.55 -40.09
CA ASP G 202 -62.39 59.79 -40.12
C ASP G 202 -62.32 60.37 -41.53
N PRO G 203 -63.47 60.71 -42.13
CA PRO G 203 -63.42 61.24 -43.49
C PRO G 203 -62.70 62.59 -43.58
N GLY G 204 -62.49 63.23 -42.44
CA GLY G 204 -61.83 64.52 -42.39
C GLY G 204 -60.33 64.46 -42.65
N TRP G 205 -59.73 63.28 -42.59
CA TRP G 205 -58.30 63.18 -42.85
C TRP G 205 -57.97 63.58 -44.28
N SER G 206 -56.94 64.40 -44.44
CA SER G 206 -56.43 64.73 -45.78
C SER G 206 -54.91 64.67 -45.76
N ASP G 207 -54.33 64.29 -46.90
CA ASP G 207 -52.89 64.10 -47.00
C ASP G 207 -52.19 65.37 -47.46
N ILE G 208 -51.02 65.61 -46.86
CA ILE G 208 -50.16 66.73 -47.23
C ILE G 208 -49.22 66.30 -48.37
N PRO G 209 -49.17 67.09 -49.46
CA PRO G 209 -48.27 66.66 -50.54
C PRO G 209 -46.80 66.76 -50.11
N ASP G 210 -45.93 66.02 -50.79
CA ASP G 210 -44.51 66.03 -50.44
C ASP G 210 -43.92 67.42 -50.68
N ARG G 211 -42.82 67.70 -49.98
CA ARG G 211 -42.04 68.93 -50.16
C ARG G 211 -42.85 70.19 -49.83
N HIS G 212 -43.56 70.13 -48.70
CA HIS G 212 -44.31 71.27 -48.19
C HIS G 212 -44.04 71.53 -46.71
N LEU G 213 -44.35 72.76 -46.29
CA LEU G 213 -44.33 73.15 -44.90
C LEU G 213 -45.77 73.28 -44.42
N VAL G 214 -46.06 72.80 -43.22
CA VAL G 214 -47.38 72.95 -42.62
C VAL G 214 -47.24 73.80 -41.37
N ASP G 215 -48.11 74.80 -41.24
CA ASP G 215 -48.05 75.78 -40.16
C ASP G 215 -49.44 75.84 -39.55
N VAL G 216 -49.54 75.46 -38.28
CA VAL G 216 -50.82 75.43 -37.58
C VAL G 216 -50.84 76.38 -36.40
N ARG G 217 -51.85 77.25 -36.40
CA ARG G 217 -52.13 78.17 -35.30
C ARG G 217 -53.63 78.37 -35.24
N ASP G 218 -54.18 78.54 -34.05
CA ASP G 218 -55.62 78.87 -33.97
C ASP G 218 -56.51 77.87 -34.70
N ALA G 219 -55.95 76.71 -35.04
CA ALA G 219 -56.63 75.69 -35.84
C ALA G 219 -56.69 76.19 -37.29
N HIS G 220 -55.92 77.24 -37.59
CA HIS G 220 -55.78 77.71 -38.96
C HIS G 220 -54.55 76.96 -39.44
N VAL G 221 -54.71 76.28 -40.57
CA VAL G 221 -53.67 75.46 -41.18
C VAL G 221 -53.21 76.03 -42.51
N VAL G 222 -51.95 76.44 -42.54
CA VAL G 222 -51.35 77.04 -43.74
C VAL G 222 -50.32 76.06 -44.28
N VAL G 223 -50.48 75.71 -45.55
CA VAL G 223 -49.61 74.76 -46.24
C VAL G 223 -48.91 75.49 -47.37
N THR G 224 -47.58 75.49 -47.36
CA THR G 224 -46.79 76.25 -48.34
C THR G 224 -45.70 75.36 -48.93
N PRO G 225 -45.29 75.63 -50.19
CA PRO G 225 -44.20 74.84 -50.78
C PRO G 225 -42.88 75.14 -50.12
N LEU G 226 -41.93 74.21 -50.23
CA LEU G 226 -40.55 74.46 -49.82
C LEU G 226 -39.77 74.95 -51.04
N LEU G 227 -38.54 75.42 -50.83
CA LEU G 227 -37.69 75.91 -51.92
C LEU G 227 -37.38 74.82 -52.95
N GLU G 228 -37.40 75.22 -54.21
CA GLU G 228 -37.06 74.36 -55.34
C GLU G 228 -35.55 74.36 -55.56
N HIS G 229 -35.04 73.30 -56.19
CA HIS G 229 -33.60 73.15 -56.40
C HIS G 229 -33.14 73.75 -57.71
N ALA H 1 29.25 -65.87 17.69
CA ALA H 1 29.52 -64.71 18.55
C ALA H 1 30.92 -64.22 18.30
N ARG H 2 31.13 -62.96 18.62
CA ARG H 2 32.46 -62.35 18.60
C ARG H 2 32.54 -61.53 19.87
N HIS H 3 33.74 -61.48 20.46
CA HIS H 3 33.91 -60.60 21.60
C HIS H 3 35.24 -59.86 21.57
N VAL H 4 35.35 -58.84 22.43
CA VAL H 4 36.53 -58.01 22.50
C VAL H 4 36.68 -57.55 23.94
N ALA H 5 37.93 -57.40 24.38
CA ALA H 5 38.19 -56.88 25.72
C ALA H 5 39.36 -55.93 25.67
N TRP H 6 39.39 -55.00 26.63
CA TRP H 6 40.45 -54.02 26.77
C TRP H 6 40.94 -53.99 28.19
N LEU H 7 42.25 -53.88 28.38
CA LEU H 7 42.81 -53.61 29.69
C LEU H 7 43.96 -52.64 29.53
N GLY H 8 43.81 -51.44 30.07
CA GLY H 8 44.89 -50.49 29.98
C GLY H 8 44.43 -49.11 30.39
N ALA H 9 45.04 -48.10 29.79
CA ALA H 9 44.62 -46.73 30.03
C ALA H 9 43.17 -46.57 29.59
N PRO H 10 42.45 -45.60 30.17
CA PRO H 10 41.03 -45.46 29.85
C PRO H 10 40.79 -45.33 28.36
N ARG H 11 39.81 -46.07 27.86
CA ARG H 11 39.46 -46.09 26.46
C ARG H 11 37.95 -46.04 26.36
N SER H 12 37.40 -45.34 25.36
CA SER H 12 35.94 -45.26 25.23
C SER H 12 35.40 -46.52 24.61
N LEU H 13 34.17 -46.86 24.97
CA LEU H 13 33.52 -48.02 24.40
C LEU H 13 33.43 -47.86 22.89
N ALA H 14 33.15 -46.64 22.43
CA ALA H 14 33.05 -46.39 20.99
C ALA H 14 34.39 -46.66 20.30
N ASP H 15 35.47 -46.18 20.92
CA ASP H 15 36.80 -46.35 20.31
C ASP H 15 37.18 -47.83 20.13
N LEU H 16 36.75 -48.67 21.07
CA LEU H 16 37.06 -50.10 21.05
C LEU H 16 36.10 -50.91 20.17
N VAL H 17 34.83 -50.53 20.19
CA VAL H 17 33.77 -51.37 19.64
C VAL H 17 33.19 -50.86 18.31
N LEU H 18 32.99 -49.54 18.21
CA LEU H 18 32.27 -48.99 17.09
C LEU H 18 33.17 -48.40 16.02
N ASP H 19 34.26 -47.75 16.42
CA ASP H 19 35.07 -46.94 15.51
C ASP H 19 36.07 -47.71 14.66
N PRO H 20 36.63 -48.83 15.16
CA PRO H 20 37.58 -49.53 14.30
C PRO H 20 36.94 -50.01 13.00
N PRO H 21 37.73 -50.06 11.91
CA PRO H 21 37.18 -50.37 10.59
C PRO H 21 36.67 -51.81 10.45
N GLN H 22 37.15 -52.72 11.30
CA GLN H 22 36.67 -54.10 11.27
C GLN H 22 36.38 -54.57 12.67
N GLY H 23 35.89 -53.66 13.51
CA GLY H 23 35.58 -53.97 14.89
C GLY H 23 34.23 -54.64 15.11
N LEU H 24 33.82 -54.69 16.37
CA LEU H 24 32.63 -55.44 16.73
C LEU H 24 31.38 -54.97 16.01
N LEU H 25 31.23 -53.66 15.80
CA LEU H 25 30.12 -53.15 15.01
C LEU H 25 30.09 -53.80 13.62
N VAL H 26 31.22 -53.83 12.95
CA VAL H 26 31.29 -54.40 11.60
C VAL H 26 31.08 -55.93 11.68
N GLN H 27 31.61 -56.55 12.73
CA GLN H 27 31.50 -57.99 12.90
C GLN H 27 30.06 -58.45 13.15
N SER H 28 29.20 -57.52 13.59
CA SER H 28 27.82 -57.90 13.81
C SER H 28 27.14 -58.26 12.49
N TYR H 29 27.61 -57.72 11.36
CA TYR H 29 27.02 -58.06 10.05
C TYR H 29 28.03 -58.62 9.05
N ALA H 30 29.32 -58.42 9.29
CA ALA H 30 30.33 -58.90 8.35
C ALA H 30 31.64 -59.31 9.05
N PRO H 31 31.56 -60.36 9.87
CA PRO H 31 32.78 -60.88 10.49
C PRO H 31 33.73 -61.47 9.46
N ARG H 32 35.03 -61.48 9.78
CA ARG H 32 36.05 -61.90 8.84
C ARG H 32 36.61 -63.28 9.10
N ARG H 33 36.52 -63.75 10.35
CA ARG H 33 37.15 -65.00 10.75
C ARG H 33 36.22 -65.92 11.50
N GLN H 34 34.95 -65.89 11.13
CA GLN H 34 33.92 -66.64 11.83
C GLN H 34 33.45 -67.86 11.04
N LYS H 35 33.74 -69.05 11.58
CA LYS H 35 33.36 -70.27 10.89
C LYS H 35 31.94 -70.71 11.23
N HIS H 36 31.43 -70.29 12.38
CA HIS H 36 30.11 -70.72 12.82
C HIS H 36 29.17 -69.54 12.92
N GLY H 37 28.15 -69.57 12.07
CA GLY H 37 27.25 -68.44 11.93
C GLY H 37 27.76 -67.49 10.87
N LEU H 38 26.83 -66.81 10.21
CA LEU H 38 27.12 -65.83 9.18
C LEU H 38 27.35 -64.42 9.72
N MET H 39 26.82 -64.19 10.92
CA MET H 39 26.74 -62.84 11.46
C MET H 39 26.54 -62.94 12.97
N ASN H 40 26.33 -61.79 13.61
CA ASN H 40 26.11 -61.72 15.05
C ASN H 40 25.09 -60.65 15.31
N ALA H 41 23.85 -60.98 15.00
CA ALA H 41 22.78 -60.02 14.95
C ALA H 41 21.72 -60.32 16.02
N ASP H 42 22.01 -61.24 16.93
CA ASP H 42 20.99 -61.68 17.90
C ASP H 42 21.07 -61.01 19.26
N GLY H 43 21.77 -59.89 19.30
CA GLY H 43 21.95 -59.13 20.53
C GLY H 43 23.39 -58.68 20.66
N TRP H 44 23.67 -57.91 21.71
CA TRP H 44 25.00 -57.42 21.99
C TRP H 44 25.06 -57.01 23.44
N GLY H 45 26.27 -56.81 23.93
CA GLY H 45 26.48 -56.28 25.27
C GLY H 45 27.83 -55.61 25.38
N ALA H 46 27.90 -54.62 26.27
CA ALA H 46 29.16 -53.97 26.58
C ALA H 46 29.23 -53.82 28.10
N GLY H 47 30.25 -54.41 28.71
CA GLY H 47 30.48 -54.30 30.13
C GLY H 47 31.77 -53.57 30.38
N PHE H 48 31.83 -52.83 31.48
CA PHE H 48 33.03 -52.11 31.81
C PHE H 48 33.11 -51.88 33.30
N PHE H 49 34.30 -51.52 33.80
CA PHE H 49 34.45 -51.23 35.20
C PHE H 49 34.59 -49.73 35.35
N ASP H 50 33.75 -49.15 36.18
CA ASP H 50 33.79 -47.69 36.31
C ASP H 50 34.85 -47.30 37.33
N ASP H 51 34.94 -46.00 37.61
CA ASP H 51 36.00 -45.50 38.48
C ASP H 51 35.93 -46.05 39.90
N ASP H 52 34.75 -46.50 40.30
CA ASP H 52 34.54 -46.99 41.66
C ASP H 52 34.70 -48.52 41.72
N GLY H 53 35.10 -49.11 40.61
CA GLY H 53 35.35 -50.54 40.53
C GLY H 53 34.08 -51.37 40.33
N VAL H 54 32.96 -50.72 40.09
CA VAL H 54 31.70 -51.43 39.84
C VAL H 54 31.60 -51.91 38.39
N ALA H 55 31.21 -53.18 38.23
CA ALA H 55 30.98 -53.74 36.91
C ALA H 55 29.62 -53.26 36.42
N ARG H 56 29.61 -52.61 35.27
CA ARG H 56 28.38 -52.09 34.72
C ARG H 56 28.21 -52.64 33.32
N ARG H 57 26.95 -52.85 32.93
CA ARG H 57 26.65 -53.48 31.67
C ARG H 57 25.47 -52.87 30.94
N TRP H 58 25.65 -52.72 29.65
CA TRP H 58 24.58 -52.35 28.73
C TRP H 58 24.37 -53.56 27.83
N ARG H 59 23.17 -54.09 27.82
CA ARG H 59 22.87 -55.28 27.03
C ARG H 59 21.61 -55.07 26.22
N SER H 60 21.55 -55.81 25.12
CA SER H 60 20.48 -55.64 24.17
C SER H 60 20.19 -56.96 23.46
N ASP H 61 18.95 -57.10 23.01
CA ASP H 61 18.58 -58.25 22.18
C ASP H 61 18.46 -57.89 20.70
N LYS H 62 18.93 -56.72 20.32
CA LYS H 62 18.85 -56.25 18.93
C LYS H 62 20.23 -56.22 18.27
N PRO H 63 20.24 -56.12 16.93
CA PRO H 63 21.54 -56.00 16.24
C PRO H 63 22.29 -54.75 16.67
N LEU H 64 23.57 -54.90 16.96
CA LEU H 64 24.36 -53.77 17.41
C LEU H 64 24.32 -52.59 16.44
N TRP H 65 24.31 -52.89 15.13
CA TRP H 65 24.44 -51.82 14.14
C TRP H 65 23.30 -50.82 14.16
N GLY H 66 22.15 -51.21 14.69
CA GLY H 66 20.97 -50.35 14.67
C GLY H 66 20.72 -49.61 15.96
N ASP H 67 21.58 -49.80 16.95
CA ASP H 67 21.31 -49.21 18.25
C ASP H 67 21.81 -47.77 18.28
N ALA H 68 20.89 -46.86 18.02
CA ALA H 68 21.21 -45.44 17.93
C ALA H 68 21.63 -44.87 19.27
N SER H 69 21.04 -45.39 20.34
CA SER H 69 21.41 -44.93 21.68
C SER H 69 22.88 -45.24 22.00
N PHE H 70 23.30 -46.48 21.73
CA PHE H 70 24.68 -46.86 22.02
C PHE H 70 25.63 -46.09 21.12
N ALA H 71 25.27 -45.90 19.85
CA ALA H 71 26.11 -45.12 18.94
C ALA H 71 26.32 -43.70 19.47
N SER H 72 25.30 -43.15 20.12
CA SER H 72 25.36 -41.78 20.64
C SER H 72 26.13 -41.68 21.95
N VAL H 73 25.93 -42.66 22.84
CA VAL H 73 26.43 -42.57 24.20
C VAL H 73 27.81 -43.21 24.40
N ALA H 74 28.12 -44.23 23.61
CA ALA H 74 29.35 -44.99 23.80
C ALA H 74 30.61 -44.15 23.84
N PRO H 75 30.68 -43.06 23.06
CA PRO H 75 31.90 -42.25 23.13
C PRO H 75 32.12 -41.62 24.50
N ALA H 76 31.08 -41.53 25.31
CA ALA H 76 31.16 -40.84 26.61
C ALA H 76 31.43 -41.81 27.76
N LEU H 77 31.52 -43.10 27.44
CA LEU H 77 31.76 -44.12 28.44
C LEU H 77 33.19 -44.60 28.29
N ARG H 78 34.03 -44.27 29.26
CA ARG H 78 35.43 -44.62 29.18
C ARG H 78 35.80 -45.51 30.36
N SER H 79 36.66 -46.48 30.11
CA SER H 79 37.03 -47.43 31.15
C SER H 79 38.39 -48.01 30.92
N ARG H 80 39.05 -48.42 32.02
CA ARG H 80 40.31 -49.14 31.94
C ARG H 80 40.12 -50.59 31.57
N CYS H 81 38.88 -51.08 31.63
CA CYS H 81 38.65 -52.51 31.50
C CYS H 81 37.26 -52.77 30.95
N VAL H 82 37.21 -53.35 29.76
CA VAL H 82 35.97 -53.51 29.02
C VAL H 82 35.86 -54.94 28.48
N VAL H 83 34.67 -55.51 28.53
CA VAL H 83 34.36 -56.72 27.79
C VAL H 83 33.06 -56.50 27.04
N ALA H 84 33.12 -56.66 25.72
CA ALA H 84 31.94 -56.47 24.87
C ALA H 84 31.76 -57.63 23.91
N ALA H 85 30.51 -57.87 23.49
CA ALA H 85 30.23 -59.00 22.61
C ALA H 85 29.05 -58.70 21.72
N VAL H 86 29.03 -59.38 20.57
CA VAL H 86 27.85 -59.46 19.73
C VAL H 86 27.43 -60.93 19.65
N ARG H 87 26.14 -61.17 19.78
CA ARG H 87 25.59 -62.52 19.92
C ARG H 87 25.14 -63.12 18.59
N SER H 88 25.40 -64.40 18.40
CA SER H 88 24.75 -65.15 17.35
CA SER H 88 24.76 -65.16 17.35
C SER H 88 24.11 -66.39 17.97
N ALA H 89 22.89 -66.72 17.55
CA ALA H 89 22.16 -67.85 18.11
C ALA H 89 21.49 -68.65 17.00
N THR H 90 21.46 -69.96 17.16
CA THR H 90 20.71 -70.78 16.20
C THR H 90 19.22 -70.41 16.28
N ILE H 91 18.57 -70.50 15.13
CA ILE H 91 17.19 -70.10 14.97
C ILE H 91 16.34 -70.92 15.94
N GLY H 92 15.57 -70.22 16.77
CA GLY H 92 14.69 -70.85 17.72
C GLY H 92 15.09 -70.60 19.15
N MET H 93 16.36 -70.26 19.35
CA MET H 93 16.86 -69.94 20.68
CA MET H 93 16.82 -69.97 20.69
C MET H 93 16.22 -68.65 21.15
N PRO H 94 16.01 -68.51 22.46
CA PRO H 94 15.39 -67.26 22.96
C PRO H 94 16.23 -66.04 22.70
N ILE H 95 15.54 -64.99 22.29
CA ILE H 95 16.12 -63.67 22.03
C ILE H 95 15.74 -62.78 23.21
N GLU H 96 16.74 -62.31 23.95
CA GLU H 96 16.51 -61.55 25.18
C GLU H 96 17.85 -60.99 25.66
N PRO H 97 17.82 -59.77 26.22
CA PRO H 97 19.11 -59.17 26.64
C PRO H 97 19.85 -59.99 27.71
N SER H 98 19.12 -60.71 28.54
CA SER H 98 19.73 -61.50 29.60
C SER H 98 20.61 -62.61 29.05
N ALA H 99 20.37 -62.97 27.79
CA ALA H 99 21.13 -64.03 27.11
C ALA H 99 22.35 -63.52 26.35
N SER H 100 22.47 -62.19 26.25
CA SER H 100 23.60 -61.57 25.60
C SER H 100 24.76 -61.44 26.57
N ALA H 101 25.96 -61.83 26.13
CA ALA H 101 27.17 -61.54 26.89
C ALA H 101 27.40 -60.03 26.92
N PRO H 102 28.10 -59.54 27.96
CA PRO H 102 28.71 -60.30 29.04
C PRO H 102 27.78 -60.60 30.20
N PHE H 103 27.98 -61.79 30.78
CA PHE H 103 27.38 -62.19 32.04
C PHE H 103 28.24 -61.64 33.16
N SER H 104 27.71 -61.63 34.39
CA SER H 104 28.43 -61.05 35.50
C SER H 104 28.11 -61.75 36.81
N ASP H 105 29.10 -61.88 37.67
CA ASP H 105 28.84 -62.30 39.06
C ASP H 105 29.10 -61.13 40.02
N GLY H 106 29.23 -59.93 39.45
CA GLY H 106 29.47 -58.73 40.23
C GLY H 106 30.94 -58.37 40.32
N GLN H 107 31.80 -59.38 40.21
CA GLN H 107 33.24 -59.17 40.28
C GLN H 107 33.86 -59.34 38.89
N TRP H 108 33.36 -60.33 38.16
CA TRP H 108 33.83 -60.68 36.82
C TRP H 108 32.78 -60.48 35.75
N LEU H 109 33.20 -59.95 34.61
CA LEU H 109 32.43 -59.96 33.37
C LEU H 109 32.86 -61.16 32.54
N LEU H 110 31.93 -61.80 31.84
CA LEU H 110 32.29 -63.00 31.09
C LEU H 110 31.49 -63.16 29.80
N SER H 111 32.19 -63.42 28.70
CA SER H 111 31.57 -63.71 27.42
C SER H 111 31.99 -65.11 26.95
N HIS H 112 31.05 -65.82 26.33
CA HIS H 112 31.33 -67.13 25.71
C HIS H 112 30.99 -67.12 24.23
N ASN H 113 31.98 -67.52 23.42
CA ASN H 113 31.81 -67.76 21.99
C ASN H 113 31.91 -69.25 21.78
N GLY H 114 30.79 -69.85 21.42
CA GLY H 114 30.78 -71.27 21.13
C GLY H 114 29.46 -71.95 21.46
N LEU H 115 29.55 -73.20 21.85
CA LEU H 115 28.38 -74.03 21.97
C LEU H 115 28.71 -75.12 22.96
N VAL H 116 27.79 -75.43 23.88
CA VAL H 116 28.02 -76.52 24.81
C VAL H 116 26.70 -77.18 25.14
N ASP H 117 26.73 -78.49 25.26
CA ASP H 117 25.55 -79.27 25.62
C ASP H 117 25.16 -79.04 27.06
N ARG H 118 24.04 -78.36 27.30
CA ARG H 118 23.64 -78.06 28.67
C ARG H 118 23.44 -79.33 29.48
N GLY H 119 23.18 -80.44 28.78
CA GLY H 119 22.98 -81.71 29.46
C GLY H 119 24.17 -82.21 30.26
N VAL H 120 25.37 -81.75 29.93
CA VAL H 120 26.57 -82.20 30.65
C VAL H 120 26.93 -81.23 31.76
N LEU H 121 26.21 -80.09 31.84
CA LEU H 121 26.49 -79.09 32.87
C LEU H 121 25.56 -79.25 34.05
N PRO H 122 26.00 -78.87 35.25
CA PRO H 122 25.11 -78.98 36.40
C PRO H 122 23.92 -78.04 36.31
N LEU H 123 22.80 -78.45 36.91
CA LEU H 123 21.69 -77.55 37.06
C LEU H 123 22.11 -76.43 37.98
N THR H 124 21.51 -75.27 37.79
CA THR H 124 21.87 -74.12 38.59
C THR H 124 20.65 -73.21 38.76
N GLY H 125 20.65 -72.48 39.86
CA GLY H 125 19.63 -71.47 40.09
C GLY H 125 20.19 -70.08 39.93
N ALA H 126 21.44 -69.99 39.51
CA ALA H 126 22.16 -68.72 39.51
C ALA H 126 22.47 -68.18 38.10
N ALA H 127 21.93 -68.81 37.06
CA ALA H 127 22.20 -68.34 35.69
C ALA H 127 21.33 -67.14 35.37
N GLU H 128 21.81 -66.29 34.45
CA GLU H 128 21.10 -65.07 34.08
C GLU H 128 20.04 -65.32 33.02
N SER H 129 20.15 -66.47 32.36
CA SER H 129 19.26 -66.83 31.27
C SER H 129 19.29 -68.35 31.16
N THR H 130 18.48 -68.91 30.26
CA THR H 130 18.46 -70.35 30.06
C THR H 130 19.43 -70.86 29.00
N VAL H 131 20.01 -69.94 28.23
CA VAL H 131 20.85 -70.33 27.12
C VAL H 131 22.16 -70.96 27.58
N ASP H 132 22.75 -71.78 26.72
CA ASP H 132 23.89 -72.57 27.13
C ASP H 132 25.02 -71.72 27.68
N SER H 133 25.30 -70.58 27.06
CA SER H 133 26.40 -69.72 27.53
C SER H 133 26.17 -69.24 28.95
N ALA H 134 24.91 -68.98 29.31
CA ALA H 134 24.61 -68.51 30.65
C ALA H 134 24.79 -69.61 31.70
N ILE H 135 24.42 -70.84 31.35
CA ILE H 135 24.62 -71.99 32.22
C ILE H 135 26.10 -72.26 32.40
N LEU H 136 26.86 -72.14 31.31
CA LEU H 136 28.31 -72.33 31.38
C LEU H 136 28.94 -71.22 32.22
N ALA H 137 28.49 -69.98 32.04
CA ALA H 137 29.02 -68.88 32.83
C ALA H 137 28.82 -69.15 34.31
N ALA H 138 27.64 -69.65 34.65
CA ALA H 138 27.34 -69.94 36.04
C ALA H 138 28.33 -70.95 36.62
N LEU H 139 28.62 -72.00 35.85
CA LEU H 139 29.58 -72.99 36.27
C LEU H 139 30.96 -72.37 36.45
N ILE H 140 31.39 -71.58 35.46
CA ILE H 140 32.70 -70.94 35.54
C ILE H 140 32.79 -70.04 36.75
N PHE H 141 31.77 -69.22 36.99
CA PHE H 141 31.79 -68.34 38.16
C PHE H 141 31.87 -69.14 39.45
N SER H 142 31.15 -70.27 39.47
CA SER H 142 31.06 -71.11 40.66
C SER H 142 32.41 -71.73 41.02
N ARG H 143 33.12 -72.17 39.98
CA ARG H 143 34.43 -72.77 40.18
C ARG H 143 35.47 -71.71 40.49
N GLY H 144 35.21 -70.46 40.10
CA GLY H 144 36.15 -69.36 40.27
C GLY H 144 37.01 -69.15 39.03
N LEU H 145 37.26 -67.90 38.68
CA LEU H 145 38.02 -67.62 37.45
C LEU H 145 39.48 -68.01 37.52
N ASP H 146 40.03 -68.14 38.73
CA ASP H 146 41.40 -68.63 38.85
C ASP H 146 41.50 -70.06 38.37
N ALA H 147 40.36 -70.72 38.26
CA ALA H 147 40.33 -72.11 37.80
C ALA H 147 39.78 -72.20 36.38
N LEU H 148 39.74 -71.08 35.67
CA LEU H 148 39.14 -71.07 34.34
C LEU H 148 39.72 -72.17 33.43
N GLY H 149 41.06 -72.26 33.37
CA GLY H 149 41.70 -73.22 32.50
C GLY H 149 41.28 -74.64 32.81
N ALA H 150 41.20 -74.93 34.11
CA ALA H 150 40.81 -76.27 34.53
C ALA H 150 39.37 -76.54 34.18
N THR H 151 38.51 -75.55 34.38
CA THR H 151 37.08 -75.69 34.08
C THR H 151 36.83 -75.95 32.62
N ILE H 152 37.52 -75.19 31.76
CA ILE H 152 37.31 -75.35 30.32
C ILE H 152 37.87 -76.69 29.83
N ALA H 153 39.04 -77.09 30.34
CA ALA H 153 39.61 -78.39 29.98
C ALA H 153 38.65 -79.50 30.38
N GLU H 154 38.02 -79.35 31.53
CA GLU H 154 37.06 -80.34 31.98
C GLU H 154 35.81 -80.37 31.10
N VAL H 155 35.20 -79.21 30.88
CA VAL H 155 33.96 -79.15 30.11
C VAL H 155 34.23 -79.63 28.69
N GLY H 156 35.42 -79.33 28.15
CA GLY H 156 35.78 -79.79 26.82
C GLY H 156 35.84 -81.29 26.67
N GLU H 157 36.05 -81.98 27.79
CA GLU H 157 36.03 -83.44 27.79
C GLU H 157 34.63 -83.97 28.03
N LEU H 158 33.85 -83.25 28.84
CA LEU H 158 32.47 -83.63 29.13
C LEU H 158 31.63 -83.60 27.84
N ASP H 159 31.89 -82.59 27.01
CA ASP H 159 31.24 -82.42 25.73
C ASP H 159 32.32 -82.28 24.66
N PRO H 160 32.70 -83.40 24.05
CA PRO H 160 33.78 -83.36 23.07
C PRO H 160 33.45 -82.54 21.84
N ASN H 161 32.20 -82.13 21.69
CA ASN H 161 31.80 -81.29 20.56
C ASN H 161 31.74 -79.82 20.92
N ALA H 162 31.97 -79.49 22.19
CA ALA H 162 31.85 -78.10 22.64
C ALA H 162 32.91 -77.17 22.08
N ARG H 163 32.50 -75.93 21.86
CA ARG H 163 33.44 -74.86 21.58
C ARG H 163 33.32 -73.89 22.76
N LEU H 164 34.45 -73.53 23.34
CA LEU H 164 34.49 -72.93 24.66
C LEU H 164 35.45 -71.74 24.71
N ASN H 165 35.25 -70.76 23.83
CA ASN H 165 36.06 -69.54 23.87
C ASN H 165 35.51 -68.58 24.90
N ILE H 166 36.27 -68.37 25.98
CA ILE H 166 35.85 -67.50 27.07
C ILE H 166 36.67 -66.23 27.01
N LEU H 167 36.04 -65.10 27.33
CA LEU H 167 36.74 -63.85 27.51
C LEU H 167 36.12 -63.18 28.75
N ALA H 168 36.96 -62.94 29.74
CA ALA H 168 36.50 -62.46 31.05
C ALA H 168 37.42 -61.38 31.60
N ALA H 169 36.88 -60.56 32.49
CA ALA H 169 37.67 -59.48 33.07
C ALA H 169 37.11 -59.05 34.44
N ASN H 170 37.99 -58.55 35.31
CA ASN H 170 37.62 -58.15 36.69
C ASN H 170 38.05 -56.73 37.06
N GLY H 171 38.44 -55.97 36.05
CA GLY H 171 38.84 -54.59 36.23
C GLY H 171 40.34 -54.39 36.16
N SER H 172 41.11 -55.43 36.47
CA SER H 172 42.57 -55.33 36.54
CA SER H 172 42.57 -55.32 36.53
C SER H 172 43.24 -56.52 35.88
N ARG H 173 42.43 -57.40 35.29
CA ARG H 173 42.93 -58.62 34.68
C ARG H 173 41.98 -59.09 33.59
N LEU H 174 42.54 -59.65 32.52
CA LEU H 174 41.77 -60.37 31.52
C LEU H 174 42.13 -61.83 31.57
N LEU H 175 41.14 -62.68 31.35
CA LEU H 175 41.37 -64.12 31.18
C LEU H 175 40.61 -64.54 29.95
N ALA H 176 41.20 -65.44 29.17
CA ALA H 176 40.52 -65.95 27.98
C ALA H 176 40.96 -67.37 27.67
N THR H 177 40.10 -68.10 26.96
CA THR H 177 40.48 -69.41 26.46
C THR H 177 40.18 -69.52 25.00
N THR H 178 41.02 -70.26 24.30
CA THR H 178 40.71 -70.75 22.99
C THR H 178 40.33 -72.22 23.09
N TRP H 179 39.16 -72.55 22.59
CA TRP H 179 38.73 -73.95 22.54
C TRP H 179 37.76 -74.13 21.39
N GLY H 180 38.31 -74.13 20.17
CA GLY H 180 37.52 -74.40 18.97
C GLY H 180 37.13 -73.16 18.20
N ASP H 181 37.55 -71.99 18.66
CA ASP H 181 37.31 -70.76 17.89
C ASP H 181 38.45 -69.76 18.08
N THR H 182 38.33 -68.63 17.40
CA THR H 182 39.49 -67.75 17.22
C THR H 182 39.70 -66.75 18.34
N LEU H 183 40.96 -66.37 18.55
CA LEU H 183 41.29 -65.27 19.43
C LEU H 183 42.63 -64.67 19.00
N SER H 184 42.69 -63.35 19.03
CA SER H 184 43.92 -62.60 18.72
C SER H 184 44.20 -61.58 19.81
N VAL H 185 45.46 -61.15 19.88
CA VAL H 185 45.90 -60.16 20.86
C VAL H 185 46.59 -58.99 20.19
N LEU H 186 46.35 -57.78 20.68
CA LEU H 186 47.09 -56.60 20.23
C LEU H 186 47.67 -55.90 21.44
N ARG H 187 48.99 -55.79 21.48
CA ARG H 187 49.63 -55.03 22.56
C ARG H 187 49.94 -53.63 22.08
N ARG H 188 49.29 -52.66 22.72
CA ARG H 188 49.57 -51.25 22.49
C ARG H 188 50.43 -50.68 23.61
N PRO H 189 51.04 -49.52 23.37
CA PRO H 189 51.80 -48.90 24.47
C PRO H 189 50.93 -48.61 25.68
N ASP H 190 49.62 -48.42 25.50
CA ASP H 190 48.75 -48.00 26.61
C ASP H 190 47.79 -49.08 27.08
N GLY H 191 47.92 -50.30 26.55
CA GLY H 191 47.09 -51.39 27.01
C GLY H 191 47.03 -52.56 26.06
N VAL H 192 46.16 -53.52 26.38
CA VAL H 192 46.09 -54.77 25.63
C VAL H 192 44.66 -55.01 25.19
N VAL H 193 44.51 -55.39 23.93
CA VAL H 193 43.25 -55.87 23.39
C VAL H 193 43.30 -57.38 23.21
N LEU H 194 42.24 -58.06 23.65
CA LEU H 194 41.98 -59.45 23.24
C LEU H 194 40.70 -59.42 22.42
N ALA H 195 40.67 -60.14 21.31
CA ALA H 195 39.49 -60.14 20.44
C ALA H 195 39.34 -61.43 19.64
N SER H 196 38.09 -61.81 19.41
CA SER H 196 37.81 -62.94 18.53
C SER H 196 38.52 -62.80 17.20
N GLU H 197 38.53 -61.58 16.68
CA GLU H 197 39.29 -61.30 15.47
C GLU H 197 39.79 -59.85 15.48
N PRO H 198 40.92 -59.58 14.80
CA PRO H 198 41.50 -58.23 14.76
C PRO H 198 40.50 -57.21 14.26
N TYR H 199 40.45 -56.03 14.88
CA TYR H 199 39.47 -55.02 14.49
C TYR H 199 40.01 -54.05 13.44
N ASP H 200 41.21 -54.32 12.99
CA ASP H 200 41.80 -53.61 11.87
C ASP H 200 42.93 -54.47 11.32
N ASP H 201 43.83 -53.86 10.55
CA ASP H 201 44.88 -54.62 9.89
C ASP H 201 46.26 -54.27 10.45
N ASP H 202 46.28 -53.80 11.70
CA ASP H 202 47.50 -53.49 12.43
C ASP H 202 48.45 -54.70 12.40
N PRO H 203 49.72 -54.48 12.03
CA PRO H 203 50.64 -55.62 11.96
C PRO H 203 50.91 -56.25 13.32
N GLY H 204 50.59 -55.52 14.40
CA GLY H 204 50.84 -56.00 15.74
C GLY H 204 49.94 -57.12 16.23
N TRP H 205 48.83 -57.35 15.54
CA TRP H 205 47.93 -58.43 15.93
C TRP H 205 48.62 -59.78 15.82
N SER H 206 48.45 -60.62 16.82
CA SER H 206 48.93 -62.00 16.77
C SER H 206 47.80 -62.92 17.17
N ASP H 207 47.80 -64.12 16.59
CA ASP H 207 46.75 -65.09 16.85
C ASP H 207 47.15 -66.02 17.98
N ILE H 208 46.19 -66.33 18.85
CA ILE H 208 46.40 -67.27 19.96
C ILE H 208 46.14 -68.69 19.47
N PRO H 209 47.08 -69.61 19.74
CA PRO H 209 46.82 -70.97 19.27
C PRO H 209 45.65 -71.59 20.02
N ASP H 210 45.02 -72.59 19.42
CA ASP H 210 43.88 -73.25 20.01
C ASP H 210 44.29 -74.01 21.29
N ARG H 211 43.31 -74.21 22.16
CA ARG H 211 43.45 -74.94 23.41
C ARG H 211 44.51 -74.31 24.33
N HIS H 212 44.43 -72.98 24.45
CA HIS H 212 45.30 -72.21 25.33
C HIS H 212 44.51 -71.28 26.24
N LEU H 213 45.19 -70.90 27.33
CA LEU H 213 44.71 -69.91 28.27
C LEU H 213 45.50 -68.63 28.06
N VAL H 214 44.80 -67.49 28.11
CA VAL H 214 45.46 -66.19 28.05
C VAL H 214 45.16 -65.43 29.31
N ASP H 215 46.20 -64.85 29.93
CA ASP H 215 46.08 -64.16 31.20
C ASP H 215 46.76 -62.82 31.02
N VAL H 216 46.01 -61.71 31.13
CA VAL H 216 46.59 -60.38 30.95
C VAL H 216 46.46 -59.57 32.22
N ARG H 217 47.59 -59.13 32.74
CA ARG H 217 47.57 -58.24 33.89
C ARG H 217 48.88 -57.49 34.04
N ASP H 218 48.81 -56.25 34.51
CA ASP H 218 50.02 -55.44 34.77
C ASP H 218 50.96 -55.44 33.58
N ALA H 219 50.39 -55.24 32.40
CA ALA H 219 51.12 -55.17 31.13
C ALA H 219 51.77 -56.49 30.68
N HIS H 220 51.45 -57.59 31.34
CA HIS H 220 51.91 -58.93 30.94
C HIS H 220 50.84 -59.68 30.17
N VAL H 221 51.24 -60.36 29.09
CA VAL H 221 50.34 -61.28 28.40
C VAL H 221 50.91 -62.69 28.53
N VAL H 222 50.24 -63.52 29.30
CA VAL H 222 50.76 -64.87 29.57
C VAL H 222 49.85 -65.87 28.86
N VAL H 223 50.46 -66.63 27.95
CA VAL H 223 49.76 -67.60 27.12
C VAL H 223 50.30 -68.99 27.44
N THR H 224 49.42 -69.89 27.88
CA THR H 224 49.81 -71.22 28.31
C THR H 224 48.91 -72.28 27.70
N PRO H 225 49.46 -73.47 27.41
CA PRO H 225 48.52 -74.45 26.89
C PRO H 225 47.59 -74.93 27.99
N LEU H 226 46.39 -75.33 27.62
CA LEU H 226 45.51 -75.89 28.61
C LEU H 226 45.97 -77.31 28.84
N LEU H 227 45.82 -77.74 30.09
CA LEU H 227 46.34 -79.03 30.53
C LEU H 227 45.28 -80.10 30.40
N GLU H 228 45.67 -81.31 30.01
CA GLU H 228 44.75 -82.44 29.96
C GLU H 228 43.99 -82.50 31.28
N HIS H 229 42.76 -82.98 31.23
CA HIS H 229 41.89 -82.98 32.40
C HIS H 229 42.03 -84.24 33.25
N ALA I 1 -43.93 33.64 -30.51
CA ALA I 1 -42.69 33.23 -29.87
C ALA I 1 -41.94 32.27 -30.79
N ARG I 2 -40.62 32.31 -30.71
CA ARG I 2 -39.77 31.38 -31.46
C ARG I 2 -38.62 30.90 -30.59
N HIS I 3 -38.21 29.64 -30.73
CA HIS I 3 -37.01 29.19 -30.04
C HIS I 3 -36.13 28.27 -30.89
N VAL I 4 -34.91 28.03 -30.42
CA VAL I 4 -33.95 27.21 -31.14
C VAL I 4 -33.07 26.52 -30.10
N ALA I 5 -32.63 25.30 -30.41
CA ALA I 5 -31.75 24.58 -29.53
C ALA I 5 -30.69 23.84 -30.31
N TRP I 6 -29.56 23.61 -29.66
CA TRP I 6 -28.42 22.92 -30.23
C TRP I 6 -27.91 21.86 -29.29
N LEU I 7 -27.55 20.71 -29.85
CA LEU I 7 -26.85 19.69 -29.11
C LEU I 7 -25.79 19.06 -30.01
N GLY I 8 -24.51 19.29 -29.67
CA GLY I 8 -23.44 18.72 -30.45
C GLY I 8 -22.09 19.25 -30.04
N ALA I 9 -21.17 19.32 -30.99
CA ALA I 9 -19.86 19.92 -30.74
C ALA I 9 -20.05 21.38 -30.37
N PRO I 10 -19.09 21.96 -29.65
CA PRO I 10 -19.26 23.37 -29.26
C PRO I 10 -19.54 24.26 -30.45
N ARG I 11 -20.54 25.12 -30.30
CA ARG I 11 -20.96 26.05 -31.32
C ARG I 11 -21.22 27.40 -30.64
N SER I 12 -20.89 28.52 -31.29
CA SER I 12 -21.11 29.80 -30.61
C SER I 12 -22.56 30.21 -30.64
N LEU I 13 -22.99 30.99 -29.65
CA LEU I 13 -24.34 31.52 -29.64
C LEU I 13 -24.60 32.38 -30.85
N ALA I 14 -23.61 33.15 -31.30
CA ALA I 14 -23.83 33.99 -32.46
C ALA I 14 -24.10 33.15 -33.71
N ASP I 15 -23.31 32.09 -33.91
CA ASP I 15 -23.46 31.26 -35.08
C ASP I 15 -24.86 30.63 -35.13
N LEU I 16 -25.41 30.33 -33.96
CA LEU I 16 -26.69 29.65 -33.89
C LEU I 16 -27.88 30.61 -33.95
N VAL I 17 -27.74 31.77 -33.31
CA VAL I 17 -28.84 32.64 -32.99
C VAL I 17 -28.84 33.91 -33.87
N LEU I 18 -27.68 34.48 -34.11
CA LEU I 18 -27.60 35.80 -34.74
C LEU I 18 -27.24 35.76 -36.22
N ASP I 19 -26.28 34.91 -36.58
CA ASP I 19 -25.71 34.98 -37.91
C ASP I 19 -26.58 34.33 -39.02
N PRO I 20 -27.39 33.31 -38.70
CA PRO I 20 -28.12 32.72 -39.84
C PRO I 20 -29.05 33.71 -40.54
N PRO I 21 -29.22 33.58 -41.87
CA PRO I 21 -29.97 34.56 -42.64
C PRO I 21 -31.44 34.64 -42.26
N GLN I 22 -31.97 33.59 -41.64
CA GLN I 22 -33.34 33.61 -41.18
C GLN I 22 -33.43 33.07 -39.75
N GLY I 23 -32.41 33.36 -38.95
CA GLY I 23 -32.34 32.88 -37.58
C GLY I 23 -33.11 33.71 -36.57
N LEU I 24 -32.86 33.46 -35.28
CA LEU I 24 -33.67 34.05 -34.23
C LEU I 24 -33.63 35.56 -34.27
N LEU I 25 -32.46 36.13 -34.59
CA LEU I 25 -32.33 37.56 -34.76
C LEU I 25 -33.32 38.11 -35.79
N VAL I 26 -33.35 37.47 -36.96
CA VAL I 26 -34.26 37.90 -38.00
C VAL I 26 -35.70 37.62 -37.58
N GLN I 27 -35.91 36.50 -36.89
CA GLN I 27 -37.25 36.12 -36.46
C GLN I 27 -37.81 37.11 -35.42
N SER I 28 -36.94 37.86 -34.77
CA SER I 28 -37.45 38.83 -33.78
C SER I 28 -38.29 39.93 -34.46
N TYR I 29 -38.03 40.23 -35.74
CA TYR I 29 -38.83 41.24 -36.44
C TYR I 29 -39.50 40.73 -37.72
N ALA I 30 -39.03 39.61 -38.26
CA ALA I 30 -39.58 39.07 -39.50
C ALA I 30 -39.55 37.54 -39.56
N PRO I 31 -40.33 36.89 -38.68
CA PRO I 31 -40.41 35.43 -38.73
C PRO I 31 -41.06 34.97 -40.04
N ARG I 32 -40.79 33.74 -40.48
CA ARG I 32 -41.30 33.27 -41.77
C ARG I 32 -42.49 32.31 -41.63
N ARG I 33 -42.59 31.65 -40.49
CA ARG I 33 -43.60 30.59 -40.28
C ARG I 33 -44.41 30.78 -39.02
N GLN I 34 -44.62 32.02 -38.64
CA GLN I 34 -45.29 32.30 -37.38
C GLN I 34 -46.75 32.63 -37.63
N LYS I 35 -47.62 31.78 -37.08
CA LYS I 35 -49.07 31.90 -37.24
C LYS I 35 -49.73 32.77 -36.16
N HIS I 36 -49.06 32.92 -35.02
CA HIS I 36 -49.57 33.67 -33.89
C HIS I 36 -48.60 34.77 -33.49
N GLY I 37 -49.05 36.01 -33.62
CA GLY I 37 -48.16 37.13 -33.40
C GLY I 37 -47.44 37.52 -34.68
N LEU I 38 -47.14 38.81 -34.80
CA LEU I 38 -46.46 39.34 -35.96
C LEU I 38 -44.96 39.26 -35.84
N MET I 39 -44.47 39.21 -34.62
CA MET I 39 -43.04 39.38 -34.36
C MET I 39 -42.70 38.83 -32.99
N ASN I 40 -41.46 39.05 -32.57
CA ASN I 40 -41.00 38.54 -31.28
C ASN I 40 -40.06 39.55 -30.66
N ALA I 41 -40.64 40.63 -30.17
CA ALA I 41 -39.89 41.82 -29.79
C ALA I 41 -40.01 42.15 -28.31
N ASP I 42 -40.55 41.20 -27.52
CA ASP I 42 -40.83 41.45 -26.11
C ASP I 42 -39.78 40.91 -25.16
N GLY I 43 -38.62 40.60 -25.70
CA GLY I 43 -37.51 40.11 -24.91
C GLY I 43 -36.84 38.95 -25.63
N TRP I 44 -35.77 38.43 -25.02
CA TRP I 44 -35.08 37.28 -25.59
C TRP I 44 -34.27 36.63 -24.49
N GLY I 45 -33.80 35.42 -24.78
CA GLY I 45 -32.91 34.74 -23.86
C GLY I 45 -32.05 33.72 -24.56
N ALA I 46 -30.88 33.50 -24.00
CA ALA I 46 -29.99 32.45 -24.48
C ALA I 46 -29.40 31.74 -23.31
N GLY I 47 -29.66 30.43 -23.22
CA GLY I 47 -29.09 29.62 -22.17
C GLY I 47 -28.15 28.59 -22.76
N PHE I 48 -27.12 28.24 -22.00
CA PHE I 48 -26.15 27.26 -22.46
C PHE I 48 -25.50 26.54 -21.29
N PHE I 49 -24.84 25.42 -21.58
CA PHE I 49 -24.13 24.68 -20.56
C PHE I 49 -22.62 24.87 -20.78
N ASP I 50 -21.91 25.21 -19.72
CA ASP I 50 -20.48 25.43 -19.87
C ASP I 50 -19.75 24.09 -19.80
N ASP I 51 -18.43 24.11 -19.83
CA ASP I 51 -17.66 22.86 -19.87
C ASP I 51 -17.83 21.99 -18.63
N ASP I 52 -18.26 22.59 -17.53
CA ASP I 52 -18.48 21.85 -16.29
C ASP I 52 -19.92 21.43 -16.11
N GLY I 53 -20.75 21.71 -17.12
CA GLY I 53 -22.16 21.32 -17.07
C GLY I 53 -23.08 22.30 -16.33
N VAL I 54 -22.57 23.49 -16.02
CA VAL I 54 -23.38 24.49 -15.33
C VAL I 54 -24.24 25.23 -16.34
N ALA I 55 -25.54 25.33 -16.02
CA ALA I 55 -26.46 26.08 -16.86
C ALA I 55 -26.31 27.56 -16.63
N ARG I 56 -26.09 28.30 -17.70
CA ARG I 56 -25.91 29.75 -17.63
C ARG I 56 -26.88 30.40 -18.58
N ARG I 57 -27.34 31.59 -18.23
CA ARG I 57 -28.38 32.26 -19.00
C ARG I 57 -28.16 33.75 -19.08
N TRP I 58 -28.36 34.26 -20.28
CA TRP I 58 -28.45 35.70 -20.56
C TRP I 58 -29.88 35.97 -21.00
N ARG I 59 -30.58 36.86 -20.29
CA ARG I 59 -31.97 37.17 -20.59
C ARG I 59 -32.21 38.67 -20.65
N SER I 60 -33.19 39.08 -21.44
CA SER I 60 -33.45 40.47 -21.66
C SER I 60 -34.94 40.72 -21.88
N ASP I 61 -35.37 41.96 -21.58
CA ASP I 61 -36.73 42.39 -21.88
C ASP I 61 -36.79 43.31 -23.11
N LYS I 62 -35.70 43.36 -23.88
CA LYS I 62 -35.60 44.20 -25.08
C LYS I 62 -35.66 43.40 -26.37
N PRO I 63 -36.00 44.06 -27.49
CA PRO I 63 -35.95 43.33 -28.77
C PRO I 63 -34.53 42.83 -29.07
N LEU I 64 -34.42 41.57 -29.47
CA LEU I 64 -33.13 40.95 -29.72
C LEU I 64 -32.32 41.75 -30.73
N TRP I 65 -32.98 42.30 -31.74
CA TRP I 65 -32.25 42.95 -32.83
C TRP I 65 -31.46 44.19 -32.41
N GLY I 66 -31.83 44.79 -31.28
CA GLY I 66 -31.21 46.03 -30.84
C GLY I 66 -30.21 45.83 -29.73
N ASP I 67 -30.00 44.60 -29.31
CA ASP I 67 -29.14 44.35 -28.15
C ASP I 67 -27.66 44.32 -28.58
N ALA I 68 -27.01 45.45 -28.42
CA ALA I 68 -25.63 45.65 -28.90
C ALA I 68 -24.65 44.82 -28.12
N SER I 69 -24.93 44.62 -26.82
CA SER I 69 -24.07 43.79 -25.99
C SER I 69 -24.09 42.37 -26.48
N PHE I 70 -25.27 41.81 -26.72
CA PHE I 70 -25.31 40.42 -27.13
C PHE I 70 -24.68 40.26 -28.49
N ALA I 71 -24.92 41.20 -29.40
CA ALA I 71 -24.33 41.11 -30.73
C ALA I 71 -22.81 41.11 -30.64
N SER I 72 -22.28 41.86 -29.69
CA SER I 72 -20.84 41.96 -29.53
C SER I 72 -20.23 40.72 -28.86
N VAL I 73 -20.91 40.21 -27.83
CA VAL I 73 -20.34 39.17 -26.98
C VAL I 73 -20.68 37.74 -27.41
N ALA I 74 -21.84 37.55 -28.04
CA ALA I 74 -22.30 36.20 -28.37
C ALA I 74 -21.28 35.37 -29.16
N PRO I 75 -20.48 35.99 -30.05
CA PRO I 75 -19.51 35.15 -30.78
C PRO I 75 -18.45 34.51 -29.88
N ALA I 76 -18.30 35.02 -28.66
CA ALA I 76 -17.26 34.53 -27.76
C ALA I 76 -17.80 33.47 -26.80
N LEU I 77 -19.08 33.16 -26.89
CA LEU I 77 -19.70 32.15 -26.04
C LEU I 77 -20.02 30.88 -26.83
N ARG I 78 -19.31 29.79 -26.54
CA ARG I 78 -19.52 28.52 -27.24
C ARG I 78 -20.00 27.47 -26.26
N SER I 79 -20.86 26.58 -26.75
CA SER I 79 -21.39 25.51 -25.93
C SER I 79 -21.81 24.31 -26.75
N ARG I 80 -21.75 23.14 -26.12
CA ARG I 80 -22.26 21.91 -26.70
C ARG I 80 -23.79 21.84 -26.61
N CYS I 81 -24.39 22.72 -25.82
CA CYS I 81 -25.82 22.60 -25.59
C CYS I 81 -26.42 23.97 -25.28
N VAL I 82 -27.31 24.41 -26.17
CA VAL I 82 -27.89 25.75 -26.15
C VAL I 82 -29.42 25.70 -26.31
N VAL I 83 -30.13 26.54 -25.56
CA VAL I 83 -31.55 26.80 -25.81
C VAL I 83 -31.73 28.31 -25.81
N ALA I 84 -32.24 28.87 -26.90
CA ALA I 84 -32.45 30.32 -27.00
C ALA I 84 -33.86 30.61 -27.52
N ALA I 85 -34.38 31.79 -27.19
CA ALA I 85 -35.73 32.14 -27.56
C ALA I 85 -35.86 33.64 -27.75
N VAL I 86 -36.83 34.00 -28.57
CA VAL I 86 -37.29 35.38 -28.64
C VAL I 86 -38.75 35.40 -28.22
N ARG I 87 -39.10 36.37 -27.38
CA ARG I 87 -40.42 36.41 -26.74
C ARG I 87 -41.42 37.26 -27.51
N SER I 88 -42.67 36.78 -27.57
CA SER I 88 -43.78 37.60 -28.02
C SER I 88 -44.92 37.49 -26.98
N ALA I 89 -45.45 38.63 -26.59
CA ALA I 89 -46.47 38.66 -25.55
C ALA I 89 -47.62 39.57 -25.94
N THR I 90 -48.85 39.16 -25.62
CA THR I 90 -49.99 40.02 -25.86
C THR I 90 -49.86 41.29 -25.03
N ILE I 91 -50.35 42.37 -25.60
CA ILE I 91 -50.24 43.69 -24.97
C ILE I 91 -50.87 43.69 -23.60
N GLY I 92 -50.10 44.12 -22.60
CA GLY I 92 -50.57 44.18 -21.23
C GLY I 92 -49.83 43.19 -20.36
N MET I 93 -49.22 42.17 -20.97
CA MET I 93 -48.45 41.18 -20.24
C MET I 93 -47.19 41.83 -19.67
N PRO I 94 -46.69 41.36 -18.52
CA PRO I 94 -45.50 41.97 -17.92
C PRO I 94 -44.26 41.82 -18.79
N ILE I 95 -43.51 42.91 -18.93
CA ILE I 95 -42.27 42.94 -19.68
C ILE I 95 -41.12 42.99 -18.68
N GLU I 96 -40.31 41.95 -18.68
CA GLU I 96 -39.26 41.77 -17.66
C GLU I 96 -38.39 40.57 -18.06
N PRO I 97 -37.07 40.63 -17.81
CA PRO I 97 -36.20 39.52 -18.25
C PRO I 97 -36.56 38.17 -17.62
N SER I 98 -37.11 38.21 -16.41
CA SER I 98 -37.50 36.97 -15.74
C SER I 98 -38.60 36.19 -16.46
N ALA I 99 -39.33 36.87 -17.34
CA ALA I 99 -40.43 36.29 -18.12
C ALA I 99 -40.00 35.76 -19.46
N SER I 100 -38.75 36.04 -19.84
CA SER I 100 -38.19 35.56 -21.11
C SER I 100 -37.63 34.15 -20.95
N ALA I 101 -37.93 33.28 -21.89
CA ALA I 101 -37.30 31.97 -21.93
C ALA I 101 -35.81 32.14 -22.27
N PRO I 102 -34.96 31.20 -21.87
CA PRO I 102 -35.28 29.96 -21.16
C PRO I 102 -35.38 30.12 -19.65
N PHE I 103 -36.31 29.35 -19.11
CA PHE I 103 -36.41 29.08 -17.68
C PHE I 103 -35.45 27.97 -17.28
N SER I 104 -35.17 27.86 -15.98
CA SER I 104 -34.20 26.87 -15.53
C SER I 104 -34.52 26.34 -14.14
N ASP I 105 -34.25 25.04 -13.94
CA ASP I 105 -34.28 24.47 -12.59
C ASP I 105 -32.86 24.09 -12.16
N GLY I 106 -31.87 24.55 -12.92
CA GLY I 106 -30.49 24.27 -12.60
C GLY I 106 -29.92 23.09 -13.36
N GLN I 107 -30.79 22.15 -13.73
CA GLN I 107 -30.38 20.96 -14.49
C GLN I 107 -30.84 21.12 -15.93
N TRP I 108 -32.05 21.64 -16.09
CA TRP I 108 -32.71 21.81 -17.38
C TRP I 108 -32.97 23.26 -17.73
N LEU I 109 -32.73 23.60 -18.99
CA LEU I 109 -33.20 24.85 -19.60
C LEU I 109 -34.49 24.57 -20.34
N LEU I 110 -35.46 25.50 -20.33
CA LEU I 110 -36.75 25.25 -20.96
C LEU I 110 -37.36 26.49 -21.55
N SER I 111 -37.84 26.39 -22.79
CA SER I 111 -38.55 27.46 -23.47
C SER I 111 -39.95 27.01 -23.83
N HIS I 112 -40.91 27.92 -23.71
CA HIS I 112 -42.29 27.66 -24.13
C HIS I 112 -42.80 28.67 -25.16
N ASN I 113 -43.24 28.15 -26.31
CA ASN I 113 -43.93 28.96 -27.30
CA ASN I 113 -43.91 28.95 -27.30
C ASN I 113 -45.41 28.63 -27.30
N GLY I 114 -46.23 29.62 -26.96
CA GLY I 114 -47.66 29.42 -26.95
C GLY I 114 -48.38 30.21 -25.87
N LEU I 115 -49.44 29.59 -25.37
CA LEU I 115 -50.39 30.27 -24.52
C LEU I 115 -51.03 29.21 -23.66
N VAL I 116 -51.22 29.48 -22.37
CA VAL I 116 -51.98 28.58 -21.52
C VAL I 116 -52.66 29.37 -20.41
N ASP I 117 -53.89 28.97 -20.10
CA ASP I 117 -54.67 29.56 -19.03
C ASP I 117 -54.05 29.21 -17.68
N ARG I 118 -53.48 30.19 -17.00
CA ARG I 118 -52.83 29.94 -15.70
C ARG I 118 -53.83 29.38 -14.70
N GLY I 119 -55.11 29.64 -14.93
CA GLY I 119 -56.17 29.11 -14.09
C GLY I 119 -56.26 27.60 -14.04
N VAL I 120 -55.74 26.89 -15.05
CA VAL I 120 -55.80 25.43 -15.04
C VAL I 120 -54.54 24.82 -14.47
N LEU I 121 -53.52 25.64 -14.23
CA LEU I 121 -52.25 25.14 -13.72
C LEU I 121 -52.18 25.21 -12.19
N PRO I 122 -51.39 24.33 -11.58
CA PRO I 122 -51.22 24.37 -10.12
C PRO I 122 -50.55 25.63 -9.66
N LEU I 123 -50.88 26.06 -8.44
CA LEU I 123 -50.13 27.13 -7.80
C LEU I 123 -48.72 26.60 -7.53
N THR I 124 -47.76 27.51 -7.47
CA THR I 124 -46.36 27.13 -7.28
C THR I 124 -45.63 28.25 -6.56
N GLY I 125 -44.58 27.87 -5.82
CA GLY I 125 -43.73 28.86 -5.19
C GLY I 125 -42.40 28.95 -5.91
N ALA I 126 -42.28 28.23 -7.03
CA ALA I 126 -41.01 28.07 -7.73
C ALA I 126 -40.96 28.72 -9.10
N ALA I 127 -41.95 29.54 -9.43
CA ALA I 127 -41.92 30.17 -10.76
C ALA I 127 -40.96 31.34 -10.76
N GLU I 128 -40.38 31.62 -11.92
CA GLU I 128 -39.42 32.71 -12.07
C GLU I 128 -40.10 34.04 -12.38
N SER I 129 -41.36 33.97 -12.78
CA SER I 129 -42.14 35.13 -13.19
C SER I 129 -43.60 34.77 -13.07
N THR I 130 -44.49 35.73 -13.31
CA THR I 130 -45.92 35.49 -13.25
C THR I 130 -46.54 35.06 -14.59
N VAL I 131 -45.77 35.19 -15.66
CA VAL I 131 -46.25 34.91 -17.01
CA VAL I 131 -46.24 34.93 -17.02
C VAL I 131 -46.59 33.44 -17.14
N ASP I 132 -47.55 33.13 -18.00
CA ASP I 132 -48.03 31.76 -18.13
C ASP I 132 -46.91 30.75 -18.42
N SER I 133 -45.94 31.10 -19.26
CA SER I 133 -44.87 30.18 -19.60
C SER I 133 -44.06 29.80 -18.37
N ALA I 134 -43.90 30.75 -17.45
CA ALA I 134 -43.11 30.48 -16.25
C ALA I 134 -43.84 29.55 -15.28
N ILE I 135 -45.16 29.71 -15.17
CA ILE I 135 -45.96 28.83 -14.33
C ILE I 135 -45.93 27.42 -14.93
N LEU I 136 -46.01 27.35 -16.27
CA LEU I 136 -45.99 26.08 -16.99
C LEU I 136 -44.61 25.43 -16.82
N ALA I 137 -43.56 26.22 -16.93
CA ALA I 137 -42.20 25.70 -16.74
C ALA I 137 -42.05 25.10 -15.34
N ALA I 138 -42.58 25.79 -14.33
CA ALA I 138 -42.49 25.29 -12.96
C ALA I 138 -43.17 23.94 -12.83
N LEU I 139 -44.34 23.80 -13.45
CA LEU I 139 -45.05 22.52 -13.44
C LEU I 139 -44.24 21.42 -14.15
N ILE I 140 -43.74 21.74 -15.32
CA ILE I 140 -42.96 20.75 -16.07
C ILE I 140 -41.74 20.29 -15.28
N PHE I 141 -41.00 21.22 -14.69
CA PHE I 141 -39.81 20.89 -13.90
C PHE I 141 -40.19 20.02 -12.70
N SER I 142 -41.32 20.35 -12.10
N SER I 142 -41.32 20.34 -12.09
CA SER I 142 -41.81 19.65 -10.93
CA SER I 142 -41.75 19.61 -10.91
C SER I 142 -42.16 18.19 -11.24
C SER I 142 -42.12 18.16 -11.28
N ARG I 143 -42.77 17.97 -12.41
CA ARG I 143 -43.16 16.64 -12.86
C ARG I 143 -41.97 15.85 -13.36
N GLY I 144 -40.92 16.56 -13.76
CA GLY I 144 -39.72 15.95 -14.32
C GLY I 144 -39.80 15.90 -15.83
N LEU I 145 -38.68 16.17 -16.51
CA LEU I 145 -38.71 16.21 -17.95
C LEU I 145 -38.93 14.79 -18.52
N ASP I 146 -38.66 13.74 -17.75
CA ASP I 146 -38.95 12.39 -18.26
C ASP I 146 -40.46 12.20 -18.42
N ALA I 147 -41.25 13.08 -17.85
CA ALA I 147 -42.71 13.01 -17.99
C ALA I 147 -43.26 14.14 -18.86
N LEU I 148 -42.41 14.80 -19.63
CA LEU I 148 -42.84 15.97 -20.41
C LEU I 148 -44.05 15.71 -21.31
N GLY I 149 -44.02 14.62 -22.06
CA GLY I 149 -45.10 14.30 -22.99
C GLY I 149 -46.45 14.13 -22.31
N ALA I 150 -46.45 13.43 -21.19
CA ALA I 150 -47.66 13.23 -20.42
C ALA I 150 -48.13 14.55 -19.78
N THR I 151 -47.19 15.34 -19.27
CA THR I 151 -47.53 16.63 -18.66
C THR I 151 -48.21 17.52 -19.69
N ILE I 152 -47.65 17.57 -20.89
CA ILE I 152 -48.22 18.42 -21.91
C ILE I 152 -49.59 17.92 -22.34
N ALA I 153 -49.77 16.62 -22.52
CA ALA I 153 -51.08 16.07 -22.87
C ALA I 153 -52.11 16.39 -21.80
N GLU I 154 -51.68 16.33 -20.54
CA GLU I 154 -52.57 16.62 -19.45
C GLU I 154 -53.00 18.09 -19.53
N VAL I 155 -52.04 18.98 -19.69
CA VAL I 155 -52.36 20.41 -19.72
C VAL I 155 -53.24 20.74 -20.94
N GLY I 156 -52.96 20.08 -22.05
CA GLY I 156 -53.70 20.32 -23.28
C GLY I 156 -55.16 19.93 -23.19
N GLU I 157 -55.44 18.95 -22.34
CA GLU I 157 -56.81 18.53 -22.14
C GLU I 157 -57.49 19.48 -21.13
N LEU I 158 -56.73 19.97 -20.15
CA LEU I 158 -57.26 20.94 -19.20
C LEU I 158 -57.65 22.26 -19.87
N ASP I 159 -56.83 22.69 -20.83
CA ASP I 159 -57.03 23.93 -21.57
C ASP I 159 -56.99 23.65 -23.09
N PRO I 160 -58.15 23.42 -23.69
CA PRO I 160 -58.22 23.07 -25.12
C PRO I 160 -57.78 24.19 -26.03
N ASN I 161 -57.61 25.39 -25.48
CA ASN I 161 -57.13 26.51 -26.27
C ASN I 161 -55.62 26.70 -26.12
N ALA I 162 -54.98 25.91 -25.26
CA ALA I 162 -53.55 26.08 -25.01
C ALA I 162 -52.72 25.67 -26.23
N ARG I 163 -51.62 26.39 -26.43
CA ARG I 163 -50.56 25.97 -27.35
C ARG I 163 -49.31 25.77 -26.50
N LEU I 164 -48.70 24.61 -26.67
CA LEU I 164 -47.75 24.08 -25.69
C LEU I 164 -46.49 23.53 -26.37
N ASN I 165 -45.86 24.39 -27.16
CA ASN I 165 -44.60 24.02 -27.77
C ASN I 165 -43.46 24.22 -26.80
N ILE I 166 -42.85 23.11 -26.39
CA ILE I 166 -41.75 23.13 -25.42
C ILE I 166 -40.45 22.74 -26.13
N LEU I 167 -39.35 23.38 -25.73
CA LEU I 167 -38.01 23.02 -26.14
C LEU I 167 -37.13 23.10 -24.90
N ALA I 168 -36.49 21.99 -24.54
CA ALA I 168 -35.74 21.92 -23.30
C ALA I 168 -34.43 21.16 -23.50
N ALA I 169 -33.45 21.37 -22.63
CA ALA I 169 -32.15 20.73 -22.75
C ALA I 169 -31.45 20.63 -21.40
N ASN I 170 -30.63 19.59 -21.21
CA ASN I 170 -29.94 19.38 -19.94
C ASN I 170 -28.42 19.24 -20.05
N GLY I 171 -27.89 19.62 -21.20
CA GLY I 171 -26.47 19.56 -21.46
C GLY I 171 -26.08 18.38 -22.32
N SER I 172 -26.86 17.31 -22.28
CA SER I 172 -26.53 16.09 -23.01
C SER I 172 -27.74 15.52 -23.75
N ARG I 173 -28.88 16.19 -23.66
CA ARG I 173 -30.08 15.77 -24.36
C ARG I 173 -31.01 16.94 -24.61
N LEU I 174 -31.75 16.87 -25.71
CA LEU I 174 -32.85 17.78 -26.00
C LEU I 174 -34.19 17.09 -25.92
N LEU I 175 -35.18 17.82 -25.45
CA LEU I 175 -36.57 17.39 -25.48
C LEU I 175 -37.48 18.47 -25.99
N ALA I 176 -38.48 18.10 -26.76
CA ALA I 176 -39.42 19.08 -27.27
C ALA I 176 -40.78 18.48 -27.48
N THR I 177 -41.81 19.32 -27.42
CA THR I 177 -43.16 18.95 -27.81
C THR I 177 -43.65 19.93 -28.85
N THR I 178 -44.42 19.39 -29.78
CA THR I 178 -45.21 20.19 -30.67
C THR I 178 -46.66 20.10 -30.22
N TRP I 179 -47.26 21.25 -29.95
CA TRP I 179 -48.67 21.29 -29.54
C TRP I 179 -49.26 22.61 -29.97
N GLY I 180 -49.64 22.68 -31.25
CA GLY I 180 -50.23 23.85 -31.86
C GLY I 180 -49.30 24.54 -32.84
N ASP I 181 -48.09 24.02 -33.00
CA ASP I 181 -47.17 24.42 -34.06
C ASP I 181 -46.28 23.26 -34.48
N THR I 182 -45.56 23.38 -35.59
CA THR I 182 -44.58 22.36 -35.97
C THR I 182 -43.24 22.72 -35.34
N LEU I 183 -42.25 21.91 -35.63
CA LEU I 183 -40.88 22.11 -35.18
C LEU I 183 -40.08 21.58 -36.30
N SER I 184 -38.89 22.15 -36.50
CA SER I 184 -38.03 21.68 -37.57
C SER I 184 -36.71 21.20 -36.99
N VAL I 185 -36.08 20.28 -37.71
CA VAL I 185 -34.84 19.69 -37.26
C VAL I 185 -33.80 19.74 -38.36
N LEU I 186 -32.56 20.05 -37.98
CA LEU I 186 -31.44 19.97 -38.89
C LEU I 186 -30.37 19.08 -38.28
N ARG I 187 -30.03 17.99 -38.98
CA ARG I 187 -28.99 17.08 -38.50
C ARG I 187 -27.68 17.38 -39.21
N ARG I 188 -26.72 17.91 -38.46
CA ARG I 188 -25.39 18.20 -38.99
C ARG I 188 -24.40 17.12 -38.58
N PRO I 189 -23.25 17.03 -39.26
CA PRO I 189 -22.26 16.03 -38.83
C PRO I 189 -21.83 16.23 -37.40
N ASP I 190 -21.90 17.47 -36.91
CA ASP I 190 -21.39 17.81 -35.58
C ASP I 190 -22.47 18.06 -34.54
N GLY I 191 -23.74 17.87 -34.89
CA GLY I 191 -24.81 18.01 -33.92
C GLY I 191 -26.17 18.22 -34.55
N VAL I 192 -27.16 18.49 -33.70
CA VAL I 192 -28.54 18.62 -34.09
C VAL I 192 -29.09 19.97 -33.66
N VAL I 193 -29.82 20.60 -34.58
CA VAL I 193 -30.60 21.82 -34.27
C VAL I 193 -32.07 21.46 -34.23
N LEU I 194 -32.78 21.90 -33.20
CA LEU I 194 -34.26 21.91 -33.20
C LEU I 194 -34.67 23.36 -33.19
N ALA I 195 -35.67 23.73 -33.99
CA ALA I 195 -36.05 25.15 -34.09
C ALA I 195 -37.51 25.31 -34.47
N SER I 196 -38.12 26.38 -33.97
CA SER I 196 -39.48 26.72 -34.39
C SER I 196 -39.58 26.80 -35.90
N GLU I 197 -38.56 27.35 -36.54
CA GLU I 197 -38.52 27.39 -37.98
C GLU I 197 -37.07 27.36 -38.46
N PRO I 198 -36.84 26.85 -39.67
CA PRO I 198 -35.50 26.77 -40.21
C PRO I 198 -34.80 28.12 -40.24
N TYR I 199 -33.53 28.17 -39.87
CA TYR I 199 -32.84 29.45 -39.81
C TYR I 199 -32.17 29.77 -41.13
N ASP I 200 -32.32 28.89 -42.11
CA ASP I 200 -31.87 29.16 -43.47
C ASP I 200 -32.62 28.21 -44.41
N ASP I 201 -32.09 28.03 -45.62
CA ASP I 201 -32.75 27.22 -46.64
C ASP I 201 -31.95 25.96 -46.94
N ASP I 202 -31.18 25.52 -45.94
CA ASP I 202 -30.46 24.25 -46.01
C ASP I 202 -31.43 23.12 -46.39
N PRO I 203 -31.09 22.35 -47.45
CA PRO I 203 -32.03 21.29 -47.87
C PRO I 203 -32.22 20.20 -46.80
N GLY I 204 -31.34 20.18 -45.80
CA GLY I 204 -31.40 19.19 -44.73
C GLY I 204 -32.51 19.38 -43.71
N TRP I 205 -33.13 20.56 -43.68
CA TRP I 205 -34.21 20.81 -42.73
C TRP I 205 -35.38 19.92 -43.02
N SER I 206 -35.96 19.36 -41.97
CA SER I 206 -37.20 18.60 -42.05
C SER I 206 -38.12 19.03 -40.92
N ASP I 207 -39.43 18.91 -41.14
CA ASP I 207 -40.42 19.28 -40.15
C ASP I 207 -40.96 18.11 -39.32
N ILE I 208 -41.14 18.39 -38.03
CA ILE I 208 -41.81 17.49 -37.08
C ILE I 208 -43.30 17.82 -37.03
N PRO I 209 -44.17 16.82 -37.22
CA PRO I 209 -45.59 17.15 -37.15
C PRO I 209 -46.08 17.53 -35.76
N ASP I 210 -47.23 18.20 -35.73
CA ASP I 210 -47.87 18.62 -34.51
C ASP I 210 -48.23 17.41 -33.65
N ARG I 211 -48.34 17.66 -32.35
CA ARG I 211 -48.72 16.65 -31.35
C ARG I 211 -47.70 15.52 -31.19
N HIS I 212 -46.42 15.88 -31.12
CA HIS I 212 -45.38 14.90 -30.90
C HIS I 212 -44.38 15.32 -29.85
N LEU I 213 -43.68 14.32 -29.35
CA LEU I 213 -42.55 14.48 -28.47
C LEU I 213 -41.28 14.19 -29.27
N VAL I 214 -40.26 15.01 -29.08
CA VAL I 214 -38.97 14.82 -29.75
C VAL I 214 -37.88 14.64 -28.71
N ASP I 215 -37.04 13.65 -28.91
CA ASP I 215 -36.01 13.29 -27.96
C ASP I 215 -34.69 13.17 -28.70
N VAL I 216 -33.73 14.04 -28.39
CA VAL I 216 -32.43 14.01 -29.04
C VAL I 216 -31.32 13.66 -28.05
N ARG I 217 -30.60 12.58 -28.34
CA ARG I 217 -29.40 12.24 -27.59
C ARG I 217 -28.47 11.45 -28.48
N ASP I 218 -27.18 11.54 -28.20
CA ASP I 218 -26.18 11.02 -29.12
C ASP I 218 -26.46 11.76 -30.40
N ALA I 219 -26.50 11.04 -31.51
CA ALA I 219 -26.83 11.65 -32.78
C ALA I 219 -28.23 11.18 -33.11
N HIS I 220 -28.95 10.67 -32.11
CA HIS I 220 -30.26 10.09 -32.33
C HIS I 220 -31.42 11.05 -32.12
N VAL I 221 -32.34 11.07 -33.07
CA VAL I 221 -33.57 11.84 -32.95
C VAL I 221 -34.73 10.87 -32.93
N VAL I 222 -35.44 10.81 -31.80
CA VAL I 222 -36.59 9.90 -31.66
C VAL I 222 -37.86 10.74 -31.52
N VAL I 223 -38.83 10.46 -32.38
CA VAL I 223 -40.10 11.19 -32.40
C VAL I 223 -41.25 10.25 -32.06
N THR I 224 -42.06 10.63 -31.09
CA THR I 224 -43.15 9.77 -30.62
C THR I 224 -44.43 10.60 -30.53
N PRO I 225 -45.60 9.97 -30.68
CA PRO I 225 -46.89 10.63 -30.50
C PRO I 225 -47.14 10.94 -29.03
N LEU I 226 -48.15 11.76 -28.77
CA LEU I 226 -48.62 12.06 -27.42
C LEU I 226 -49.95 11.35 -27.09
N LEU I 227 -50.31 11.27 -25.81
CA LEU I 227 -51.54 10.64 -25.37
C LEU I 227 -52.85 11.15 -25.99
N GLU I 228 -53.75 10.21 -26.20
CA GLU I 228 -55.10 10.49 -26.64
C GLU I 228 -55.89 10.97 -25.43
N HIS I 229 -56.99 11.69 -25.68
CA HIS I 229 -57.79 12.23 -24.58
C HIS I 229 -58.86 11.25 -24.15
N ALA J 1 15.87 -55.02 1.28
CA ALA J 1 14.59 -55.61 1.61
C ALA J 1 14.25 -56.73 0.63
N ARG J 2 13.41 -57.63 1.09
CA ARG J 2 12.80 -58.65 0.24
C ARG J 2 11.33 -58.71 0.59
N HIS J 3 10.47 -58.92 -0.40
CA HIS J 3 9.07 -59.11 -0.08
C HIS J 3 8.45 -60.25 -0.89
N VAL J 4 7.27 -60.65 -0.44
CA VAL J 4 6.53 -61.74 -1.05
C VAL J 4 5.03 -61.48 -0.90
N ALA J 5 4.26 -61.87 -1.90
CA ALA J 5 2.82 -61.71 -1.85
C ALA J 5 2.13 -62.92 -2.43
N TRP J 6 0.91 -63.16 -1.95
CA TRP J 6 0.09 -64.28 -2.38
C TRP J 6 -1.32 -63.82 -2.73
N LEU J 7 -1.87 -64.35 -3.80
CA LEU J 7 -3.28 -64.16 -4.10
C LEU J 7 -3.85 -65.47 -4.62
N GLY J 8 -4.77 -66.06 -3.86
CA GLY J 8 -5.40 -67.29 -4.30
C GLY J 8 -6.21 -67.91 -3.18
N ALA J 9 -6.31 -69.23 -3.20
CA ALA J 9 -6.99 -69.94 -2.12
C ALA J 9 -6.26 -69.69 -0.79
N PRO J 10 -6.97 -69.87 0.33
CA PRO J 10 -6.34 -69.59 1.63
C PRO J 10 -5.01 -70.33 1.79
N ARG J 11 -4.01 -69.58 2.25
CA ARG J 11 -2.67 -70.10 2.47
C ARG J 11 -2.18 -69.54 3.80
N SER J 12 -1.47 -70.33 4.59
CA SER J 12 -1.01 -69.83 5.87
C SER J 12 0.20 -68.92 5.69
N LEU J 13 0.36 -67.98 6.61
CA LEU J 13 1.50 -67.10 6.59
C LEU J 13 2.79 -67.93 6.70
N ALA J 14 2.76 -68.98 7.52
CA ALA J 14 3.93 -69.82 7.68
C ALA J 14 4.28 -70.52 6.37
N ASP J 15 3.28 -71.05 5.68
CA ASP J 15 3.51 -71.77 4.44
C ASP J 15 4.15 -70.89 3.37
N LEU J 16 3.79 -69.59 3.36
CA LEU J 16 4.30 -68.64 2.38
C LEU J 16 5.68 -68.06 2.76
N VAL J 17 5.88 -67.82 4.06
CA VAL J 17 6.99 -67.03 4.55
C VAL J 17 8.10 -67.82 5.25
N LEU J 18 7.70 -68.77 6.08
CA LEU J 18 8.63 -69.47 6.96
C LEU J 18 9.07 -70.81 6.41
N ASP J 19 8.13 -71.53 5.79
CA ASP J 19 8.36 -72.93 5.45
C ASP J 19 9.17 -73.20 4.16
N PRO J 20 9.07 -72.32 3.13
CA PRO J 20 9.84 -72.65 1.91
C PRO J 20 11.35 -72.67 2.15
N PRO J 21 12.09 -73.52 1.41
CA PRO J 21 13.52 -73.71 1.69
C PRO J 21 14.36 -72.47 1.44
N GLN J 22 13.89 -71.53 0.61
CA GLN J 22 14.61 -70.29 0.35
C GLN J 22 13.67 -69.10 0.40
N GLY J 23 12.70 -69.17 1.30
CA GLY J 23 11.70 -68.14 1.46
C GLY J 23 12.16 -66.99 2.32
N LEU J 24 11.20 -66.17 2.72
CA LEU J 24 11.49 -64.92 3.41
C LEU J 24 12.29 -65.11 4.69
N LEU J 25 11.99 -66.18 5.43
CA LEU J 25 12.74 -66.51 6.62
C LEU J 25 14.21 -66.66 6.28
N VAL J 26 14.52 -67.43 5.24
CA VAL J 26 15.91 -67.64 4.88
C VAL J 26 16.49 -66.35 4.32
N GLN J 27 15.68 -65.61 3.58
CA GLN J 27 16.16 -64.37 2.98
C GLN J 27 16.50 -63.32 4.04
N SER J 28 16.00 -63.45 5.25
CA SER J 28 16.34 -62.47 6.28
C SER J 28 17.83 -62.55 6.64
N TYR J 29 18.45 -63.71 6.46
CA TYR J 29 19.89 -63.84 6.76
C TYR J 29 20.74 -64.30 5.59
N ALA J 30 20.13 -64.90 4.56
CA ALA J 30 20.89 -65.40 3.41
C ALA J 30 20.09 -65.29 2.10
N PRO J 31 19.82 -64.06 1.66
CA PRO J 31 19.15 -63.86 0.38
C PRO J 31 20.06 -64.32 -0.74
N ARG J 32 19.44 -64.70 -1.86
CA ARG J 32 20.17 -65.29 -2.96
C ARG J 32 20.37 -64.34 -4.15
N ARG J 33 19.52 -63.31 -4.23
CA ARG J 33 19.51 -62.41 -5.40
C ARG J 33 19.49 -60.93 -5.03
N GLN J 34 20.13 -60.59 -3.92
CA GLN J 34 20.07 -59.25 -3.37
C GLN J 34 21.36 -58.50 -3.59
N LYS J 35 21.30 -57.44 -4.41
CA LYS J 35 22.49 -56.67 -4.75
C LYS J 35 22.77 -55.59 -3.70
N HIS J 36 21.74 -55.18 -2.99
CA HIS J 36 21.87 -54.10 -2.03
C HIS J 36 21.56 -54.58 -0.63
N GLY J 37 22.58 -54.57 0.22
CA GLY J 37 22.46 -55.13 1.54
C GLY J 37 22.85 -56.59 1.55
N LEU J 38 23.37 -57.03 2.68
CA LEU J 38 23.80 -58.40 2.87
C LEU J 38 22.68 -59.30 3.37
N MET J 39 21.67 -58.67 3.98
CA MET J 39 20.66 -59.39 4.73
C MET J 39 19.46 -58.51 4.91
N ASN J 40 18.48 -58.97 5.67
CA ASN J 40 17.27 -58.22 5.92
C ASN J 40 16.86 -58.48 7.35
N ALA J 41 17.59 -57.86 8.27
CA ALA J 41 17.51 -58.15 9.68
C ALA J 41 17.02 -56.94 10.48
N ASP J 42 16.51 -55.91 9.80
CA ASP J 42 16.15 -54.68 10.48
C ASP J 42 14.67 -54.55 10.79
N GLY J 43 13.95 -55.67 10.75
CA GLY J 43 12.54 -55.71 11.04
C GLY J 43 11.84 -56.59 10.03
N TRP J 44 10.53 -56.78 10.19
CA TRP J 44 9.75 -57.57 9.25
C TRP J 44 8.29 -57.20 9.43
N GLY J 45 7.47 -57.62 8.47
CA GLY J 45 6.05 -57.40 8.58
C GLY J 45 5.32 -58.43 7.75
N ALA J 46 4.13 -58.78 8.21
CA ALA J 46 3.24 -59.67 7.47
C ALA J 46 1.84 -59.08 7.53
N GLY J 47 1.29 -58.75 6.36
CA GLY J 47 -0.05 -58.22 6.28
C GLY J 47 -0.90 -59.21 5.52
N PHE J 48 -2.18 -59.25 5.87
CA PHE J 48 -3.09 -60.15 5.18
C PHE J 48 -4.51 -59.62 5.25
N PHE J 49 -5.37 -60.17 4.41
CA PHE J 49 -6.77 -59.81 4.43
C PHE J 49 -7.58 -60.95 5.03
N ASP J 50 -8.42 -60.63 6.00
CA ASP J 50 -9.19 -61.65 6.69
C ASP J 50 -10.48 -61.97 5.95
N ASP J 51 -11.32 -62.80 6.56
CA ASP J 51 -12.54 -63.31 5.92
C ASP J 51 -13.51 -62.20 5.51
N ASP J 52 -13.42 -61.07 6.18
CA ASP J 52 -14.28 -59.92 5.88
C ASP J 52 -13.60 -58.88 5.01
N GLY J 53 -12.40 -59.18 4.53
CA GLY J 53 -11.67 -58.28 3.65
C GLY J 53 -10.93 -57.18 4.39
N VAL J 54 -10.83 -57.30 5.71
CA VAL J 54 -10.14 -56.30 6.52
C VAL J 54 -8.65 -56.57 6.45
N ALA J 55 -7.89 -55.51 6.21
CA ALA J 55 -6.43 -55.58 6.20
C ALA J 55 -5.88 -55.61 7.61
N ARG J 56 -5.08 -56.63 7.90
CA ARG J 56 -4.47 -56.77 9.21
C ARG J 56 -2.97 -56.94 9.08
N ARG J 57 -2.23 -56.44 10.06
CA ARG J 57 -0.77 -56.43 9.96
C ARG J 57 -0.08 -56.79 11.27
N TRP J 58 0.95 -57.62 11.14
CA TRP J 58 1.87 -57.91 12.23
C TRP J 58 3.22 -57.36 11.80
N ARG J 59 3.78 -56.45 12.59
CA ARG J 59 5.04 -55.81 12.24
C ARG J 59 6.01 -55.84 13.41
N SER J 60 7.31 -55.81 13.09
CA SER J 60 8.36 -55.92 14.07
C SER J 60 9.60 -55.14 13.66
N ASP J 61 10.39 -54.73 14.65
CA ASP J 61 11.69 -54.13 14.40
C ASP J 61 12.84 -55.10 14.65
N LYS J 62 12.52 -56.39 14.79
CA LYS J 62 13.53 -57.41 15.05
CA LYS J 62 13.52 -57.43 15.07
C LYS J 62 13.77 -58.31 13.85
N PRO J 63 14.90 -59.04 13.85
CA PRO J 63 15.10 -60.01 12.76
C PRO J 63 14.00 -61.08 12.71
N LEU J 64 13.48 -61.36 11.53
CA LEU J 64 12.41 -62.34 11.40
C LEU J 64 12.75 -63.70 12.01
N TRP J 65 14.00 -64.12 11.83
CA TRP J 65 14.38 -65.49 12.17
C TRP J 65 14.26 -65.77 13.67
N GLY J 66 14.28 -64.73 14.48
CA GLY J 66 14.31 -64.91 15.91
C GLY J 66 12.97 -64.70 16.58
N ASP J 67 11.95 -64.41 15.79
CA ASP J 67 10.65 -64.09 16.36
C ASP J 67 9.86 -65.35 16.66
N ALA J 68 9.94 -65.79 17.92
CA ALA J 68 9.33 -67.03 18.37
C ALA J 68 7.81 -66.98 18.29
N SER J 69 7.23 -65.81 18.55
CA SER J 69 5.78 -65.64 18.46
C SER J 69 5.28 -65.85 17.05
N PHE J 70 5.92 -65.23 16.09
CA PHE J 70 5.46 -65.42 14.72
C PHE J 70 5.64 -66.87 14.28
N ALA J 71 6.75 -67.48 14.65
CA ALA J 71 7.00 -68.87 14.29
C ALA J 71 5.91 -69.79 14.84
N SER J 72 5.43 -69.45 16.03
CA SER J 72 4.39 -70.24 16.67
C SER J 72 3.01 -70.01 16.05
N VAL J 73 2.69 -68.73 15.77
CA VAL J 73 1.32 -68.35 15.40
C VAL J 73 1.06 -68.35 13.90
N ALA J 74 2.09 -68.11 13.10
CA ALA J 74 1.92 -67.96 11.65
C ALA J 74 1.19 -69.12 10.97
N PRO J 75 1.38 -70.37 11.46
CA PRO J 75 0.65 -71.48 10.81
C PRO J 75 -0.87 -71.39 10.99
N ALA J 76 -1.32 -70.63 11.97
CA ALA J 76 -2.73 -70.53 12.28
C ALA J 76 -3.39 -69.32 11.62
N LEU J 77 -2.60 -68.54 10.87
CA LEU J 77 -3.10 -67.37 10.17
C LEU J 77 -3.13 -67.70 8.69
N ARG J 78 -4.35 -67.82 8.15
CA ARG J 78 -4.57 -68.15 6.75
C ARG J 78 -5.31 -67.05 6.04
N SER J 79 -4.96 -66.81 4.78
CA SER J 79 -5.58 -65.74 4.01
C SER J 79 -5.51 -65.99 2.51
N ARG J 80 -6.47 -65.43 1.79
CA ARG J 80 -6.44 -65.47 0.34
C ARG J 80 -5.46 -64.44 -0.22
N CYS J 81 -4.98 -63.53 0.61
CA CYS J 81 -4.18 -62.43 0.10
C CYS J 81 -3.23 -61.90 1.15
N VAL J 82 -1.93 -62.04 0.86
CA VAL J 82 -0.87 -61.75 1.81
C VAL J 82 0.23 -60.89 1.17
N VAL J 83 0.75 -59.94 1.94
CA VAL J 83 1.97 -59.23 1.59
C VAL J 83 2.87 -59.22 2.81
N ALA J 84 4.07 -59.75 2.66
CA ALA J 84 5.04 -59.82 3.76
C ALA J 84 6.39 -59.32 3.27
N ALA J 85 7.19 -58.85 4.22
CA ALA J 85 8.48 -58.27 3.90
C ALA J 85 9.46 -58.45 5.05
N VAL J 86 10.75 -58.49 4.71
CA VAL J 86 11.83 -58.36 5.68
C VAL J 86 12.62 -57.11 5.31
N ARG J 87 12.95 -56.32 6.32
CA ARG J 87 13.53 -54.99 6.12
C ARG J 87 15.06 -54.98 6.16
N SER J 88 15.67 -54.17 5.30
CA SER J 88 17.08 -53.83 5.45
CA SER J 88 17.07 -53.83 5.43
C SER J 88 17.23 -52.32 5.42
N ALA J 89 18.02 -51.79 6.35
CA ALA J 89 18.19 -50.35 6.46
C ALA J 89 19.66 -50.03 6.60
N THR J 90 20.09 -48.92 6.00
CA THR J 90 21.45 -48.48 6.18
C THR J 90 21.66 -48.11 7.65
N ILE J 91 22.87 -48.35 8.12
CA ILE J 91 23.23 -48.13 9.51
C ILE J 91 22.95 -46.67 9.87
N GLY J 92 22.17 -46.46 10.93
CA GLY J 92 21.85 -45.11 11.38
C GLY J 92 20.39 -44.77 11.20
N MET J 93 19.71 -45.50 10.31
CA MET J 93 18.29 -45.27 10.10
CA MET J 93 18.31 -45.26 10.10
C MET J 93 17.50 -45.73 11.30
N PRO J 94 16.36 -45.09 11.58
CA PRO J 94 15.57 -45.51 12.74
C PRO J 94 15.06 -46.92 12.59
N ILE J 95 15.18 -47.66 13.68
CA ILE J 95 14.69 -49.02 13.80
C ILE J 95 13.40 -48.98 14.63
N GLU J 96 12.28 -49.37 14.03
CA GLU J 96 10.99 -49.25 14.68
C GLU J 96 9.98 -49.99 13.83
N PRO J 97 8.99 -50.63 14.47
CA PRO J 97 8.04 -51.42 13.67
C PRO J 97 7.24 -50.58 12.66
N SER J 98 7.04 -49.29 12.95
CA SER J 98 6.29 -48.42 12.04
C SER J 98 7.01 -48.23 10.69
N ALA J 99 8.31 -48.51 10.66
CA ALA J 99 9.14 -48.35 9.46
C ALA J 99 9.22 -49.63 8.64
N SER J 100 8.70 -50.71 9.18
CA SER J 100 8.72 -52.00 8.49
C SER J 100 7.54 -52.11 7.53
N ALA J 101 7.79 -52.57 6.31
CA ALA J 101 6.68 -52.90 5.41
C ALA J 101 5.93 -54.11 5.98
N PRO J 102 4.64 -54.28 5.67
CA PRO J 102 3.86 -53.43 4.77
C PRO J 102 3.19 -52.24 5.45
N PHE J 103 3.13 -51.14 4.70
CA PHE J 103 2.33 -49.98 5.05
C PHE J 103 0.91 -50.22 4.61
N SER J 104 -0.03 -49.42 5.12
CA SER J 104 -1.44 -49.61 4.83
C SER J 104 -2.21 -48.29 4.82
N ASP J 105 -3.17 -48.19 3.90
CA ASP J 105 -4.15 -47.10 3.95
C ASP J 105 -5.53 -47.63 4.28
N GLY J 106 -5.59 -48.87 4.75
CA GLY J 106 -6.84 -49.49 5.13
C GLY J 106 -7.42 -50.37 4.05
N GLN J 107 -7.14 -50.04 2.79
CA GLN J 107 -7.64 -50.82 1.66
C GLN J 107 -6.50 -51.59 1.03
N TRP J 108 -5.35 -50.94 0.94
CA TRP J 108 -4.17 -51.52 0.31
C TRP J 108 -3.03 -51.74 1.31
N LEU J 109 -2.40 -52.91 1.20
CA LEU J 109 -1.09 -53.17 1.86
C LEU J 109 0.00 -52.89 0.84
N LEU J 110 1.14 -52.35 1.29
CA LEU J 110 2.19 -51.96 0.36
C LEU J 110 3.58 -52.12 0.95
N SER J 111 4.46 -52.75 0.18
CA SER J 111 5.86 -52.90 0.54
C SER J 111 6.75 -52.22 -0.50
N HIS J 112 7.84 -51.59 -0.05
CA HIS J 112 8.81 -51.01 -0.95
C HIS J 112 10.21 -51.61 -0.72
N ASN J 113 10.81 -52.13 -1.79
CA ASN J 113 12.20 -52.60 -1.81
C ASN J 113 13.01 -51.56 -2.62
N GLY J 114 13.87 -50.83 -1.94
CA GLY J 114 14.73 -49.86 -2.60
C GLY J 114 15.02 -48.64 -1.75
N LEU J 115 15.19 -47.51 -2.41
CA LEU J 115 15.66 -46.30 -1.78
C LEU J 115 15.19 -45.13 -2.63
N VAL J 116 14.75 -44.05 -2.00
CA VAL J 116 14.36 -42.87 -2.73
C VAL J 116 14.69 -41.66 -1.89
N ASP J 117 15.15 -40.62 -2.56
CA ASP J 117 15.48 -39.34 -1.91
C ASP J 117 14.22 -38.62 -1.41
N ARG J 118 14.07 -38.54 -0.09
CA ARG J 118 12.87 -37.94 0.46
C ARG J 118 12.71 -36.51 0.03
N GLY J 119 13.82 -35.89 -0.34
CA GLY J 119 13.85 -34.52 -0.80
C GLY J 119 13.06 -34.27 -2.05
N VAL J 120 12.81 -35.32 -2.83
CA VAL J 120 12.04 -35.12 -4.06
C VAL J 120 10.56 -35.43 -3.83
N LEU J 121 10.22 -35.96 -2.65
CA LEU J 121 8.83 -36.31 -2.34
C LEU J 121 8.12 -35.20 -1.57
N PRO J 122 6.79 -35.10 -1.74
CA PRO J 122 6.06 -34.08 -0.99
C PRO J 122 6.10 -34.29 0.53
N LEU J 123 6.07 -33.20 1.29
CA LEU J 123 5.86 -33.35 2.72
C LEU J 123 4.46 -33.88 2.94
N THR J 124 4.29 -34.64 4.02
CA THR J 124 3.02 -35.26 4.30
C THR J 124 2.81 -35.40 5.79
N GLY J 125 1.55 -35.42 6.19
CA GLY J 125 1.21 -35.68 7.58
C GLY J 125 0.60 -37.06 7.71
N ALA J 126 0.63 -37.84 6.63
CA ALA J 126 -0.08 -39.12 6.57
C ALA J 126 0.85 -40.33 6.55
N ALA J 127 2.15 -40.11 6.72
CA ALA J 127 3.09 -41.22 6.69
C ALA J 127 3.10 -41.93 8.05
N GLU J 128 3.41 -43.22 8.02
CA GLU J 128 3.42 -44.04 9.23
C GLU J 128 4.75 -43.96 9.98
N SER J 129 5.77 -43.45 9.30
CA SER J 129 7.11 -43.38 9.85
C SER J 129 7.84 -42.31 9.07
N THR J 130 9.07 -42.00 9.47
CA THR J 130 9.87 -41.00 8.76
C THR J 130 10.70 -41.60 7.63
N VAL J 131 10.79 -42.92 7.55
CA VAL J 131 11.68 -43.58 6.61
C VAL J 131 11.23 -43.32 5.17
N ASP J 132 12.17 -43.33 4.23
CA ASP J 132 11.82 -42.97 2.86
C ASP J 132 10.67 -43.83 2.31
N SER J 133 10.67 -45.11 2.63
CA SER J 133 9.63 -46.00 2.14
C SER J 133 8.24 -45.60 2.62
N ALA J 134 8.10 -45.09 3.84
CA ALA J 134 6.80 -44.67 4.36
C ALA J 134 6.32 -43.40 3.68
N ILE J 135 7.24 -42.48 3.40
CA ILE J 135 6.94 -41.25 2.69
C ILE J 135 6.49 -41.57 1.25
N LEU J 136 7.18 -42.51 0.63
CA LEU J 136 6.84 -42.97 -0.73
C LEU J 136 5.48 -43.67 -0.71
N ALA J 137 5.23 -44.49 0.30
CA ALA J 137 3.93 -45.15 0.42
C ALA J 137 2.80 -44.13 0.52
N ALA J 138 3.03 -43.09 1.31
CA ALA J 138 2.03 -42.04 1.47
C ALA J 138 1.72 -41.40 0.11
N LEU J 139 2.75 -41.13 -0.69
CA LEU J 139 2.51 -40.56 -2.01
C LEU J 139 1.71 -41.53 -2.88
N ILE J 140 2.12 -42.80 -2.89
CA ILE J 140 1.48 -43.81 -3.71
C ILE J 140 0.01 -43.94 -3.34
N PHE J 141 -0.30 -44.01 -2.05
CA PHE J 141 -1.68 -44.13 -1.60
C PHE J 141 -2.48 -42.91 -2.03
N SER J 142 -1.85 -41.74 -1.97
CA SER J 142 -2.55 -40.50 -2.28
CA SER J 142 -2.55 -40.50 -2.28
C SER J 142 -2.92 -40.43 -3.77
N ARG J 143 -2.03 -40.91 -4.64
CA ARG J 143 -2.29 -40.90 -6.07
C ARG J 143 -3.28 -42.02 -6.47
N GLY J 144 -3.38 -43.05 -5.63
CA GLY J 144 -4.23 -44.19 -5.91
C GLY J 144 -3.47 -45.33 -6.56
N LEU J 145 -3.76 -46.55 -6.16
CA LEU J 145 -2.99 -47.68 -6.67
C LEU J 145 -3.30 -47.96 -8.14
N ASP J 146 -4.45 -47.50 -8.63
CA ASP J 146 -4.74 -47.68 -10.05
C ASP J 146 -3.76 -46.88 -10.89
N ALA J 147 -3.07 -45.95 -10.26
CA ALA J 147 -2.07 -45.10 -10.93
C ALA J 147 -0.65 -45.47 -10.53
N LEU J 148 -0.46 -46.66 -9.98
CA LEU J 148 0.86 -47.05 -9.48
C LEU J 148 1.95 -46.91 -10.54
N GLY J 149 1.67 -47.39 -11.75
CA GLY J 149 2.64 -47.36 -12.83
C GLY J 149 3.07 -45.95 -13.13
N ALA J 150 2.11 -45.03 -13.17
CA ALA J 150 2.42 -43.65 -13.47
C ALA J 150 3.21 -43.01 -12.32
N THR J 151 2.81 -43.32 -11.08
CA THR J 151 3.50 -42.75 -9.92
C THR J 151 4.96 -43.18 -9.87
N ILE J 152 5.21 -44.46 -10.10
CA ILE J 152 6.57 -44.96 -10.04
C ILE J 152 7.39 -44.44 -11.21
N ALA J 153 6.80 -44.38 -12.40
CA ALA J 153 7.48 -43.81 -13.56
C ALA J 153 7.85 -42.37 -13.26
N GLU J 154 6.98 -41.65 -12.58
CA GLU J 154 7.25 -40.26 -12.22
C GLU J 154 8.37 -40.15 -11.20
N VAL J 155 8.25 -40.88 -10.10
CA VAL J 155 9.24 -40.81 -9.02
C VAL J 155 10.60 -41.30 -9.52
N GLY J 156 10.59 -42.27 -10.42
CA GLY J 156 11.84 -42.78 -10.99
C GLY J 156 12.60 -41.72 -11.78
N GLU J 157 11.87 -40.74 -12.32
CA GLU J 157 12.49 -39.59 -12.98
C GLU J 157 12.81 -38.44 -12.00
N LEU J 158 12.01 -38.28 -10.95
CA LEU J 158 12.29 -37.25 -9.94
C LEU J 158 13.64 -37.53 -9.27
N ASP J 159 13.92 -38.82 -9.04
CA ASP J 159 15.16 -39.30 -8.44
C ASP J 159 15.75 -40.39 -9.33
N PRO J 160 16.62 -40.01 -10.27
CA PRO J 160 17.15 -41.00 -11.21
C PRO J 160 18.01 -42.08 -10.56
N ASN J 161 18.32 -41.92 -9.27
CA ASN J 161 19.04 -42.96 -8.54
C ASN J 161 18.14 -43.86 -7.70
N ALA J 162 16.85 -43.56 -7.66
CA ALA J 162 15.93 -44.32 -6.81
C ALA J 162 15.74 -45.73 -7.34
N ARG J 163 15.56 -46.66 -6.41
CA ARG J 163 15.11 -48.00 -6.72
C ARG J 163 13.72 -48.13 -6.10
N LEU J 164 12.77 -48.60 -6.89
CA LEU J 164 11.36 -48.44 -6.58
C LEU J 164 10.58 -49.72 -6.84
N ASN J 165 11.00 -50.81 -6.22
CA ASN J 165 10.24 -52.05 -6.30
C ASN J 165 9.09 -52.04 -5.32
N ILE J 166 7.87 -51.98 -5.86
CA ILE J 166 6.68 -51.95 -5.03
C ILE J 166 5.98 -53.30 -5.13
N LEU J 167 5.40 -53.74 -4.02
CA LEU J 167 4.51 -54.89 -4.00
C LEU J 167 3.31 -54.57 -3.12
N ALA J 168 2.12 -54.64 -3.69
CA ALA J 168 0.92 -54.17 -3.00
C ALA J 168 -0.24 -55.10 -3.28
N ALA J 169 -1.22 -55.07 -2.40
CA ALA J 169 -2.38 -55.94 -2.53
C ALA J 169 -3.59 -55.36 -1.79
N ASN J 170 -4.79 -55.68 -2.26
CA ASN J 170 -6.02 -55.15 -1.67
C ASN J 170 -7.03 -56.22 -1.32
N GLY J 171 -6.57 -57.47 -1.34
CA GLY J 171 -7.44 -58.60 -1.01
C GLY J 171 -7.91 -59.37 -2.22
N SER J 172 -7.95 -58.70 -3.37
CA SER J 172 -8.47 -59.30 -4.60
C SER J 172 -7.55 -59.10 -5.79
N ARG J 173 -6.45 -58.38 -5.56
CA ARG J 173 -5.56 -57.98 -6.63
C ARG J 173 -4.16 -57.77 -6.06
N LEU J 174 -3.14 -58.11 -6.85
CA LEU J 174 -1.76 -57.73 -6.55
C LEU J 174 -1.27 -56.73 -7.59
N LEU J 175 -0.45 -55.79 -7.14
CA LEU J 175 0.25 -54.87 -8.03
C LEU J 175 1.72 -54.83 -7.65
N ALA J 176 2.61 -54.75 -8.63
CA ALA J 176 4.02 -54.68 -8.33
C ALA J 176 4.74 -53.92 -9.43
N THR J 177 5.88 -53.32 -9.06
CA THR J 177 6.75 -52.71 -10.04
C THR J 177 8.15 -53.23 -9.87
N THR J 178 8.84 -53.36 -10.99
CA THR J 178 10.28 -53.53 -10.99
C THR J 178 10.89 -52.19 -11.39
N TRP J 179 11.77 -51.68 -10.55
CA TRP J 179 12.47 -50.45 -10.86
C TRP J 179 13.82 -50.47 -10.12
N GLY J 180 14.75 -51.27 -10.63
CA GLY J 180 16.09 -51.31 -10.09
C GLY J 180 16.36 -52.48 -9.17
N ASP J 181 15.38 -53.35 -8.96
CA ASP J 181 15.61 -54.56 -8.18
C ASP J 181 14.75 -55.73 -8.65
N THR J 182 14.91 -56.87 -7.98
CA THR J 182 14.44 -58.12 -8.56
C THR J 182 12.99 -58.44 -8.21
N LEU J 183 12.33 -59.16 -9.12
CA LEU J 183 10.99 -59.69 -8.85
C LEU J 183 10.74 -60.90 -9.75
N SER J 184 10.11 -61.93 -9.17
CA SER J 184 9.75 -63.15 -9.89
C SER J 184 8.29 -63.51 -9.61
N VAL J 185 7.71 -64.34 -10.49
CA VAL J 185 6.33 -64.77 -10.36
C VAL J 185 6.26 -66.29 -10.43
N LEU J 186 5.38 -66.85 -9.61
CA LEU J 186 5.07 -68.28 -9.64
C LEU J 186 3.57 -68.49 -9.72
N ARG J 187 3.14 -69.23 -10.74
CA ARG J 187 1.73 -69.62 -10.90
C ARG J 187 1.43 -71.00 -10.35
N ARG J 188 0.62 -71.06 -9.32
CA ARG J 188 0.13 -72.34 -8.81
C ARG J 188 -1.30 -72.59 -9.22
N PRO J 189 -1.76 -73.84 -9.13
CA PRO J 189 -3.15 -74.13 -9.45
C PRO J 189 -4.10 -73.35 -8.56
N ASP J 190 -3.67 -73.02 -7.34
CA ASP J 190 -4.56 -72.41 -6.38
C ASP J 190 -4.24 -70.93 -6.15
N GLY J 191 -3.33 -70.36 -6.91
CA GLY J 191 -3.01 -68.95 -6.78
C GLY J 191 -1.69 -68.51 -7.36
N VAL J 192 -1.33 -67.25 -7.11
CA VAL J 192 -0.15 -66.63 -7.69
C VAL J 192 0.75 -66.08 -6.59
N VAL J 193 2.06 -66.33 -6.72
CA VAL J 193 3.08 -65.71 -5.87
C VAL J 193 3.87 -64.65 -6.65
N LEU J 194 4.04 -63.47 -6.05
CA LEU J 194 5.02 -62.51 -6.51
C LEU J 194 6.06 -62.39 -5.40
N ALA J 195 7.33 -62.38 -5.78
CA ALA J 195 8.39 -62.36 -4.78
C ALA J 195 9.67 -61.71 -5.30
N SER J 196 10.38 -61.01 -4.40
CA SER J 196 11.68 -60.45 -4.74
C SER J 196 12.57 -61.54 -5.31
N GLU J 197 12.48 -62.73 -4.72
CA GLU J 197 13.20 -63.86 -5.29
C GLU J 197 12.47 -65.16 -5.02
N PRO J 198 12.67 -66.15 -5.91
CA PRO J 198 12.01 -67.46 -5.77
C PRO J 198 12.28 -68.08 -4.40
N TYR J 199 11.26 -68.66 -3.76
CA TYR J 199 11.43 -69.22 -2.44
C TYR J 199 11.79 -70.71 -2.51
N ASP J 200 11.92 -71.22 -3.72
CA ASP J 200 12.45 -72.56 -3.93
C ASP J 200 12.97 -72.67 -5.36
N ASP J 201 13.11 -73.89 -5.85
CA ASP J 201 13.70 -74.10 -7.17
C ASP J 201 12.65 -74.65 -8.14
N ASP J 202 11.39 -74.34 -7.89
CA ASP J 202 10.27 -74.71 -8.79
C ASP J 202 10.54 -74.21 -10.22
N PRO J 203 10.43 -75.09 -11.23
CA PRO J 203 10.71 -74.61 -12.59
C PRO J 203 9.72 -73.58 -13.09
N GLY J 204 8.58 -73.45 -12.41
CA GLY J 204 7.56 -72.50 -12.82
C GLY J 204 7.92 -71.04 -12.56
N TRP J 205 8.94 -70.79 -11.75
CA TRP J 205 9.36 -69.41 -11.48
C TRP J 205 9.86 -68.71 -12.76
N SER J 206 9.45 -67.46 -12.96
CA SER J 206 10.00 -66.65 -14.04
C SER J 206 10.30 -65.26 -13.49
N ASP J 207 11.30 -64.63 -14.06
CA ASP J 207 11.73 -63.32 -13.59
C ASP J 207 11.02 -62.22 -14.38
N ILE J 208 10.63 -61.16 -13.67
CA ILE J 208 10.00 -59.99 -14.26
C ILE J 208 11.10 -59.03 -14.73
N PRO J 209 11.04 -58.61 -16.00
CA PRO J 209 12.09 -57.70 -16.45
C PRO J 209 11.99 -56.34 -15.74
N ASP J 210 13.09 -55.60 -15.70
CA ASP J 210 13.10 -54.32 -15.03
C ASP J 210 12.16 -53.31 -15.74
N ARG J 211 11.73 -52.31 -14.96
CA ARG J 211 10.90 -51.21 -15.45
C ARG J 211 9.60 -51.72 -16.00
N HIS J 212 8.99 -52.63 -15.24
CA HIS J 212 7.68 -53.19 -15.59
C HIS J 212 6.68 -53.10 -14.44
N LEU J 213 5.42 -53.15 -14.83
CA LEU J 213 4.30 -53.24 -13.93
C LEU J 213 3.71 -54.64 -14.00
N VAL J 214 3.36 -55.21 -12.85
CA VAL J 214 2.71 -56.50 -12.77
C VAL J 214 1.34 -56.31 -12.11
N ASP J 215 0.30 -56.89 -12.70
CA ASP J 215 -1.05 -56.76 -12.22
C ASP J 215 -1.66 -58.15 -12.18
N VAL J 216 -2.04 -58.62 -10.98
CA VAL J 216 -2.64 -59.94 -10.81
C VAL J 216 -4.08 -59.86 -10.30
N ARG J 217 -5.03 -60.45 -11.03
CA ARG J 217 -6.40 -60.62 -10.52
C ARG J 217 -6.86 -61.98 -10.87
N ASP J 218 -7.58 -62.61 -9.94
CA ASP J 218 -8.07 -63.95 -10.17
C ASP J 218 -6.85 -64.74 -10.59
N ALA J 219 -6.87 -65.29 -11.81
CA ALA J 219 -5.75 -66.06 -12.31
C ALA J 219 -5.03 -65.38 -13.47
N HIS J 220 -5.30 -64.09 -13.69
CA HIS J 220 -4.61 -63.34 -14.76
C HIS J 220 -3.36 -62.68 -14.20
N VAL J 221 -2.23 -62.86 -14.89
CA VAL J 221 -0.98 -62.19 -14.57
C VAL J 221 -0.65 -61.31 -15.76
N VAL J 222 -0.70 -60.01 -15.57
CA VAL J 222 -0.43 -59.06 -16.67
C VAL J 222 0.89 -58.35 -16.40
N VAL J 223 1.83 -58.48 -17.34
CA VAL J 223 3.15 -57.84 -17.22
C VAL J 223 3.37 -56.88 -18.36
N THR J 224 3.53 -55.60 -18.07
CA THR J 224 3.68 -54.60 -19.12
C THR J 224 4.79 -53.60 -18.78
N PRO J 225 5.47 -53.07 -19.79
CA PRO J 225 6.49 -52.08 -19.42
C PRO J 225 5.89 -50.80 -18.87
N LEU J 226 6.64 -50.12 -18.03
CA LEU J 226 6.16 -48.85 -17.50
C LEU J 226 6.35 -47.81 -18.57
N LEU J 227 5.41 -46.87 -18.63
CA LEU J 227 5.45 -45.82 -19.64
C LEU J 227 6.42 -44.73 -19.23
N GLU J 228 7.20 -44.20 -20.17
CA GLU J 228 8.05 -43.05 -19.84
C GLU J 228 7.13 -41.97 -19.27
N HIS J 229 7.66 -41.16 -18.35
CA HIS J 229 6.84 -40.18 -17.66
C HIS J 229 6.54 -38.95 -18.53
N ALA K 1 3.28 -37.42 30.34
CA ALA K 1 4.73 -37.32 30.33
C ALA K 1 5.21 -36.52 31.53
N ARG K 2 6.44 -36.80 31.92
CA ARG K 2 7.15 -36.03 32.94
C ARG K 2 8.58 -35.82 32.48
N HIS K 3 9.15 -34.64 32.76
CA HIS K 3 10.54 -34.47 32.42
C HIS K 3 11.29 -33.72 33.51
N VAL K 4 12.61 -33.74 33.39
CA VAL K 4 13.49 -33.12 34.35
C VAL K 4 14.74 -32.64 33.64
N ALA K 5 15.31 -31.54 34.14
CA ALA K 5 16.55 -31.06 33.58
C ALA K 5 17.47 -30.57 34.67
N TRP K 6 18.77 -30.58 34.39
CA TRP K 6 19.79 -30.12 35.32
C TRP K 6 20.75 -29.17 34.62
N LEU K 7 21.13 -28.09 35.30
CA LEU K 7 22.22 -27.24 34.83
C LEU K 7 23.06 -26.84 36.03
N GLY K 8 24.30 -27.31 36.07
CA GLY K 8 25.21 -26.99 37.16
C GLY K 8 26.47 -27.85 37.15
N ALA K 9 27.00 -28.12 38.32
CA ALA K 9 28.16 -28.99 38.46
C ALA K 9 27.82 -30.37 37.96
N PRO K 10 28.83 -31.15 37.53
CA PRO K 10 28.49 -32.48 37.00
C PRO K 10 27.64 -33.31 37.95
N ARG K 11 26.59 -33.91 37.40
CA ARG K 11 25.69 -34.75 38.16
C ARG K 11 25.43 -36.02 37.36
N SER K 12 25.34 -37.17 38.02
CA SER K 12 25.11 -38.39 37.25
C SER K 12 23.64 -38.52 36.83
N LEU K 13 23.40 -39.21 35.72
CA LEU K 13 22.04 -39.47 35.27
C LEU K 13 21.25 -40.22 36.34
N ALA K 14 21.91 -41.14 37.04
CA ALA K 14 21.25 -41.92 38.09
C ALA K 14 20.80 -41.01 39.25
N ASP K 15 21.70 -40.13 39.66
CA ASP K 15 21.43 -39.23 40.77
C ASP K 15 20.25 -38.30 40.48
N LEU K 16 20.07 -37.91 39.21
CA LEU K 16 19.01 -36.99 38.85
C LEU K 16 17.68 -37.72 38.60
N VAL K 17 17.77 -38.90 38.00
CA VAL K 17 16.61 -39.57 37.41
C VAL K 17 16.14 -40.79 38.19
N LEU K 18 17.08 -41.59 38.66
CA LEU K 18 16.76 -42.88 39.26
C LEU K 18 16.73 -42.84 40.78
N ASP K 19 17.65 -42.11 41.39
CA ASP K 19 17.88 -42.19 42.82
C ASP K 19 16.92 -41.39 43.73
N PRO K 20 16.41 -40.23 43.27
CA PRO K 20 15.51 -39.50 44.17
C PRO K 20 14.26 -40.29 44.55
N PRO K 21 13.74 -40.08 45.76
CA PRO K 21 12.63 -40.90 46.23
C PRO K 21 11.35 -40.73 45.44
N GLN K 22 11.19 -39.60 44.74
CA GLN K 22 10.02 -39.35 43.91
C GLN K 22 10.44 -38.79 42.55
N GLY K 23 11.55 -39.30 42.04
CA GLY K 23 12.09 -38.85 40.78
C GLY K 23 11.46 -39.51 39.57
N LEU K 24 12.09 -39.34 38.42
CA LEU K 24 11.50 -39.79 37.16
C LEU K 24 11.23 -41.30 37.17
N LEU K 25 12.13 -42.07 37.78
CA LEU K 25 11.94 -43.52 37.89
C LEU K 25 10.60 -43.82 38.55
N VAL K 26 10.34 -43.18 39.68
CA VAL K 26 9.09 -43.41 40.41
C VAL K 26 7.92 -42.82 39.59
N GLN K 27 8.15 -41.70 38.93
CA GLN K 27 7.09 -41.06 38.16
C GLN K 27 6.64 -41.89 36.96
N SER K 28 7.47 -42.84 36.52
CA SER K 28 7.10 -43.67 35.39
C SER K 28 5.91 -44.56 35.76
N TYR K 29 5.76 -44.87 37.05
CA TYR K 29 4.62 -45.68 37.47
C TYR K 29 3.73 -45.03 38.52
N ALA K 30 4.23 -44.00 39.22
CA ALA K 30 3.45 -43.39 40.29
C ALA K 30 3.73 -41.89 40.41
N PRO K 31 3.36 -41.13 39.38
CA PRO K 31 3.53 -39.68 39.45
C PRO K 31 2.60 -39.07 40.50
N ARG K 32 3.01 -37.92 41.05
CA ARG K 32 2.30 -37.27 42.13
C ARG K 32 1.45 -36.07 41.68
N ARG K 33 1.80 -35.45 40.55
CA ARG K 33 1.14 -34.21 40.13
C ARG K 33 0.72 -34.24 38.67
N GLN K 34 0.36 -35.42 38.18
CA GLN K 34 0.08 -35.61 36.77
C GLN K 34 -1.42 -35.69 36.55
N LYS K 35 -1.98 -34.70 35.86
CA LYS K 35 -3.40 -34.66 35.65
C LYS K 35 -3.80 -35.47 34.43
N HIS K 36 -2.88 -35.62 33.48
CA HIS K 36 -3.19 -36.31 32.24
C HIS K 36 -2.37 -37.57 32.10
N GLY K 37 -3.06 -38.71 32.10
CA GLY K 37 -2.39 -39.99 32.13
C GLY K 37 -2.17 -40.49 33.53
N LEU K 38 -2.18 -41.80 33.67
CA LEU K 38 -2.00 -42.42 34.95
C LEU K 38 -0.52 -42.66 35.28
N MET K 39 0.29 -42.70 34.22
CA MET K 39 1.65 -43.14 34.34
C MET K 39 2.44 -42.64 33.14
N ASN K 40 3.70 -43.07 33.05
CA ASN K 40 4.60 -42.71 31.97
C ASN K 40 5.44 -43.93 31.62
N ALA K 41 4.79 -44.87 30.95
CA ALA K 41 5.36 -46.18 30.70
C ALA K 41 5.57 -46.49 29.24
N ASP K 42 5.45 -45.48 28.38
CA ASP K 42 5.52 -45.70 26.93
C ASP K 42 6.89 -45.40 26.35
N GLY K 43 7.88 -45.32 27.22
CA GLY K 43 9.23 -45.07 26.80
C GLY K 43 9.88 -44.04 27.70
N TRP K 44 11.14 -43.77 27.39
CA TRP K 44 11.91 -42.80 28.16
C TRP K 44 13.11 -42.33 27.36
N GLY K 45 13.72 -41.27 27.83
CA GLY K 45 14.94 -40.79 27.25
C GLY K 45 15.76 -39.99 28.23
N ALA K 46 17.06 -40.03 28.03
CA ALA K 46 17.97 -39.22 28.81
C ALA K 46 19.03 -38.66 27.88
N GLY K 47 19.08 -37.34 27.82
CA GLY K 47 20.05 -36.62 27.02
C GLY K 47 20.98 -35.82 27.89
N PHE K 48 22.22 -35.68 27.45
CA PHE K 48 23.19 -34.89 28.21
C PHE K 48 24.25 -34.33 27.29
N PHE K 49 25.00 -33.37 27.80
CA PHE K 49 26.10 -32.77 27.07
C PHE K 49 27.39 -33.26 27.68
N ASP K 50 28.29 -33.76 26.83
CA ASP K 50 29.56 -34.28 27.33
C ASP K 50 30.55 -33.14 27.51
N ASP K 51 31.80 -33.46 27.84
CA ASP K 51 32.81 -32.43 28.14
C ASP K 51 33.16 -31.55 26.94
N ASP K 52 32.91 -32.03 25.74
CA ASP K 52 33.18 -31.26 24.52
C ASP K 52 31.93 -30.54 24.00
N GLY K 53 30.86 -30.61 24.76
CA GLY K 53 29.62 -29.92 24.41
C GLY K 53 28.74 -30.69 23.44
N VAL K 54 29.07 -31.95 23.20
CA VAL K 54 28.28 -32.77 22.27
C VAL K 54 27.02 -33.30 22.93
N ALA K 55 25.89 -33.16 22.25
CA ALA K 55 24.63 -33.67 22.75
C ALA K 55 24.54 -35.16 22.50
N ARG K 56 24.30 -35.92 23.58
CA ARG K 56 24.20 -37.37 23.49
C ARG K 56 22.89 -37.82 24.10
N ARG K 57 22.34 -38.90 23.58
CA ARG K 57 21.01 -39.37 23.99
C ARG K 57 20.90 -40.86 24.07
N TRP K 58 20.24 -41.31 25.12
CA TRP K 58 19.81 -42.68 25.30
C TRP K 58 18.29 -42.66 25.30
N ARG K 59 17.67 -43.37 24.38
CA ARG K 59 16.22 -43.38 24.27
C ARG K 59 15.72 -44.80 24.17
N SER K 60 14.48 -44.99 24.61
CA SER K 60 13.87 -46.32 24.69
C SER K 60 12.36 -46.26 24.49
N ASP K 61 11.79 -47.38 24.03
CA ASP K 61 10.34 -47.51 23.91
C ASP K 61 9.74 -48.36 25.03
N LYS K 62 10.54 -48.65 26.06
CA LYS K 62 10.12 -49.49 27.17
C LYS K 62 9.89 -48.65 28.44
N PRO K 63 9.18 -49.22 29.43
CA PRO K 63 9.08 -48.53 30.71
C PRO K 63 10.43 -48.31 31.37
N LEU K 64 10.66 -47.12 31.88
CA LEU K 64 11.95 -46.80 32.51
C LEU K 64 12.28 -47.77 33.63
N TRP K 65 11.28 -48.15 34.42
CA TRP K 65 11.55 -48.91 35.64
C TRP K 65 12.16 -50.27 35.35
N GLY K 66 11.98 -50.76 34.13
CA GLY K 66 12.43 -52.11 33.80
C GLY K 66 13.73 -52.18 33.04
N ASP K 67 14.31 -51.03 32.75
CA ASP K 67 15.49 -51.00 31.92
C ASP K 67 16.75 -51.28 32.74
N ALA K 68 17.19 -52.54 32.71
CA ALA K 68 18.30 -52.98 33.54
C ALA K 68 19.62 -52.36 33.10
N SER K 69 19.76 -52.12 31.79
CA SER K 69 20.96 -51.47 31.27
C SER K 69 21.11 -50.03 31.77
N PHE K 70 20.04 -49.25 31.72
CA PHE K 70 20.11 -47.88 32.18
C PHE K 70 20.37 -47.87 33.70
N ALA K 71 19.73 -48.77 34.43
CA ALA K 71 19.91 -48.81 35.88
C ALA K 71 21.37 -49.09 36.22
N SER K 72 22.02 -49.92 35.39
CA SER K 72 23.39 -50.27 35.61
C SER K 72 24.35 -49.15 35.20
N VAL K 73 24.10 -48.52 34.05
CA VAL K 73 25.07 -47.61 33.46
C VAL K 73 24.86 -46.14 33.88
N ALA K 74 23.63 -45.76 34.21
CA ALA K 74 23.34 -44.35 34.50
C ALA K 74 24.25 -43.73 35.58
N PRO K 75 24.65 -44.50 36.62
CA PRO K 75 25.53 -43.86 37.61
C PRO K 75 26.89 -43.45 37.06
N ALA K 76 27.30 -44.00 35.93
CA ALA K 76 28.61 -43.73 35.34
C ALA K 76 28.57 -42.63 34.28
N LEU K 77 27.39 -42.07 34.03
CA LEU K 77 27.21 -40.99 33.06
C LEU K 77 26.95 -39.68 33.79
N ARG K 78 27.93 -38.77 33.78
CA ARG K 78 27.86 -37.51 34.51
C ARG K 78 27.91 -36.35 33.54
N SER K 79 27.15 -35.30 33.84
CA SER K 79 27.10 -34.14 32.96
C SER K 79 26.70 -32.88 33.72
N ARG K 80 27.17 -31.75 33.21
CA ARG K 80 26.76 -30.45 33.70
C ARG K 80 25.35 -30.08 33.21
N CYS K 81 24.81 -30.82 32.24
CA CYS K 81 23.56 -30.40 31.63
C CYS K 81 22.82 -31.59 31.09
N VAL K 82 21.64 -31.84 31.69
CA VAL K 82 20.86 -33.03 31.43
C VAL K 82 19.42 -32.67 31.14
N VAL K 83 18.81 -33.36 30.19
CA VAL K 83 17.37 -33.31 29.99
C VAL K 83 16.87 -34.75 29.84
N ALA K 84 15.93 -35.15 30.69
CA ALA K 84 15.41 -36.51 30.67
C ALA K 84 13.90 -36.51 30.77
N ALA K 85 13.29 -37.57 30.25
CA ALA K 85 11.84 -37.65 30.21
C ALA K 85 11.35 -39.07 30.29
N VAL K 86 10.12 -39.22 30.79
CA VAL K 86 9.38 -40.46 30.65
C VAL K 86 8.12 -40.18 29.85
N ARG K 87 7.84 -41.06 28.89
CA ARG K 87 6.79 -40.84 27.91
C ARG K 87 5.46 -41.47 28.31
N SER K 88 4.38 -40.73 28.05
CA SER K 88 3.05 -41.30 28.08
C SER K 88 2.32 -40.97 26.78
N ALA K 89 1.65 -41.96 26.22
CA ALA K 89 0.96 -41.80 24.94
C ALA K 89 -0.41 -42.45 25.00
N THR K 90 -1.39 -41.85 24.34
CA THR K 90 -2.69 -42.47 24.25
C THR K 90 -2.62 -43.78 23.48
N ILE K 91 -3.48 -44.71 23.84
CA ILE K 91 -3.48 -46.03 23.25
C ILE K 91 -3.67 -45.92 21.75
N GLY K 92 -2.78 -46.54 21.00
CA GLY K 92 -2.88 -46.56 19.55
C GLY K 92 -1.77 -45.78 18.89
N MET K 93 -1.18 -44.87 19.65
CA MET K 93 -0.05 -44.11 19.15
C MET K 93 1.18 -45.00 19.00
N PRO K 94 2.05 -44.67 18.03
CA PRO K 94 3.22 -45.51 17.79
C PRO K 94 4.16 -45.54 18.97
N ILE K 95 4.63 -46.74 19.27
CA ILE K 95 5.62 -46.95 20.32
C ILE K 95 6.97 -47.20 19.66
N GLU K 96 7.94 -46.33 19.91
CA GLU K 96 9.23 -46.39 19.23
C GLU K 96 10.16 -45.40 19.91
N PRO K 97 11.45 -45.71 20.01
CA PRO K 97 12.36 -44.81 20.73
C PRO K 97 12.47 -43.43 20.09
N SER K 98 12.27 -43.35 18.78
CA SER K 98 12.35 -42.07 18.07
C SER K 98 11.26 -41.10 18.51
N ALA K 99 10.21 -41.62 19.12
CA ALA K 99 9.10 -40.80 19.61
C ALA K 99 9.27 -40.35 21.06
N SER K 100 10.28 -40.88 21.73
CA SER K 100 10.56 -40.51 23.11
C SER K 100 11.42 -39.26 23.21
N ALA K 101 11.06 -38.34 24.09
CA ALA K 101 11.94 -37.21 24.38
C ALA K 101 13.18 -37.71 25.08
N PRO K 102 14.28 -36.96 24.98
CA PRO K 102 14.41 -35.67 24.31
C PRO K 102 14.73 -35.79 22.82
N PHE K 103 14.17 -34.86 22.06
CA PHE K 103 14.52 -34.62 20.66
C PHE K 103 15.74 -33.75 20.61
N SER K 104 16.39 -33.69 19.45
CA SER K 104 17.63 -32.91 19.34
C SER K 104 17.80 -32.33 17.96
N ASP K 105 18.37 -31.14 17.88
CA ASP K 105 18.79 -30.61 16.60
C ASP K 105 20.31 -30.56 16.60
N GLY K 106 20.92 -31.23 17.58
CA GLY K 106 22.37 -31.24 17.69
C GLY K 106 22.92 -30.17 18.62
N GLN K 107 22.19 -29.07 18.77
CA GLN K 107 22.63 -27.99 19.64
C GLN K 107 21.79 -27.99 20.93
N TRP K 108 20.50 -28.26 20.77
CA TRP K 108 19.52 -28.25 21.82
C TRP K 108 18.90 -29.63 21.99
N LEU K 109 18.72 -30.05 23.25
CA LEU K 109 17.86 -31.16 23.62
C LEU K 109 16.51 -30.60 23.99
N LEU K 110 15.41 -31.30 23.65
CA LEU K 110 14.08 -30.76 23.92
C LEU K 110 13.06 -31.83 24.25
N SER K 111 12.31 -31.57 25.32
CA SER K 111 11.21 -32.45 25.72
C SER K 111 9.88 -31.71 25.75
N HIS K 112 8.83 -32.40 25.34
CA HIS K 112 7.47 -31.86 25.38
C HIS K 112 6.55 -32.74 26.21
N ASN K 113 5.92 -32.11 27.19
CA ASN K 113 4.87 -32.72 28.00
C ASN K 113 3.57 -32.06 27.58
N GLY K 114 2.71 -32.84 26.95
CA GLY K 114 1.42 -32.33 26.58
C GLY K 114 0.86 -32.98 25.33
N LEU K 115 0.13 -32.18 24.56
CA LEU K 115 -0.65 -32.68 23.45
C LEU K 115 -0.88 -31.50 22.51
N VAL K 116 -0.72 -31.70 21.21
CA VAL K 116 -1.03 -30.65 20.26
C VAL K 116 -1.55 -31.25 18.97
N ASP K 117 -2.51 -30.57 18.37
CA ASP K 117 -3.10 -30.99 17.11
C ASP K 117 -2.08 -30.78 15.99
N ARG K 118 -1.61 -31.88 15.42
CA ARG K 118 -0.57 -31.77 14.39
C ARG K 118 -1.07 -30.95 13.18
N GLY K 119 -2.39 -30.86 13.03
CA GLY K 119 -2.99 -30.07 11.97
C GLY K 119 -2.69 -28.57 12.02
N VAL K 120 -2.39 -28.04 13.20
CA VAL K 120 -2.10 -26.61 13.30
C VAL K 120 -0.62 -26.38 13.13
N LEU K 121 0.16 -27.46 13.05
CA LEU K 121 1.59 -27.36 12.91
C LEU K 121 1.95 -27.51 11.44
N PRO K 122 3.04 -26.87 11.01
CA PRO K 122 3.45 -27.07 9.63
C PRO K 122 3.87 -28.51 9.37
N LEU K 123 3.67 -28.98 8.13
CA LEU K 123 4.25 -30.26 7.74
C LEU K 123 5.75 -30.08 7.77
N THR K 124 6.48 -31.18 7.98
CA THR K 124 7.93 -31.08 8.09
C THR K 124 8.59 -32.35 7.57
N GLY K 125 9.81 -32.20 7.09
CA GLY K 125 10.62 -33.34 6.70
C GLY K 125 11.74 -33.58 7.69
N ALA K 126 11.74 -32.84 8.79
CA ALA K 126 12.84 -32.85 9.73
C ALA K 126 12.47 -33.46 11.08
N ALA K 127 11.29 -34.06 11.19
CA ALA K 127 10.89 -34.63 12.46
C ALA K 127 11.58 -35.98 12.65
N GLU K 128 11.78 -36.35 13.91
CA GLU K 128 12.43 -37.60 14.27
C GLU K 128 11.43 -38.76 14.30
N SER K 129 10.15 -38.42 14.36
CA SER K 129 9.05 -39.39 14.46
C SER K 129 7.79 -38.71 13.95
N THR K 130 6.69 -39.44 13.86
CA THR K 130 5.44 -38.87 13.41
C THR K 130 4.58 -38.29 14.53
N VAL K 131 4.92 -38.57 15.79
CA VAL K 131 4.08 -38.17 16.91
C VAL K 131 4.07 -36.64 17.10
N ASP K 132 3.02 -36.12 17.70
CA ASP K 132 2.83 -34.66 17.77
C ASP K 132 4.05 -33.97 18.42
N SER K 133 4.60 -34.55 19.47
CA SER K 133 5.74 -33.91 20.14
C SER K 133 6.94 -33.75 19.22
N ALA K 134 7.15 -34.71 18.33
CA ALA K 134 8.28 -34.64 17.41
C ALA K 134 8.03 -33.57 16.35
N ILE K 135 6.79 -33.44 15.88
CA ILE K 135 6.44 -32.40 14.90
C ILE K 135 6.59 -31.02 15.56
N LEU K 136 6.16 -30.91 16.81
CA LEU K 136 6.28 -29.66 17.56
C LEU K 136 7.75 -29.32 17.80
N ALA K 137 8.55 -30.33 18.15
CA ALA K 137 9.96 -30.11 18.39
C ALA K 137 10.61 -29.57 17.11
N ALA K 138 10.22 -30.14 15.97
CA ALA K 138 10.76 -29.71 14.69
C ALA K 138 10.46 -28.22 14.43
N LEU K 139 9.23 -27.81 14.73
CA LEU K 139 8.84 -26.41 14.57
C LEU K 139 9.67 -25.52 15.49
N ILE K 140 9.78 -25.92 16.76
CA ILE K 140 10.53 -25.12 17.72
C ILE K 140 12.00 -24.97 17.30
N PHE K 141 12.64 -26.05 16.90
CA PHE K 141 14.02 -25.97 16.48
C PHE K 141 14.14 -25.06 15.27
N SER K 142 13.18 -25.13 14.36
CA SER K 142 13.23 -24.34 13.14
C SER K 142 13.10 -22.84 13.43
N ARG K 143 12.21 -22.49 14.37
CA ARG K 143 12.00 -21.08 14.74
C ARG K 143 13.16 -20.56 15.59
N GLY K 144 13.87 -21.48 16.26
CA GLY K 144 14.99 -21.11 17.14
C GLY K 144 14.55 -20.96 18.59
N LEU K 145 15.37 -21.45 19.52
CA LEU K 145 14.97 -21.43 20.93
C LEU K 145 14.88 -20.01 21.48
N ASP K 146 15.56 -19.06 20.83
CA ASP K 146 15.45 -17.67 21.23
C ASP K 146 14.05 -17.14 20.95
N ALA K 147 13.26 -17.90 20.17
CA ALA K 147 11.88 -17.53 19.90
C ALA K 147 10.88 -18.48 20.58
N LEU K 148 11.34 -19.28 21.54
CA LEU K 148 10.49 -20.30 22.15
C LEU K 148 9.19 -19.74 22.72
N GLY K 149 9.26 -18.64 23.46
CA GLY K 149 8.06 -18.09 24.07
C GLY K 149 7.03 -17.70 23.04
N ALA K 150 7.49 -17.07 21.97
CA ALA K 150 6.60 -16.63 20.91
C ALA K 150 6.05 -17.83 20.14
N THR K 151 6.91 -18.83 19.91
CA THR K 151 6.47 -20.02 19.18
C THR K 151 5.36 -20.73 19.94
N ILE K 152 5.55 -20.87 21.25
CA ILE K 152 4.57 -21.55 22.07
C ILE K 152 3.27 -20.72 22.16
N ALA K 153 3.37 -19.41 22.33
CA ALA K 153 2.15 -18.59 22.37
C ALA K 153 1.39 -18.70 21.05
N GLU K 154 2.13 -18.76 19.95
CA GLU K 154 1.50 -18.88 18.63
C GLU K 154 0.73 -20.19 18.50
N VAL K 155 1.40 -21.31 18.84
CA VAL K 155 0.79 -22.62 18.74
C VAL K 155 -0.38 -22.73 19.71
N GLY K 156 -0.22 -22.14 20.89
CA GLY K 156 -1.25 -22.16 21.92
C GLY K 156 -2.52 -21.43 21.53
N GLU K 157 -2.41 -20.44 20.66
CA GLU K 157 -3.56 -19.72 20.17
C GLU K 157 -4.18 -20.50 19.02
N LEU K 158 -3.36 -21.16 18.19
CA LEU K 158 -3.86 -21.98 17.10
C LEU K 158 -4.64 -23.22 17.56
N ASP K 159 -4.19 -23.84 18.66
CA ASP K 159 -4.87 -25.01 19.22
C ASP K 159 -5.20 -24.69 20.66
N PRO K 160 -6.43 -24.17 20.90
CA PRO K 160 -6.75 -23.75 22.27
C PRO K 160 -6.81 -24.91 23.27
N ASN K 161 -6.79 -26.15 22.80
CA ASN K 161 -6.75 -27.29 23.71
C ASN K 161 -5.33 -27.83 23.93
N ALA K 162 -4.34 -27.27 23.25
CA ALA K 162 -2.99 -27.78 23.34
C ALA K 162 -2.40 -27.54 24.72
N ARG K 163 -1.57 -28.50 25.14
CA ARG K 163 -0.73 -28.36 26.32
C ARG K 163 0.70 -28.40 25.83
N LEU K 164 1.48 -27.41 26.24
CA LEU K 164 2.75 -27.12 25.59
C LEU K 164 3.85 -26.85 26.59
N ASN K 165 4.06 -27.81 27.50
CA ASN K 165 5.16 -27.72 28.42
C ASN K 165 6.44 -28.18 27.76
N ILE K 166 7.34 -27.23 27.54
CA ILE K 166 8.62 -27.51 26.91
C ILE K 166 9.73 -27.43 27.95
N LEU K 167 10.71 -28.33 27.83
CA LEU K 167 11.91 -28.27 28.64
C LEU K 167 13.07 -28.55 27.70
N ALA K 168 13.98 -27.59 27.61
CA ALA K 168 15.04 -27.64 26.61
C ALA K 168 16.36 -27.18 27.21
N ALA K 169 17.47 -27.60 26.59
CA ALA K 169 18.79 -27.26 27.11
C ALA K 169 19.85 -27.33 26.01
N ASN K 170 20.90 -26.52 26.13
CA ASN K 170 21.95 -26.47 25.10
C ASN K 170 23.37 -26.66 25.65
N GLY K 171 23.46 -27.10 26.90
CA GLY K 171 24.73 -27.33 27.57
C GLY K 171 25.09 -26.24 28.56
N SER K 172 24.59 -25.02 28.33
CA SER K 172 24.92 -23.85 29.14
CA SER K 172 24.92 -23.86 29.15
C SER K 172 23.68 -23.07 29.55
N ARG K 173 22.51 -23.49 29.06
CA ARG K 173 21.24 -22.82 29.32
CA ARG K 173 21.26 -22.80 29.33
C ARG K 173 20.11 -23.81 29.42
N LEU K 174 19.13 -23.49 30.27
CA LEU K 174 17.83 -24.18 30.25
C LEU K 174 16.76 -23.20 29.82
N LEU K 175 15.81 -23.71 29.04
CA LEU K 175 14.60 -22.96 28.68
C LEU K 175 13.43 -23.88 28.93
N ALA K 176 12.33 -23.30 29.41
CA ALA K 176 11.12 -24.07 29.65
C ALA K 176 9.88 -23.19 29.52
N THR K 177 8.76 -23.81 29.18
CA THR K 177 7.47 -23.15 29.20
C THR K 177 6.50 -23.96 30.03
N THR K 178 5.63 -23.24 30.73
CA THR K 178 4.45 -23.82 31.31
C THR K 178 3.29 -23.42 30.41
N TRP K 179 2.54 -24.40 29.92
CA TRP K 179 1.37 -24.13 29.11
C TRP K 179 0.41 -25.28 29.28
N GLY K 180 -0.24 -25.33 30.45
CA GLY K 180 -1.28 -26.32 30.70
C GLY K 180 -0.82 -27.51 31.50
N ASP K 181 0.43 -27.51 31.95
CA ASP K 181 0.89 -28.57 32.84
C ASP K 181 1.94 -28.01 33.79
N THR K 182 2.41 -28.88 34.69
CA THR K 182 3.16 -28.44 35.86
C THR K 182 4.66 -28.31 35.63
N LEU K 183 5.29 -27.41 36.39
CA LEU K 183 6.75 -27.31 36.40
C LEU K 183 7.20 -26.69 37.73
N SER K 184 8.25 -27.24 38.29
CA SER K 184 8.82 -26.72 39.53
C SER K 184 10.31 -26.52 39.35
N VAL K 185 10.88 -25.69 40.21
CA VAL K 185 12.31 -25.38 40.17
C VAL K 185 12.96 -25.61 41.53
N LEU K 186 14.16 -26.17 41.52
CA LEU K 186 14.95 -26.31 42.73
C LEU K 186 16.31 -25.68 42.51
N ARG K 187 16.66 -24.70 43.32
CA ARG K 187 17.97 -24.07 43.26
C ARG K 187 18.87 -24.62 44.34
N ARG K 188 19.89 -25.38 43.93
CA ARG K 188 20.87 -25.92 44.86
C ARG K 188 22.11 -25.04 44.79
N PRO K 189 22.99 -25.13 45.79
CA PRO K 189 24.23 -24.37 45.67
C PRO K 189 25.05 -24.75 44.44
N ASP K 190 24.89 -25.97 43.92
CA ASP K 190 25.76 -26.41 42.84
C ASP K 190 25.05 -26.44 41.48
N GLY K 191 23.80 -25.99 41.44
CA GLY K 191 23.08 -25.95 40.17
C GLY K 191 21.57 -25.89 40.31
N VAL K 192 20.88 -25.97 39.18
CA VAL K 192 19.45 -25.78 39.13
C VAL K 192 18.73 -26.97 38.51
N VAL K 193 17.65 -27.38 39.15
CA VAL K 193 16.74 -28.39 38.60
C VAL K 193 15.45 -27.75 38.13
N LEU K 194 15.01 -28.10 36.92
CA LEU K 194 13.64 -27.85 36.48
C LEU K 194 12.98 -29.19 36.28
N ALA K 195 11.74 -29.34 36.76
CA ALA K 195 11.09 -30.65 36.70
C ALA K 195 9.60 -30.51 36.63
N SER K 196 8.95 -31.43 35.93
CA SER K 196 7.50 -31.47 35.91
C SER K 196 6.96 -31.50 37.33
N GLU K 197 7.63 -32.24 38.20
CA GLU K 197 7.26 -32.27 39.60
C GLU K 197 8.47 -32.54 40.47
N PRO K 198 8.45 -32.03 41.72
CA PRO K 198 9.56 -32.23 42.65
C PRO K 198 9.91 -33.69 42.83
N TYR K 199 11.19 -33.99 42.87
CA TYR K 199 11.61 -35.38 42.98
C TYR K 199 11.84 -35.79 44.43
N ASP K 200 11.58 -34.86 45.34
CA ASP K 200 11.58 -35.14 46.77
C ASP K 200 10.76 -34.05 47.49
N ASP K 201 10.96 -33.94 48.80
CA ASP K 201 10.16 -33.02 49.59
C ASP K 201 11.00 -31.85 50.14
N ASP K 202 12.09 -31.55 49.43
CA ASP K 202 12.97 -30.43 49.71
C ASP K 202 12.16 -29.14 49.78
N PRO K 203 12.29 -28.39 50.89
CA PRO K 203 11.52 -27.15 51.00
C PRO K 203 11.91 -26.10 49.97
N GLY K 204 13.05 -26.31 49.30
CA GLY K 204 13.55 -25.39 48.29
C GLY K 204 12.76 -25.41 46.98
N TRP K 205 11.95 -26.44 46.79
CA TRP K 205 11.14 -26.53 45.57
C TRP K 205 10.13 -25.41 45.52
N SER K 206 9.97 -24.79 44.35
CA SER K 206 8.89 -23.81 44.15
C SER K 206 8.26 -24.06 42.81
N ASP K 207 6.96 -23.78 42.72
CA ASP K 207 6.21 -24.02 41.49
C ASP K 207 6.22 -22.79 40.58
N ILE K 208 6.36 -23.05 39.28
CA ILE K 208 6.29 -22.02 38.25
C ILE K 208 4.83 -21.84 37.81
N PRO K 209 4.33 -20.59 37.82
CA PRO K 209 2.94 -20.45 37.39
C PRO K 209 2.76 -20.75 35.92
N ASP K 210 1.53 -21.09 35.56
CA ASP K 210 1.20 -21.44 34.19
C ASP K 210 1.42 -20.26 33.24
N ARG K 211 1.65 -20.59 31.98
CA ARG K 211 1.82 -19.63 30.89
C ARG K 211 2.99 -18.70 31.15
N HIS K 212 4.10 -19.31 31.51
CA HIS K 212 5.34 -18.57 31.71
C HIS K 212 6.48 -19.21 30.96
N LEU K 213 7.52 -18.42 30.74
CA LEU K 213 8.78 -18.87 30.20
C LEU K 213 9.78 -18.88 31.34
N VAL K 214 10.61 -19.93 31.40
CA VAL K 214 11.69 -20.02 32.38
C VAL K 214 13.03 -20.09 31.64
N ASP K 215 13.97 -19.26 32.08
CA ASP K 215 15.26 -19.11 31.42
C ASP K 215 16.36 -19.24 32.47
N VAL K 216 17.17 -20.29 32.39
CA VAL K 216 18.22 -20.52 33.38
C VAL K 216 19.59 -20.44 32.74
N ARG K 217 20.42 -19.54 33.22
CA ARG K 217 21.80 -19.47 32.81
C ARG K 217 22.64 -18.74 33.82
N ASP K 218 23.91 -19.14 33.94
CA ASP K 218 24.81 -18.47 34.86
C ASP K 218 24.21 -18.36 36.27
N ALA K 219 23.62 -19.45 36.74
CA ALA K 219 22.99 -19.52 38.06
C ALA K 219 21.80 -18.58 38.24
N HIS K 220 21.36 -17.96 37.16
CA HIS K 220 20.21 -17.07 37.20
C HIS K 220 18.95 -17.78 36.69
N VAL K 221 17.84 -17.62 37.40
CA VAL K 221 16.54 -18.14 36.94
C VAL K 221 15.61 -16.96 36.68
N VAL K 222 15.28 -16.76 35.41
CA VAL K 222 14.42 -15.65 34.99
C VAL K 222 13.09 -16.24 34.53
N VAL K 223 12.01 -15.76 35.14
CA VAL K 223 10.67 -16.24 34.84
C VAL K 223 9.88 -15.07 34.26
N THR K 224 9.35 -15.25 33.05
CA THR K 224 8.65 -14.17 32.36
C THR K 224 7.31 -14.66 31.83
N PRO K 225 6.30 -13.78 31.80
CA PRO K 225 5.04 -14.22 31.22
C PRO K 225 5.15 -14.39 29.71
N LEU K 226 4.31 -15.25 29.15
CA LEU K 226 4.23 -15.43 27.71
C LEU K 226 3.20 -14.50 27.11
N LEU K 227 3.28 -14.30 25.78
CA LEU K 227 2.35 -13.43 25.08
C LEU K 227 0.93 -13.99 25.24
N GLU K 228 -0.03 -13.10 25.47
CA GLU K 228 -1.44 -13.50 25.59
C GLU K 228 -2.33 -12.75 24.60
N ALA L 1 -36.10 49.52 1.36
CA ALA L 1 -37.16 50.31 0.77
C ALA L 1 -37.50 51.50 1.62
N ARG L 2 -38.01 52.54 0.97
CA ARG L 2 -38.61 53.69 1.65
C ARG L 2 -39.90 54.01 0.91
N HIS L 3 -40.94 54.42 1.64
CA HIS L 3 -42.16 54.86 0.96
C HIS L 3 -42.73 56.11 1.62
N VAL L 4 -43.65 56.73 0.89
CA VAL L 4 -44.29 57.97 1.30
C VAL L 4 -45.71 57.95 0.74
N ALA L 5 -46.63 58.54 1.47
CA ALA L 5 -48.00 58.67 1.02
C ALA L 5 -48.52 60.04 1.39
N TRP L 6 -49.50 60.48 0.61
CA TRP L 6 -50.16 61.75 0.81
C TRP L 6 -51.66 61.54 0.75
N LEU L 7 -52.38 62.22 1.64
CA LEU L 7 -53.83 62.31 1.55
C LEU L 7 -54.24 63.72 1.92
N GLY L 8 -54.80 64.43 0.94
CA GLY L 8 -55.26 65.79 1.21
C GLY L 8 -55.64 66.52 -0.06
N ALA L 9 -55.45 67.83 -0.05
CA ALA L 9 -55.66 68.63 -1.25
C ALA L 9 -54.71 68.20 -2.33
N PRO L 10 -55.07 68.46 -3.59
CA PRO L 10 -54.21 68.00 -4.68
C PRO L 10 -52.75 68.45 -4.50
N ARG L 11 -51.84 67.50 -4.66
CA ARG L 11 -50.42 67.73 -4.53
C ARG L 11 -49.70 67.01 -5.68
N SER L 12 -48.66 67.62 -6.25
CA SER L 12 -47.98 66.97 -7.37
C SER L 12 -47.03 65.89 -6.89
N LEU L 13 -46.81 64.91 -7.76
CA LEU L 13 -45.89 63.85 -7.46
C LEU L 13 -44.49 64.41 -7.20
N ALA L 14 -44.10 65.42 -7.96
CA ALA L 14 -42.78 66.02 -7.77
C ALA L 14 -42.68 66.67 -6.39
N ASP L 15 -43.72 67.39 -6.00
CA ASP L 15 -43.71 68.13 -4.76
C ASP L 15 -43.57 67.17 -3.58
N LEU L 16 -44.11 65.96 -3.72
CA LEU L 16 -44.07 64.97 -2.65
C LEU L 16 -42.79 64.13 -2.63
N VAL L 17 -42.30 63.81 -3.81
CA VAL L 17 -41.27 62.77 -4.00
C VAL L 17 -39.90 63.34 -4.36
N LEU L 18 -39.88 64.36 -5.22
CA LEU L 18 -38.63 64.84 -5.80
C LEU L 18 -38.09 66.11 -5.14
N ASP L 19 -38.99 67.03 -4.80
CA ASP L 19 -38.60 68.37 -4.39
C ASP L 19 -38.16 68.53 -2.93
N PRO L 20 -38.73 67.73 -1.98
CA PRO L 20 -38.26 67.92 -0.60
C PRO L 20 -36.78 67.68 -0.46
N PRO L 21 -36.12 68.38 0.47
CA PRO L 21 -34.66 68.29 0.54
C PRO L 21 -34.16 66.91 0.90
N GLN L 22 -34.96 66.13 1.63
CA GLN L 22 -34.60 64.75 1.98
C GLN L 22 -35.71 63.78 1.62
N GLY L 23 -36.37 64.03 0.48
CA GLY L 23 -37.47 63.20 0.05
C GLY L 23 -37.00 61.91 -0.59
N LEU L 24 -37.92 61.22 -1.24
CA LEU L 24 -37.66 59.92 -1.78
C LEU L 24 -36.51 59.95 -2.79
N LEU L 25 -36.43 61.02 -3.56
CA LEU L 25 -35.32 61.17 -4.52
C LEU L 25 -33.98 61.04 -3.79
N VAL L 26 -33.81 61.75 -2.69
CA VAL L 26 -32.56 61.65 -1.93
C VAL L 26 -32.45 60.29 -1.25
N GLN L 27 -33.57 59.75 -0.76
CA GLN L 27 -33.53 58.49 -0.05
C GLN L 27 -33.12 57.33 -0.95
N SER L 28 -33.24 57.51 -2.27
CA SER L 28 -32.86 56.46 -3.22
C SER L 28 -31.34 56.22 -3.17
N TYR L 29 -30.57 57.24 -2.80
CA TYR L 29 -29.12 57.06 -2.68
C TYR L 29 -28.52 57.38 -1.31
N ALA L 30 -29.25 58.10 -0.44
CA ALA L 30 -28.70 58.45 0.87
C ALA L 30 -29.80 58.56 1.91
N PRO L 31 -30.44 57.44 2.25
CA PRO L 31 -31.48 57.48 3.28
C PRO L 31 -30.92 57.78 4.65
N ARG L 32 -31.76 58.33 5.52
CA ARG L 32 -31.29 58.81 6.83
C ARG L 32 -31.62 57.86 7.98
N ARG L 33 -32.66 57.04 7.84
CA ARG L 33 -33.15 56.21 8.95
C ARG L 33 -33.34 54.75 8.56
N GLN L 34 -32.51 54.28 7.64
CA GLN L 34 -32.65 52.94 7.08
C GLN L 34 -31.63 51.99 7.66
N LYS L 35 -32.11 51.00 8.39
CA LYS L 35 -31.22 50.04 9.04
C LYS L 35 -30.87 48.89 8.13
N HIS L 36 -31.72 48.64 7.14
CA HIS L 36 -31.50 47.51 6.23
C HIS L 36 -31.32 48.01 4.80
N GLY L 37 -30.13 47.81 4.28
CA GLY L 37 -29.75 48.35 2.99
C GLY L 37 -29.11 49.73 3.11
N LEU L 38 -28.19 50.02 2.19
CA LEU L 38 -27.48 51.27 2.15
C LEU L 38 -28.23 52.35 1.38
N MET L 39 -29.13 51.89 0.52
CA MET L 39 -29.75 52.77 -0.46
C MET L 39 -31.01 52.10 -0.97
N ASN L 40 -31.65 52.72 -1.96
CA ASN L 40 -32.86 52.19 -2.56
C ASN L 40 -32.85 52.46 -4.07
N ALA L 41 -31.99 51.70 -4.75
CA ALA L 41 -31.64 51.97 -6.13
C ALA L 41 -32.08 50.84 -7.06
N ASP L 42 -32.93 49.94 -6.56
CA ASP L 42 -33.35 48.76 -7.30
C ASP L 42 -34.71 48.93 -7.96
N GLY L 43 -35.17 50.16 -8.09
CA GLY L 43 -36.46 50.44 -8.72
C GLY L 43 -37.22 51.49 -7.93
N TRP L 44 -38.37 51.89 -8.44
CA TRP L 44 -39.21 52.86 -7.77
C TRP L 44 -40.61 52.74 -8.35
N GLY L 45 -41.59 53.38 -7.69
CA GLY L 45 -42.94 53.42 -8.21
C GLY L 45 -43.68 54.60 -7.62
N ALA L 46 -44.62 55.16 -8.38
CA ALA L 46 -45.48 56.22 -7.90
C ALA L 46 -46.89 55.93 -8.35
N GLY L 47 -47.77 55.77 -7.38
CA GLY L 47 -49.17 55.52 -7.64
C GLY L 47 -50.00 56.67 -7.15
N PHE L 48 -51.11 56.94 -7.82
CA PHE L 48 -52.02 58.01 -7.41
C PHE L 48 -53.41 57.69 -7.90
N PHE L 49 -54.38 58.40 -7.35
CA PHE L 49 -55.76 58.27 -7.75
C PHE L 49 -56.17 59.51 -8.51
N ASP L 50 -56.77 59.32 -9.68
CA ASP L 50 -57.14 60.47 -10.47
C ASP L 50 -58.51 60.97 -10.02
N ASP L 51 -59.05 61.98 -10.72
CA ASP L 51 -60.28 62.64 -10.30
C ASP L 51 -61.49 61.71 -10.29
N ASP L 52 -61.42 60.64 -11.06
CA ASP L 52 -62.51 59.67 -11.10
C ASP L 52 -62.26 58.49 -10.16
N GLY L 53 -61.19 58.57 -9.38
CA GLY L 53 -60.88 57.52 -8.42
C GLY L 53 -60.13 56.32 -8.97
N VAL L 54 -59.64 56.43 -10.19
CA VAL L 54 -58.90 55.33 -10.80
C VAL L 54 -57.47 55.34 -10.28
N ALA L 55 -57.01 54.17 -9.87
CA ALA L 55 -55.65 54.00 -9.41
C ALA L 55 -54.73 53.90 -10.62
N ARG L 56 -53.71 54.76 -10.64
CA ARG L 56 -52.76 54.80 -11.75
C ARG L 56 -51.35 54.69 -11.22
N ARG L 57 -50.46 54.07 -11.98
CA ARG L 57 -49.13 53.77 -11.48
C ARG L 57 -48.04 53.92 -12.53
N TRP L 58 -46.95 54.53 -12.11
CA TRP L 58 -45.73 54.59 -12.87
C TRP L 58 -44.70 53.80 -12.10
N ARG L 59 -44.15 52.76 -12.70
CA ARG L 59 -43.17 51.92 -12.03
C ARG L 59 -41.94 51.71 -12.88
N SER L 60 -40.83 51.44 -12.21
CA SER L 60 -39.56 51.31 -12.90
C SER L 60 -38.66 50.33 -12.19
N ASP L 61 -37.71 49.76 -12.92
CA ASP L 61 -36.67 48.94 -12.31
C ASP L 61 -35.32 49.63 -12.22
N LYS L 62 -35.30 50.93 -12.47
CA LYS L 62 -34.07 51.72 -12.46
C LYS L 62 -34.04 52.62 -11.22
N PRO L 63 -32.84 53.14 -10.89
CA PRO L 63 -32.74 54.11 -9.78
C PRO L 63 -33.58 55.35 -10.03
N LEU L 64 -34.31 55.78 -9.00
CA LEU L 64 -35.18 56.93 -9.14
C LEU L 64 -34.41 58.18 -9.60
N TRP L 65 -33.18 58.36 -9.09
CA TRP L 65 -32.46 59.60 -9.32
C TRP L 65 -32.14 59.84 -10.79
N GLY L 66 -32.15 58.78 -11.57
CA GLY L 66 -31.72 58.86 -12.95
C GLY L 66 -32.82 58.93 -13.98
N ASP L 67 -34.06 58.89 -13.51
CA ASP L 67 -35.20 58.83 -14.42
C ASP L 67 -35.60 60.23 -14.89
N ALA L 68 -35.10 60.58 -16.07
CA ALA L 68 -35.29 61.93 -16.62
C ALA L 68 -36.76 62.16 -16.98
N SER L 69 -37.45 61.11 -17.40
CA SER L 69 -38.87 61.22 -17.74
C SER L 69 -39.71 61.58 -16.52
N PHE L 70 -39.47 60.89 -15.42
CA PHE L 70 -40.21 61.19 -14.22
C PHE L 70 -39.87 62.59 -13.71
N ALA L 71 -38.61 62.97 -13.76
CA ALA L 71 -38.23 64.30 -13.30
C ALA L 71 -38.94 65.37 -14.12
N SER L 72 -39.15 65.10 -15.42
CA SER L 72 -39.80 66.06 -16.31
C SER L 72 -41.34 66.08 -16.10
N VAL L 73 -41.94 64.91 -15.94
CA VAL L 73 -43.40 64.79 -15.98
C VAL L 73 -44.07 64.89 -14.60
N ALA L 74 -43.35 64.49 -13.55
CA ALA L 74 -43.92 64.43 -12.20
C ALA L 74 -44.58 65.74 -11.72
N PRO L 75 -44.03 66.90 -12.08
CA PRO L 75 -44.72 68.14 -11.66
C PRO L 75 -46.12 68.33 -12.25
N ALA L 76 -46.45 67.61 -13.32
CA ALA L 76 -47.73 67.78 -14.01
C ALA L 76 -48.76 66.75 -13.56
N LEU L 77 -48.36 65.85 -12.65
CA LEU L 77 -49.25 64.83 -12.13
C LEU L 77 -49.62 65.18 -10.73
N ARG L 78 -50.88 65.58 -10.53
CA ARG L 78 -51.38 65.97 -9.21
C ARG L 78 -52.49 65.08 -8.75
N SER L 79 -52.53 64.84 -7.45
CA SER L 79 -53.54 63.95 -6.90
C SER L 79 -53.81 64.25 -5.43
N ARG L 80 -55.03 63.93 -5.01
CA ARG L 80 -55.40 63.98 -3.58
C ARG L 80 -54.84 62.80 -2.78
N CYS L 81 -54.35 61.79 -3.47
CA CYS L 81 -53.95 60.59 -2.78
C CYS L 81 -52.86 59.88 -3.53
N VAL L 82 -51.68 59.77 -2.92
CA VAL L 82 -50.47 59.25 -3.56
C VAL L 82 -49.79 58.22 -2.65
N VAL L 83 -49.28 57.14 -3.24
CA VAL L 83 -48.37 56.21 -2.54
C VAL L 83 -47.20 56.00 -3.47
N ALA L 84 -45.98 56.31 -2.99
CA ALA L 84 -44.78 56.16 -3.81
C ALA L 84 -43.69 55.45 -3.02
N ALA L 85 -42.76 54.80 -3.72
CA ALA L 85 -41.71 54.06 -3.05
C ALA L 85 -40.45 53.96 -3.88
N VAL L 86 -39.32 53.79 -3.19
CA VAL L 86 -38.07 53.41 -3.82
C VAL L 86 -37.68 52.04 -3.25
N ARG L 87 -37.22 51.17 -4.13
CA ARG L 87 -36.97 49.77 -3.80
C ARG L 87 -35.52 49.47 -3.49
N SER L 88 -35.30 48.63 -2.49
CA SER L 88 -34.00 48.04 -2.25
CA SER L 88 -34.00 48.04 -2.24
C SER L 88 -34.16 46.52 -2.23
N ALA L 89 -33.23 45.82 -2.84
CA ALA L 89 -33.29 44.36 -2.89
C ALA L 89 -31.92 43.75 -2.63
N THR L 90 -31.88 42.64 -1.91
CA THR L 90 -30.62 41.93 -1.74
C THR L 90 -30.13 41.47 -3.11
N ILE L 91 -28.81 41.46 -3.28
CA ILE L 91 -28.19 41.13 -4.56
C ILE L 91 -28.62 39.72 -4.97
N GLY L 92 -29.17 39.62 -6.18
CA GLY L 92 -29.62 38.35 -6.74
C GLY L 92 -31.11 38.28 -6.94
N MET L 93 -31.85 39.12 -6.22
CA MET L 93 -33.31 39.18 -6.37
CA MET L 93 -33.30 39.17 -6.38
C MET L 93 -33.69 39.77 -7.73
N PRO L 94 -34.84 39.35 -8.26
CA PRO L 94 -35.24 39.83 -9.59
C PRO L 94 -35.46 41.33 -9.59
N ILE L 95 -34.92 41.95 -10.63
CA ILE L 95 -35.06 43.37 -10.87
C ILE L 95 -36.03 43.55 -12.02
N GLU L 96 -37.14 44.21 -11.74
CA GLU L 96 -38.22 44.30 -12.69
C GLU L 96 -39.27 45.25 -12.15
N PRO L 97 -39.91 46.02 -13.03
CA PRO L 97 -40.87 47.01 -12.52
C PRO L 97 -42.08 46.37 -11.77
N SER L 98 -42.45 45.15 -12.14
CA SER L 98 -43.57 44.48 -11.49
C SER L 98 -43.27 44.20 -10.01
N ALA L 99 -42.00 44.22 -9.64
CA ALA L 99 -41.59 43.96 -8.26
C ALA L 99 -41.47 45.23 -7.43
N SER L 100 -41.57 46.38 -8.09
CA SER L 100 -41.49 47.68 -7.40
C SER L 100 -42.84 48.07 -6.85
N ALA L 101 -42.87 48.50 -5.60
CA ALA L 101 -44.08 49.07 -5.03
C ALA L 101 -44.39 50.39 -5.72
N PRO L 102 -45.67 50.80 -5.77
CA PRO L 102 -46.83 50.15 -5.15
C PRO L 102 -47.47 49.10 -6.02
N PHE L 103 -47.92 48.05 -5.33
CA PHE L 103 -48.81 47.06 -5.89
C PHE L 103 -50.23 47.58 -5.83
N SER L 104 -51.12 46.93 -6.58
CA SER L 104 -52.49 47.40 -6.68
C SER L 104 -53.46 46.26 -6.91
N ASP L 105 -54.64 46.35 -6.29
CA ASP L 105 -55.73 45.46 -6.64
C ASP L 105 -56.85 46.23 -7.33
N GLY L 106 -56.54 47.47 -7.73
CA GLY L 106 -57.50 48.34 -8.41
C GLY L 106 -58.21 49.30 -7.47
N GLN L 107 -58.35 48.90 -6.21
CA GLN L 107 -59.02 49.74 -5.20
C GLN L 107 -57.97 50.34 -4.26
N TRP L 108 -56.98 49.53 -3.89
CA TRP L 108 -55.90 49.91 -2.96
C TRP L 108 -54.54 49.86 -3.64
N LEU L 109 -53.73 50.87 -3.37
CA LEU L 109 -52.30 50.88 -3.65
C LEU L 109 -51.61 50.41 -2.39
N LEU L 110 -50.53 49.65 -2.52
CA LEU L 110 -49.86 49.09 -1.36
C LEU L 110 -48.35 48.95 -1.56
N SER L 111 -47.60 49.44 -0.57
CA SER L 111 -46.15 49.31 -0.52
C SER L 111 -45.72 48.56 0.74
N HIS L 112 -44.70 47.73 0.58
CA HIS L 112 -44.10 46.99 1.70
C HIS L 112 -42.63 47.32 1.85
N ASN L 113 -42.26 47.72 3.05
CA ASN L 113 -40.86 47.91 3.44
C ASN L 113 -40.55 46.82 4.43
N GLY L 114 -39.68 45.89 4.03
CA GLY L 114 -39.25 44.84 4.93
C GLY L 114 -38.92 43.55 4.21
N LEU L 115 -39.18 42.45 4.89
CA LEU L 115 -38.77 41.14 4.43
C LEU L 115 -39.68 40.11 5.08
N VAL L 116 -40.12 39.12 4.31
CA VAL L 116 -40.91 38.05 4.90
C VAL L 116 -40.61 36.76 4.19
N ASP L 117 -40.55 35.68 4.95
CA ASP L 117 -40.27 34.36 4.43
C ASP L 117 -41.46 33.84 3.61
N ARG L 118 -41.28 33.73 2.29
CA ARG L 118 -42.37 33.27 1.43
C ARG L 118 -42.82 31.88 1.82
N GLY L 119 -41.93 31.16 2.51
CA GLY L 119 -42.25 29.82 2.99
C GLY L 119 -43.38 29.76 4.00
N VAL L 120 -43.68 30.86 4.68
CA VAL L 120 -44.78 30.87 5.64
C VAL L 120 -46.07 31.45 5.03
N LEU L 121 -45.98 31.98 3.81
CA LEU L 121 -47.14 32.57 3.15
C LEU L 121 -47.84 31.59 2.21
N PRO L 122 -49.15 31.76 2.01
CA PRO L 122 -49.86 30.89 1.08
C PRO L 122 -49.35 31.06 -0.34
N LEU L 123 -49.38 30.00 -1.12
CA LEU L 123 -49.16 30.15 -2.54
C LEU L 123 -50.33 30.94 -3.13
N THR L 124 -50.06 31.65 -4.20
CA THR L 124 -51.07 32.49 -4.82
C THR L 124 -50.84 32.54 -6.33
N GLY L 125 -51.93 32.73 -7.07
CA GLY L 125 -51.87 32.97 -8.49
C GLY L 125 -52.19 34.41 -8.84
N ALA L 126 -52.32 35.26 -7.83
CA ALA L 126 -52.78 36.63 -8.04
C ALA L 126 -51.72 37.71 -7.78
N ALA L 127 -50.47 37.31 -7.59
CA ALA L 127 -49.39 38.24 -7.29
C ALA L 127 -48.87 38.88 -8.56
N GLU L 128 -48.32 40.09 -8.42
CA GLU L 128 -47.82 40.85 -9.57
C GLU L 128 -46.41 40.51 -9.94
N SER L 129 -45.72 39.84 -9.01
CA SER L 129 -44.33 39.47 -9.19
C SER L 129 -44.08 38.28 -8.27
N THR L 130 -42.88 37.72 -8.33
CA THR L 130 -42.52 36.59 -7.48
C THR L 130 -41.92 37.01 -6.15
N VAL L 131 -41.57 38.30 -6.01
CA VAL L 131 -40.84 38.77 -4.83
C VAL L 131 -41.73 38.71 -3.59
N ASP L 132 -41.09 38.58 -2.44
CA ASP L 132 -41.83 38.37 -1.21
C ASP L 132 -42.85 39.47 -0.98
N SER L 133 -42.51 40.72 -1.27
CA SER L 133 -43.46 41.81 -1.05
C SER L 133 -44.74 41.65 -1.87
N ALA L 134 -44.61 41.10 -3.07
CA ALA L 134 -45.78 40.90 -3.93
C ALA L 134 -46.66 39.73 -3.42
N ILE L 135 -46.02 38.68 -2.92
CA ILE L 135 -46.76 37.57 -2.34
C ILE L 135 -47.51 38.04 -1.09
N LEU L 136 -46.85 38.86 -0.29
CA LEU L 136 -47.46 39.44 0.92
C LEU L 136 -48.60 40.36 0.54
N ALA L 137 -48.42 41.20 -0.51
CA ALA L 137 -49.49 42.10 -0.95
C ALA L 137 -50.71 41.30 -1.37
N ALA L 138 -50.50 40.19 -2.06
CA ALA L 138 -51.62 39.36 -2.50
C ALA L 138 -52.42 38.86 -1.29
N LEU L 139 -51.71 38.42 -0.25
CA LEU L 139 -52.38 37.96 0.96
C LEU L 139 -53.16 39.11 1.60
N ILE L 140 -52.50 40.26 1.73
CA ILE L 140 -53.15 41.42 2.36
C ILE L 140 -54.42 41.81 1.58
N PHE L 141 -54.33 41.87 0.25
CA PHE L 141 -55.48 42.22 -0.57
C PHE L 141 -56.60 41.20 -0.41
N SER L 142 -56.24 39.94 -0.29
CA SER L 142 -57.20 38.86 -0.17
C SER L 142 -58.01 38.96 1.13
N ARG L 143 -57.33 39.33 2.21
CA ARG L 143 -57.97 39.47 3.51
C ARG L 143 -58.76 40.77 3.66
N GLY L 144 -58.42 41.75 2.84
CA GLY L 144 -59.05 43.05 2.90
C GLY L 144 -58.24 44.02 3.75
N LEU L 145 -58.11 45.26 3.30
CA LEU L 145 -57.31 46.24 4.01
C LEU L 145 -57.95 46.64 5.34
N ASP L 146 -59.26 46.45 5.50
CA ASP L 146 -59.86 46.70 6.83
C ASP L 146 -59.33 45.70 7.85
N ALA L 147 -58.70 44.63 7.37
CA ALA L 147 -58.12 43.63 8.26
C ALA L 147 -56.60 43.70 8.25
N LEU L 148 -56.06 44.82 7.76
CA LEU L 148 -54.60 44.97 7.64
C LEU L 148 -53.87 44.69 8.95
N GLY L 149 -54.36 45.25 10.05
CA GLY L 149 -53.72 45.08 11.34
C GLY L 149 -53.67 43.61 11.75
N ALA L 150 -54.78 42.92 11.54
CA ALA L 150 -54.86 41.51 11.92
C ALA L 150 -53.94 40.68 11.03
N THR L 151 -53.91 40.99 9.73
CA THR L 151 -53.07 40.23 8.80
C THR L 151 -51.61 40.38 9.16
N ILE L 152 -51.19 41.61 9.46
CA ILE L 152 -49.79 41.85 9.78
C ILE L 152 -49.40 41.25 11.12
N ALA L 153 -50.29 41.33 12.12
CA ALA L 153 -50.02 40.73 13.41
C ALA L 153 -49.86 39.23 13.26
N GLU L 154 -50.71 38.63 12.42
CA GLU L 154 -50.63 37.19 12.20
C GLU L 154 -49.34 36.80 11.50
N VAL L 155 -49.04 37.46 10.39
CA VAL L 155 -47.86 37.13 9.61
C VAL L 155 -46.60 37.36 10.45
N GLY L 156 -46.63 38.38 11.30
CA GLY L 156 -45.52 38.68 12.18
C GLY L 156 -45.24 37.57 13.17
N GLU L 157 -46.26 36.77 13.49
CA GLU L 157 -46.10 35.60 14.35
C GLU L 157 -45.69 34.34 13.53
N LEU L 158 -46.18 34.25 12.30
CA LEU L 158 -45.83 33.12 11.44
C LEU L 158 -44.33 33.14 11.13
N ASP L 159 -43.80 34.35 10.93
CA ASP L 159 -42.37 34.58 10.65
C ASP L 159 -41.88 35.61 11.66
N PRO L 160 -41.34 35.13 12.80
CA PRO L 160 -40.94 36.05 13.87
C PRO L 160 -39.79 36.96 13.49
N ASN L 161 -39.16 36.70 12.34
CA ASN L 161 -38.09 37.56 11.85
C ASN L 161 -38.56 38.59 10.81
N ALA L 162 -39.81 38.52 10.40
CA ALA L 162 -40.31 39.37 9.34
C ALA L 162 -40.36 40.82 9.77
N ARG L 163 -40.09 41.68 8.81
CA ARG L 163 -40.33 43.11 8.94
C ARG L 163 -41.44 43.45 7.95
N LEU L 164 -42.49 44.11 8.46
CA LEU L 164 -43.76 44.19 7.78
C LEU L 164 -44.34 45.58 7.80
N ASN L 165 -43.58 46.55 7.32
CA ASN L 165 -44.06 47.92 7.20
C ASN L 165 -44.84 48.09 5.91
N ILE L 166 -46.15 48.29 6.09
CA ILE L 166 -47.07 48.47 4.98
C ILE L 166 -47.51 49.93 4.93
N LEU L 167 -47.67 50.44 3.70
CA LEU L 167 -48.27 51.75 3.47
C LEU L 167 -49.21 51.60 2.30
N ALA L 168 -50.48 51.92 2.52
CA ALA L 168 -51.53 51.67 1.55
C ALA L 168 -52.53 52.81 1.50
N ALA L 169 -53.22 52.91 0.37
CA ALA L 169 -54.20 53.98 0.18
C ALA L 169 -55.26 53.61 -0.85
N ASN L 170 -56.46 54.17 -0.69
CA ASN L 170 -57.59 53.88 -1.59
C ASN L 170 -58.26 55.11 -2.19
N GLY L 171 -57.58 56.25 -2.08
CA GLY L 171 -58.08 57.50 -2.62
C GLY L 171 -58.64 58.44 -1.57
N SER L 172 -59.12 57.89 -0.46
CA SER L 172 -59.77 58.67 0.59
CA SER L 172 -59.76 58.68 0.59
C SER L 172 -59.29 58.26 1.98
N ARG L 173 -58.34 57.33 2.03
CA ARG L 173 -57.87 56.79 3.30
C ARG L 173 -56.43 56.31 3.14
N LEU L 174 -55.62 56.49 4.18
CA LEU L 174 -54.31 55.84 4.26
C LEU L 174 -54.33 54.82 5.40
N LEU L 175 -53.65 53.70 5.18
CA LEU L 175 -53.43 52.70 6.21
C LEU L 175 -51.94 52.36 6.21
N ALA L 176 -51.38 52.18 7.41
CA ALA L 176 -49.98 51.82 7.53
C ALA L 176 -49.72 50.98 8.75
N THR L 177 -48.68 50.16 8.69
CA THR L 177 -48.20 49.45 9.87
C THR L 177 -46.71 49.70 10.06
N THR L 178 -46.33 49.76 11.32
CA THR L 178 -44.96 49.64 11.74
C THR L 178 -44.77 48.23 12.27
N TRP L 179 -43.81 47.52 11.73
CA TRP L 179 -43.53 46.18 12.21
C TRP L 179 -42.07 45.90 11.89
N GLY L 180 -41.18 46.54 12.65
CA GLY L 180 -39.78 46.28 12.50
C GLY L 180 -39.03 47.30 11.66
N ASP L 181 -39.73 48.32 11.18
CA ASP L 181 -39.06 49.42 10.49
C ASP L 181 -39.79 50.75 10.75
N THR L 182 -39.24 51.82 10.17
CA THR L 182 -39.63 53.16 10.59
C THR L 182 -40.81 53.74 9.84
N LEU L 183 -41.53 54.63 10.53
CA LEU L 183 -42.61 55.43 9.94
C LEU L 183 -42.81 56.71 10.76
N SER L 184 -43.02 57.81 10.04
CA SER L 184 -43.31 59.10 10.65
C SER L 184 -44.52 59.72 9.98
N VAL L 185 -45.14 60.69 10.66
CA VAL L 185 -46.33 61.37 10.14
C VAL L 185 -46.12 62.88 10.19
N LEU L 186 -46.60 63.56 9.16
CA LEU L 186 -46.61 65.02 9.14
C LEU L 186 -48.00 65.50 8.83
N ARG L 187 -48.54 66.30 9.75
CA ARG L 187 -49.84 66.91 9.60
C ARG L 187 -49.69 68.31 9.04
N ARG L 188 -50.14 68.54 7.81
CA ARG L 188 -50.17 69.87 7.21
C ARG L 188 -51.59 70.43 7.25
N PRO L 189 -51.73 71.75 7.03
CA PRO L 189 -53.09 72.32 6.98
C PRO L 189 -53.95 71.72 5.87
N ASP L 190 -53.33 71.25 4.79
CA ASP L 190 -54.06 70.80 3.61
C ASP L 190 -53.98 69.27 3.41
N GLY L 191 -53.42 68.55 4.38
CA GLY L 191 -53.36 67.11 4.27
C GLY L 191 -52.35 66.47 5.19
N VAL L 192 -52.18 65.16 5.01
CA VAL L 192 -51.35 64.34 5.87
C VAL L 192 -50.33 63.56 5.06
N VAL L 193 -49.07 63.55 5.51
CA VAL L 193 -48.04 62.71 4.95
C VAL L 193 -47.73 61.58 5.92
N LEU L 194 -47.64 60.36 5.39
CA LEU L 194 -47.02 59.25 6.11
C LEU L 194 -45.76 58.88 5.34
N ALA L 195 -44.65 58.64 6.05
CA ALA L 195 -43.38 58.33 5.35
C ALA L 195 -42.48 57.44 6.18
N SER L 196 -41.68 56.61 5.51
CA SER L 196 -40.67 55.81 6.20
C SER L 196 -39.77 56.71 7.03
N GLU L 197 -39.43 57.87 6.49
CA GLU L 197 -38.65 58.86 7.22
C GLU L 197 -39.03 60.27 6.75
N PRO L 198 -38.94 61.25 7.64
CA PRO L 198 -39.27 62.64 7.29
C PRO L 198 -38.50 63.10 6.06
N TYR L 199 -39.17 63.85 5.19
CA TYR L 199 -38.54 64.31 3.96
C TYR L 199 -37.89 65.68 4.10
N ASP L 200 -37.97 66.22 5.31
CA ASP L 200 -37.28 67.45 5.69
C ASP L 200 -37.16 67.48 7.21
N ASP L 201 -36.92 68.67 7.76
CA ASP L 201 -36.75 68.81 9.20
C ASP L 201 -37.82 69.71 9.82
N ASP L 202 -38.99 69.70 9.19
CA ASP L 202 -40.19 70.36 9.70
C ASP L 202 -40.44 69.86 11.12
N PRO L 203 -40.62 70.79 12.08
CA PRO L 203 -40.82 70.34 13.46
C PRO L 203 -42.10 69.54 13.66
N GLY L 204 -43.01 69.58 12.70
CA GLY L 204 -44.26 68.84 12.82
C GLY L 204 -44.17 67.34 12.69
N TRP L 205 -43.06 66.83 12.17
CA TRP L 205 -42.90 65.38 12.01
C TRP L 205 -42.90 64.69 13.35
N SER L 206 -43.64 63.59 13.44
CA SER L 206 -43.58 62.77 14.63
C SER L 206 -43.43 61.31 14.23
N ASP L 207 -42.71 60.55 15.05
CA ASP L 207 -42.42 59.16 14.73
C ASP L 207 -43.48 58.23 15.30
N ILE L 208 -43.83 57.22 14.52
CA ILE L 208 -44.78 56.20 14.94
C ILE L 208 -44.04 55.10 15.66
N PRO L 209 -44.50 54.72 16.86
CA PRO L 209 -43.84 53.63 17.55
C PRO L 209 -44.02 52.30 16.82
N ASP L 210 -43.13 51.34 17.08
CA ASP L 210 -43.19 50.05 16.42
C ASP L 210 -44.44 49.27 16.82
N ARG L 211 -44.84 48.37 15.95
CA ARG L 211 -45.99 47.48 16.15
C ARG L 211 -47.29 48.25 16.33
N HIS L 212 -47.51 49.23 15.45
CA HIS L 212 -48.75 50.00 15.45
C HIS L 212 -49.39 50.04 14.08
N LEU L 213 -50.68 50.33 14.11
CA LEU L 213 -51.46 50.61 12.94
C LEU L 213 -51.73 52.11 12.88
N VAL L 214 -51.60 52.67 11.69
CA VAL L 214 -51.98 54.06 11.46
C VAL L 214 -53.08 54.14 10.44
N ASP L 215 -54.11 54.90 10.77
CA ASP L 215 -55.30 55.00 9.94
C ASP L 215 -55.60 56.50 9.73
N VAL L 216 -55.56 56.96 8.48
CA VAL L 216 -55.79 58.37 8.17
C VAL L 216 -57.00 58.52 7.26
N ARG L 217 -57.99 59.28 7.72
CA ARG L 217 -59.15 59.62 6.88
C ARG L 217 -59.80 60.89 7.41
N ASP L 218 -60.35 61.70 6.50
CA ASP L 218 -61.11 62.89 6.91
C ASP L 218 -60.29 63.74 7.88
N ALA L 219 -58.98 63.81 7.62
CA ALA L 219 -58.01 64.58 8.43
C ALA L 219 -57.80 64.02 9.86
N HIS L 220 -58.32 62.82 10.13
CA HIS L 220 -58.10 62.15 11.40
C HIS L 220 -56.89 61.26 11.24
N VAL L 221 -55.94 61.31 12.19
CA VAL L 221 -54.81 60.37 12.21
C VAL L 221 -54.96 59.52 13.47
N VAL L 222 -55.25 58.24 13.27
CA VAL L 222 -55.51 57.32 14.36
C VAL L 222 -54.37 56.32 14.42
N VAL L 223 -53.72 56.29 15.57
CA VAL L 223 -52.58 55.42 15.79
C VAL L 223 -52.97 54.41 16.86
N THR L 224 -52.89 53.12 16.53
CA THR L 224 -53.37 52.09 17.44
C THR L 224 -52.36 50.96 17.58
N PRO L 225 -52.21 50.42 18.80
CA PRO L 225 -51.27 49.31 18.87
C PRO L 225 -51.82 48.04 18.23
N LEU L 226 -50.91 47.25 17.69
CA LEU L 226 -51.21 45.93 17.17
C LEU L 226 -51.01 44.96 18.34
N LEU L 227 -51.92 44.02 18.52
CA LEU L 227 -51.98 43.13 19.72
C LEU L 227 -51.19 43.62 20.95
#